data_6CMY
#
_entry.id   6CMY
#
_entity_poly.entity_id   1
_entity_poly.type   'polypeptide(L)'
_entity_poly.pdbx_seq_one_letter_code
;GNNPYSSFGATLERDDEKNLWSMPHDVSHTEADDDRILYNLIVIRNQQTKDSEEWQRLNYDIYTLRQIRREVRNRWRRIL
EDLGFQREADSLLSVTKLSTMSDSKNTRKAREMLLKLAEETSIFPASWELSERYLLVVDRLIALDAAEDFFKIASQMYPK
KPGVPCLVDGQRKLHCLPFPSP
;
_entity_poly.pdbx_strand_id   A
#
# COMPACT_ATOMS: atom_id res chain seq x y z
N GLY A 1 34.45 -2.55 -2.01
CA GLY A 1 33.65 -2.35 -3.25
C GLY A 1 32.63 -3.48 -3.39
N ASN A 2 32.85 -4.35 -4.35
CA ASN A 2 31.95 -5.48 -4.58
C ASN A 2 32.06 -6.49 -3.45
N ASN A 3 30.93 -7.09 -3.07
CA ASN A 3 30.92 -8.08 -2.01
C ASN A 3 31.55 -9.38 -2.49
N PRO A 4 31.95 -10.24 -1.58
CA PRO A 4 32.58 -11.56 -1.94
C PRO A 4 31.66 -12.41 -2.82
N TYR A 5 32.26 -13.14 -3.75
CA TYR A 5 31.48 -14.00 -4.65
C TYR A 5 31.83 -15.47 -4.42
N SER A 6 30.83 -16.34 -4.54
CA SER A 6 31.05 -17.76 -4.35
C SER A 6 32.04 -18.30 -5.38
N SER A 7 32.91 -19.19 -4.93
CA SER A 7 33.92 -19.77 -5.83
C SER A 7 33.24 -20.60 -6.92
N PHE A 8 33.83 -20.58 -8.10
CA PHE A 8 33.28 -21.34 -9.24
C PHE A 8 33.69 -22.81 -9.14
N GLY A 9 32.83 -23.69 -9.62
CA GLY A 9 33.11 -25.12 -9.58
C GLY A 9 32.24 -25.82 -8.53
N ALA A 10 31.27 -25.11 -7.97
CA ALA A 10 30.40 -25.69 -6.95
C ALA A 10 29.68 -26.91 -7.51
N THR A 11 29.14 -27.73 -6.62
CA THR A 11 28.43 -28.93 -7.05
C THR A 11 26.94 -28.65 -7.22
N LEU A 12 26.52 -28.50 -8.48
CA LEU A 12 25.12 -28.22 -8.79
C LEU A 12 24.32 -29.52 -8.97
N GLU A 13 25.01 -30.65 -9.02
CA GLU A 13 24.35 -31.93 -9.23
C GLU A 13 23.33 -32.19 -8.13
N ARG A 14 23.67 -31.85 -6.89
CA ARG A 14 22.75 -32.08 -5.78
C ARG A 14 21.57 -31.11 -5.84
N ASP A 15 21.75 -29.99 -6.56
CA ASP A 15 20.68 -29.00 -6.69
C ASP A 15 19.98 -29.17 -8.04
N ASP A 16 18.68 -28.90 -8.07
CA ASP A 16 17.92 -29.03 -9.30
C ASP A 16 18.48 -28.09 -10.36
N GLU A 17 18.56 -28.57 -11.60
CA GLU A 17 19.09 -27.75 -12.69
C GLU A 17 18.23 -26.51 -12.90
N LYS A 18 16.92 -26.69 -12.90
CA LYS A 18 16.00 -25.57 -13.10
C LYS A 18 16.13 -24.55 -11.98
N ASN A 19 16.38 -25.04 -10.75
CA ASN A 19 16.53 -24.17 -9.59
C ASN A 19 15.40 -23.13 -9.56
N LEU A 20 15.55 -22.12 -8.72
CA LEU A 20 14.54 -21.08 -8.62
C LEU A 20 15.13 -19.71 -8.95
N TRP A 21 14.86 -19.24 -10.16
CA TRP A 21 15.37 -17.95 -10.61
C TRP A 21 14.55 -17.46 -11.79
N SER A 22 14.71 -16.17 -12.14
CA SER A 22 13.96 -15.56 -13.25
C SER A 22 12.50 -15.32 -12.86
N MET A 23 11.57 -15.45 -13.81
CA MET A 23 10.16 -15.22 -13.53
C MET A 23 9.63 -16.08 -12.37
N PRO A 24 9.92 -17.37 -12.32
CA PRO A 24 9.45 -18.24 -11.20
C PRO A 24 9.81 -17.66 -9.83
N HIS A 25 10.95 -17.00 -9.75
CA HIS A 25 11.40 -16.40 -8.49
C HIS A 25 10.40 -15.38 -7.96
N ASP A 26 9.52 -14.90 -8.83
CA ASP A 26 8.53 -13.90 -8.46
C ASP A 26 7.21 -14.54 -8.03
N VAL A 27 7.29 -15.70 -7.39
CA VAL A 27 6.08 -16.38 -6.91
C VAL A 27 5.66 -15.88 -5.53
N SER A 28 6.67 -15.60 -4.70
CA SER A 28 6.46 -15.15 -3.33
C SER A 28 6.22 -13.65 -3.27
N HIS A 29 6.03 -13.02 -4.42
CA HIS A 29 5.83 -11.59 -4.52
C HIS A 29 4.64 -11.04 -3.73
N THR A 30 4.81 -9.81 -3.27
CA THR A 30 3.82 -9.11 -2.50
C THR A 30 2.67 -8.81 -3.45
N GLU A 31 1.55 -8.28 -2.96
CA GLU A 31 0.41 -8.12 -3.84
C GLU A 31 0.79 -7.33 -5.08
N ALA A 32 1.58 -6.24 -4.96
CA ALA A 32 1.99 -5.54 -6.15
C ALA A 32 3.40 -6.00 -6.50
N ASP A 33 3.49 -6.80 -7.54
CA ASP A 33 4.76 -7.37 -7.96
C ASP A 33 5.76 -6.33 -8.45
N ASP A 34 5.28 -5.20 -8.95
CA ASP A 34 6.18 -4.19 -9.45
C ASP A 34 7.13 -3.73 -8.36
N ASP A 35 6.64 -3.60 -7.13
CA ASP A 35 7.49 -3.17 -6.03
C ASP A 35 8.54 -4.22 -5.65
N ARG A 36 8.11 -5.48 -5.52
CA ARG A 36 9.03 -6.56 -5.13
C ARG A 36 10.12 -6.78 -6.17
N ILE A 37 9.73 -6.92 -7.43
CA ILE A 37 10.70 -7.14 -8.48
C ILE A 37 11.55 -5.89 -8.70
N LEU A 38 11.04 -4.73 -8.31
CA LEU A 38 11.83 -3.53 -8.44
C LEU A 38 13.08 -3.69 -7.56
N TYR A 39 12.86 -4.01 -6.31
CA TYR A 39 13.98 -4.17 -5.40
C TYR A 39 14.94 -5.21 -5.97
N ASN A 40 14.41 -6.17 -6.72
CA ASN A 40 15.29 -7.15 -7.32
C ASN A 40 16.32 -6.38 -8.16
N LEU A 41 15.87 -5.35 -8.90
CA LEU A 41 16.80 -4.58 -9.70
C LEU A 41 17.92 -4.02 -8.81
N ILE A 42 17.59 -3.65 -7.59
CA ILE A 42 18.64 -3.15 -6.71
C ILE A 42 19.70 -4.24 -6.47
N VAL A 43 19.27 -5.50 -6.43
CA VAL A 43 20.25 -6.56 -6.25
C VAL A 43 21.26 -6.46 -7.37
N ILE A 44 20.78 -6.22 -8.59
CA ILE A 44 21.72 -6.11 -9.70
C ILE A 44 22.72 -5.03 -9.38
N ARG A 45 22.32 -4.01 -8.59
CA ARG A 45 23.26 -2.94 -8.22
C ARG A 45 24.46 -3.56 -7.50
N ASN A 46 24.21 -4.57 -6.70
CA ASN A 46 25.33 -5.24 -6.02
C ASN A 46 26.28 -5.80 -7.09
N GLN A 47 25.69 -6.08 -8.25
CA GLN A 47 26.46 -6.57 -9.42
C GLN A 47 26.81 -5.41 -10.40
N GLN A 48 26.09 -4.31 -10.25
CA GLN A 48 26.22 -3.14 -11.11
C GLN A 48 26.84 -1.92 -10.42
N THR A 49 27.38 -1.04 -11.25
CA THR A 49 27.95 0.20 -10.76
C THR A 49 26.95 1.33 -10.97
N LYS A 50 27.13 2.43 -10.25
CA LYS A 50 26.20 3.57 -10.35
C LYS A 50 25.88 3.92 -11.81
N ASP A 51 26.80 3.61 -12.70
CA ASP A 51 26.55 3.92 -14.10
C ASP A 51 25.25 3.22 -14.52
N SER A 52 25.17 1.95 -14.12
CA SER A 52 24.02 1.07 -14.45
C SER A 52 22.69 1.83 -14.61
N GLU A 53 22.20 1.78 -15.84
CA GLU A 53 20.96 2.42 -16.25
C GLU A 53 19.68 1.73 -15.73
N GLU A 54 19.72 0.41 -15.52
CA GLU A 54 18.51 -0.28 -15.04
C GLU A 54 18.24 0.03 -13.56
N TRP A 55 19.25 -0.15 -12.70
CA TRP A 55 19.04 0.09 -11.28
C TRP A 55 18.58 1.53 -11.04
N GLN A 56 19.07 2.47 -11.83
CA GLN A 56 18.60 3.83 -11.65
C GLN A 56 17.08 3.77 -11.83
N ARG A 57 16.65 3.11 -12.93
CA ARG A 57 15.23 2.96 -13.23
C ARG A 57 14.47 2.35 -12.06
N LEU A 58 15.12 1.52 -11.25
CA LEU A 58 14.46 0.98 -10.07
C LEU A 58 14.03 2.15 -9.21
N ASN A 59 14.96 3.08 -9.02
CA ASN A 59 14.68 4.27 -8.21
C ASN A 59 13.53 5.10 -8.81
N TYR A 60 13.60 5.35 -10.11
CA TYR A 60 12.59 6.15 -10.80
C TYR A 60 11.21 5.48 -10.81
N ASP A 61 11.20 4.15 -10.72
CA ASP A 61 9.95 3.41 -10.67
C ASP A 61 9.32 3.52 -9.28
N ILE A 62 10.18 3.49 -8.26
CA ILE A 62 9.74 3.63 -6.88
C ILE A 62 9.32 5.07 -6.63
N TYR A 63 10.04 5.99 -7.27
CA TYR A 63 9.72 7.40 -7.13
C TYR A 63 8.26 7.57 -7.55
N THR A 64 7.91 6.95 -8.67
CA THR A 64 6.53 7.00 -9.13
C THR A 64 5.63 6.50 -8.02
N LEU A 65 6.10 5.50 -7.28
CA LEU A 65 5.32 4.98 -6.16
C LEU A 65 4.98 6.14 -5.22
N ARG A 66 5.93 7.06 -5.03
CA ARG A 66 5.67 8.21 -4.16
C ARG A 66 4.50 9.00 -4.69
N GLN A 67 4.43 9.12 -6.00
CA GLN A 67 3.36 9.88 -6.64
C GLN A 67 1.98 9.30 -6.32
N ILE A 68 1.89 7.98 -6.19
CA ILE A 68 0.57 7.38 -5.88
C ILE A 68 0.17 7.73 -4.45
N ARG A 69 1.16 7.72 -3.54
CA ARG A 69 0.88 8.01 -2.13
C ARG A 69 0.33 9.43 -1.95
N ARG A 70 1.00 10.40 -2.57
CA ARG A 70 0.58 11.80 -2.42
C ARG A 70 -0.83 12.06 -2.96
N GLU A 71 -1.13 11.55 -4.17
CA GLU A 71 -2.45 11.80 -4.75
C GLU A 71 -3.57 11.17 -3.92
N VAL A 72 -3.36 9.96 -3.44
CA VAL A 72 -4.39 9.30 -2.65
C VAL A 72 -4.70 10.09 -1.39
N ARG A 73 -3.66 10.46 -0.66
CA ARG A 73 -3.86 11.21 0.58
C ARG A 73 -4.69 12.46 0.31
N ASN A 74 -4.44 13.06 -0.83
CA ASN A 74 -5.18 14.24 -1.27
C ASN A 74 -6.64 13.87 -1.54
N ARG A 75 -6.86 12.60 -1.89
CA ARG A 75 -8.23 12.11 -2.07
C ARG A 75 -8.89 11.85 -0.72
N TRP A 76 -8.24 11.06 0.16
CA TRP A 76 -8.80 10.75 1.48
C TRP A 76 -9.10 12.04 2.22
N ARG A 77 -8.17 12.95 2.13
CA ARG A 77 -8.36 14.23 2.80
C ARG A 77 -9.72 14.80 2.35
N ARG A 78 -9.97 14.85 1.04
CA ARG A 78 -11.23 15.42 0.52
C ARG A 78 -12.51 14.57 0.76
N ILE A 79 -12.42 13.22 0.71
CA ILE A 79 -13.64 12.39 0.89
C ILE A 79 -14.13 12.37 2.32
N LEU A 80 -13.23 12.06 3.24
CA LEU A 80 -13.65 11.99 4.62
C LEU A 80 -13.81 13.36 5.26
N GLU A 81 -12.94 14.32 4.92
CA GLU A 81 -13.06 15.62 5.56
C GLU A 81 -14.39 16.28 5.22
N ASP A 82 -14.80 16.27 3.94
CA ASP A 82 -16.05 16.92 3.58
C ASP A 82 -17.23 16.37 4.39
N LEU A 83 -17.15 15.10 4.79
CA LEU A 83 -18.23 14.55 5.59
C LEU A 83 -17.89 14.66 7.09
N GLY A 84 -16.60 14.76 7.38
CA GLY A 84 -16.12 14.86 8.77
C GLY A 84 -15.57 13.51 9.30
N PHE A 85 -15.66 12.45 8.48
CA PHE A 85 -15.24 11.09 8.89
C PHE A 85 -13.72 10.89 8.76
N GLN A 86 -12.97 11.96 8.76
CA GLN A 86 -11.52 11.92 8.51
C GLN A 86 -10.69 10.91 9.31
N ARG A 87 -11.04 10.58 10.55
CA ARG A 87 -10.18 9.70 11.35
C ARG A 87 -9.89 8.29 10.77
N GLU A 88 -10.90 7.54 10.32
CA GLU A 88 -10.60 6.15 9.90
C GLU A 88 -9.57 6.10 8.75
N ALA A 89 -9.79 6.88 7.71
CA ALA A 89 -8.88 6.94 6.57
C ALA A 89 -7.55 7.58 6.96
N ASP A 90 -7.59 8.45 7.94
CA ASP A 90 -6.38 9.07 8.45
C ASP A 90 -5.47 7.95 8.93
N SER A 91 -6.06 7.07 9.73
CA SER A 91 -5.33 5.98 10.36
C SER A 91 -4.61 5.11 9.33
N LEU A 92 -5.24 4.79 8.22
CA LEU A 92 -4.52 3.88 7.31
C LEU A 92 -3.31 4.53 6.60
N LEU A 93 -3.41 5.75 6.03
CA LEU A 93 -2.23 6.27 5.31
C LEU A 93 -1.08 6.72 6.25
N SER A 94 -1.40 7.46 7.33
CA SER A 94 -0.40 7.98 8.33
C SER A 94 -0.82 9.39 8.86
N VAL A 95 -2.08 9.76 8.59
CA VAL A 95 -2.60 11.06 8.99
C VAL A 95 -3.20 11.01 10.41
N THR A 96 -2.42 10.50 11.36
CA THR A 96 -2.86 10.41 12.76
C THR A 96 -2.86 11.76 13.45
N LYS A 97 -3.66 12.70 12.93
CA LYS A 97 -3.75 14.03 13.52
C LYS A 97 -2.36 14.66 13.56
N LEU A 98 -1.51 14.25 12.62
CA LEU A 98 -0.17 14.79 12.55
C LEU A 98 -0.02 15.58 11.24
N SER A 99 0.28 16.89 11.31
CA SER A 99 0.52 17.59 10.08
C SER A 99 2.01 17.54 9.78
N THR A 100 2.42 16.87 8.73
CA THR A 100 3.84 16.78 8.42
C THR A 100 4.16 16.93 6.94
N MET A 101 5.20 17.71 6.62
CA MET A 101 5.62 17.83 5.23
C MET A 101 7.14 17.80 5.16
N SER A 102 7.68 17.23 4.09
CA SER A 102 9.13 17.17 3.91
C SER A 102 9.54 17.75 2.55
N ASP A 103 10.35 18.80 2.55
CA ASP A 103 10.75 19.36 1.26
C ASP A 103 11.77 18.45 0.57
N SER A 104 12.35 17.51 1.32
CA SER A 104 13.29 16.55 0.75
C SER A 104 12.50 15.32 0.26
N LYS A 105 12.97 14.67 -0.82
CA LYS A 105 12.24 13.52 -1.39
C LYS A 105 12.18 12.31 -0.45
N ASN A 106 11.00 11.66 -0.38
CA ASN A 106 10.80 10.45 0.44
C ASN A 106 11.01 9.17 -0.38
N THR A 107 10.36 9.14 -1.56
CA THR A 107 10.44 8.02 -2.49
C THR A 107 9.88 6.69 -1.92
N ARG A 108 10.75 5.81 -1.40
CA ARG A 108 10.36 4.49 -0.88
C ARG A 108 9.41 4.56 0.33
N LYS A 109 9.47 5.64 1.06
CA LYS A 109 8.63 5.80 2.26
C LYS A 109 7.15 5.63 1.95
N ALA A 110 6.75 5.93 0.71
CA ALA A 110 5.35 5.81 0.31
C ALA A 110 4.87 4.36 0.38
N ARG A 111 5.66 3.47 -0.19
CA ARG A 111 5.33 2.04 -0.24
C ARG A 111 5.15 1.47 1.17
N GLU A 112 5.98 1.89 2.10
CA GLU A 112 5.83 1.37 3.44
C GLU A 112 4.42 1.74 3.92
N MET A 113 4.06 2.99 3.70
CA MET A 113 2.76 3.49 4.14
C MET A 113 1.60 2.71 3.49
N LEU A 114 1.68 2.43 2.19
CA LEU A 114 0.60 1.69 1.54
C LEU A 114 0.55 0.23 2.07
N LEU A 115 1.70 -0.41 2.17
CA LEU A 115 1.70 -1.80 2.64
C LEU A 115 1.06 -1.88 4.05
N LYS A 116 1.50 -1.00 4.94
CA LYS A 116 0.94 -0.95 6.29
C LYS A 116 -0.52 -0.52 6.26
N LEU A 117 -0.86 0.26 5.25
CA LEU A 117 -2.24 0.71 5.13
C LEU A 117 -3.13 -0.51 5.06
N ALA A 118 -2.78 -1.43 4.19
CA ALA A 118 -3.56 -2.63 3.98
C ALA A 118 -3.64 -3.49 5.24
N GLU A 119 -2.58 -3.52 6.01
CA GLU A 119 -2.62 -4.40 7.18
C GLU A 119 -3.54 -3.88 8.27
N GLU A 120 -3.59 -2.57 8.54
CA GLU A 120 -4.47 -2.16 9.62
C GLU A 120 -5.85 -1.78 9.16
N THR A 121 -6.03 -1.19 8.00
CA THR A 121 -7.36 -0.89 7.57
C THR A 121 -7.43 -1.09 6.08
N SER A 122 -8.61 -1.27 5.58
CA SER A 122 -8.80 -1.28 4.16
C SER A 122 -9.93 -0.29 3.92
N ILE A 123 -10.02 0.42 2.81
CA ILE A 123 -11.22 1.25 2.70
C ILE A 123 -12.30 0.26 2.33
N PHE A 124 -12.08 -0.40 1.20
CA PHE A 124 -12.94 -1.49 0.80
C PHE A 124 -12.39 -2.66 1.59
N PRO A 125 -13.09 -3.73 1.77
CA PRO A 125 -12.56 -4.87 2.61
C PRO A 125 -11.13 -5.30 2.24
N ALA A 126 -10.45 -5.88 3.23
CA ALA A 126 -9.01 -6.18 3.10
C ALA A 126 -8.65 -6.87 1.77
N SER A 127 -9.51 -7.74 1.22
CA SER A 127 -9.17 -8.39 -0.06
C SER A 127 -9.15 -7.36 -1.22
N TRP A 128 -9.49 -6.12 -0.87
CA TRP A 128 -9.44 -5.01 -1.80
C TRP A 128 -8.06 -4.35 -1.67
N GLU A 129 -7.34 -4.22 -2.79
CA GLU A 129 -6.04 -3.56 -2.77
C GLU A 129 -6.30 -2.09 -3.01
N LEU A 130 -5.44 -1.21 -2.55
CA LEU A 130 -5.71 0.20 -2.82
C LEU A 130 -4.69 0.78 -3.75
N SER A 131 -5.17 1.16 -4.92
CA SER A 131 -4.35 1.80 -5.92
C SER A 131 -4.76 3.26 -6.05
N GLU A 132 -3.89 4.09 -6.56
CA GLU A 132 -4.23 5.50 -6.72
C GLU A 132 -5.39 5.68 -7.70
N ARG A 133 -5.42 4.94 -8.82
CA ARG A 133 -6.49 5.09 -9.80
C ARG A 133 -7.86 4.59 -9.33
N TYR A 134 -7.90 3.41 -8.68
CA TYR A 134 -9.18 2.87 -8.20
C TYR A 134 -9.74 3.77 -7.11
N LEU A 135 -8.86 4.09 -6.19
CA LEU A 135 -9.26 4.93 -5.08
C LEU A 135 -9.92 6.19 -5.65
N LEU A 136 -9.23 6.88 -6.56
CA LEU A 136 -9.77 8.09 -7.17
C LEU A 136 -11.15 7.83 -7.80
N VAL A 137 -11.37 6.63 -8.33
CA VAL A 137 -12.68 6.29 -8.89
C VAL A 137 -13.69 6.20 -7.75
N VAL A 138 -13.25 5.55 -6.69
CA VAL A 138 -14.06 5.41 -5.52
C VAL A 138 -14.37 6.81 -4.98
N ASP A 139 -13.42 7.73 -5.17
CA ASP A 139 -13.64 9.08 -4.69
C ASP A 139 -14.94 9.57 -5.31
N ARG A 140 -15.07 9.49 -6.63
CA ARG A 140 -16.27 9.99 -7.27
C ARG A 140 -17.51 9.33 -6.66
N LEU A 141 -17.39 8.12 -6.15
CA LEU A 141 -18.55 7.51 -5.51
C LEU A 141 -18.94 8.38 -4.30
N ILE A 142 -17.92 8.78 -3.55
CA ILE A 142 -18.11 9.62 -2.34
C ILE A 142 -18.90 10.87 -2.73
N ALA A 143 -18.71 11.30 -3.97
CA ALA A 143 -19.38 12.47 -4.54
C ALA A 143 -20.90 12.34 -4.45
N LEU A 144 -21.38 11.11 -4.33
CA LEU A 144 -22.81 10.87 -4.20
C LEU A 144 -23.28 11.11 -2.75
N ASP A 145 -22.31 11.37 -1.86
CA ASP A 145 -22.60 11.61 -0.45
C ASP A 145 -23.12 10.35 0.25
N ALA A 146 -22.41 9.24 0.05
CA ALA A 146 -22.76 7.96 0.66
C ALA A 146 -21.52 7.42 1.38
N ALA A 147 -20.64 8.34 1.79
CA ALA A 147 -19.37 8.00 2.45
C ALA A 147 -19.55 7.16 3.71
N GLU A 148 -20.66 7.31 4.42
CA GLU A 148 -20.84 6.54 5.64
C GLU A 148 -20.69 5.06 5.32
N ASP A 149 -21.00 4.70 4.08
CA ASP A 149 -20.84 3.33 3.63
C ASP A 149 -19.38 2.90 3.78
N PHE A 150 -18.45 3.83 3.47
CA PHE A 150 -17.02 3.54 3.58
C PHE A 150 -16.70 3.10 4.98
N PHE A 151 -17.22 3.83 5.93
CA PHE A 151 -16.95 3.50 7.32
C PHE A 151 -17.33 2.04 7.58
N LYS A 152 -18.54 1.65 7.23
CA LYS A 152 -19.00 0.28 7.49
C LYS A 152 -18.08 -0.76 6.82
N ILE A 153 -17.59 -0.47 5.62
CA ILE A 153 -16.72 -1.42 4.92
C ILE A 153 -15.29 -1.41 5.48
N ALA A 154 -14.71 -0.22 5.62
CA ALA A 154 -13.37 -0.10 6.13
C ALA A 154 -13.29 -0.62 7.57
N SER A 155 -14.33 -0.35 8.36
CA SER A 155 -14.36 -0.84 9.74
C SER A 155 -14.35 -2.36 9.70
N GLN A 156 -15.15 -2.89 8.79
CA GLN A 156 -15.35 -4.34 8.65
C GLN A 156 -14.04 -5.07 8.42
N MET A 157 -13.03 -4.42 7.85
CA MET A 157 -11.74 -5.10 7.70
C MET A 157 -11.03 -5.18 9.05
N TYR A 158 -11.11 -4.10 9.82
CA TYR A 158 -10.47 -4.06 11.13
C TYR A 158 -11.45 -3.79 12.27
N PRO A 159 -12.37 -4.69 12.47
CA PRO A 159 -13.40 -4.61 13.56
C PRO A 159 -12.79 -4.93 14.92
N LYS A 160 -13.37 -4.42 15.99
CA LYS A 160 -12.83 -4.71 17.31
C LYS A 160 -13.14 -6.15 17.70
N LYS A 161 -12.09 -6.97 17.73
CA LYS A 161 -12.23 -8.39 18.05
C LYS A 161 -11.29 -8.78 19.19
N PRO A 162 -11.57 -9.87 19.88
CA PRO A 162 -10.72 -10.35 21.00
C PRO A 162 -9.23 -10.33 20.63
N GLY A 163 -8.39 -10.04 21.63
CA GLY A 163 -6.95 -9.95 21.40
C GLY A 163 -6.49 -8.49 21.26
N VAL A 164 -7.41 -7.55 21.47
CA VAL A 164 -7.07 -6.13 21.41
C VAL A 164 -6.28 -5.75 22.67
N PRO A 165 -5.21 -4.99 22.57
CA PRO A 165 -4.42 -4.60 23.77
C PRO A 165 -5.20 -3.64 24.67
N CYS A 166 -4.99 -3.76 25.97
CA CYS A 166 -5.70 -2.94 26.94
C CYS A 166 -4.82 -1.83 27.50
N LEU A 167 -5.33 -0.60 27.51
CA LEU A 167 -4.58 0.54 28.04
C LEU A 167 -4.53 0.46 29.56
N VAL A 168 -3.34 0.58 30.13
CA VAL A 168 -3.18 0.48 31.58
C VAL A 168 -3.85 1.65 32.32
N ASP A 169 -4.78 1.32 33.23
CA ASP A 169 -5.49 2.33 34.02
C ASP A 169 -4.58 2.80 35.16
N GLY A 170 -4.86 3.99 35.71
CA GLY A 170 -4.04 4.50 36.81
C GLY A 170 -2.92 5.41 36.33
N GLN A 171 -2.96 5.80 35.05
CA GLN A 171 -1.93 6.68 34.52
C GLN A 171 -2.09 8.08 35.08
N ARG A 172 -0.98 8.76 35.31
CA ARG A 172 -1.02 10.12 35.85
C ARG A 172 -1.03 11.14 34.72
N LYS A 173 -1.99 12.05 34.74
CA LYS A 173 -2.09 13.09 33.71
C LYS A 173 -1.37 14.36 34.16
N LEU A 174 -0.84 15.11 33.21
CA LEU A 174 -0.14 16.35 33.53
C LEU A 174 -1.13 17.52 33.52
N HIS A 175 -0.87 18.52 34.36
CA HIS A 175 -1.75 19.68 34.42
C HIS A 175 -1.44 20.63 33.27
N CYS A 176 -2.45 20.86 32.43
CA CYS A 176 -2.28 21.75 31.28
C CYS A 176 -2.03 23.19 31.73
N LEU A 177 -2.60 23.57 32.86
CA LEU A 177 -2.43 24.92 33.37
C LEU A 177 -2.13 24.91 34.87
N PRO A 178 -1.46 25.93 35.38
CA PRO A 178 -1.12 26.03 36.82
C PRO A 178 -2.33 26.33 37.68
N PHE A 179 -2.32 25.83 38.92
CA PHE A 179 -3.43 26.07 39.84
C PHE A 179 -2.93 26.69 41.14
N PRO A 180 -3.77 27.37 41.88
CA PRO A 180 -3.37 28.02 43.17
C PRO A 180 -2.74 27.02 44.15
N SER A 181 -1.72 27.47 44.85
CA SER A 181 -1.03 26.60 45.81
C SER A 181 -1.92 26.39 47.04
N PRO A 182 -1.71 25.31 47.76
CA PRO A 182 -2.51 24.99 48.99
C PRO A 182 -2.64 26.21 49.90
N GLY A 1 -11.89 -15.98 -40.07
CA GLY A 1 -12.17 -16.19 -38.62
C GLY A 1 -11.84 -14.92 -37.85
N ASN A 2 -12.79 -14.46 -37.03
CA ASN A 2 -12.58 -13.24 -36.25
C ASN A 2 -12.00 -13.59 -34.88
N ASN A 3 -10.70 -13.33 -34.71
CA ASN A 3 -10.04 -13.61 -33.45
C ASN A 3 -8.96 -12.56 -33.17
N PRO A 4 -8.53 -12.45 -31.94
CA PRO A 4 -7.48 -11.44 -31.54
C PRO A 4 -6.18 -11.60 -32.31
N TYR A 5 -5.95 -12.78 -32.88
CA TYR A 5 -4.72 -13.05 -33.63
C TYR A 5 -3.51 -12.88 -32.72
N SER A 6 -3.68 -13.22 -31.45
CA SER A 6 -2.58 -13.10 -30.49
C SER A 6 -2.36 -14.42 -29.76
N SER A 7 -1.11 -14.67 -29.37
CA SER A 7 -0.76 -15.89 -28.66
C SER A 7 -1.01 -15.75 -27.15
N PHE A 8 -1.34 -14.53 -26.71
CA PHE A 8 -1.59 -14.30 -25.29
C PHE A 8 -2.77 -15.12 -24.81
N GLY A 9 -2.63 -15.69 -23.61
CA GLY A 9 -3.69 -16.50 -23.03
C GLY A 9 -3.62 -17.95 -23.51
N ALA A 10 -2.53 -18.31 -24.19
CA ALA A 10 -2.37 -19.67 -24.68
C ALA A 10 -2.28 -20.64 -23.51
N THR A 11 -2.80 -21.86 -23.71
CA THR A 11 -2.77 -22.87 -22.67
C THR A 11 -1.40 -23.55 -22.64
N LEU A 12 -1.08 -24.18 -21.52
CA LEU A 12 0.23 -24.82 -21.37
C LEU A 12 0.52 -25.72 -22.58
N GLU A 13 -0.43 -26.57 -22.95
CA GLU A 13 -0.25 -27.44 -24.11
C GLU A 13 -0.26 -26.61 -25.39
N ARG A 14 -1.14 -25.62 -25.41
CA ARG A 14 -1.31 -24.75 -26.56
C ARG A 14 -0.29 -23.60 -26.57
N ASP A 15 0.76 -23.73 -25.77
CA ASP A 15 1.78 -22.69 -25.69
C ASP A 15 2.43 -22.49 -27.06
N ASP A 16 2.59 -21.23 -27.45
CA ASP A 16 3.20 -20.91 -28.73
C ASP A 16 4.69 -21.32 -28.73
N GLU A 17 5.09 -22.07 -29.74
CA GLU A 17 6.47 -22.53 -29.85
C GLU A 17 7.41 -21.34 -29.98
N LYS A 18 7.00 -20.33 -30.75
CA LYS A 18 7.83 -19.15 -30.95
C LYS A 18 8.02 -18.40 -29.63
N ASN A 19 6.99 -18.40 -28.79
CA ASN A 19 7.05 -17.71 -27.51
C ASN A 19 7.75 -18.59 -26.47
N LEU A 20 8.48 -17.96 -25.55
CA LEU A 20 9.18 -18.69 -24.50
C LEU A 20 9.58 -17.76 -23.37
N TRP A 21 8.80 -17.76 -22.30
CA TRP A 21 9.09 -16.89 -21.15
C TRP A 21 8.98 -17.67 -19.84
N SER A 22 9.89 -17.38 -18.91
CA SER A 22 9.88 -18.05 -17.61
C SER A 22 10.42 -17.11 -16.54
N MET A 23 9.71 -17.00 -15.41
CA MET A 23 10.16 -16.13 -14.33
C MET A 23 9.64 -16.63 -12.97
N PRO A 24 10.25 -17.64 -12.43
CA PRO A 24 9.84 -18.20 -11.10
C PRO A 24 10.13 -17.22 -9.95
N HIS A 25 10.99 -16.24 -10.22
CA HIS A 25 11.39 -15.27 -9.21
C HIS A 25 10.19 -14.52 -8.63
N ASP A 26 9.18 -14.25 -9.46
CA ASP A 26 8.00 -13.54 -8.98
C ASP A 26 6.95 -14.52 -8.46
N VAL A 27 7.40 -15.60 -7.85
CA VAL A 27 6.50 -16.60 -7.30
C VAL A 27 6.03 -16.22 -5.89
N SER A 28 6.95 -15.65 -5.12
CA SER A 28 6.71 -15.27 -3.72
C SER A 28 6.39 -13.78 -3.58
N HIS A 29 6.16 -13.09 -4.69
CA HIS A 29 5.93 -11.65 -4.67
C HIS A 29 4.74 -11.18 -3.82
N THR A 30 4.91 -9.96 -3.31
CA THR A 30 3.94 -9.33 -2.45
C THR A 30 2.73 -8.99 -3.35
N GLU A 31 1.63 -8.49 -2.79
CA GLU A 31 0.47 -8.30 -3.62
C GLU A 31 0.81 -7.45 -4.83
N ALA A 32 1.59 -6.36 -4.69
CA ALA A 32 1.95 -5.61 -5.87
C ALA A 32 3.35 -6.05 -6.30
N ASP A 33 3.41 -6.81 -7.37
CA ASP A 33 4.66 -7.36 -7.87
C ASP A 33 5.62 -6.31 -8.38
N ASP A 34 5.11 -5.19 -8.82
CA ASP A 34 5.98 -4.15 -9.37
C ASP A 34 7.02 -3.71 -8.33
N ASP A 35 6.63 -3.59 -7.07
CA ASP A 35 7.57 -3.17 -6.04
C ASP A 35 8.63 -4.24 -5.71
N ARG A 36 8.20 -5.48 -5.52
CA ARG A 36 9.11 -6.56 -5.14
C ARG A 36 10.19 -6.82 -6.20
N ILE A 37 9.77 -6.97 -7.44
CA ILE A 37 10.73 -7.23 -8.51
C ILE A 37 11.63 -6.01 -8.69
N LEU A 38 11.05 -4.83 -8.54
CA LEU A 38 11.84 -3.62 -8.67
C LEU A 38 13.03 -3.72 -7.71
N TYR A 39 12.77 -4.00 -6.44
CA TYR A 39 13.88 -4.09 -5.52
C TYR A 39 14.89 -5.11 -6.05
N ASN A 40 14.41 -6.13 -6.76
CA ASN A 40 15.34 -7.10 -7.32
C ASN A 40 16.35 -6.33 -8.16
N LEU A 41 15.90 -5.29 -8.88
CA LEU A 41 16.83 -4.49 -9.67
C LEU A 41 17.94 -3.96 -8.76
N ILE A 42 17.62 -3.62 -7.53
CA ILE A 42 18.68 -3.16 -6.62
C ILE A 42 19.73 -4.26 -6.42
N VAL A 43 19.29 -5.51 -6.42
CA VAL A 43 20.26 -6.59 -6.26
C VAL A 43 21.27 -6.48 -7.39
N ILE A 44 20.80 -6.20 -8.60
CA ILE A 44 21.72 -6.06 -9.70
C ILE A 44 22.73 -4.99 -9.35
N ARG A 45 22.33 -4.00 -8.52
CA ARG A 45 23.27 -2.94 -8.12
C ARG A 45 24.47 -3.57 -7.43
N ASN A 46 24.23 -4.63 -6.66
CA ASN A 46 25.36 -5.32 -6.02
C ASN A 46 26.30 -5.86 -7.13
N GLN A 47 25.69 -6.10 -8.29
CA GLN A 47 26.43 -6.55 -9.48
C GLN A 47 26.76 -5.37 -10.44
N GLN A 48 26.08 -4.24 -10.21
CA GLN A 48 26.22 -3.04 -11.02
C GLN A 48 26.90 -1.86 -10.31
N THR A 49 27.44 -0.98 -11.12
CA THR A 49 28.07 0.23 -10.60
C THR A 49 27.10 1.40 -10.74
N LYS A 50 27.35 2.46 -9.99
CA LYS A 50 26.46 3.63 -10.01
C LYS A 50 26.10 4.04 -11.43
N ASP A 51 26.99 3.78 -12.36
CA ASP A 51 26.70 4.17 -13.74
C ASP A 51 25.39 3.47 -14.16
N SER A 52 25.31 2.18 -13.83
CA SER A 52 24.15 1.32 -14.17
C SER A 52 22.83 2.08 -14.29
N GLU A 53 22.32 2.08 -15.52
CA GLU A 53 21.08 2.74 -15.89
C GLU A 53 19.80 2.05 -15.36
N GLU A 54 19.82 0.73 -15.19
CA GLU A 54 18.62 0.04 -14.71
C GLU A 54 18.39 0.27 -13.20
N TRP A 55 19.41 0.04 -12.39
CA TRP A 55 19.25 0.22 -10.95
C TRP A 55 18.82 1.65 -10.64
N GLN A 56 19.35 2.63 -11.37
CA GLN A 56 18.90 4.00 -11.11
C GLN A 56 17.38 3.98 -11.32
N ARG A 57 16.95 3.42 -12.45
CA ARG A 57 15.53 3.35 -12.79
C ARG A 57 14.71 2.68 -11.68
N LEU A 58 15.32 1.76 -10.93
CA LEU A 58 14.61 1.14 -9.82
C LEU A 58 14.18 2.25 -8.88
N ASN A 59 15.12 3.12 -8.55
CA ASN A 59 14.85 4.24 -7.66
C ASN A 59 13.75 5.14 -8.22
N TYR A 60 13.86 5.49 -9.49
CA TYR A 60 12.87 6.36 -10.15
C TYR A 60 11.50 5.68 -10.25
N ASP A 61 11.51 4.35 -10.31
CA ASP A 61 10.26 3.61 -10.37
C ASP A 61 9.53 3.67 -9.02
N ILE A 62 10.30 3.55 -7.95
CA ILE A 62 9.75 3.61 -6.60
C ILE A 62 9.40 5.06 -6.26
N TYR A 63 10.16 5.99 -6.79
CA TYR A 63 9.87 7.40 -6.55
C TYR A 63 8.42 7.65 -6.97
N THR A 64 8.07 7.14 -8.15
CA THR A 64 6.72 7.28 -8.63
C THR A 64 5.77 6.60 -7.63
N LEU A 65 6.22 5.47 -7.09
CA LEU A 65 5.43 4.74 -6.12
C LEU A 65 5.12 5.69 -4.95
N ARG A 66 6.11 6.48 -4.55
CA ARG A 66 5.93 7.45 -3.46
C ARG A 66 4.83 8.44 -3.80
N GLN A 67 4.75 8.81 -5.07
CA GLN A 67 3.73 9.76 -5.52
C GLN A 67 2.33 9.19 -5.31
N ILE A 68 2.20 7.87 -5.39
CA ILE A 68 0.88 7.25 -5.20
C ILE A 68 0.47 7.33 -3.72
N ARG A 69 1.43 7.10 -2.81
CA ARG A 69 1.11 7.14 -1.38
C ARG A 69 0.65 8.54 -0.97
N ARG A 70 1.35 9.54 -1.49
CA ARG A 70 1.02 10.92 -1.16
C ARG A 70 -0.43 11.21 -1.56
N GLU A 71 -0.83 10.75 -2.74
CA GLU A 71 -2.20 10.98 -3.20
C GLU A 71 -3.23 10.33 -2.27
N VAL A 72 -2.97 9.12 -1.78
CA VAL A 72 -3.93 8.46 -0.89
C VAL A 72 -4.17 9.28 0.37
N ARG A 73 -3.10 9.68 1.05
CA ARG A 73 -3.25 10.45 2.28
C ARG A 73 -4.07 11.71 2.02
N ASN A 74 -3.84 12.30 0.86
CA ASN A 74 -4.57 13.49 0.47
C ASN A 74 -6.02 13.15 0.14
N ARG A 75 -6.26 11.90 -0.29
CA ARG A 75 -7.62 11.48 -0.56
C ARG A 75 -8.36 11.18 0.74
N TRP A 76 -7.79 10.32 1.59
CA TRP A 76 -8.42 9.94 2.85
C TRP A 76 -8.69 11.19 3.68
N ARG A 77 -7.69 12.03 3.79
CA ARG A 77 -7.87 13.24 4.57
C ARG A 77 -9.13 13.97 4.07
N ARG A 78 -9.24 14.20 2.76
CA ARG A 78 -10.40 14.92 2.18
C ARG A 78 -11.76 14.19 2.27
N ILE A 79 -11.79 12.85 2.10
CA ILE A 79 -13.09 12.13 2.15
C ILE A 79 -13.68 12.16 3.55
N LEU A 80 -12.87 11.81 4.52
CA LEU A 80 -13.32 11.76 5.88
C LEU A 80 -13.43 13.14 6.51
N GLU A 81 -12.58 14.09 6.09
CA GLU A 81 -12.66 15.42 6.70
C GLU A 81 -14.02 16.04 6.43
N ASP A 82 -14.51 16.00 5.19
CA ASP A 82 -15.79 16.63 4.91
C ASP A 82 -16.90 16.08 5.78
N LEU A 83 -16.77 14.84 6.23
CA LEU A 83 -17.80 14.28 7.09
C LEU A 83 -17.45 14.47 8.56
N GLY A 84 -16.16 14.64 8.84
CA GLY A 84 -15.72 14.84 10.22
C GLY A 84 -15.15 13.56 10.85
N PHE A 85 -15.03 12.48 10.06
CA PHE A 85 -14.46 11.24 10.61
C PHE A 85 -12.99 11.11 10.20
N GLN A 86 -12.35 12.24 9.98
CA GLN A 86 -10.97 12.29 9.50
C GLN A 86 -9.97 11.43 10.28
N ARG A 87 -10.13 11.30 11.58
CA ARG A 87 -9.16 10.53 12.38
C ARG A 87 -9.04 9.06 11.96
N GLU A 88 -10.16 8.35 11.79
CA GLU A 88 -10.07 6.91 11.53
C GLU A 88 -9.29 6.55 10.26
N ALA A 89 -9.59 7.16 9.12
CA ALA A 89 -8.80 6.78 7.94
C ALA A 89 -7.36 7.20 8.19
N ASP A 90 -7.20 8.46 8.52
CA ASP A 90 -5.86 8.99 8.65
C ASP A 90 -5.06 8.09 9.60
N SER A 91 -5.71 7.53 10.63
CA SER A 91 -4.99 6.64 11.57
C SER A 91 -4.30 5.52 10.82
N LEU A 92 -5.04 4.90 9.95
CA LEU A 92 -4.53 3.73 9.24
C LEU A 92 -3.24 4.06 8.45
N LEU A 93 -3.21 5.20 7.73
CA LEU A 93 -2.04 5.55 6.93
C LEU A 93 -0.79 5.89 7.78
N SER A 94 -0.96 6.71 8.83
CA SER A 94 0.16 7.13 9.73
C SER A 94 -0.25 8.36 10.58
N VAL A 95 -1.55 8.48 10.80
CA VAL A 95 -2.07 9.61 11.56
C VAL A 95 -2.98 9.20 12.70
N THR A 96 -2.54 8.23 13.49
CA THR A 96 -3.33 7.80 14.63
C THR A 96 -3.22 8.85 15.72
N LYS A 97 -3.97 9.93 15.54
CA LYS A 97 -3.95 11.04 16.49
C LYS A 97 -2.56 11.70 16.52
N LEU A 98 -1.72 11.36 15.54
CA LEU A 98 -0.39 11.95 15.45
C LEU A 98 -0.28 12.82 14.19
N SER A 99 -0.03 14.12 14.34
CA SER A 99 0.15 14.93 13.13
C SER A 99 1.63 14.96 12.77
N THR A 100 2.01 14.38 11.64
CA THR A 100 3.42 14.38 11.26
C THR A 100 3.65 14.65 9.78
N MET A 101 4.62 15.51 9.46
CA MET A 101 4.97 15.78 8.07
C MET A 101 6.48 15.90 7.92
N SER A 102 7.00 15.48 6.77
CA SER A 102 8.44 15.58 6.51
C SER A 102 8.70 16.32 5.20
N ASP A 103 9.39 17.45 5.27
CA ASP A 103 9.63 18.22 4.05
C ASP A 103 10.69 17.57 3.14
N SER A 104 11.44 16.60 3.66
CA SER A 104 12.43 15.91 2.84
C SER A 104 11.76 14.71 2.14
N LYS A 105 12.33 14.25 1.03
CA LYS A 105 11.72 13.16 0.24
C LYS A 105 11.65 11.82 0.99
N ASN A 106 10.49 11.14 0.88
CA ASN A 106 10.27 9.85 1.55
C ASN A 106 10.61 8.63 0.66
N THR A 107 10.21 8.68 -0.62
CA THR A 107 10.47 7.59 -1.58
C THR A 107 9.92 6.20 -1.12
N ARG A 108 10.80 5.21 -0.93
CA ARG A 108 10.44 3.84 -0.54
C ARG A 108 9.59 3.77 0.72
N LYS A 109 9.73 4.78 1.55
CA LYS A 109 8.98 4.85 2.82
C LYS A 109 7.46 4.77 2.58
N ALA A 110 7.02 5.17 1.38
CA ALA A 110 5.60 5.12 1.06
C ALA A 110 5.06 3.70 1.15
N ARG A 111 5.77 2.77 0.51
CA ARG A 111 5.35 1.38 0.48
C ARG A 111 5.15 0.84 1.89
N GLU A 112 6.01 1.23 2.81
CA GLU A 112 5.87 0.79 4.18
C GLU A 112 4.53 1.32 4.71
N MET A 113 4.31 2.61 4.43
CA MET A 113 3.11 3.28 4.89
C MET A 113 1.83 2.61 4.35
N LEU A 114 1.76 2.35 3.04
CA LEU A 114 0.58 1.72 2.45
C LEU A 114 0.42 0.30 3.03
N LEU A 115 1.52 -0.44 3.05
CA LEU A 115 1.48 -1.81 3.54
C LEU A 115 0.94 -1.83 4.98
N LYS A 116 1.47 -0.98 5.84
CA LYS A 116 1.00 -0.90 7.23
C LYS A 116 -0.45 -0.43 7.29
N LEU A 117 -0.84 0.38 6.32
CA LEU A 117 -2.21 0.86 6.28
C LEU A 117 -3.15 -0.33 6.16
N ALA A 118 -2.86 -1.19 5.21
CA ALA A 118 -3.68 -2.38 4.96
C ALA A 118 -3.71 -3.34 6.16
N GLU A 119 -2.61 -3.43 6.88
CA GLU A 119 -2.58 -4.38 8.00
C GLU A 119 -3.43 -3.95 9.16
N GLU A 120 -3.52 -2.67 9.51
CA GLU A 120 -4.35 -2.37 10.66
C GLU A 120 -5.75 -2.07 10.26
N THR A 121 -5.99 -1.45 9.14
CA THR A 121 -7.36 -1.30 8.76
C THR A 121 -7.41 -1.39 7.27
N SER A 122 -8.57 -1.50 6.73
CA SER A 122 -8.72 -1.42 5.31
C SER A 122 -9.85 -0.40 5.14
N ILE A 123 -9.92 0.40 4.07
CA ILE A 123 -11.12 1.24 4.03
C ILE A 123 -12.21 0.25 3.66
N PHE A 124 -12.03 -0.36 2.51
CA PHE A 124 -12.90 -1.43 2.07
C PHE A 124 -12.36 -2.64 2.80
N PRO A 125 -13.06 -3.71 2.95
CA PRO A 125 -12.54 -4.89 3.73
C PRO A 125 -11.12 -5.32 3.32
N ALA A 126 -10.43 -5.95 4.28
CA ALA A 126 -8.99 -6.26 4.12
C ALA A 126 -8.66 -6.90 2.76
N SER A 127 -9.53 -7.73 2.19
CA SER A 127 -9.19 -8.35 0.89
C SER A 127 -9.16 -7.27 -0.21
N TRP A 128 -9.65 -6.09 0.16
CA TRP A 128 -9.57 -4.93 -0.70
C TRP A 128 -8.25 -4.24 -0.40
N GLU A 129 -7.39 -4.10 -1.41
CA GLU A 129 -6.17 -3.33 -1.25
C GLU A 129 -6.37 -2.07 -2.05
N LEU A 130 -6.49 -0.89 -1.47
CA LEU A 130 -6.75 0.27 -2.29
C LEU A 130 -5.50 0.79 -2.98
N SER A 131 -5.61 0.91 -4.29
CA SER A 131 -4.53 1.46 -5.06
C SER A 131 -4.84 2.93 -5.29
N GLU A 132 -3.90 3.66 -5.81
CA GLU A 132 -4.12 5.08 -6.01
C GLU A 132 -5.41 5.33 -6.81
N ARG A 133 -5.61 4.55 -7.87
CA ARG A 133 -6.78 4.69 -8.72
C ARG A 133 -8.09 4.19 -8.08
N TYR A 134 -8.04 3.03 -7.41
CA TYR A 134 -9.25 2.50 -6.79
C TYR A 134 -9.69 3.44 -5.69
N LEU A 135 -8.69 3.87 -4.93
CA LEU A 135 -9.00 4.76 -3.84
C LEU A 135 -9.84 5.93 -4.40
N LEU A 136 -9.39 6.56 -5.49
CA LEU A 136 -10.13 7.68 -6.08
C LEU A 136 -11.59 7.29 -6.36
N VAL A 137 -11.82 6.03 -6.69
CA VAL A 137 -13.18 5.60 -6.93
C VAL A 137 -14.00 5.81 -5.66
N VAL A 138 -13.42 5.43 -4.51
CA VAL A 138 -14.16 5.60 -3.26
C VAL A 138 -14.49 7.06 -3.06
N ASP A 139 -13.64 7.98 -3.55
CA ASP A 139 -13.95 9.40 -3.34
C ASP A 139 -15.33 9.64 -3.91
N ARG A 140 -15.53 9.27 -5.17
CA ARG A 140 -16.81 9.56 -5.80
C ARG A 140 -17.97 8.99 -4.98
N LEU A 141 -17.76 7.85 -4.33
CA LEU A 141 -18.82 7.30 -3.49
C LEU A 141 -19.18 8.31 -2.37
N ILE A 142 -18.13 8.84 -1.75
CA ILE A 142 -18.32 9.80 -0.64
C ILE A 142 -19.17 10.96 -1.11
N ALA A 143 -19.08 11.26 -2.40
CA ALA A 143 -19.83 12.35 -3.01
C ALA A 143 -21.34 12.21 -2.79
N LEU A 144 -21.79 10.98 -2.54
CA LEU A 144 -23.21 10.74 -2.27
C LEU A 144 -23.55 11.08 -0.81
N ASP A 145 -22.52 11.42 -0.04
CA ASP A 145 -22.71 11.74 1.38
C ASP A 145 -23.15 10.51 2.17
N ALA A 146 -22.47 9.39 1.92
CA ALA A 146 -22.74 8.12 2.58
C ALA A 146 -21.43 7.60 3.17
N ALA A 147 -20.52 8.53 3.49
CA ALA A 147 -19.21 8.19 4.04
C ALA A 147 -19.29 7.29 5.29
N GLU A 148 -20.35 7.43 6.07
CA GLU A 148 -20.48 6.62 7.26
C GLU A 148 -20.37 5.15 6.86
N ASP A 149 -20.75 4.84 5.62
CA ASP A 149 -20.65 3.47 5.13
C ASP A 149 -19.19 3.03 5.19
N PHE A 150 -18.26 3.93 4.88
CA PHE A 150 -16.83 3.60 4.92
C PHE A 150 -16.49 3.10 6.29
N PHE A 151 -17.04 3.78 7.28
CA PHE A 151 -16.75 3.38 8.65
C PHE A 151 -17.15 1.92 8.88
N LYS A 152 -18.38 1.56 8.55
CA LYS A 152 -18.86 0.20 8.77
C LYS A 152 -17.98 -0.84 8.05
N ILE A 153 -17.51 -0.51 6.86
CA ILE A 153 -16.66 -1.45 6.10
C ILE A 153 -15.23 -1.49 6.68
N ALA A 154 -14.64 -0.33 6.88
CA ALA A 154 -13.29 -0.26 7.41
C ALA A 154 -13.21 -0.86 8.82
N SER A 155 -14.22 -0.61 9.65
CA SER A 155 -14.22 -1.16 11.00
C SER A 155 -14.24 -2.69 10.89
N GLN A 156 -15.06 -3.15 9.96
CA GLN A 156 -15.28 -4.58 9.78
C GLN A 156 -13.97 -5.32 9.51
N MET A 157 -12.98 -4.64 8.94
CA MET A 157 -11.69 -5.32 8.74
C MET A 157 -10.94 -5.45 10.09
N TYR A 158 -11.02 -4.41 10.90
CA TYR A 158 -10.32 -4.40 12.19
C TYR A 158 -11.28 -4.26 13.38
N PRO A 159 -12.13 -5.24 13.57
CA PRO A 159 -13.09 -5.27 14.71
C PRO A 159 -12.39 -5.62 16.02
N LYS A 160 -12.94 -5.20 17.15
CA LYS A 160 -12.30 -5.51 18.42
C LYS A 160 -12.51 -6.99 18.74
N LYS A 161 -11.41 -7.72 18.76
CA LYS A 161 -11.44 -9.16 19.02
C LYS A 161 -10.48 -9.54 20.15
N PRO A 162 -10.68 -10.67 20.79
CA PRO A 162 -9.80 -11.15 21.89
C PRO A 162 -8.32 -11.10 21.49
N GLY A 163 -7.46 -10.80 22.46
CA GLY A 163 -6.02 -10.71 22.21
C GLY A 163 -5.56 -9.25 22.06
N VAL A 164 -6.46 -8.31 22.30
CA VAL A 164 -6.10 -6.89 22.24
C VAL A 164 -5.33 -6.51 23.50
N PRO A 165 -4.34 -5.63 23.43
CA PRO A 165 -3.56 -5.23 24.64
C PRO A 165 -4.41 -4.42 25.60
N CYS A 166 -4.26 -4.70 26.90
CA CYS A 166 -5.05 -4.01 27.92
C CYS A 166 -4.19 -2.98 28.67
N LEU A 167 -4.76 -1.81 28.90
CA LEU A 167 -4.04 -0.75 29.62
C LEU A 167 -4.15 -0.99 31.13
N VAL A 168 -3.05 -0.86 31.84
CA VAL A 168 -3.03 -1.10 33.28
C VAL A 168 -3.44 0.14 34.08
N ASP A 169 -4.44 -0.01 34.96
CA ASP A 169 -4.90 1.09 35.81
C ASP A 169 -3.85 1.41 36.87
N GLY A 170 -3.90 2.62 37.42
CA GLY A 170 -2.94 3.01 38.45
C GLY A 170 -1.87 3.96 37.91
N GLN A 171 -2.06 4.44 36.69
CA GLN A 171 -1.10 5.38 36.10
C GLN A 171 -1.38 6.80 36.56
N ARG A 172 -0.36 7.47 37.08
CA ARG A 172 -0.52 8.84 37.55
C ARG A 172 -0.75 9.79 36.38
N LYS A 173 -1.67 10.74 36.57
CA LYS A 173 -1.97 11.71 35.53
C LYS A 173 -0.99 12.88 35.57
N LEU A 174 -0.76 13.52 34.43
CA LEU A 174 0.15 14.65 34.36
C LEU A 174 -0.60 15.95 34.63
N HIS A 175 0.10 16.92 35.23
CA HIS A 175 -0.52 18.20 35.54
C HIS A 175 -0.31 19.19 34.39
N CYS A 176 -1.39 19.58 33.74
CA CYS A 176 -1.31 20.52 32.63
C CYS A 176 -1.43 21.97 33.10
N LEU A 177 -1.71 22.17 34.38
CA LEU A 177 -1.85 23.52 34.91
C LEU A 177 -0.48 24.12 35.19
N PRO A 178 -0.36 25.44 35.16
CA PRO A 178 0.94 26.13 35.41
C PRO A 178 1.35 26.11 36.87
N PHE A 179 2.66 26.10 37.13
CA PHE A 179 3.17 26.10 38.49
C PHE A 179 4.32 27.09 38.61
N PRO A 180 4.57 27.64 39.78
CA PRO A 180 5.69 28.61 39.99
C PRO A 180 7.03 28.02 39.60
N SER A 181 7.87 28.82 38.94
CA SER A 181 9.18 28.36 38.52
C SER A 181 10.27 29.31 39.02
N PRO A 182 11.49 28.84 39.15
CA PRO A 182 12.62 29.68 39.63
C PRO A 182 12.71 31.01 38.87
N GLY A 1 0.28 -45.80 -31.53
CA GLY A 1 1.25 -44.97 -30.77
C GLY A 1 0.59 -43.67 -30.33
N ASN A 2 -0.20 -43.75 -29.25
CA ASN A 2 -0.89 -42.58 -28.73
C ASN A 2 -0.13 -42.00 -27.54
N ASN A 3 0.04 -40.67 -27.54
CA ASN A 3 0.74 -40.01 -26.47
C ASN A 3 -0.04 -38.80 -25.97
N PRO A 4 -1.19 -39.02 -25.41
CA PRO A 4 -2.06 -37.93 -24.87
C PRO A 4 -1.48 -37.29 -23.62
N TYR A 5 -1.79 -36.02 -23.40
CA TYR A 5 -1.29 -35.30 -22.24
C TYR A 5 -2.42 -34.96 -21.28
N SER A 6 -2.25 -35.33 -20.01
CA SER A 6 -3.26 -35.05 -18.99
C SER A 6 -3.28 -33.57 -18.62
N SER A 7 -2.24 -32.83 -19.02
CA SER A 7 -2.15 -31.41 -18.71
C SER A 7 -3.32 -30.65 -19.34
N PHE A 8 -3.66 -31.00 -20.57
CA PHE A 8 -4.76 -30.33 -21.26
C PHE A 8 -6.10 -30.73 -20.65
N GLY A 9 -6.89 -29.74 -20.26
CA GLY A 9 -8.19 -30.00 -19.66
C GLY A 9 -8.07 -30.28 -18.16
N ALA A 10 -6.84 -30.21 -17.63
CA ALA A 10 -6.61 -30.47 -16.22
C ALA A 10 -7.42 -29.50 -15.35
N THR A 11 -7.77 -29.96 -14.15
CA THR A 11 -8.55 -29.14 -13.23
C THR A 11 -7.83 -27.82 -12.97
N LEU A 12 -8.57 -26.72 -13.12
CA LEU A 12 -8.02 -25.39 -12.89
C LEU A 12 -7.71 -25.16 -11.42
N GLU A 13 -8.58 -25.69 -10.55
CA GLU A 13 -8.41 -25.54 -9.12
C GLU A 13 -7.12 -26.22 -8.65
N ARG A 14 -6.83 -27.38 -9.21
CA ARG A 14 -5.64 -28.13 -8.83
C ARG A 14 -4.48 -27.86 -9.78
N ASP A 15 -4.56 -26.76 -10.53
CA ASP A 15 -3.50 -26.41 -11.46
C ASP A 15 -2.18 -26.25 -10.73
N ASP A 16 -1.08 -26.50 -11.43
CA ASP A 16 0.24 -26.40 -10.83
C ASP A 16 0.68 -24.94 -10.72
N GLU A 17 1.10 -24.54 -9.51
CA GLU A 17 1.56 -23.17 -9.29
C GLU A 17 3.08 -23.11 -9.35
N LYS A 18 3.74 -24.26 -9.32
CA LYS A 18 5.19 -24.33 -9.38
C LYS A 18 5.71 -24.07 -10.78
N ASN A 19 4.81 -24.05 -11.77
CA ASN A 19 5.23 -23.81 -13.14
C ASN A 19 6.06 -22.54 -13.24
N LEU A 20 7.02 -22.52 -14.16
CA LEU A 20 7.89 -21.36 -14.33
C LEU A 20 7.94 -20.93 -15.78
N TRP A 21 6.81 -20.41 -16.27
CA TRP A 21 6.75 -19.96 -17.66
C TRP A 21 7.76 -18.85 -17.91
N SER A 22 7.78 -17.85 -17.03
CA SER A 22 8.71 -16.74 -17.18
C SER A 22 8.86 -15.98 -15.86
N MET A 23 10.09 -15.59 -15.54
CA MET A 23 10.36 -14.83 -14.32
C MET A 23 9.63 -15.41 -13.12
N PRO A 24 9.95 -16.63 -12.77
CA PRO A 24 9.31 -17.33 -11.61
C PRO A 24 9.64 -16.66 -10.27
N HIS A 25 10.69 -15.88 -10.25
CA HIS A 25 11.13 -15.22 -9.02
C HIS A 25 9.98 -14.44 -8.36
N ASP A 26 8.93 -14.14 -9.10
CA ASP A 26 7.80 -13.39 -8.54
C ASP A 26 6.72 -14.32 -8.00
N VAL A 27 7.14 -15.44 -7.42
CA VAL A 27 6.20 -16.40 -6.84
C VAL A 27 5.81 -16.04 -5.40
N SER A 28 6.79 -15.56 -4.65
CA SER A 28 6.59 -15.21 -3.24
C SER A 28 6.37 -13.72 -3.05
N HIS A 29 6.21 -13.01 -4.15
CA HIS A 29 6.02 -11.57 -4.15
C HIS A 29 4.69 -11.14 -3.55
N THR A 30 4.71 -9.94 -2.97
CA THR A 30 3.57 -9.36 -2.31
C THR A 30 2.53 -9.00 -3.37
N GLU A 31 1.34 -8.56 -2.97
CA GLU A 31 0.29 -8.37 -3.96
C GLU A 31 0.76 -7.47 -5.09
N ALA A 32 1.49 -6.39 -4.84
CA ALA A 32 1.99 -5.61 -5.96
C ALA A 32 3.40 -6.09 -6.25
N ASP A 33 3.51 -6.85 -7.32
CA ASP A 33 4.78 -7.44 -7.72
C ASP A 33 5.76 -6.44 -8.31
N ASP A 34 5.27 -5.36 -8.89
CA ASP A 34 6.17 -4.38 -9.50
C ASP A 34 7.14 -3.80 -8.47
N ASP A 35 6.66 -3.53 -7.26
CA ASP A 35 7.51 -2.99 -6.22
C ASP A 35 8.57 -4.00 -5.78
N ARG A 36 8.15 -5.23 -5.54
CA ARG A 36 9.09 -6.27 -5.09
C ARG A 36 10.13 -6.58 -6.18
N ILE A 37 9.66 -6.73 -7.42
CA ILE A 37 10.56 -7.00 -8.54
C ILE A 37 11.56 -5.86 -8.64
N LEU A 38 11.07 -4.66 -8.36
CA LEU A 38 11.94 -3.51 -8.39
C LEU A 38 13.13 -3.83 -7.48
N TYR A 39 12.86 -4.23 -6.25
CA TYR A 39 13.96 -4.52 -5.33
C TYR A 39 14.95 -5.49 -5.97
N ASN A 40 14.46 -6.41 -6.81
CA ASN A 40 15.41 -7.30 -7.48
C ASN A 40 16.39 -6.44 -8.30
N LEU A 41 15.87 -5.37 -8.91
CA LEU A 41 16.72 -4.46 -9.69
C LEU A 41 17.87 -3.95 -8.80
N ILE A 42 17.57 -3.62 -7.55
CA ILE A 42 18.60 -3.15 -6.65
C ILE A 42 19.68 -4.23 -6.47
N VAL A 43 19.27 -5.49 -6.46
CA VAL A 43 20.25 -6.55 -6.32
C VAL A 43 21.25 -6.42 -7.45
N ILE A 44 20.78 -6.12 -8.67
CA ILE A 44 21.72 -5.98 -9.77
C ILE A 44 22.73 -4.92 -9.38
N ARG A 45 22.32 -3.94 -8.56
CA ARG A 45 23.25 -2.90 -8.12
C ARG A 45 24.43 -3.55 -7.40
N ASN A 46 24.15 -4.62 -6.68
CA ASN A 46 25.24 -5.33 -5.99
C ASN A 46 26.23 -5.85 -7.07
N GLN A 47 25.66 -6.05 -8.26
CA GLN A 47 26.44 -6.48 -9.44
C GLN A 47 26.84 -5.29 -10.34
N GLN A 48 26.13 -4.18 -10.16
CA GLN A 48 26.32 -2.96 -10.93
C GLN A 48 26.93 -1.80 -10.14
N THR A 49 27.54 -0.89 -10.87
CA THR A 49 28.11 0.30 -10.25
C THR A 49 27.14 1.45 -10.45
N LYS A 50 27.33 2.54 -9.71
CA LYS A 50 26.43 3.72 -9.78
C LYS A 50 26.03 4.08 -11.23
N ASP A 51 26.84 3.67 -12.20
CA ASP A 51 26.51 3.96 -13.58
C ASP A 51 25.11 3.35 -13.87
N SER A 52 24.94 2.11 -13.41
CA SER A 52 23.71 1.31 -13.58
C SER A 52 22.48 2.15 -13.92
N GLU A 53 22.20 2.26 -15.21
CA GLU A 53 21.07 3.03 -15.70
C GLU A 53 19.72 2.43 -15.27
N GLU A 54 19.65 1.11 -15.12
CA GLU A 54 18.40 0.48 -14.69
C GLU A 54 18.14 0.70 -13.19
N TRP A 55 19.13 0.39 -12.35
CA TRP A 55 18.95 0.54 -10.91
C TRP A 55 18.62 1.99 -10.54
N GLN A 56 19.28 2.96 -11.15
CA GLN A 56 18.93 4.33 -10.81
C GLN A 56 17.44 4.49 -11.16
N ARG A 57 17.07 4.08 -12.38
CA ARG A 57 15.70 4.17 -12.86
C ARG A 57 14.71 3.50 -11.90
N LEU A 58 15.16 2.46 -11.20
CA LEU A 58 14.30 1.80 -10.22
C LEU A 58 13.91 2.82 -9.16
N ASN A 59 14.89 3.56 -8.69
CA ASN A 59 14.64 4.56 -7.68
C ASN A 59 13.60 5.56 -8.18
N TYR A 60 13.76 5.94 -9.45
CA TYR A 60 12.81 6.86 -10.08
C TYR A 60 11.43 6.24 -10.19
N ASP A 61 11.38 4.91 -10.25
CA ASP A 61 10.10 4.20 -10.30
C ASP A 61 9.41 4.25 -8.94
N ILE A 62 10.21 4.10 -7.87
CA ILE A 62 9.68 4.16 -6.50
C ILE A 62 9.25 5.59 -6.22
N TYR A 63 10.04 6.54 -6.74
CA TYR A 63 9.74 7.95 -6.56
C TYR A 63 8.34 8.20 -7.06
N THR A 64 8.04 7.65 -8.23
CA THR A 64 6.71 7.80 -8.80
C THR A 64 5.70 7.28 -7.78
N LEU A 65 6.04 6.18 -7.11
CA LEU A 65 5.15 5.63 -6.09
C LEU A 65 4.85 6.71 -5.05
N ARG A 66 5.82 7.58 -4.80
CA ARG A 66 5.61 8.65 -3.82
C ARG A 66 4.56 9.63 -4.34
N GLN A 67 4.60 9.91 -5.65
CA GLN A 67 3.67 10.85 -6.27
C GLN A 67 2.21 10.39 -6.21
N ILE A 68 1.96 9.09 -6.37
CA ILE A 68 0.59 8.60 -6.33
C ILE A 68 0.09 8.57 -4.88
N ARG A 69 0.97 8.17 -3.97
CA ARG A 69 0.59 8.10 -2.55
C ARG A 69 0.18 9.49 -2.07
N ARG A 70 0.97 10.48 -2.45
CA ARG A 70 0.71 11.85 -2.05
C ARG A 70 -0.68 12.27 -2.53
N GLU A 71 -1.01 11.90 -3.77
CA GLU A 71 -2.32 12.26 -4.33
C GLU A 71 -3.48 11.65 -3.54
N VAL A 72 -3.35 10.38 -3.14
CA VAL A 72 -4.43 9.72 -2.41
C VAL A 72 -4.73 10.43 -1.09
N ARG A 73 -3.70 10.68 -0.29
CA ARG A 73 -3.90 11.32 1.01
C ARG A 73 -4.61 12.67 0.82
N ASN A 74 -4.25 13.36 -0.25
CA ASN A 74 -4.88 14.63 -0.58
C ASN A 74 -6.35 14.42 -0.97
N ARG A 75 -6.63 13.22 -1.49
CA ARG A 75 -8.00 12.86 -1.82
C ARG A 75 -8.76 12.53 -0.55
N TRP A 76 -8.19 11.63 0.25
CA TRP A 76 -8.80 11.18 1.47
C TRP A 76 -9.12 12.38 2.34
N ARG A 77 -8.14 13.25 2.42
CA ARG A 77 -8.31 14.44 3.21
C ARG A 77 -9.60 15.13 2.77
N ARG A 78 -9.80 15.32 1.46
CA ARG A 78 -11.02 15.98 0.96
C ARG A 78 -12.35 15.16 1.10
N ILE A 79 -12.30 13.83 0.90
CA ILE A 79 -13.54 13.02 1.01
C ILE A 79 -14.06 13.03 2.42
N LEU A 80 -13.20 12.72 3.38
CA LEU A 80 -13.62 12.68 4.75
C LEU A 80 -13.77 14.06 5.37
N GLU A 81 -12.95 15.02 4.95
CA GLU A 81 -13.04 16.34 5.57
C GLU A 81 -14.45 16.87 5.44
N ASP A 82 -15.06 16.76 4.26
CA ASP A 82 -16.40 17.30 4.08
C ASP A 82 -17.40 16.74 5.08
N LEU A 83 -17.24 15.49 5.54
CA LEU A 83 -18.17 14.97 6.54
C LEU A 83 -17.62 15.13 7.96
N GLY A 84 -16.30 15.22 8.08
CA GLY A 84 -15.67 15.35 9.40
C GLY A 84 -15.45 13.98 10.06
N PHE A 85 -15.62 12.90 9.31
CA PHE A 85 -15.44 11.54 9.83
C PHE A 85 -14.08 10.94 9.41
N GLN A 86 -13.12 11.86 9.26
CA GLN A 86 -11.72 11.61 8.83
C GLN A 86 -10.86 10.62 9.61
N ARG A 87 -11.09 10.39 10.89
CA ARG A 87 -10.18 9.52 11.64
C ARG A 87 -9.97 8.09 11.06
N GLU A 88 -11.02 7.35 10.72
CA GLU A 88 -10.77 5.94 10.30
C GLU A 88 -9.87 5.83 9.06
N ALA A 89 -10.20 6.56 7.99
CA ALA A 89 -9.42 6.54 6.75
C ALA A 89 -8.06 7.22 6.92
N ASP A 90 -8.04 8.19 7.83
CA ASP A 90 -6.80 8.86 8.15
C ASP A 90 -5.84 7.84 8.79
N SER A 91 -6.36 7.07 9.74
CA SER A 91 -5.53 6.11 10.47
C SER A 91 -4.82 5.16 9.52
N LEU A 92 -5.50 4.70 8.49
CA LEU A 92 -4.85 3.70 7.65
C LEU A 92 -3.71 4.25 6.75
N LEU A 93 -3.84 5.39 6.06
CA LEU A 93 -2.74 5.82 5.19
C LEU A 93 -1.47 6.17 5.99
N SER A 94 -1.64 6.93 7.07
CA SER A 94 -0.52 7.35 7.98
C SER A 94 -0.90 8.59 8.80
N VAL A 95 -2.20 8.78 8.96
CA VAL A 95 -2.71 9.93 9.70
C VAL A 95 -3.53 9.51 10.91
N THR A 96 -2.99 8.58 11.70
CA THR A 96 -3.69 8.12 12.90
C THR A 96 -3.61 9.17 14.00
N LYS A 97 -4.44 10.21 13.87
CA LYS A 97 -4.47 11.27 14.86
C LYS A 97 -3.10 11.93 15.04
N LEU A 98 -2.19 11.68 14.09
CA LEU A 98 -0.87 12.28 14.15
C LEU A 98 -0.68 13.24 12.96
N SER A 99 -0.44 14.54 13.21
CA SER A 99 -0.20 15.40 12.06
C SER A 99 1.29 15.46 11.79
N THR A 100 1.72 14.93 10.65
CA THR A 100 3.14 14.92 10.34
C THR A 100 3.43 15.27 8.88
N MET A 101 4.42 16.13 8.65
CA MET A 101 4.82 16.44 7.28
C MET A 101 6.34 16.53 7.19
N SER A 102 6.89 16.14 6.05
CA SER A 102 8.33 16.19 5.83
C SER A 102 8.65 16.96 4.56
N ASP A 103 9.37 18.07 4.65
CA ASP A 103 9.68 18.85 3.46
C ASP A 103 10.73 18.15 2.59
N SER A 104 11.41 17.15 3.14
CA SER A 104 12.40 16.40 2.35
C SER A 104 11.69 15.22 1.66
N LYS A 105 12.25 14.72 0.56
CA LYS A 105 11.61 13.63 -0.20
C LYS A 105 11.54 12.32 0.60
N ASN A 106 10.38 11.65 0.53
CA ASN A 106 10.19 10.38 1.24
C ASN A 106 10.50 9.17 0.33
N THR A 107 9.95 9.19 -0.88
CA THR A 107 10.16 8.12 -1.87
C THR A 107 9.55 6.75 -1.46
N ARG A 108 10.38 5.77 -1.11
CA ARG A 108 9.95 4.42 -0.72
C ARG A 108 8.97 4.41 0.46
N LYS A 109 9.04 5.43 1.27
CA LYS A 109 8.18 5.54 2.45
C LYS A 109 6.69 5.48 2.06
N ALA A 110 6.36 5.92 0.86
CA ALA A 110 4.96 5.91 0.40
C ALA A 110 4.41 4.48 0.28
N ARG A 111 5.17 3.64 -0.40
CA ARG A 111 4.78 2.25 -0.62
C ARG A 111 4.62 1.49 0.68
N GLU A 112 5.52 1.73 1.62
CA GLU A 112 5.41 1.00 2.88
C GLU A 112 4.05 1.33 3.47
N MET A 113 3.72 2.61 3.48
CA MET A 113 2.45 3.08 4.04
C MET A 113 1.24 2.51 3.28
N LEU A 114 1.30 2.46 1.94
CA LEU A 114 0.18 1.94 1.16
C LEU A 114 -0.04 0.47 1.56
N LEU A 115 1.04 -0.28 1.62
CA LEU A 115 0.94 -1.70 1.97
C LEU A 115 0.23 -1.83 3.33
N LYS A 116 0.62 -0.98 4.28
CA LYS A 116 0.00 -1.00 5.60
C LYS A 116 -1.44 -0.48 5.54
N LEU A 117 -1.69 0.40 4.58
CA LEU A 117 -3.05 0.95 4.44
C LEU A 117 -4.02 -0.20 4.25
N ALA A 118 -3.71 -1.08 3.31
CA ALA A 118 -4.58 -2.21 3.00
C ALA A 118 -4.68 -3.23 4.15
N GLU A 119 -3.59 -3.41 4.89
CA GLU A 119 -3.61 -4.45 5.93
C GLU A 119 -4.48 -4.09 7.13
N GLU A 120 -4.53 -2.84 7.57
CA GLU A 120 -5.36 -2.58 8.75
C GLU A 120 -6.75 -2.17 8.37
N THR A 121 -6.95 -1.47 7.30
CA THR A 121 -8.29 -1.16 6.92
C THR A 121 -8.34 -1.21 5.42
N SER A 122 -9.51 -1.25 4.88
CA SER A 122 -9.67 -1.11 3.47
C SER A 122 -10.74 -0.05 3.32
N ILE A 123 -10.79 0.76 2.29
CA ILE A 123 -11.95 1.65 2.24
C ILE A 123 -13.07 0.74 1.81
N PHE A 124 -12.92 0.16 0.64
CA PHE A 124 -13.84 -0.86 0.17
C PHE A 124 -13.34 -2.12 0.85
N PRO A 125 -14.08 -3.17 0.95
CA PRO A 125 -13.60 -4.39 1.69
C PRO A 125 -12.20 -4.87 1.25
N ALA A 126 -11.54 -5.56 2.19
CA ALA A 126 -10.11 -5.91 2.03
C ALA A 126 -9.78 -6.51 0.64
N SER A 127 -10.67 -7.29 0.02
CA SER A 127 -10.34 -7.85 -1.29
C SER A 127 -10.27 -6.73 -2.36
N TRP A 128 -10.59 -5.51 -1.93
CA TRP A 128 -10.50 -4.33 -2.77
C TRP A 128 -9.11 -3.72 -2.55
N GLU A 129 -8.34 -3.51 -3.63
CA GLU A 129 -7.03 -2.88 -3.51
C GLU A 129 -7.27 -1.40 -3.60
N LEU A 130 -6.40 -0.59 -3.03
CA LEU A 130 -6.62 0.84 -3.16
C LEU A 130 -5.64 1.44 -4.14
N SER A 131 -6.18 1.95 -5.22
CA SER A 131 -5.37 2.62 -6.24
C SER A 131 -5.65 4.11 -6.25
N GLU A 132 -4.66 4.88 -6.65
CA GLU A 132 -4.85 6.32 -6.70
C GLU A 132 -6.01 6.72 -7.61
N ARG A 133 -6.14 6.06 -8.77
CA ARG A 133 -7.21 6.41 -9.70
C ARG A 133 -8.61 5.99 -9.22
N TYR A 134 -8.74 4.79 -8.66
CA TYR A 134 -10.06 4.34 -8.20
C TYR A 134 -10.50 5.16 -7.01
N LEU A 135 -9.58 5.28 -6.06
CA LEU A 135 -9.90 6.02 -4.85
C LEU A 135 -10.46 7.39 -5.26
N LEU A 136 -9.74 8.12 -6.12
CA LEU A 136 -10.20 9.41 -6.60
C LEU A 136 -11.61 9.31 -7.21
N VAL A 137 -11.91 8.18 -7.84
CA VAL A 137 -13.25 8.01 -8.41
C VAL A 137 -14.27 7.94 -7.27
N VAL A 138 -13.92 7.17 -6.24
CA VAL A 138 -14.81 7.07 -5.09
C VAL A 138 -14.94 8.45 -4.46
N ASP A 139 -13.91 9.30 -4.60
CA ASP A 139 -14.01 10.64 -4.03
C ASP A 139 -15.27 11.26 -4.63
N ARG A 140 -15.41 11.24 -5.94
CA ARG A 140 -16.56 11.87 -6.55
C ARG A 140 -17.84 11.27 -5.96
N LEU A 141 -17.79 10.03 -5.47
CA LEU A 141 -18.99 9.49 -4.83
C LEU A 141 -19.35 10.44 -3.68
N ILE A 142 -18.29 10.89 -2.98
CA ILE A 142 -18.44 11.82 -1.84
C ILE A 142 -19.22 13.03 -2.31
N ALA A 143 -19.03 13.39 -3.57
CA ALA A 143 -19.73 14.54 -4.16
C ALA A 143 -21.24 14.38 -4.01
N LEU A 144 -21.70 13.15 -3.85
CA LEU A 144 -23.14 12.89 -3.67
C LEU A 144 -23.53 12.95 -2.18
N ASP A 145 -22.52 13.00 -1.29
CA ASP A 145 -22.75 13.07 0.15
C ASP A 145 -23.37 11.78 0.68
N ALA A 146 -22.70 10.65 0.45
CA ALA A 146 -23.15 9.34 0.91
C ALA A 146 -22.01 8.66 1.68
N ALA A 147 -21.12 9.49 2.24
CA ALA A 147 -19.93 9.02 2.96
C ALA A 147 -20.21 7.94 4.00
N GLU A 148 -21.38 7.97 4.62
CA GLU A 148 -21.67 6.98 5.65
C GLU A 148 -21.47 5.59 5.08
N ASP A 149 -21.65 5.44 3.78
CA ASP A 149 -21.46 4.15 3.13
C ASP A 149 -20.01 3.70 3.29
N PHE A 150 -19.06 4.62 3.09
CA PHE A 150 -17.62 4.31 3.20
C PHE A 150 -17.28 3.75 4.56
N PHE A 151 -17.71 4.45 5.60
CA PHE A 151 -17.38 3.98 6.94
C PHE A 151 -17.85 2.52 7.11
N LYS A 152 -19.10 2.25 6.79
CA LYS A 152 -19.65 0.90 6.97
C LYS A 152 -18.86 -0.16 6.19
N ILE A 153 -18.41 0.18 4.99
CA ILE A 153 -17.65 -0.78 4.19
C ILE A 153 -16.21 -0.92 4.71
N ALA A 154 -15.55 0.21 4.95
CA ALA A 154 -14.20 0.19 5.44
C ALA A 154 -14.14 -0.49 6.82
N SER A 155 -15.16 -0.23 7.63
CA SER A 155 -15.23 -0.87 8.95
C SER A 155 -15.32 -2.38 8.76
N GLN A 156 -16.13 -2.75 7.78
CA GLN A 156 -16.43 -4.16 7.51
C GLN A 156 -15.15 -4.95 7.27
N MET A 157 -14.10 -4.32 6.79
CA MET A 157 -12.84 -5.08 6.62
C MET A 157 -12.17 -5.33 7.98
N TYR A 158 -12.19 -4.33 8.85
CA TYR A 158 -11.56 -4.44 10.16
C TYR A 158 -12.54 -4.23 11.33
N PRO A 159 -13.62 -4.98 11.38
CA PRO A 159 -14.64 -4.88 12.45
C PRO A 159 -14.19 -5.51 13.77
N LYS A 160 -14.75 -5.03 14.87
CA LYS A 160 -14.46 -5.58 16.19
C LYS A 160 -15.80 -5.79 16.87
N LYS A 161 -15.93 -6.78 17.75
CA LYS A 161 -17.20 -6.98 18.44
C LYS A 161 -16.97 -7.07 19.96
N PRO A 162 -17.75 -6.39 20.78
CA PRO A 162 -17.56 -6.50 22.26
C PRO A 162 -17.89 -7.90 22.75
N GLY A 163 -16.99 -8.52 23.51
CA GLY A 163 -17.26 -9.87 24.00
C GLY A 163 -16.52 -10.93 23.16
N VAL A 164 -15.67 -10.51 22.24
CA VAL A 164 -14.93 -11.47 21.41
C VAL A 164 -14.05 -12.34 22.33
N PRO A 165 -14.25 -13.65 22.35
CA PRO A 165 -13.48 -14.56 23.24
C PRO A 165 -12.09 -14.93 22.71
N CYS A 166 -11.18 -15.16 23.66
CA CYS A 166 -9.80 -15.53 23.31
C CYS A 166 -9.80 -16.86 22.56
N LEU A 167 -8.75 -17.10 21.79
CA LEU A 167 -8.65 -18.34 21.02
C LEU A 167 -8.18 -19.49 21.92
N VAL A 168 -9.09 -20.43 22.19
CA VAL A 168 -8.77 -21.57 23.04
C VAL A 168 -8.40 -22.80 22.20
N ASP A 169 -7.34 -23.51 22.61
CA ASP A 169 -6.92 -24.72 21.90
C ASP A 169 -7.91 -25.84 22.16
N GLY A 170 -7.96 -26.84 21.29
CA GLY A 170 -8.87 -27.96 21.48
C GLY A 170 -10.00 -27.95 20.44
N GLN A 171 -9.95 -27.03 19.49
CA GLN A 171 -10.99 -26.97 18.47
C GLN A 171 -11.05 -28.29 17.71
N ARG A 172 -12.24 -28.88 17.64
CA ARG A 172 -12.41 -30.16 16.96
C ARG A 172 -12.81 -29.97 15.50
N LYS A 173 -12.03 -30.54 14.59
CA LYS A 173 -12.31 -30.44 13.16
C LYS A 173 -13.14 -31.66 12.72
N LEU A 174 -14.26 -31.44 12.03
CA LEU A 174 -15.08 -32.56 11.58
C LEU A 174 -14.32 -33.41 10.59
N HIS A 175 -14.27 -34.72 10.84
CA HIS A 175 -13.57 -35.64 9.98
C HIS A 175 -14.51 -36.29 8.96
N CYS A 176 -14.03 -36.43 7.74
CA CYS A 176 -14.83 -37.03 6.67
C CYS A 176 -15.11 -38.50 6.98
N LEU A 177 -14.18 -39.13 7.72
CA LEU A 177 -14.34 -40.53 8.08
C LEU A 177 -15.29 -40.65 9.27
N PRO A 178 -15.96 -41.77 9.43
CA PRO A 178 -16.94 -41.97 10.54
C PRO A 178 -16.30 -41.91 11.92
N PHE A 179 -16.98 -41.23 12.83
CA PHE A 179 -16.49 -41.08 14.20
C PHE A 179 -17.65 -41.18 15.20
N PRO A 180 -17.38 -41.57 16.42
CA PRO A 180 -18.42 -41.70 17.48
C PRO A 180 -18.94 -40.35 17.95
N SER A 181 -20.17 -40.34 18.46
CA SER A 181 -20.77 -39.10 18.96
C SER A 181 -21.26 -39.28 20.39
N PRO A 182 -21.37 -38.22 21.14
CA PRO A 182 -21.83 -38.27 22.56
C PRO A 182 -23.35 -38.41 22.66
N GLY A 1 16.62 -24.47 -33.43
CA GLY A 1 16.09 -23.14 -32.99
C GLY A 1 17.24 -22.29 -32.48
N ASN A 2 16.97 -21.49 -31.45
CA ASN A 2 17.99 -20.62 -30.88
C ASN A 2 18.55 -21.22 -29.59
N ASN A 3 19.85 -21.12 -29.42
CA ASN A 3 20.50 -21.66 -28.23
C ASN A 3 21.42 -20.61 -27.60
N PRO A 4 21.67 -20.70 -26.31
CA PRO A 4 22.55 -19.72 -25.59
C PRO A 4 24.02 -19.88 -25.95
N TYR A 5 24.77 -18.80 -25.82
CA TYR A 5 26.20 -18.83 -26.13
C TYR A 5 27.01 -18.29 -24.95
N SER A 6 28.20 -18.86 -24.75
CA SER A 6 29.06 -18.43 -23.65
C SER A 6 30.53 -18.69 -23.98
N SER A 7 31.42 -18.01 -23.26
CA SER A 7 32.84 -18.18 -23.47
C SER A 7 33.28 -19.61 -23.12
N PHE A 8 34.18 -20.16 -23.92
CA PHE A 8 34.67 -21.51 -23.69
C PHE A 8 35.81 -21.49 -22.68
N GLY A 9 35.70 -22.32 -21.65
CA GLY A 9 36.74 -22.40 -20.62
C GLY A 9 36.31 -23.30 -19.48
N ALA A 10 35.17 -22.98 -18.87
CA ALA A 10 34.66 -23.78 -17.77
C ALA A 10 34.28 -25.17 -18.26
N THR A 11 34.49 -26.17 -17.40
CA THR A 11 34.17 -27.55 -17.77
C THR A 11 32.70 -27.65 -18.18
N LEU A 12 32.46 -27.75 -19.49
CA LEU A 12 31.10 -27.81 -20.02
C LEU A 12 30.24 -28.84 -19.30
N GLU A 13 30.85 -29.82 -18.63
CA GLU A 13 30.06 -30.81 -17.92
C GLU A 13 29.53 -30.23 -16.61
N ARG A 14 30.38 -29.47 -15.94
CA ARG A 14 30.01 -28.85 -14.66
C ARG A 14 29.00 -27.73 -14.84
N ASP A 15 28.78 -27.30 -16.08
CA ASP A 15 27.82 -26.23 -16.33
C ASP A 15 26.44 -26.66 -15.82
N ASP A 16 25.78 -25.75 -15.11
CA ASP A 16 24.46 -26.05 -14.55
C ASP A 16 23.45 -26.39 -15.65
N GLU A 17 22.63 -27.40 -15.39
CA GLU A 17 21.61 -27.83 -16.34
C GLU A 17 20.26 -27.20 -16.01
N LYS A 18 20.20 -26.45 -14.90
CA LYS A 18 18.95 -25.81 -14.49
C LYS A 18 18.49 -24.79 -15.52
N ASN A 19 19.44 -24.10 -16.15
CA ASN A 19 19.11 -23.09 -17.15
C ASN A 19 18.26 -21.97 -16.56
N LEU A 20 16.94 -22.16 -16.54
CA LEU A 20 16.03 -21.16 -16.00
C LEU A 20 15.96 -19.94 -16.91
N TRP A 21 14.75 -19.53 -17.25
CA TRP A 21 14.54 -18.39 -18.12
C TRP A 21 13.58 -17.39 -17.47
N SER A 22 13.73 -16.11 -17.82
CA SER A 22 12.88 -15.06 -17.28
C SER A 22 13.22 -14.81 -15.81
N MET A 23 12.23 -14.37 -15.01
CA MET A 23 12.47 -14.09 -13.60
C MET A 23 11.46 -14.82 -12.71
N PRO A 24 11.62 -16.11 -12.55
CA PRO A 24 10.70 -16.93 -11.70
C PRO A 24 10.78 -16.53 -10.22
N HIS A 25 11.87 -15.85 -9.86
CA HIS A 25 12.07 -15.43 -8.49
C HIS A 25 10.95 -14.50 -7.99
N ASP A 26 10.12 -14.02 -8.91
CA ASP A 26 9.04 -13.11 -8.54
C ASP A 26 7.74 -13.85 -8.22
N VAL A 27 7.88 -15.06 -7.72
CA VAL A 27 6.73 -15.88 -7.34
C VAL A 27 6.25 -15.58 -5.92
N SER A 28 7.21 -15.34 -5.02
CA SER A 28 6.89 -15.07 -3.62
C SER A 28 6.58 -13.59 -3.41
N HIS A 29 6.45 -12.85 -4.49
CA HIS A 29 6.17 -11.43 -4.46
C HIS A 29 4.80 -11.08 -3.89
N THR A 30 4.75 -9.90 -3.28
CA THR A 30 3.57 -9.37 -2.64
C THR A 30 2.54 -9.05 -3.73
N GLU A 31 1.32 -8.66 -3.36
CA GLU A 31 0.31 -8.48 -4.39
C GLU A 31 0.81 -7.55 -5.47
N ALA A 32 1.48 -6.45 -5.15
CA ALA A 32 1.99 -5.64 -6.26
C ALA A 32 3.42 -6.10 -6.50
N ASP A 33 3.58 -6.84 -7.58
CA ASP A 33 4.86 -7.43 -7.94
C ASP A 33 5.88 -6.42 -8.47
N ASP A 34 5.43 -5.32 -9.03
CA ASP A 34 6.36 -4.34 -9.57
C ASP A 34 7.27 -3.76 -8.48
N ASP A 35 6.72 -3.50 -7.30
CA ASP A 35 7.52 -2.94 -6.21
C ASP A 35 8.57 -3.94 -5.70
N ARG A 36 8.17 -5.17 -5.45
CA ARG A 36 9.10 -6.17 -4.95
C ARG A 36 10.13 -6.54 -6.01
N ILE A 37 9.69 -6.82 -7.24
CA ILE A 37 10.62 -7.17 -8.30
C ILE A 37 11.52 -5.96 -8.57
N LEU A 38 11.06 -4.78 -8.15
CA LEU A 38 11.90 -3.61 -8.29
C LEU A 38 13.12 -3.88 -7.43
N TYR A 39 12.90 -4.25 -6.19
CA TYR A 39 14.02 -4.51 -5.30
C TYR A 39 14.97 -5.51 -5.96
N ASN A 40 14.44 -6.38 -6.81
CA ASN A 40 15.33 -7.30 -7.52
C ASN A 40 16.33 -6.44 -8.33
N LEU A 41 15.83 -5.37 -8.96
CA LEU A 41 16.70 -4.48 -9.73
C LEU A 41 17.83 -3.95 -8.82
N ILE A 42 17.52 -3.63 -7.58
CA ILE A 42 18.56 -3.17 -6.68
C ILE A 42 19.63 -4.25 -6.50
N VAL A 43 19.23 -5.50 -6.52
CA VAL A 43 20.22 -6.57 -6.38
C VAL A 43 21.23 -6.42 -7.50
N ILE A 44 20.76 -6.11 -8.72
CA ILE A 44 21.70 -5.94 -9.81
C ILE A 44 22.71 -4.88 -9.41
N ARG A 45 22.28 -3.91 -8.57
CA ARG A 45 23.22 -2.86 -8.13
C ARG A 45 24.38 -3.53 -7.39
N ASN A 46 24.09 -4.60 -6.68
CA ASN A 46 25.18 -5.33 -5.99
C ASN A 46 26.17 -5.84 -7.06
N GLN A 47 25.64 -6.01 -8.27
CA GLN A 47 26.43 -6.43 -9.44
C GLN A 47 26.87 -5.23 -10.31
N GLN A 48 26.14 -4.13 -10.16
CA GLN A 48 26.35 -2.91 -10.92
C GLN A 48 26.91 -1.75 -10.09
N THR A 49 27.52 -0.81 -10.78
CA THR A 49 28.05 0.38 -10.13
C THR A 49 27.08 1.54 -10.34
N LYS A 50 27.25 2.61 -9.58
CA LYS A 50 26.35 3.79 -9.66
C LYS A 50 25.97 4.15 -11.12
N ASP A 51 26.82 3.77 -12.07
CA ASP A 51 26.50 4.06 -13.46
C ASP A 51 25.13 3.42 -13.77
N SER A 52 24.96 2.16 -13.34
CA SER A 52 23.73 1.34 -13.55
C SER A 52 22.50 2.17 -13.92
N GLU A 53 22.25 2.26 -15.22
CA GLU A 53 21.11 3.02 -15.72
C GLU A 53 19.76 2.41 -15.31
N GLU A 54 19.69 1.08 -15.15
CA GLU A 54 18.43 0.46 -14.74
C GLU A 54 18.14 0.69 -13.25
N TRP A 55 19.13 0.40 -12.38
CA TRP A 55 18.92 0.57 -10.96
C TRP A 55 18.56 2.01 -10.60
N GLN A 56 19.21 2.99 -11.23
CA GLN A 56 18.84 4.36 -10.90
C GLN A 56 17.34 4.49 -11.25
N ARG A 57 16.98 4.06 -12.46
CA ARG A 57 15.60 4.12 -12.94
C ARG A 57 14.64 3.42 -11.97
N LEU A 58 15.11 2.40 -11.27
CA LEU A 58 14.25 1.73 -10.29
C LEU A 58 13.85 2.75 -9.24
N ASN A 59 14.82 3.52 -8.78
CA ASN A 59 14.55 4.52 -7.77
C ASN A 59 13.49 5.49 -8.27
N TYR A 60 13.62 5.87 -9.54
CA TYR A 60 12.66 6.75 -10.19
C TYR A 60 11.27 6.11 -10.24
N ASP A 61 11.23 4.79 -10.25
CA ASP A 61 9.95 4.08 -10.24
C ASP A 61 9.34 4.14 -8.84
N ILE A 62 10.19 4.08 -7.82
CA ILE A 62 9.73 4.18 -6.44
C ILE A 62 9.27 5.61 -6.18
N TYR A 63 10.00 6.55 -6.79
CA TYR A 63 9.67 7.97 -6.64
C TYR A 63 8.25 8.19 -7.11
N THR A 64 7.90 7.66 -8.29
CA THR A 64 6.55 7.84 -8.79
C THR A 64 5.58 7.26 -7.76
N LEU A 65 6.01 6.20 -7.07
CA LEU A 65 5.17 5.60 -6.03
C LEU A 65 4.85 6.69 -4.99
N ARG A 66 5.81 7.56 -4.74
CA ARG A 66 5.58 8.64 -3.78
C ARG A 66 4.48 9.57 -4.30
N GLN A 67 4.51 9.83 -5.60
CA GLN A 67 3.54 10.73 -6.24
C GLN A 67 2.09 10.21 -6.18
N ILE A 68 1.89 8.90 -6.33
CA ILE A 68 0.54 8.35 -6.30
C ILE A 68 -0.02 8.33 -4.88
N ARG A 69 0.81 7.94 -3.91
CA ARG A 69 0.36 7.90 -2.52
C ARG A 69 -0.08 9.29 -2.06
N ARG A 70 0.74 10.28 -2.36
CA ARG A 70 0.46 11.66 -1.95
C ARG A 70 -0.87 12.15 -2.53
N GLU A 71 -1.12 11.89 -3.81
CA GLU A 71 -2.35 12.36 -4.45
C GLU A 71 -3.59 11.78 -3.76
N VAL A 72 -3.54 10.50 -3.41
CA VAL A 72 -4.69 9.87 -2.75
C VAL A 72 -5.01 10.59 -1.45
N ARG A 73 -3.99 10.85 -0.65
CA ARG A 73 -4.19 11.52 0.61
C ARG A 73 -4.92 12.84 0.40
N ASN A 74 -4.59 13.52 -0.69
CA ASN A 74 -5.23 14.77 -1.03
C ASN A 74 -6.70 14.53 -1.39
N ARG A 75 -7.00 13.32 -1.86
CA ARG A 75 -8.37 12.95 -2.13
C ARG A 75 -9.11 12.65 -0.81
N TRP A 76 -8.51 11.81 0.05
CA TRP A 76 -9.13 11.45 1.32
C TRP A 76 -9.38 12.71 2.13
N ARG A 77 -8.40 13.58 2.10
CA ARG A 77 -8.55 14.81 2.86
C ARG A 77 -9.88 15.42 2.43
N ARG A 78 -10.12 15.52 1.13
CA ARG A 78 -11.38 16.10 0.63
C ARG A 78 -12.66 15.23 0.89
N ILE A 79 -12.59 13.89 0.85
CA ILE A 79 -13.82 13.08 1.09
C ILE A 79 -14.20 13.09 2.55
N LEU A 80 -13.23 12.87 3.41
CA LEU A 80 -13.50 12.85 4.81
C LEU A 80 -13.73 14.25 5.38
N GLU A 81 -13.02 15.24 4.84
CA GLU A 81 -13.20 16.58 5.37
C GLU A 81 -14.67 16.96 5.27
N ASP A 82 -15.28 16.70 4.11
CA ASP A 82 -16.68 17.08 3.93
C ASP A 82 -17.62 16.47 4.98
N LEU A 83 -17.35 15.26 5.48
CA LEU A 83 -18.25 14.69 6.51
C LEU A 83 -17.76 14.97 7.94
N GLY A 84 -16.46 15.18 8.12
CA GLY A 84 -15.92 15.42 9.46
C GLY A 84 -15.58 14.11 10.19
N PHE A 85 -15.71 12.97 9.49
CA PHE A 85 -15.41 11.66 10.09
C PHE A 85 -14.05 11.11 9.63
N GLN A 86 -13.13 12.03 9.46
CA GLN A 86 -11.75 11.80 9.01
C GLN A 86 -10.90 10.75 9.75
N ARG A 87 -11.15 10.48 11.02
CA ARG A 87 -10.26 9.57 11.75
C ARG A 87 -10.09 8.15 11.15
N GLU A 88 -11.15 7.45 10.78
CA GLU A 88 -10.91 6.06 10.33
C GLU A 88 -10.01 5.99 9.08
N ALA A 89 -10.34 6.75 8.04
CA ALA A 89 -9.53 6.77 6.81
C ALA A 89 -8.16 7.41 7.04
N ASP A 90 -8.14 8.35 7.99
CA ASP A 90 -6.89 8.98 8.37
C ASP A 90 -5.95 7.91 8.91
N SER A 91 -6.50 7.05 9.76
CA SER A 91 -5.72 6.00 10.41
C SER A 91 -5.01 5.15 9.38
N LEU A 92 -5.65 4.90 8.24
CA LEU A 92 -5.00 3.98 7.31
C LEU A 92 -3.82 4.60 6.54
N LEU A 93 -3.94 5.81 5.98
CA LEU A 93 -2.81 6.33 5.20
C LEU A 93 -1.63 6.75 6.07
N SER A 94 -1.91 7.50 7.16
CA SER A 94 -0.89 8.02 8.10
C SER A 94 -1.33 9.41 8.61
N VAL A 95 -2.48 9.88 8.13
CA VAL A 95 -2.98 11.20 8.54
C VAL A 95 -3.19 11.17 10.05
N THR A 96 -3.89 10.15 10.53
CA THR A 96 -4.14 9.96 11.96
C THR A 96 -4.37 11.27 12.74
N LYS A 97 -5.07 12.24 12.16
CA LYS A 97 -5.34 13.50 12.86
C LYS A 97 -4.02 14.16 13.28
N LEU A 98 -3.00 13.89 12.49
CA LEU A 98 -1.66 14.45 12.70
C LEU A 98 -1.33 15.36 11.52
N SER A 99 -1.03 16.64 11.75
CA SER A 99 -0.63 17.45 10.60
C SER A 99 0.88 17.39 10.46
N THR A 100 1.37 16.79 9.39
CA THR A 100 2.82 16.69 9.19
C THR A 100 3.24 16.95 7.75
N MET A 101 4.39 17.58 7.56
CA MET A 101 4.90 17.77 6.21
C MET A 101 6.43 17.78 6.24
N SER A 102 7.04 17.27 5.18
CA SER A 102 8.50 17.24 5.07
C SER A 102 8.95 17.89 3.78
N ASP A 103 9.79 18.92 3.85
CA ASP A 103 10.24 19.55 2.63
C ASP A 103 11.25 18.66 1.88
N SER A 104 11.78 17.65 2.56
CA SER A 104 12.71 16.72 1.93
C SER A 104 11.89 15.55 1.33
N LYS A 105 12.35 14.99 0.21
CA LYS A 105 11.61 13.90 -0.46
C LYS A 105 11.53 12.62 0.39
N ASN A 106 10.35 11.95 0.33
CA ASN A 106 10.14 10.70 1.07
C ASN A 106 10.44 9.46 0.21
N THR A 107 9.91 9.45 -1.01
CA THR A 107 10.12 8.35 -1.97
C THR A 107 9.49 7.00 -1.51
N ARG A 108 10.30 6.09 -0.95
CA ARG A 108 9.86 4.75 -0.51
C ARG A 108 8.79 4.75 0.59
N LYS A 109 8.75 5.83 1.35
CA LYS A 109 7.80 5.92 2.46
C LYS A 109 6.33 5.74 2.02
N ALA A 110 6.02 6.06 0.76
CA ALA A 110 4.64 5.92 0.28
C ALA A 110 4.16 4.47 0.29
N ARG A 111 4.97 3.59 -0.27
CA ARG A 111 4.61 2.17 -0.38
C ARG A 111 4.38 1.53 0.99
N GLU A 112 5.21 1.89 1.96
CA GLU A 112 5.00 1.31 3.29
C GLU A 112 3.60 1.70 3.73
N MET A 113 3.30 2.98 3.56
CA MET A 113 2.00 3.54 3.96
C MET A 113 0.84 2.79 3.30
N LEU A 114 0.91 2.54 2.00
CA LEU A 114 -0.18 1.84 1.31
C LEU A 114 -0.29 0.38 1.78
N LEU A 115 0.85 -0.29 1.89
CA LEU A 115 0.84 -1.70 2.30
C LEU A 115 0.12 -1.85 3.66
N LYS A 116 0.48 -1.00 4.62
CA LYS A 116 -0.15 -1.03 5.94
C LYS A 116 -1.61 -0.61 5.85
N LEU A 117 -1.91 0.23 4.87
CA LEU A 117 -3.29 0.69 4.70
C LEU A 117 -4.18 -0.51 4.45
N ALA A 118 -3.80 -1.35 3.51
CA ALA A 118 -4.61 -2.51 3.17
C ALA A 118 -4.73 -3.47 4.34
N GLU A 119 -3.68 -3.60 5.13
CA GLU A 119 -3.72 -4.55 6.22
C GLU A 119 -4.64 -4.14 7.35
N GLU A 120 -4.73 -2.86 7.73
CA GLU A 120 -5.60 -2.60 8.88
C GLU A 120 -6.99 -2.25 8.44
N THR A 121 -7.17 -1.57 7.35
CA THR A 121 -8.50 -1.31 6.93
C THR A 121 -8.53 -1.35 5.43
N SER A 122 -9.68 -1.38 4.88
CA SER A 122 -9.81 -1.24 3.47
C SER A 122 -10.87 -0.16 3.29
N ILE A 123 -10.82 0.72 2.31
CA ILE A 123 -11.97 1.64 2.25
C ILE A 123 -13.12 0.73 1.83
N PHE A 124 -12.98 0.13 0.65
CA PHE A 124 -13.93 -0.88 0.22
C PHE A 124 -13.41 -2.14 0.86
N PRO A 125 -14.15 -3.19 1.00
CA PRO A 125 -13.66 -4.42 1.72
C PRO A 125 -12.27 -4.91 1.27
N ALA A 126 -11.60 -5.59 2.19
CA ALA A 126 -10.17 -5.96 2.04
C ALA A 126 -9.84 -6.56 0.67
N SER A 127 -10.72 -7.31 0.04
CA SER A 127 -10.39 -7.89 -1.27
C SER A 127 -10.26 -6.75 -2.33
N TRP A 128 -10.67 -5.56 -1.91
CA TRP A 128 -10.52 -4.37 -2.73
C TRP A 128 -9.12 -3.80 -2.47
N GLU A 129 -8.31 -3.64 -3.51
CA GLU A 129 -6.98 -3.07 -3.37
C GLU A 129 -7.15 -1.58 -3.49
N LEU A 130 -6.26 -0.80 -2.90
CA LEU A 130 -6.42 0.63 -3.08
C LEU A 130 -5.38 1.17 -4.03
N SER A 131 -5.86 1.64 -5.16
CA SER A 131 -5.03 2.30 -6.16
C SER A 131 -5.39 3.76 -6.22
N GLU A 132 -4.50 4.58 -6.75
CA GLU A 132 -4.81 5.99 -6.86
C GLU A 132 -5.95 6.26 -7.86
N ARG A 133 -5.96 5.55 -9.00
CA ARG A 133 -7.01 5.80 -10.01
C ARG A 133 -8.39 5.31 -9.57
N TYR A 134 -8.49 4.11 -9.00
CA TYR A 134 -9.79 3.61 -8.54
C TYR A 134 -10.28 4.55 -7.45
N LEU A 135 -9.33 4.91 -6.61
CA LEU A 135 -9.67 5.80 -5.53
C LEU A 135 -10.29 7.05 -6.15
N LEU A 136 -9.63 7.67 -7.12
CA LEU A 136 -10.19 8.87 -7.74
C LEU A 136 -11.60 8.61 -8.25
N VAL A 137 -11.87 7.39 -8.71
CA VAL A 137 -13.21 7.06 -9.16
C VAL A 137 -14.12 7.11 -7.95
N VAL A 138 -13.62 6.57 -6.85
CA VAL A 138 -14.35 6.57 -5.61
C VAL A 138 -14.57 8.01 -5.18
N ASP A 139 -13.62 8.92 -5.50
CA ASP A 139 -13.80 10.30 -5.07
C ASP A 139 -15.13 10.77 -5.63
N ARG A 140 -15.35 10.62 -6.93
CA ARG A 140 -16.59 11.09 -7.50
C ARG A 140 -17.77 10.47 -6.78
N LEU A 141 -17.60 9.28 -6.22
CA LEU A 141 -18.68 8.68 -5.45
C LEU A 141 -18.96 9.58 -4.23
N ILE A 142 -17.87 9.98 -3.57
CA ILE A 142 -17.96 10.83 -2.36
C ILE A 142 -18.77 12.09 -2.69
N ALA A 143 -18.70 12.49 -3.95
CA ALA A 143 -19.39 13.66 -4.47
C ALA A 143 -20.90 13.56 -4.24
N LEU A 144 -21.41 12.35 -4.05
CA LEU A 144 -22.83 12.15 -3.81
C LEU A 144 -23.19 12.44 -2.34
N ASP A 145 -22.18 12.71 -1.51
CA ASP A 145 -22.39 12.97 -0.08
C ASP A 145 -22.99 11.76 0.61
N ALA A 146 -22.41 10.59 0.34
CA ALA A 146 -22.84 9.31 0.90
C ALA A 146 -21.61 8.64 1.55
N ALA A 147 -20.64 9.47 1.96
CA ALA A 147 -19.39 8.99 2.56
C ALA A 147 -19.62 8.10 3.78
N GLU A 148 -20.69 8.33 4.52
CA GLU A 148 -20.93 7.51 5.71
C GLU A 148 -20.93 6.04 5.30
N ASP A 149 -21.30 5.78 4.05
CA ASP A 149 -21.29 4.41 3.55
C ASP A 149 -19.87 3.86 3.62
N PHE A 150 -18.87 4.72 3.33
CA PHE A 150 -17.47 4.30 3.38
C PHE A 150 -17.16 3.74 4.75
N PHE A 151 -17.56 4.48 5.74
CA PHE A 151 -17.29 4.04 7.11
C PHE A 151 -17.79 2.61 7.31
N LYS A 152 -19.05 2.36 6.98
CA LYS A 152 -19.63 1.02 7.17
C LYS A 152 -18.85 -0.06 6.41
N ILE A 153 -18.41 0.25 5.19
CA ILE A 153 -17.66 -0.74 4.39
C ILE A 153 -16.22 -0.91 4.92
N ALA A 154 -15.53 0.20 5.11
CA ALA A 154 -14.16 0.15 5.60
C ALA A 154 -14.10 -0.46 7.00
N SER A 155 -15.09 -0.16 7.83
CA SER A 155 -15.14 -0.73 9.17
C SER A 155 -15.28 -2.25 9.03
N GLN A 156 -16.14 -2.64 8.11
CA GLN A 156 -16.48 -4.03 7.87
C GLN A 156 -15.26 -4.90 7.56
N MET A 157 -14.21 -4.32 7.01
CA MET A 157 -13.01 -5.13 6.76
C MET A 157 -12.30 -5.42 8.10
N TYR A 158 -12.27 -4.41 8.95
CA TYR A 158 -11.59 -4.54 10.24
C TYR A 158 -12.55 -4.37 11.44
N PRO A 159 -13.46 -5.30 11.59
CA PRO A 159 -14.45 -5.31 12.72
C PRO A 159 -13.80 -5.72 14.04
N LYS A 160 -14.35 -5.28 15.16
CA LYS A 160 -13.79 -5.64 16.46
C LYS A 160 -14.16 -7.09 16.81
N LYS A 161 -13.15 -7.95 16.80
CA LYS A 161 -13.33 -9.37 17.10
C LYS A 161 -12.37 -9.82 18.19
N PRO A 162 -12.66 -10.89 18.89
CA PRO A 162 -11.77 -11.42 19.96
C PRO A 162 -10.31 -11.46 19.50
N GLY A 163 -9.39 -11.21 20.42
CA GLY A 163 -7.97 -11.20 20.07
C GLY A 163 -7.55 -9.85 19.48
N VAL A 164 -8.46 -8.88 19.48
CA VAL A 164 -8.15 -7.56 18.94
C VAL A 164 -7.08 -6.87 19.81
N PRO A 165 -6.11 -6.21 19.21
CA PRO A 165 -5.04 -5.51 19.98
C PRO A 165 -5.55 -4.22 20.64
N CYS A 166 -4.91 -3.82 21.72
CA CYS A 166 -5.30 -2.59 22.42
C CYS A 166 -5.13 -1.40 21.49
N LEU A 167 -5.96 -0.38 21.66
CA LEU A 167 -5.89 0.81 20.80
C LEU A 167 -4.70 1.68 21.21
N VAL A 168 -3.95 2.14 20.20
CA VAL A 168 -2.79 2.98 20.43
C VAL A 168 -3.20 4.38 20.90
N ASP A 169 -2.40 4.96 21.79
CA ASP A 169 -2.69 6.30 22.32
C ASP A 169 -3.06 7.26 21.19
N GLY A 170 -3.74 8.34 21.53
CA GLY A 170 -4.17 9.33 20.54
C GLY A 170 -5.69 9.28 20.40
N GLN A 171 -6.27 8.12 20.67
CA GLN A 171 -7.71 7.94 20.58
C GLN A 171 -8.42 8.88 21.56
N ARG A 172 -9.69 9.17 21.29
CA ARG A 172 -10.46 10.05 22.16
C ARG A 172 -10.69 9.39 23.51
N LYS A 173 -10.64 10.17 24.58
CA LYS A 173 -10.87 9.64 25.92
C LYS A 173 -12.36 9.56 26.20
N LEU A 174 -12.81 8.48 26.87
CA LEU A 174 -14.22 8.33 27.19
C LEU A 174 -14.60 9.28 28.32
N HIS A 175 -15.70 10.00 28.14
CA HIS A 175 -16.16 10.93 29.17
C HIS A 175 -16.50 10.19 30.45
N CYS A 176 -16.13 10.79 31.58
CA CYS A 176 -16.39 10.16 32.88
C CYS A 176 -17.88 10.09 33.15
N LEU A 177 -18.64 11.04 32.62
CA LEU A 177 -20.09 11.06 32.84
C LEU A 177 -20.82 11.25 31.50
N PRO A 178 -21.54 10.27 31.01
CA PRO A 178 -22.31 10.41 29.72
C PRO A 178 -23.54 11.29 29.90
N PHE A 179 -23.92 11.99 28.84
CA PHE A 179 -25.08 12.87 28.89
C PHE A 179 -26.14 12.42 27.88
N PRO A 180 -27.40 12.72 28.12
CA PRO A 180 -28.50 12.33 27.19
C PRO A 180 -28.49 13.13 25.90
N SER A 181 -28.97 12.54 24.82
CA SER A 181 -29.02 13.21 23.54
C SER A 181 -30.11 14.28 23.53
N PRO A 182 -30.03 15.24 22.65
CA PRO A 182 -31.05 16.34 22.56
C PRO A 182 -32.46 15.80 22.45
N GLY A 1 48.49 -24.99 -26.47
CA GLY A 1 48.79 -24.57 -25.06
C GLY A 1 48.18 -23.20 -24.81
N ASN A 2 47.35 -23.11 -23.77
CA ASN A 2 46.70 -21.84 -23.44
C ASN A 2 47.42 -21.17 -22.27
N ASN A 3 47.60 -19.86 -22.37
CA ASN A 3 48.27 -19.11 -21.31
C ASN A 3 47.38 -19.01 -20.08
N PRO A 4 47.96 -18.79 -18.91
CA PRO A 4 47.17 -18.67 -17.64
C PRO A 4 46.06 -17.64 -17.75
N TYR A 5 46.34 -16.54 -18.46
CA TYR A 5 45.34 -15.49 -18.63
C TYR A 5 44.73 -15.55 -20.02
N SER A 6 43.40 -15.64 -20.07
CA SER A 6 42.69 -15.71 -21.34
C SER A 6 41.27 -15.19 -21.20
N SER A 7 40.65 -14.85 -22.34
CA SER A 7 39.28 -14.34 -22.33
C SER A 7 38.33 -15.39 -21.76
N PHE A 8 38.55 -16.64 -22.14
CA PHE A 8 37.69 -17.73 -21.66
C PHE A 8 37.95 -18.03 -20.20
N GLY A 9 36.89 -18.41 -19.48
CA GLY A 9 37.02 -18.71 -18.06
C GLY A 9 36.34 -17.65 -17.21
N ALA A 10 35.31 -17.02 -17.77
CA ALA A 10 34.59 -15.97 -17.05
C ALA A 10 34.07 -16.49 -15.71
N THR A 11 33.97 -15.58 -14.74
CA THR A 11 33.51 -15.96 -13.41
C THR A 11 32.01 -16.26 -13.41
N LEU A 12 31.66 -17.49 -13.06
CA LEU A 12 30.26 -17.91 -13.01
C LEU A 12 29.66 -17.66 -11.62
N GLU A 13 30.50 -17.32 -10.65
CA GLU A 13 30.03 -17.08 -9.29
C GLU A 13 29.02 -15.94 -9.24
N ARG A 14 29.28 -14.88 -10.00
CA ARG A 14 28.39 -13.72 -10.00
C ARG A 14 27.34 -13.83 -11.12
N ASP A 15 27.13 -15.04 -11.63
CA ASP A 15 26.16 -15.24 -12.70
C ASP A 15 24.75 -14.88 -12.24
N ASP A 16 23.88 -14.58 -13.20
CA ASP A 16 22.51 -14.22 -12.87
C ASP A 16 21.73 -15.43 -12.37
N GLU A 17 20.80 -15.18 -11.45
CA GLU A 17 19.97 -16.26 -10.91
C GLU A 17 18.75 -16.51 -11.79
N LYS A 18 18.53 -15.66 -12.78
CA LYS A 18 17.38 -15.81 -13.66
C LYS A 18 17.47 -17.11 -14.46
N ASN A 19 18.69 -17.49 -14.83
CA ASN A 19 18.91 -18.73 -15.57
C ASN A 19 18.10 -18.75 -16.88
N LEU A 20 16.86 -19.23 -16.83
CA LEU A 20 16.02 -19.30 -18.02
C LEU A 20 15.13 -18.07 -18.14
N TRP A 21 14.17 -18.14 -19.06
CA TRP A 21 13.26 -17.04 -19.30
C TRP A 21 12.30 -16.83 -18.13
N SER A 22 11.82 -15.60 -17.99
CA SER A 22 10.88 -15.22 -16.92
C SER A 22 11.60 -15.09 -15.58
N MET A 23 10.82 -14.76 -14.55
CA MET A 23 11.37 -14.58 -13.21
C MET A 23 10.57 -15.39 -12.19
N PRO A 24 10.80 -16.67 -12.12
CA PRO A 24 10.08 -17.58 -11.17
C PRO A 24 10.16 -17.09 -9.73
N HIS A 25 11.20 -16.34 -9.41
CA HIS A 25 11.39 -15.83 -8.06
C HIS A 25 10.22 -14.94 -7.61
N ASP A 26 9.38 -14.54 -8.55
CA ASP A 26 8.25 -13.65 -8.24
C ASP A 26 7.02 -14.46 -7.81
N VAL A 27 7.23 -15.62 -7.23
CA VAL A 27 6.12 -16.45 -6.76
C VAL A 27 5.69 -16.04 -5.35
N SER A 28 6.65 -15.54 -4.59
CA SER A 28 6.45 -15.12 -3.21
C SER A 28 6.22 -13.62 -3.11
N HIS A 29 6.04 -12.97 -4.26
CA HIS A 29 5.88 -11.52 -4.33
C HIS A 29 4.70 -10.96 -3.55
N THR A 30 4.90 -9.72 -3.09
CA THR A 30 3.91 -8.99 -2.31
C THR A 30 2.77 -8.66 -3.25
N GLU A 31 1.66 -8.11 -2.76
CA GLU A 31 0.52 -7.91 -3.62
C GLU A 31 0.91 -7.12 -4.86
N ALA A 32 1.72 -6.06 -4.75
CA ALA A 32 2.12 -5.35 -5.95
C ALA A 32 3.51 -5.83 -6.34
N ASP A 33 3.55 -6.63 -7.39
CA ASP A 33 4.80 -7.22 -7.85
C ASP A 33 5.78 -6.21 -8.41
N ASP A 34 5.27 -5.11 -8.93
CA ASP A 34 6.15 -4.11 -9.51
C ASP A 34 7.15 -3.62 -8.47
N ASP A 35 6.70 -3.44 -7.23
CA ASP A 35 7.60 -2.99 -6.17
C ASP A 35 8.60 -4.08 -5.76
N ARG A 36 8.13 -5.31 -5.58
CA ARG A 36 9.02 -6.41 -5.17
C ARG A 36 10.07 -6.74 -6.22
N ILE A 37 9.66 -6.90 -7.46
CA ILE A 37 10.61 -7.20 -8.52
C ILE A 37 11.61 -6.06 -8.60
N LEU A 38 11.11 -4.86 -8.41
CA LEU A 38 11.97 -3.70 -8.43
C LEU A 38 13.12 -3.94 -7.47
N TYR A 39 12.83 -4.30 -6.24
CA TYR A 39 13.92 -4.53 -5.29
C TYR A 39 14.92 -5.51 -5.89
N ASN A 40 14.44 -6.45 -6.70
CA ASN A 40 15.37 -7.36 -7.36
C ASN A 40 16.36 -6.51 -8.19
N LEU A 41 15.86 -5.47 -8.86
CA LEU A 41 16.71 -4.58 -9.65
C LEU A 41 17.85 -4.01 -8.77
N ILE A 42 17.54 -3.66 -7.54
CA ILE A 42 18.59 -3.14 -6.67
C ILE A 42 19.67 -4.20 -6.46
N VAL A 43 19.28 -5.46 -6.42
CA VAL A 43 20.28 -6.51 -6.25
C VAL A 43 21.28 -6.39 -7.41
N ILE A 44 20.78 -6.14 -8.62
CA ILE A 44 21.69 -6.00 -9.73
C ILE A 44 22.68 -4.91 -9.40
N ARG A 45 22.28 -3.92 -8.59
CA ARG A 45 23.22 -2.86 -8.21
C ARG A 45 24.42 -3.48 -7.50
N ASN A 46 24.18 -4.51 -6.71
CA ASN A 46 25.31 -5.17 -6.04
C ASN A 46 26.26 -5.72 -7.13
N GLN A 47 25.68 -5.97 -8.30
CA GLN A 47 26.42 -6.43 -9.48
C GLN A 47 26.79 -5.26 -10.44
N GLN A 48 26.07 -4.17 -10.28
CA GLN A 48 26.21 -2.98 -11.11
C GLN A 48 26.80 -1.77 -10.39
N THR A 49 27.39 -0.87 -11.16
CA THR A 49 27.95 0.35 -10.61
C THR A 49 26.92 1.48 -10.72
N LYS A 50 27.10 2.54 -9.94
CA LYS A 50 26.16 3.66 -9.94
C LYS A 50 25.83 4.10 -11.36
N ASP A 51 26.77 3.90 -12.27
CA ASP A 51 26.52 4.32 -13.65
C ASP A 51 25.25 3.62 -14.12
N SER A 52 25.17 2.32 -13.81
CA SER A 52 24.04 1.45 -14.20
C SER A 52 22.73 2.20 -14.37
N GLU A 53 22.26 2.19 -15.63
CA GLU A 53 21.03 2.84 -16.05
C GLU A 53 19.73 2.18 -15.57
N GLU A 54 19.73 0.85 -15.38
CA GLU A 54 18.49 0.20 -14.95
C GLU A 54 18.19 0.45 -13.46
N TRP A 55 19.16 0.19 -12.58
CA TRP A 55 18.92 0.37 -11.15
C TRP A 55 18.55 1.82 -10.83
N GLN A 56 19.19 2.80 -11.45
CA GLN A 56 18.81 4.17 -11.16
C GLN A 56 17.31 4.28 -11.52
N ARG A 57 16.96 3.83 -12.72
CA ARG A 57 15.58 3.88 -13.20
C ARG A 57 14.62 3.21 -12.22
N LEU A 58 15.09 2.21 -11.48
CA LEU A 58 14.23 1.58 -10.49
C LEU A 58 13.81 2.61 -9.47
N ASN A 59 14.78 3.41 -9.05
CA ASN A 59 14.50 4.44 -8.05
C ASN A 59 13.43 5.38 -8.60
N TYR A 60 13.58 5.74 -9.87
CA TYR A 60 12.62 6.62 -10.54
C TYR A 60 11.25 5.94 -10.64
N ASP A 61 11.25 4.61 -10.66
CA ASP A 61 9.99 3.87 -10.70
C ASP A 61 9.30 3.93 -9.34
N ILE A 62 10.11 3.85 -8.26
CA ILE A 62 9.59 3.94 -6.90
C ILE A 62 9.11 5.38 -6.64
N TYR A 63 9.84 6.32 -7.21
CA TYR A 63 9.48 7.73 -7.07
C TYR A 63 8.05 7.91 -7.53
N THR A 64 7.73 7.36 -8.69
CA THR A 64 6.37 7.44 -9.20
C THR A 64 5.44 6.80 -8.16
N LEU A 65 5.89 5.72 -7.56
CA LEU A 65 5.10 5.03 -6.56
C LEU A 65 4.75 6.05 -5.46
N ARG A 66 5.72 6.91 -5.13
CA ARG A 66 5.50 7.94 -4.11
C ARG A 66 4.35 8.85 -4.54
N GLN A 67 4.26 9.10 -5.85
CA GLN A 67 3.21 9.96 -6.37
C GLN A 67 1.82 9.37 -6.10
N ILE A 68 1.73 8.03 -6.06
CA ILE A 68 0.44 7.41 -5.81
C ILE A 68 0.02 7.60 -4.35
N ARG A 69 0.97 7.48 -3.43
CA ARG A 69 0.66 7.64 -2.00
C ARG A 69 0.13 9.03 -1.71
N ARG A 70 0.80 10.03 -2.27
CA ARG A 70 0.43 11.42 -2.03
C ARG A 70 -1.01 11.70 -2.51
N GLU A 71 -1.35 11.20 -3.70
CA GLU A 71 -2.69 11.45 -4.24
C GLU A 71 -3.79 10.86 -3.35
N VAL A 72 -3.60 9.65 -2.83
CA VAL A 72 -4.63 9.07 -1.97
C VAL A 72 -4.88 9.90 -0.73
N ARG A 73 -3.82 10.30 -0.05
CA ARG A 73 -3.98 11.09 1.17
C ARG A 73 -4.83 12.31 0.86
N ASN A 74 -4.63 12.88 -0.33
CA ASN A 74 -5.40 14.03 -0.76
C ASN A 74 -6.87 13.64 -1.03
N ARG A 75 -7.08 12.38 -1.37
CA ARG A 75 -8.43 11.89 -1.58
C ARG A 75 -9.10 11.64 -0.22
N TRP A 76 -8.44 10.86 0.64
CA TRP A 76 -8.97 10.52 1.96
C TRP A 76 -9.26 11.80 2.72
N ARG A 77 -8.31 12.70 2.66
CA ARG A 77 -8.48 13.95 3.36
C ARG A 77 -9.82 14.56 2.93
N ARG A 78 -10.08 14.66 1.64
CA ARG A 78 -11.35 15.26 1.14
C ARG A 78 -12.64 14.40 1.37
N ILE A 79 -12.56 13.06 1.26
CA ILE A 79 -13.79 12.22 1.44
C ILE A 79 -14.27 12.20 2.87
N LEU A 80 -13.37 11.87 3.79
CA LEU A 80 -13.77 11.77 5.17
C LEU A 80 -13.91 13.14 5.84
N GLU A 81 -13.03 14.10 5.54
CA GLU A 81 -13.11 15.40 6.20
C GLU A 81 -14.43 16.08 5.90
N ASP A 82 -14.86 16.12 4.63
CA ASP A 82 -16.09 16.83 4.32
C ASP A 82 -17.25 16.28 5.14
N LEU A 83 -17.17 15.02 5.53
CA LEU A 83 -18.22 14.45 6.36
C LEU A 83 -17.85 14.55 7.84
N GLY A 84 -16.55 14.65 8.12
CA GLY A 84 -16.06 14.75 9.50
C GLY A 84 -15.49 13.42 10.02
N PHE A 85 -15.55 12.37 9.21
CA PHE A 85 -15.08 11.02 9.61
C PHE A 85 -13.57 10.85 9.38
N GLN A 86 -12.86 11.97 9.28
CA GLN A 86 -11.43 11.96 8.91
C GLN A 86 -10.51 11.01 9.69
N ARG A 87 -10.78 10.71 10.95
CA ARG A 87 -9.84 9.87 11.71
C ARG A 87 -9.57 8.45 11.14
N GLU A 88 -10.59 7.69 10.77
CA GLU A 88 -10.33 6.30 10.36
C GLU A 88 -9.39 6.20 9.15
N ALA A 89 -9.67 6.93 8.08
CA ALA A 89 -8.83 6.92 6.88
C ALA A 89 -7.49 7.61 7.13
N ASP A 90 -7.53 8.57 8.03
CA ASP A 90 -6.32 9.26 8.44
C ASP A 90 -5.37 8.23 9.06
N SER A 91 -5.91 7.40 9.94
CA SER A 91 -5.11 6.39 10.66
C SER A 91 -4.35 5.46 9.72
N LEU A 92 -4.98 5.00 8.67
CA LEU A 92 -4.30 4.00 7.84
C LEU A 92 -3.13 4.57 7.02
N LEU A 93 -3.27 5.72 6.36
CA LEU A 93 -2.15 6.19 5.52
C LEU A 93 -0.90 6.59 6.33
N SER A 94 -1.10 7.35 7.41
CA SER A 94 -0.01 7.83 8.31
C SER A 94 -0.45 9.09 9.09
N VAL A 95 -1.75 9.24 9.23
CA VAL A 95 -2.31 10.40 9.91
C VAL A 95 -3.09 10.02 11.17
N THR A 96 -2.51 9.18 12.02
CA THR A 96 -3.17 8.81 13.26
C THR A 96 -3.11 10.01 14.22
N LYS A 97 -3.97 10.99 13.99
CA LYS A 97 -4.00 12.19 14.80
C LYS A 97 -2.63 12.87 14.77
N LEU A 98 -1.82 12.54 13.76
CA LEU A 98 -0.50 13.14 13.63
C LEU A 98 -0.45 13.99 12.34
N SER A 99 -0.20 15.31 12.46
CA SER A 99 -0.06 16.08 11.24
C SER A 99 1.42 16.12 10.86
N THR A 100 1.79 15.52 9.74
CA THR A 100 3.20 15.50 9.36
C THR A 100 3.44 15.75 7.87
N MET A 101 4.49 16.50 7.56
CA MET A 101 4.86 16.73 6.17
C MET A 101 6.37 16.91 6.06
N SER A 102 6.94 16.46 4.94
CA SER A 102 8.39 16.58 4.72
C SER A 102 8.66 17.29 3.40
N ASP A 103 9.36 18.42 3.43
CA ASP A 103 9.64 19.12 2.18
C ASP A 103 10.71 18.40 1.37
N SER A 104 11.44 17.46 2.01
CA SER A 104 12.45 16.69 1.30
C SER A 104 11.79 15.42 0.71
N LYS A 105 12.37 14.85 -0.34
CA LYS A 105 11.78 13.68 -1.00
C LYS A 105 11.74 12.43 -0.09
N ASN A 106 10.57 11.77 -0.05
CA ASN A 106 10.40 10.55 0.75
C ASN A 106 10.64 9.28 -0.08
N THR A 107 10.02 9.23 -1.26
CA THR A 107 10.14 8.09 -2.19
C THR A 107 9.59 6.74 -1.64
N ARG A 108 10.48 5.79 -1.32
CA ARG A 108 10.11 4.44 -0.84
C ARG A 108 9.18 4.45 0.39
N LYS A 109 9.23 5.50 1.15
CA LYS A 109 8.42 5.62 2.36
C LYS A 109 6.92 5.44 2.05
N ALA A 110 6.53 5.75 0.81
CA ALA A 110 5.12 5.61 0.42
C ALA A 110 4.65 4.15 0.52
N ARG A 111 5.45 3.27 -0.05
CA ARG A 111 5.14 1.84 -0.09
C ARG A 111 4.92 1.28 1.32
N GLU A 112 5.74 1.72 2.26
CA GLU A 112 5.58 1.21 3.61
C GLU A 112 4.18 1.58 4.07
N MET A 113 3.82 2.84 3.84
CA MET A 113 2.54 3.35 4.27
C MET A 113 1.37 2.58 3.63
N LEU A 114 1.44 2.30 2.32
CA LEU A 114 0.35 1.56 1.67
C LEU A 114 0.31 0.11 2.18
N LEU A 115 1.47 -0.52 2.31
CA LEU A 115 1.50 -1.91 2.78
C LEU A 115 0.88 -2.01 4.19
N LYS A 116 1.30 -1.13 5.10
CA LYS A 116 0.76 -1.10 6.45
C LYS A 116 -0.71 -0.69 6.44
N LEU A 117 -1.06 0.10 5.43
CA LEU A 117 -2.44 0.55 5.31
C LEU A 117 -3.34 -0.67 5.23
N ALA A 118 -2.99 -1.58 4.35
CA ALA A 118 -3.77 -2.79 4.13
C ALA A 118 -3.82 -3.68 5.38
N GLU A 119 -2.75 -3.71 6.15
CA GLU A 119 -2.74 -4.60 7.31
C GLU A 119 -3.64 -4.13 8.44
N GLU A 120 -3.74 -2.83 8.74
CA GLU A 120 -4.58 -2.48 9.88
C GLU A 120 -5.98 -2.19 9.46
N THR A 121 -6.23 -1.60 8.32
CA THR A 121 -7.58 -1.42 7.94
C THR A 121 -7.66 -1.58 6.46
N SER A 122 -8.84 -1.70 5.95
CA SER A 122 -9.04 -1.66 4.55
C SER A 122 -10.14 -0.64 4.36
N ILE A 123 -10.23 0.12 3.30
CA ILE A 123 -11.43 0.98 3.24
C ILE A 123 -12.54 0.01 2.88
N PHE A 124 -12.38 -0.61 1.75
CA PHE A 124 -13.27 -1.68 1.34
C PHE A 124 -12.72 -2.87 2.10
N PRO A 125 -13.42 -3.94 2.29
CA PRO A 125 -12.88 -5.09 3.08
C PRO A 125 -11.47 -5.54 2.65
N ALA A 126 -10.77 -6.15 3.60
CA ALA A 126 -9.32 -6.47 3.43
C ALA A 126 -9.00 -7.14 2.08
N SER A 127 -9.86 -8.00 1.54
CA SER A 127 -9.53 -8.62 0.25
C SER A 127 -9.55 -7.57 -0.90
N TRP A 128 -9.89 -6.34 -0.53
CA TRP A 128 -9.88 -5.22 -1.46
C TRP A 128 -8.52 -4.52 -1.41
N GLU A 129 -7.93 -4.30 -2.57
CA GLU A 129 -6.68 -3.56 -2.66
C GLU A 129 -7.08 -2.21 -3.22
N LEU A 130 -6.34 -1.15 -2.96
CA LEU A 130 -6.73 0.13 -3.52
C LEU A 130 -5.54 0.82 -4.14
N SER A 131 -5.63 1.07 -5.42
CA SER A 131 -4.58 1.75 -6.13
C SER A 131 -4.98 3.20 -6.30
N GLU A 132 -4.07 3.99 -6.80
CA GLU A 132 -4.36 5.40 -6.97
C GLU A 132 -5.63 5.61 -7.78
N ARG A 133 -5.80 4.82 -8.84
CA ARG A 133 -6.96 4.94 -9.73
C ARG A 133 -8.28 4.45 -9.12
N TYR A 134 -8.26 3.30 -8.44
CA TYR A 134 -9.50 2.78 -7.85
C TYR A 134 -9.97 3.70 -6.74
N LEU A 135 -9.04 4.03 -5.87
CA LEU A 135 -9.40 4.86 -4.76
C LEU A 135 -10.12 6.13 -5.27
N LEU A 136 -9.51 6.85 -6.22
CA LEU A 136 -10.13 8.06 -6.76
C LEU A 136 -11.55 7.80 -7.28
N VAL A 137 -11.77 6.60 -7.79
CA VAL A 137 -13.12 6.27 -8.25
C VAL A 137 -14.05 6.34 -7.04
N VAL A 138 -13.56 5.80 -5.93
CA VAL A 138 -14.34 5.83 -4.71
C VAL A 138 -14.66 7.26 -4.34
N ASP A 139 -13.77 8.19 -4.69
CA ASP A 139 -14.02 9.58 -4.32
C ASP A 139 -15.37 9.94 -4.90
N ARG A 140 -15.56 9.73 -6.19
CA ARG A 140 -16.82 10.11 -6.82
C ARG A 140 -18.01 9.45 -6.11
N LEU A 141 -17.83 8.25 -5.57
CA LEU A 141 -18.95 7.63 -4.85
C LEU A 141 -19.31 8.48 -3.61
N ILE A 142 -18.28 8.86 -2.87
CA ILE A 142 -18.46 9.67 -1.63
C ILE A 142 -19.24 10.93 -1.97
N ALA A 143 -19.09 11.37 -3.21
CA ALA A 143 -19.76 12.55 -3.74
C ALA A 143 -21.29 12.43 -3.59
N LEU A 144 -21.77 11.20 -3.44
CA LEU A 144 -23.20 10.96 -3.25
C LEU A 144 -23.60 11.21 -1.78
N ASP A 145 -22.59 11.45 -0.92
CA ASP A 145 -22.82 11.68 0.50
C ASP A 145 -23.30 10.42 1.21
N ALA A 146 -22.61 9.31 0.99
CA ALA A 146 -22.95 8.02 1.61
C ALA A 146 -21.68 7.47 2.29
N ALA A 147 -20.78 8.37 2.68
CA ALA A 147 -19.49 8.00 3.30
C ALA A 147 -19.66 7.09 4.53
N GLU A 148 -20.76 7.23 5.26
CA GLU A 148 -20.94 6.40 6.45
C GLU A 148 -20.80 4.93 6.04
N ASP A 149 -21.12 4.63 4.79
CA ASP A 149 -20.97 3.28 4.28
C ASP A 149 -19.51 2.84 4.40
N PHE A 150 -18.58 3.76 4.12
CA PHE A 150 -17.15 3.44 4.21
C PHE A 150 -16.80 2.98 5.60
N PHE A 151 -17.31 3.69 6.57
CA PHE A 151 -17.00 3.33 7.95
C PHE A 151 -17.40 1.88 8.23
N LYS A 152 -18.64 1.51 7.93
CA LYS A 152 -19.10 0.14 8.19
C LYS A 152 -18.23 -0.91 7.49
N ILE A 153 -17.78 -0.62 6.27
CA ILE A 153 -16.95 -1.57 5.52
C ILE A 153 -15.50 -1.59 6.06
N ALA A 154 -14.90 -0.42 6.20
CA ALA A 154 -13.54 -0.33 6.68
C ALA A 154 -13.43 -0.89 8.10
N SER A 155 -14.44 -0.63 8.92
CA SER A 155 -14.44 -1.16 10.29
C SER A 155 -14.46 -2.69 10.21
N GLN A 156 -15.29 -3.18 9.30
CA GLN A 156 -15.52 -4.61 9.15
C GLN A 156 -14.22 -5.37 8.89
N MET A 157 -13.22 -4.74 8.30
CA MET A 157 -11.94 -5.45 8.11
C MET A 157 -11.20 -5.57 9.45
N TYR A 158 -11.25 -4.50 10.23
CA TYR A 158 -10.56 -4.49 11.52
C TYR A 158 -11.53 -4.29 12.70
N PRO A 159 -12.41 -5.22 12.90
CA PRO A 159 -13.41 -5.19 14.03
C PRO A 159 -12.74 -5.52 15.35
N LYS A 160 -13.30 -5.05 16.46
CA LYS A 160 -12.70 -5.33 17.75
C LYS A 160 -12.96 -6.80 18.10
N LYS A 161 -11.87 -7.57 18.15
CA LYS A 161 -11.95 -8.99 18.43
C LYS A 161 -11.01 -9.38 19.58
N PRO A 162 -11.26 -10.50 20.22
CA PRO A 162 -10.40 -10.98 21.35
C PRO A 162 -8.92 -10.95 20.98
N GLY A 163 -8.08 -10.65 21.98
CA GLY A 163 -6.63 -10.56 21.75
C GLY A 163 -6.19 -9.09 21.60
N VAL A 164 -7.12 -8.17 21.81
CA VAL A 164 -6.81 -6.74 21.75
C VAL A 164 -6.00 -6.34 22.98
N PRO A 165 -4.96 -5.54 22.85
CA PRO A 165 -4.15 -5.12 24.03
C PRO A 165 -4.94 -4.19 24.95
N CYS A 166 -4.73 -4.35 26.25
CA CYS A 166 -5.44 -3.55 27.24
C CYS A 166 -4.57 -2.46 27.84
N LEU A 167 -5.11 -1.24 27.91
CA LEU A 167 -4.37 -0.12 28.49
C LEU A 167 -4.40 -0.21 30.01
N VAL A 168 -3.25 -0.06 30.64
CA VAL A 168 -3.17 -0.17 32.10
C VAL A 168 -3.72 1.08 32.81
N ASP A 169 -4.73 0.88 33.67
CA ASP A 169 -5.32 1.97 34.43
C ASP A 169 -4.31 2.50 35.45
N GLY A 170 -4.50 3.73 35.91
CA GLY A 170 -3.58 4.31 36.89
C GLY A 170 -2.35 4.93 36.22
N GLN A 171 -2.41 5.10 34.90
CA GLN A 171 -1.28 5.69 34.19
C GLN A 171 -1.11 7.16 34.58
N ARG A 172 0.15 7.56 34.80
CA ARG A 172 0.44 8.94 35.19
C ARG A 172 0.13 9.89 34.04
N LYS A 173 -0.28 11.11 34.39
CA LYS A 173 -0.59 12.12 33.38
C LYS A 173 0.68 12.55 32.64
N LEU A 174 0.52 13.00 31.40
CA LEU A 174 1.67 13.43 30.62
C LEU A 174 2.37 14.61 31.29
N HIS A 175 3.70 14.57 31.30
CA HIS A 175 4.48 15.62 31.94
C HIS A 175 4.91 16.67 30.92
N CYS A 176 4.99 17.93 31.37
CA CYS A 176 5.41 19.02 30.50
C CYS A 176 6.89 18.89 30.17
N LEU A 177 7.62 18.16 30.99
CA LEU A 177 9.06 17.97 30.79
C LEU A 177 9.28 16.72 29.91
N PRO A 178 9.80 16.86 28.70
CA PRO A 178 10.04 15.69 27.81
C PRO A 178 11.14 14.78 28.35
N PHE A 179 11.02 13.49 28.06
CA PHE A 179 12.00 12.51 28.51
C PHE A 179 13.12 12.34 27.48
N PRO A 180 14.27 11.88 27.88
CA PRO A 180 15.43 11.67 26.95
C PRO A 180 15.08 10.74 25.79
N SER A 181 15.62 11.03 24.62
CA SER A 181 15.35 10.22 23.44
C SER A 181 16.07 8.87 23.56
N PRO A 182 15.62 7.87 22.84
CA PRO A 182 16.24 6.51 22.87
C PRO A 182 17.46 6.42 21.96
N GLY A 1 13.48 -28.58 -6.92
CA GLY A 1 12.67 -29.69 -6.32
C GLY A 1 11.19 -29.33 -6.38
N ASN A 2 10.65 -28.94 -5.23
CA ASN A 2 9.23 -28.57 -5.16
C ASN A 2 8.95 -27.36 -6.05
N ASN A 3 9.88 -26.41 -6.06
CA ASN A 3 9.72 -25.21 -6.88
C ASN A 3 10.98 -24.97 -7.71
N PRO A 4 10.86 -24.30 -8.84
CA PRO A 4 12.03 -24.01 -9.72
C PRO A 4 13.02 -23.04 -9.09
N TYR A 5 12.53 -22.24 -8.13
CA TYR A 5 13.35 -21.25 -7.43
C TYR A 5 13.81 -20.14 -8.37
N SER A 6 14.74 -20.46 -9.27
CA SER A 6 15.25 -19.48 -10.21
C SER A 6 15.33 -20.09 -11.60
N SER A 7 15.83 -19.31 -12.56
CA SER A 7 15.96 -19.77 -13.93
C SER A 7 16.88 -20.99 -14.00
N PHE A 8 18.01 -20.90 -13.29
CA PHE A 8 18.96 -22.01 -13.28
C PHE A 8 18.39 -23.20 -12.51
N GLY A 9 18.45 -24.38 -13.12
CA GLY A 9 17.94 -25.58 -12.49
C GLY A 9 16.48 -25.83 -12.85
N ALA A 10 15.81 -24.81 -13.39
CA ALA A 10 14.41 -24.97 -13.76
C ALA A 10 14.26 -25.99 -14.87
N THR A 11 13.41 -26.98 -14.65
CA THR A 11 13.17 -28.01 -15.66
C THR A 11 11.92 -27.68 -16.49
N LEU A 12 12.13 -27.21 -17.72
CA LEU A 12 11.02 -26.85 -18.59
C LEU A 12 10.14 -28.06 -18.88
N GLU A 13 10.76 -29.23 -19.02
CA GLU A 13 10.03 -30.44 -19.32
C GLU A 13 8.94 -30.71 -18.28
N ARG A 14 9.23 -30.42 -17.02
CA ARG A 14 8.24 -30.63 -15.96
C ARG A 14 7.13 -29.59 -16.06
N ASP A 15 7.41 -28.47 -16.72
CA ASP A 15 6.42 -27.41 -16.89
C ASP A 15 5.74 -27.54 -18.25
N ASP A 16 4.41 -27.43 -18.27
CA ASP A 16 3.67 -27.54 -19.52
C ASP A 16 4.03 -26.41 -20.47
N GLU A 17 4.11 -26.72 -21.76
CA GLU A 17 4.44 -25.73 -22.78
C GLU A 17 3.37 -24.65 -22.85
N LYS A 18 2.11 -25.06 -22.71
CA LYS A 18 1.00 -24.12 -22.80
C LYS A 18 1.05 -23.09 -21.68
N ASN A 19 1.51 -23.49 -20.50
CA ASN A 19 1.60 -22.56 -19.37
C ASN A 19 2.47 -21.36 -19.73
N LEU A 20 2.22 -20.24 -19.06
CA LEU A 20 2.97 -19.02 -19.31
C LEU A 20 4.46 -19.24 -19.05
N TRP A 21 5.28 -18.45 -19.74
CA TRP A 21 6.73 -18.57 -19.59
C TRP A 21 7.27 -17.56 -18.57
N SER A 22 6.38 -17.04 -17.73
CA SER A 22 6.79 -16.07 -16.72
C SER A 22 7.82 -16.69 -15.77
N MET A 23 8.80 -15.88 -15.36
CA MET A 23 9.85 -16.37 -14.48
C MET A 23 9.30 -16.60 -13.06
N PRO A 24 9.90 -17.50 -12.31
CA PRO A 24 9.46 -17.81 -10.92
C PRO A 24 9.90 -16.74 -9.91
N HIS A 25 10.70 -15.79 -10.36
CA HIS A 25 11.20 -14.76 -9.46
C HIS A 25 10.06 -14.01 -8.79
N ASP A 26 8.97 -13.79 -9.50
CA ASP A 26 7.82 -13.08 -8.94
C ASP A 26 6.75 -14.08 -8.50
N VAL A 27 7.19 -15.19 -7.92
CA VAL A 27 6.27 -16.22 -7.44
C VAL A 27 5.78 -15.92 -6.02
N SER A 28 6.68 -15.38 -5.21
CA SER A 28 6.41 -15.06 -3.80
C SER A 28 6.10 -13.58 -3.62
N HIS A 29 5.92 -12.87 -4.73
CA HIS A 29 5.69 -11.43 -4.72
C HIS A 29 4.48 -10.98 -3.91
N THR A 30 4.64 -9.77 -3.37
CA THR A 30 3.62 -9.12 -2.58
C THR A 30 2.52 -8.74 -3.56
N GLU A 31 1.39 -8.21 -3.09
CA GLU A 31 0.29 -8.01 -4.02
C GLU A 31 0.76 -7.19 -5.22
N ALA A 32 1.58 -6.16 -5.06
CA ALA A 32 2.06 -5.45 -6.23
C ALA A 32 3.48 -5.93 -6.53
N ASP A 33 3.59 -6.73 -7.58
CA ASP A 33 4.87 -7.31 -7.97
C ASP A 33 5.86 -6.29 -8.51
N ASP A 34 5.36 -5.19 -9.05
CA ASP A 34 6.25 -4.19 -9.60
C ASP A 34 7.21 -3.66 -8.52
N ASP A 35 6.70 -3.47 -7.31
CA ASP A 35 7.54 -2.97 -6.23
C ASP A 35 8.56 -4.03 -5.76
N ARG A 36 8.09 -5.25 -5.55
CA ARG A 36 8.98 -6.33 -5.09
C ARG A 36 10.07 -6.66 -6.11
N ILE A 37 9.65 -6.85 -7.36
CA ILE A 37 10.60 -7.16 -8.41
C ILE A 37 11.59 -6.02 -8.53
N LEU A 38 11.08 -4.81 -8.28
CA LEU A 38 11.94 -3.65 -8.33
C LEU A 38 13.13 -3.92 -7.40
N TYR A 39 12.86 -4.29 -6.16
CA TYR A 39 13.96 -4.54 -5.23
C TYR A 39 14.94 -5.52 -5.86
N ASN A 40 14.44 -6.44 -6.67
CA ASN A 40 15.35 -7.36 -7.35
C ASN A 40 16.34 -6.50 -8.17
N LEU A 41 15.83 -5.45 -8.82
CA LEU A 41 16.67 -4.56 -9.61
C LEU A 41 17.81 -4.01 -8.75
N ILE A 42 17.54 -3.66 -7.50
CA ILE A 42 18.60 -3.16 -6.64
C ILE A 42 19.68 -4.22 -6.45
N VAL A 43 19.29 -5.49 -6.43
CA VAL A 43 20.28 -6.54 -6.30
C VAL A 43 21.26 -6.40 -7.46
N ILE A 44 20.76 -6.14 -8.67
CA ILE A 44 21.69 -5.99 -9.78
C ILE A 44 22.67 -4.90 -9.43
N ARG A 45 22.26 -3.92 -8.61
CA ARG A 45 23.20 -2.85 -8.21
C ARG A 45 24.40 -3.48 -7.52
N ASN A 46 24.17 -4.54 -6.76
CA ASN A 46 25.31 -5.22 -6.10
C ASN A 46 26.26 -5.75 -7.20
N GLN A 47 25.66 -5.98 -8.37
CA GLN A 47 26.41 -6.43 -9.56
C GLN A 47 26.78 -5.24 -10.50
N GLN A 48 26.08 -4.14 -10.30
CA GLN A 48 26.23 -2.93 -11.12
C GLN A 48 26.86 -1.76 -10.37
N THR A 49 27.42 -0.85 -11.15
CA THR A 49 27.99 0.35 -10.59
C THR A 49 26.92 1.45 -10.63
N LYS A 50 27.02 2.43 -9.75
CA LYS A 50 26.01 3.50 -9.70
C LYS A 50 25.72 4.06 -11.09
N ASP A 51 26.70 3.95 -11.97
CA ASP A 51 26.48 4.47 -13.31
C ASP A 51 25.23 3.76 -13.88
N SER A 52 25.16 2.44 -13.68
CA SER A 52 24.05 1.61 -14.19
C SER A 52 22.72 2.38 -14.32
N GLU A 53 22.23 2.40 -15.54
CA GLU A 53 20.99 3.09 -15.93
C GLU A 53 19.70 2.42 -15.41
N GLU A 54 19.70 1.10 -15.24
CA GLU A 54 18.47 0.45 -14.78
C GLU A 54 18.19 0.65 -13.29
N TRP A 55 19.16 0.38 -12.41
CA TRP A 55 18.89 0.51 -10.98
C TRP A 55 18.47 1.94 -10.65
N GLN A 56 19.07 2.92 -11.30
CA GLN A 56 18.66 4.29 -11.02
C GLN A 56 17.16 4.37 -11.38
N ARG A 57 16.82 3.88 -12.58
CA ARG A 57 15.44 3.92 -13.06
C ARG A 57 14.50 3.24 -12.08
N LEU A 58 14.98 2.26 -11.34
CA LEU A 58 14.15 1.61 -10.33
C LEU A 58 13.73 2.65 -9.30
N ASN A 59 14.70 3.44 -8.86
CA ASN A 59 14.42 4.45 -7.87
C ASN A 59 13.36 5.40 -8.40
N TYR A 60 13.51 5.77 -9.67
CA TYR A 60 12.57 6.65 -10.34
C TYR A 60 11.17 6.03 -10.36
N ASP A 61 11.11 4.70 -10.33
CA ASP A 61 9.82 3.99 -10.32
C ASP A 61 9.19 4.09 -8.92
N ILE A 62 10.03 4.01 -7.89
CA ILE A 62 9.58 4.12 -6.51
C ILE A 62 9.13 5.56 -6.26
N TYR A 63 9.87 6.48 -6.89
CA TYR A 63 9.56 7.90 -6.77
C TYR A 63 8.12 8.09 -7.20
N THR A 64 7.77 7.47 -8.32
CA THR A 64 6.41 7.55 -8.82
C THR A 64 5.48 7.08 -7.72
N LEU A 65 5.90 6.07 -6.98
CA LEU A 65 5.08 5.57 -5.88
C LEU A 65 4.83 6.70 -4.86
N ARG A 66 5.81 7.59 -4.70
CA ARG A 66 5.66 8.69 -3.75
C ARG A 66 4.57 9.69 -4.16
N GLN A 67 4.51 10.00 -5.45
CA GLN A 67 3.54 10.97 -5.93
C GLN A 67 2.10 10.43 -5.90
N ILE A 68 1.91 9.13 -6.06
CA ILE A 68 0.55 8.60 -6.02
C ILE A 68 0.02 8.62 -4.57
N ARG A 69 0.89 8.29 -3.61
CA ARG A 69 0.48 8.29 -2.21
C ARG A 69 0.06 9.69 -1.76
N ARG A 70 0.87 10.68 -2.12
CA ARG A 70 0.61 12.06 -1.72
C ARG A 70 -0.74 12.54 -2.25
N GLU A 71 -1.05 12.20 -3.51
CA GLU A 71 -2.31 12.63 -4.09
C GLU A 71 -3.49 12.09 -3.29
N VAL A 72 -3.41 10.84 -2.86
CA VAL A 72 -4.50 10.25 -2.09
C VAL A 72 -4.77 11.00 -0.79
N ARG A 73 -3.72 11.26 -0.01
CA ARG A 73 -3.92 11.95 1.26
C ARG A 73 -4.62 13.29 1.05
N ASN A 74 -4.26 13.97 -0.03
CA ASN A 74 -4.89 15.23 -0.37
C ASN A 74 -6.36 15.03 -0.73
N ARG A 75 -6.66 13.83 -1.24
CA ARG A 75 -8.04 13.49 -1.52
C ARG A 75 -8.79 13.16 -0.23
N TRP A 76 -8.17 12.30 0.60
CA TRP A 76 -8.78 11.87 1.83
C TRP A 76 -9.07 13.08 2.68
N ARG A 77 -8.12 13.98 2.67
CA ARG A 77 -8.28 15.19 3.44
C ARG A 77 -9.62 15.82 3.02
N ARG A 78 -9.86 15.94 1.72
CA ARG A 78 -11.13 16.51 1.23
C ARG A 78 -12.41 15.70 1.60
N ILE A 79 -12.35 14.35 1.59
CA ILE A 79 -13.55 13.56 1.97
C ILE A 79 -13.72 13.52 3.48
N LEU A 80 -12.65 13.22 4.17
CA LEU A 80 -12.70 13.14 5.62
C LEU A 80 -12.99 14.50 6.25
N GLU A 81 -12.30 15.54 5.79
CA GLU A 81 -12.52 16.85 6.37
C GLU A 81 -14.00 17.19 6.24
N ASP A 82 -14.57 16.93 5.06
CA ASP A 82 -15.97 17.24 4.82
C ASP A 82 -16.94 16.56 5.80
N LEU A 83 -16.68 15.30 6.21
CA LEU A 83 -17.62 14.66 7.14
C LEU A 83 -17.25 14.83 8.62
N GLY A 84 -15.97 15.04 8.91
CA GLY A 84 -15.54 15.20 10.31
C GLY A 84 -15.15 13.86 10.96
N PHE A 85 -15.29 12.75 10.22
CA PHE A 85 -14.93 11.42 10.75
C PHE A 85 -13.47 11.10 10.40
N GLN A 86 -12.68 12.14 10.28
CA GLN A 86 -11.31 12.02 9.85
C GLN A 86 -10.45 10.95 10.53
N ARG A 87 -10.71 10.58 11.76
CA ARG A 87 -9.84 9.60 12.42
C ARG A 87 -9.66 8.23 11.71
N GLU A 88 -10.73 7.55 11.27
CA GLU A 88 -10.53 6.19 10.74
C GLU A 88 -9.70 6.13 9.45
N ALA A 89 -10.03 6.90 8.42
CA ALA A 89 -9.29 6.89 7.16
C ALA A 89 -7.92 7.58 7.29
N ASP A 90 -7.85 8.55 8.20
CA ASP A 90 -6.59 9.20 8.46
C ASP A 90 -5.62 8.17 9.05
N SER A 91 -6.17 7.35 9.96
CA SER A 91 -5.37 6.36 10.65
C SER A 91 -4.63 5.46 9.68
N LEU A 92 -5.30 4.98 8.64
CA LEU A 92 -4.57 4.08 7.76
C LEU A 92 -3.42 4.77 6.98
N LEU A 93 -3.61 5.98 6.40
CA LEU A 93 -2.51 6.54 5.59
C LEU A 93 -1.28 6.98 6.40
N SER A 94 -1.48 7.73 7.51
CA SER A 94 -0.37 8.23 8.40
C SER A 94 -0.79 9.54 9.12
N VAL A 95 -2.08 9.82 9.13
CA VAL A 95 -2.60 11.04 9.75
C VAL A 95 -3.35 10.74 11.05
N THR A 96 -2.74 9.92 11.91
CA THR A 96 -3.35 9.58 13.20
C THR A 96 -3.27 10.77 14.16
N LYS A 97 -4.04 11.82 13.87
CA LYS A 97 -4.07 13.01 14.72
C LYS A 97 -2.69 13.62 14.90
N LEU A 98 -1.76 13.28 14.01
CA LEU A 98 -0.42 13.87 14.07
C LEU A 98 -0.18 14.73 12.81
N SER A 99 0.19 16.01 12.97
CA SER A 99 0.47 16.78 11.76
C SER A 99 1.94 16.69 11.44
N THR A 100 2.30 16.06 10.33
CA THR A 100 3.72 15.94 9.98
C THR A 100 3.99 16.18 8.50
N MET A 101 5.11 16.84 8.20
CA MET A 101 5.49 17.05 6.80
C MET A 101 7.01 17.11 6.68
N SER A 102 7.53 16.62 5.56
CA SER A 102 8.98 16.63 5.32
C SER A 102 9.29 17.31 4.00
N ASP A 103 10.06 18.39 4.04
CA ASP A 103 10.39 19.10 2.80
C ASP A 103 11.40 18.32 1.95
N SER A 104 12.06 17.32 2.56
CA SER A 104 13.02 16.50 1.82
C SER A 104 12.27 15.31 1.18
N LYS A 105 12.78 14.78 0.07
CA LYS A 105 12.09 13.69 -0.64
C LYS A 105 12.00 12.40 0.19
N ASN A 106 10.81 11.79 0.20
CA ASN A 106 10.59 10.53 0.92
C ASN A 106 10.77 9.30 0.02
N THR A 107 10.14 9.35 -1.17
CA THR A 107 10.22 8.26 -2.15
C THR A 107 9.60 6.93 -1.64
N ARG A 108 10.42 6.14 -0.95
CA ARG A 108 10.02 4.81 -0.42
C ARG A 108 8.95 4.85 0.68
N LYS A 109 8.88 5.96 1.39
CA LYS A 109 7.94 6.09 2.49
C LYS A 109 6.47 5.90 2.06
N ALA A 110 6.15 6.20 0.80
CA ALA A 110 4.76 6.06 0.35
C ALA A 110 4.27 4.61 0.38
N ARG A 111 5.06 3.73 -0.20
CA ARG A 111 4.70 2.32 -0.28
C ARG A 111 4.51 1.70 1.09
N GLU A 112 5.36 2.06 2.04
CA GLU A 112 5.19 1.49 3.36
C GLU A 112 3.81 1.90 3.86
N MET A 113 3.52 3.18 3.69
CA MET A 113 2.25 3.73 4.14
C MET A 113 1.05 3.07 3.44
N LEU A 114 1.11 2.88 2.12
CA LEU A 114 -0.01 2.25 1.41
C LEU A 114 -0.14 0.78 1.84
N LEU A 115 0.97 0.06 1.86
CA LEU A 115 0.91 -1.34 2.24
C LEU A 115 0.26 -1.48 3.63
N LYS A 116 0.70 -0.66 4.57
CA LYS A 116 0.14 -0.67 5.91
C LYS A 116 -1.31 -0.16 5.89
N LEU A 117 -1.60 0.72 4.94
CA LEU A 117 -2.96 1.26 4.85
C LEU A 117 -3.93 0.11 4.70
N ALA A 118 -3.66 -0.75 3.75
CA ALA A 118 -4.52 -1.89 3.48
C ALA A 118 -4.60 -2.85 4.67
N GLU A 119 -3.51 -2.97 5.41
CA GLU A 119 -3.51 -3.92 6.51
C GLU A 119 -4.37 -3.48 7.69
N GLU A 120 -4.41 -2.20 8.07
CA GLU A 120 -5.20 -1.88 9.26
C GLU A 120 -6.60 -1.48 8.89
N THR A 121 -6.82 -0.81 7.79
CA THR A 121 -8.16 -0.47 7.44
C THR A 121 -8.25 -0.57 5.95
N SER A 122 -9.44 -0.65 5.44
CA SER A 122 -9.62 -0.56 4.03
C SER A 122 -10.70 0.50 3.87
N ILE A 123 -10.75 1.31 2.82
CA ILE A 123 -11.91 2.20 2.77
C ILE A 123 -13.03 1.27 2.37
N PHE A 124 -12.89 0.67 1.20
CA PHE A 124 -13.80 -0.36 0.75
C PHE A 124 -13.31 -1.61 1.46
N PRO A 125 -14.05 -2.66 1.59
CA PRO A 125 -13.57 -3.86 2.35
C PRO A 125 -12.17 -4.35 1.93
N ALA A 126 -11.50 -5.02 2.88
CA ALA A 126 -10.08 -5.39 2.71
C ALA A 126 -9.79 -6.02 1.34
N SER A 127 -10.69 -6.81 0.77
CA SER A 127 -10.40 -7.41 -0.55
C SER A 127 -10.37 -6.32 -1.66
N TRP A 128 -10.60 -5.08 -1.25
CA TRP A 128 -10.51 -3.94 -2.13
C TRP A 128 -9.10 -3.36 -2.08
N GLU A 129 -8.48 -3.20 -3.24
CA GLU A 129 -7.18 -2.58 -3.32
C GLU A 129 -7.44 -1.17 -3.77
N LEU A 130 -6.57 -0.23 -3.46
CA LEU A 130 -6.79 1.13 -3.91
C LEU A 130 -5.54 1.74 -4.51
N SER A 131 -5.63 2.11 -5.76
CA SER A 131 -4.51 2.74 -6.43
C SER A 131 -4.83 4.20 -6.62
N GLU A 132 -3.87 4.96 -7.10
CA GLU A 132 -4.10 6.37 -7.29
C GLU A 132 -5.36 6.62 -8.11
N ARG A 133 -5.55 5.84 -9.17
CA ARG A 133 -6.71 6.00 -10.05
C ARG A 133 -8.06 5.54 -9.47
N TYR A 134 -8.10 4.37 -8.80
CA TYR A 134 -9.37 3.89 -8.25
C TYR A 134 -9.82 4.82 -7.14
N LEU A 135 -8.87 5.13 -6.28
CA LEU A 135 -9.21 6.00 -5.18
C LEU A 135 -9.87 7.26 -5.74
N LEU A 136 -9.23 7.93 -6.71
CA LEU A 136 -9.80 9.15 -7.29
C LEU A 136 -11.23 8.90 -7.79
N VAL A 137 -11.49 7.69 -8.27
CA VAL A 137 -12.86 7.38 -8.71
C VAL A 137 -13.75 7.38 -7.48
N VAL A 138 -13.23 6.80 -6.41
CA VAL A 138 -13.95 6.75 -5.15
C VAL A 138 -14.17 8.17 -4.64
N ASP A 139 -13.19 9.06 -4.88
CA ASP A 139 -13.35 10.42 -4.39
C ASP A 139 -14.66 10.95 -4.94
N ARG A 140 -14.86 10.89 -6.25
CA ARG A 140 -16.07 11.43 -6.82
C ARG A 140 -17.29 10.81 -6.16
N LEU A 141 -17.16 9.60 -5.65
CA LEU A 141 -18.30 9.00 -4.94
C LEU A 141 -18.61 9.89 -3.71
N ILE A 142 -17.55 10.25 -3.00
CA ILE A 142 -17.69 11.09 -1.77
C ILE A 142 -18.46 12.37 -2.12
N ALA A 143 -18.29 12.80 -3.37
CA ALA A 143 -18.94 14.00 -3.90
C ALA A 143 -20.45 13.95 -3.76
N LEU A 144 -21.01 12.74 -3.63
CA LEU A 144 -22.45 12.58 -3.48
C LEU A 144 -22.89 12.85 -2.04
N ASP A 145 -21.94 13.11 -1.15
CA ASP A 145 -22.26 13.37 0.26
C ASP A 145 -22.88 12.14 0.90
N ALA A 146 -22.26 10.98 0.65
CA ALA A 146 -22.72 9.70 1.19
C ALA A 146 -21.54 9.02 1.88
N ALA A 147 -20.59 9.83 2.35
CA ALA A 147 -19.36 9.33 3.00
C ALA A 147 -19.67 8.39 4.16
N GLU A 148 -20.78 8.57 4.86
CA GLU A 148 -21.08 7.71 6.00
C GLU A 148 -21.05 6.25 5.54
N ASP A 149 -21.40 6.03 4.29
CA ASP A 149 -21.38 4.70 3.74
C ASP A 149 -19.97 4.15 3.85
N PHE A 150 -18.97 5.00 3.60
CA PHE A 150 -17.58 4.56 3.68
C PHE A 150 -17.21 4.13 5.08
N PHE A 151 -17.68 4.89 6.06
CA PHE A 151 -17.30 4.60 7.44
C PHE A 151 -17.62 3.14 7.74
N LYS A 152 -18.86 2.73 7.47
CA LYS A 152 -19.30 1.36 7.76
C LYS A 152 -18.47 0.30 7.01
N ILE A 153 -18.23 0.53 5.73
CA ILE A 153 -17.47 -0.44 4.95
C ILE A 153 -16.03 -0.52 5.48
N ALA A 154 -15.39 0.63 5.65
CA ALA A 154 -14.04 0.66 6.16
C ALA A 154 -13.96 0.06 7.57
N SER A 155 -14.96 0.33 8.39
CA SER A 155 -15.00 -0.23 9.74
C SER A 155 -15.06 -1.76 9.62
N GLN A 156 -15.90 -2.19 8.70
CA GLN A 156 -16.17 -3.63 8.51
C GLN A 156 -14.89 -4.40 8.22
N MET A 157 -13.87 -3.77 7.65
CA MET A 157 -12.61 -4.50 7.43
C MET A 157 -11.88 -4.69 8.76
N TYR A 158 -11.90 -3.65 9.58
CA TYR A 158 -11.20 -3.72 10.88
C TYR A 158 -12.16 -3.49 12.06
N PRO A 159 -13.08 -4.39 12.24
CA PRO A 159 -14.07 -4.35 13.36
C PRO A 159 -13.44 -4.75 14.68
N LYS A 160 -13.99 -4.29 15.79
CA LYS A 160 -13.43 -4.64 17.10
C LYS A 160 -13.76 -6.09 17.43
N LYS A 161 -12.73 -6.94 17.39
CA LYS A 161 -12.88 -8.37 17.68
C LYS A 161 -11.90 -8.84 18.76
N PRO A 162 -12.19 -9.94 19.41
CA PRO A 162 -11.32 -10.51 20.47
C PRO A 162 -9.84 -10.58 20.06
N GLY A 163 -8.94 -10.37 21.02
CA GLY A 163 -7.51 -10.36 20.74
C GLY A 163 -6.96 -8.93 20.63
N VAL A 164 -7.81 -7.95 20.92
CA VAL A 164 -7.38 -6.54 20.90
C VAL A 164 -6.65 -6.21 22.20
N PRO A 165 -5.62 -5.39 22.16
CA PRO A 165 -4.86 -5.03 23.39
C PRO A 165 -5.69 -4.17 24.35
N CYS A 166 -5.50 -4.39 25.65
CA CYS A 166 -6.25 -3.64 26.65
C CYS A 166 -5.39 -2.57 27.32
N LEU A 167 -5.93 -1.36 27.45
CA LEU A 167 -5.21 -0.26 28.07
C LEU A 167 -5.20 -0.46 29.59
N VAL A 168 -4.00 -0.42 30.19
CA VAL A 168 -3.88 -0.63 31.63
C VAL A 168 -4.35 0.59 32.43
N ASP A 169 -5.33 0.38 33.33
CA ASP A 169 -5.86 1.45 34.17
C ASP A 169 -4.84 1.83 35.25
N GLY A 170 -4.96 3.03 35.81
CA GLY A 170 -4.05 3.46 36.86
C GLY A 170 -2.85 4.24 36.30
N GLN A 171 -2.91 4.61 35.02
CA GLN A 171 -1.82 5.36 34.40
C GLN A 171 -1.84 6.81 34.87
N ARG A 172 -0.65 7.37 35.05
CA ARG A 172 -0.53 8.76 35.50
C ARG A 172 -0.90 9.72 34.37
N LYS A 173 -1.41 10.89 34.75
CA LYS A 173 -1.80 11.90 33.76
C LYS A 173 -0.55 12.49 33.09
N LEU A 174 -0.70 12.95 31.85
CA LEU A 174 0.44 13.52 31.13
C LEU A 174 0.83 14.87 31.73
N HIS A 175 2.13 15.13 31.77
CA HIS A 175 2.62 16.39 32.33
C HIS A 175 2.67 17.47 31.26
N CYS A 176 2.33 18.69 31.65
CA CYS A 176 2.32 19.82 30.71
C CYS A 176 3.74 20.22 30.33
N LEU A 177 4.68 20.02 31.25
CA LEU A 177 6.07 20.39 30.99
C LEU A 177 7.00 19.25 31.45
N PRO A 178 7.75 18.61 30.57
CA PRO A 178 8.67 17.50 30.97
C PRO A 178 9.71 17.96 31.99
N PHE A 179 9.99 17.10 32.96
CA PHE A 179 10.98 17.43 33.99
C PHE A 179 12.17 16.49 33.90
N PRO A 180 13.34 16.91 34.33
CA PRO A 180 14.57 16.06 34.30
C PRO A 180 14.52 14.92 35.30
N SER A 181 15.21 13.83 34.99
CA SER A 181 15.22 12.67 35.88
C SER A 181 16.66 12.26 36.20
N PRO A 182 16.89 11.61 37.32
CA PRO A 182 18.25 11.17 37.72
C PRO A 182 18.70 9.92 36.98
N GLY A 1 21.84 -37.17 -34.79
CA GLY A 1 21.27 -35.91 -34.24
C GLY A 1 21.04 -34.91 -35.37
N ASN A 2 19.84 -34.92 -35.93
CA ASN A 2 19.51 -34.01 -37.02
C ASN A 2 18.72 -32.80 -36.51
N ASN A 3 18.62 -32.66 -35.19
CA ASN A 3 17.89 -31.54 -34.60
C ASN A 3 16.51 -31.40 -35.23
N PRO A 4 15.64 -32.35 -35.01
CA PRO A 4 14.26 -32.32 -35.58
C PRO A 4 13.50 -31.05 -35.19
N TYR A 5 12.72 -30.53 -36.12
CA TYR A 5 11.95 -29.32 -35.86
C TYR A 5 12.88 -28.17 -35.48
N SER A 6 14.07 -28.16 -36.06
CA SER A 6 15.05 -27.12 -35.78
C SER A 6 15.39 -27.10 -34.29
N SER A 7 15.93 -25.98 -33.82
CA SER A 7 16.30 -25.86 -32.41
C SER A 7 15.63 -24.64 -31.78
N PHE A 8 15.31 -24.73 -30.50
CA PHE A 8 14.68 -23.62 -29.80
C PHE A 8 15.72 -22.62 -29.31
N GLY A 9 15.39 -21.34 -29.42
CA GLY A 9 16.32 -20.29 -28.99
C GLY A 9 16.30 -19.10 -29.95
N ALA A 10 15.16 -18.89 -30.61
CA ALA A 10 15.03 -17.79 -31.54
C ALA A 10 15.15 -16.45 -30.82
N THR A 11 15.43 -15.40 -31.58
CA THR A 11 15.60 -14.07 -30.99
C THR A 11 14.29 -13.61 -30.36
N LEU A 12 14.41 -12.72 -29.38
CA LEU A 12 13.25 -12.20 -28.67
C LEU A 12 12.34 -11.39 -29.60
N GLU A 13 12.94 -10.63 -30.51
CA GLU A 13 12.17 -9.79 -31.42
C GLU A 13 11.23 -10.63 -32.29
N ARG A 14 11.70 -11.77 -32.77
CA ARG A 14 10.86 -12.62 -33.61
C ARG A 14 9.77 -13.28 -32.78
N ASP A 15 9.99 -13.38 -31.46
CA ASP A 15 9.01 -13.99 -30.57
C ASP A 15 7.84 -13.04 -30.33
N ASP A 16 6.64 -13.60 -30.19
CA ASP A 16 5.47 -12.78 -29.94
C ASP A 16 5.46 -12.29 -28.50
N GLU A 17 5.30 -10.98 -28.31
CA GLU A 17 5.29 -10.41 -26.96
C GLU A 17 3.88 -10.38 -26.38
N LYS A 18 2.87 -10.57 -27.23
CA LYS A 18 1.49 -10.53 -26.78
C LYS A 18 1.21 -11.66 -25.79
N ASN A 19 1.84 -12.82 -26.00
CA ASN A 19 1.63 -13.96 -25.12
C ASN A 19 2.10 -13.64 -23.70
N LEU A 20 1.43 -14.22 -22.72
CA LEU A 20 1.78 -14.00 -21.32
C LEU A 20 2.91 -14.91 -20.88
N TRP A 21 3.95 -14.32 -20.31
CA TRP A 21 5.10 -15.09 -19.84
C TRP A 21 5.54 -14.59 -18.47
N SER A 22 5.88 -15.52 -17.58
CA SER A 22 6.30 -15.13 -16.23
C SER A 22 7.35 -16.11 -15.70
N MET A 23 8.04 -15.70 -14.63
CA MET A 23 9.08 -16.51 -14.02
C MET A 23 8.73 -16.82 -12.56
N PRO A 24 9.26 -17.88 -12.00
CA PRO A 24 8.98 -18.27 -10.58
C PRO A 24 9.48 -17.23 -9.58
N HIS A 25 10.29 -16.29 -10.05
CA HIS A 25 10.86 -15.27 -9.18
C HIS A 25 9.78 -14.46 -8.46
N ASP A 26 8.66 -14.18 -9.14
CA ASP A 26 7.60 -13.38 -8.53
C ASP A 26 6.45 -14.25 -8.02
N VAL A 27 6.79 -15.38 -7.41
CA VAL A 27 5.76 -16.27 -6.84
C VAL A 27 5.38 -15.88 -5.42
N SER A 28 6.37 -15.45 -4.64
CA SER A 28 6.16 -15.08 -3.25
C SER A 28 6.02 -13.57 -3.09
N HIS A 29 5.91 -12.86 -4.20
CA HIS A 29 5.79 -11.42 -4.23
C HIS A 29 4.50 -10.92 -3.58
N THR A 30 4.59 -9.72 -3.02
CA THR A 30 3.50 -9.08 -2.33
C THR A 30 2.45 -8.71 -3.38
N GLU A 31 1.29 -8.21 -2.96
CA GLU A 31 0.23 -7.99 -3.94
C GLU A 31 0.73 -7.14 -5.10
N ALA A 32 1.51 -6.08 -4.87
CA ALA A 32 2.02 -5.35 -6.01
C ALA A 32 3.41 -5.89 -6.32
N ASP A 33 3.49 -6.68 -7.37
CA ASP A 33 4.73 -7.33 -7.76
C ASP A 33 5.76 -6.37 -8.36
N ASP A 34 5.30 -5.28 -8.95
CA ASP A 34 6.23 -4.34 -9.56
C ASP A 34 7.19 -3.78 -8.52
N ASP A 35 6.70 -3.50 -7.32
CA ASP A 35 7.55 -2.97 -6.26
C ASP A 35 8.58 -4.00 -5.80
N ARG A 36 8.14 -5.24 -5.60
CA ARG A 36 9.05 -6.29 -5.14
C ARG A 36 10.11 -6.63 -6.20
N ILE A 37 9.68 -6.78 -7.45
CA ILE A 37 10.62 -7.07 -8.52
C ILE A 37 11.63 -5.93 -8.60
N LEU A 38 11.13 -4.72 -8.34
CA LEU A 38 12.00 -3.57 -8.35
C LEU A 38 13.17 -3.87 -7.42
N TYR A 39 12.88 -4.26 -6.20
CA TYR A 39 13.97 -4.54 -5.26
C TYR A 39 14.96 -5.52 -5.89
N ASN A 40 14.46 -6.43 -6.72
CA ASN A 40 15.37 -7.34 -7.40
C ASN A 40 16.36 -6.48 -8.22
N LEU A 41 15.83 -5.41 -8.85
CA LEU A 41 16.68 -4.50 -9.63
C LEU A 41 17.82 -3.98 -8.75
N ILE A 42 17.54 -3.64 -7.49
CA ILE A 42 18.60 -3.16 -6.62
C ILE A 42 19.68 -4.23 -6.46
N VAL A 43 19.27 -5.50 -6.45
CA VAL A 43 20.26 -6.55 -6.33
C VAL A 43 21.25 -6.41 -7.49
N ILE A 44 20.75 -6.11 -8.70
CA ILE A 44 21.70 -5.96 -9.80
C ILE A 44 22.68 -4.89 -9.41
N ARG A 45 22.27 -3.92 -8.59
CA ARG A 45 23.21 -2.86 -8.16
C ARG A 45 24.40 -3.51 -7.44
N ASN A 46 24.15 -4.58 -6.70
CA ASN A 46 25.25 -5.27 -6.03
C ASN A 46 26.22 -5.80 -7.12
N GLN A 47 25.65 -5.98 -8.31
CA GLN A 47 26.41 -6.41 -9.50
C GLN A 47 26.82 -5.20 -10.39
N GLN A 48 26.10 -4.09 -10.19
CA GLN A 48 26.29 -2.86 -10.97
C GLN A 48 26.90 -1.72 -10.17
N THR A 49 27.53 -0.82 -10.89
CA THR A 49 28.09 0.37 -10.27
C THR A 49 27.05 1.50 -10.31
N LYS A 50 27.21 2.48 -9.44
CA LYS A 50 26.27 3.61 -9.38
C LYS A 50 25.98 4.14 -10.78
N ASP A 51 26.95 4.00 -11.67
CA ASP A 51 26.75 4.51 -13.02
C ASP A 51 25.49 3.86 -13.60
N SER A 52 25.38 2.53 -13.41
CA SER A 52 24.25 1.74 -13.95
C SER A 52 22.94 2.53 -14.07
N GLU A 53 22.47 2.59 -15.30
CA GLU A 53 21.26 3.31 -15.70
C GLU A 53 19.94 2.65 -15.26
N GLU A 54 19.90 1.33 -15.15
CA GLU A 54 18.64 0.68 -14.77
C GLU A 54 18.32 0.83 -13.27
N TRP A 55 19.26 0.50 -12.39
CA TRP A 55 18.95 0.57 -10.97
C TRP A 55 18.56 2.01 -10.59
N GLN A 56 19.18 2.99 -11.23
CA GLN A 56 18.79 4.36 -10.92
C GLN A 56 17.30 4.46 -11.24
N ARG A 57 16.91 4.01 -12.44
CA ARG A 57 15.51 4.06 -12.87
C ARG A 57 14.59 3.38 -11.87
N LEU A 58 15.08 2.37 -11.16
CA LEU A 58 14.25 1.73 -10.15
C LEU A 58 13.88 2.76 -9.10
N ASN A 59 14.86 3.52 -8.66
CA ASN A 59 14.61 4.53 -7.65
C ASN A 59 13.58 5.51 -8.19
N TYR A 60 13.75 5.90 -9.44
CA TYR A 60 12.83 6.80 -10.12
C TYR A 60 11.43 6.19 -10.20
N ASP A 61 11.37 4.86 -10.20
CA ASP A 61 10.08 4.17 -10.24
C ASP A 61 9.42 4.22 -8.86
N ILE A 62 10.23 4.11 -7.81
CA ILE A 62 9.73 4.18 -6.44
C ILE A 62 9.31 5.62 -6.15
N TYR A 63 10.09 6.56 -6.70
CA TYR A 63 9.79 7.97 -6.53
C TYR A 63 8.37 8.22 -6.99
N THR A 64 8.05 7.66 -8.15
CA THR A 64 6.71 7.79 -8.70
C THR A 64 5.73 7.26 -7.66
N LEU A 65 6.11 6.17 -6.99
CA LEU A 65 5.25 5.59 -5.97
C LEU A 65 4.93 6.66 -4.93
N ARG A 66 5.89 7.54 -4.66
CA ARG A 66 5.65 8.60 -3.69
C ARG A 66 4.56 9.55 -4.20
N GLN A 67 4.58 9.83 -5.50
CA GLN A 67 3.62 10.75 -6.12
C GLN A 67 2.17 10.25 -6.02
N ILE A 68 1.95 8.95 -6.18
CA ILE A 68 0.58 8.43 -6.12
C ILE A 68 0.08 8.39 -4.68
N ARG A 69 0.93 7.98 -3.75
CA ARG A 69 0.53 7.89 -2.35
C ARG A 69 0.10 9.26 -1.85
N ARG A 70 0.89 10.26 -2.19
CA ARG A 70 0.61 11.63 -1.77
C ARG A 70 -0.76 12.06 -2.29
N GLU A 71 -1.07 11.73 -3.54
CA GLU A 71 -2.35 12.10 -4.12
C GLU A 71 -3.52 11.51 -3.34
N VAL A 72 -3.41 10.25 -2.91
CA VAL A 72 -4.50 9.61 -2.17
C VAL A 72 -4.81 10.37 -0.89
N ARG A 73 -3.79 10.66 -0.10
CA ARG A 73 -4.01 11.38 1.15
C ARG A 73 -4.78 12.66 0.87
N ASN A 74 -4.47 13.28 -0.26
CA ASN A 74 -5.15 14.50 -0.66
C ASN A 74 -6.61 14.22 -1.03
N ARG A 75 -6.88 13.00 -1.47
CA ARG A 75 -8.25 12.61 -1.77
C ARG A 75 -9.02 12.32 -0.47
N TRP A 76 -8.45 11.45 0.39
CA TRP A 76 -9.09 11.09 1.65
C TRP A 76 -9.34 12.33 2.47
N ARG A 77 -8.34 13.19 2.49
CA ARG A 77 -8.49 14.41 3.25
C ARG A 77 -9.79 15.06 2.79
N ARG A 78 -9.97 15.20 1.48
CA ARG A 78 -11.19 15.80 0.93
C ARG A 78 -12.50 14.96 1.09
N ILE A 79 -12.44 13.61 0.96
CA ILE A 79 -13.70 12.81 1.06
C ILE A 79 -14.25 12.79 2.48
N LEU A 80 -13.42 12.44 3.45
CA LEU A 80 -13.89 12.38 4.82
C LEU A 80 -14.00 13.75 5.48
N GLU A 81 -13.08 14.68 5.20
CA GLU A 81 -13.16 15.96 5.87
C GLU A 81 -14.48 16.63 5.57
N ASP A 82 -14.90 16.65 4.30
CA ASP A 82 -16.14 17.31 3.98
C ASP A 82 -17.29 16.70 4.77
N LEU A 83 -17.17 15.41 5.14
CA LEU A 83 -18.24 14.78 5.89
C LEU A 83 -18.01 14.82 7.41
N GLY A 84 -16.75 14.93 7.85
CA GLY A 84 -16.47 14.98 9.28
C GLY A 84 -16.00 13.63 9.88
N PHE A 85 -15.92 12.56 9.09
CA PHE A 85 -15.47 11.25 9.65
C PHE A 85 -14.00 10.97 9.29
N GLN A 86 -13.25 12.02 9.11
CA GLN A 86 -11.84 11.92 8.70
C GLN A 86 -10.91 11.01 9.52
N ARG A 87 -11.15 10.78 10.80
CA ARG A 87 -10.20 9.98 11.58
C ARG A 87 -9.93 8.53 11.05
N GLU A 88 -10.95 7.74 10.76
CA GLU A 88 -10.66 6.33 10.39
C GLU A 88 -9.77 6.21 9.14
N ALA A 89 -10.11 6.88 8.06
CA ALA A 89 -9.30 6.84 6.83
C ALA A 89 -7.95 7.53 7.02
N ASP A 90 -7.97 8.52 7.91
CA ASP A 90 -6.75 9.22 8.27
C ASP A 90 -5.78 8.20 8.90
N SER A 91 -6.31 7.39 9.80
CA SER A 91 -5.50 6.39 10.51
C SER A 91 -4.75 5.47 9.55
N LEU A 92 -5.41 5.07 8.48
CA LEU A 92 -4.76 4.09 7.62
C LEU A 92 -3.56 4.64 6.84
N LEU A 93 -3.66 5.83 6.23
CA LEU A 93 -2.54 6.30 5.43
C LEU A 93 -1.30 6.67 6.27
N SER A 94 -1.51 7.40 7.37
CA SER A 94 -0.43 7.85 8.29
C SER A 94 -0.88 9.08 9.11
N VAL A 95 -2.19 9.26 9.19
CA VAL A 95 -2.76 10.40 9.89
C VAL A 95 -3.62 9.96 11.08
N THR A 96 -3.10 9.00 11.85
CA THR A 96 -3.81 8.55 13.04
C THR A 96 -3.67 9.60 14.14
N LYS A 97 -4.36 10.72 13.95
CA LYS A 97 -4.28 11.82 14.91
C LYS A 97 -2.87 12.43 14.91
N LEU A 98 -2.06 12.08 13.91
CA LEU A 98 -0.73 12.61 13.80
C LEU A 98 -0.60 13.49 12.55
N SER A 99 -0.29 14.79 12.71
CA SER A 99 -0.07 15.59 11.52
C SER A 99 1.41 15.56 11.18
N THR A 100 1.80 14.98 10.06
CA THR A 100 3.23 14.92 9.74
C THR A 100 3.54 15.21 8.27
N MET A 101 4.62 15.94 8.04
CA MET A 101 5.07 16.22 6.68
C MET A 101 6.59 16.37 6.67
N SER A 102 7.22 15.95 5.56
CA SER A 102 8.67 16.06 5.44
C SER A 102 9.03 16.81 4.15
N ASP A 103 9.74 17.92 4.28
CA ASP A 103 10.10 18.69 3.08
C ASP A 103 11.20 17.98 2.28
N SER A 104 11.88 17.02 2.90
CA SER A 104 12.92 16.27 2.19
C SER A 104 12.28 15.06 1.49
N LYS A 105 12.92 14.54 0.44
CA LYS A 105 12.33 13.43 -0.32
C LYS A 105 12.22 12.14 0.51
N ASN A 106 11.01 11.55 0.52
CA ASN A 106 10.76 10.30 1.25
C ASN A 106 10.91 9.07 0.33
N THR A 107 10.27 9.15 -0.84
CA THR A 107 10.31 8.08 -1.85
C THR A 107 9.70 6.74 -1.37
N ARG A 108 10.52 5.88 -0.76
CA ARG A 108 10.11 4.55 -0.28
C ARG A 108 9.06 4.59 0.83
N LYS A 109 9.03 5.68 1.56
CA LYS A 109 8.10 5.81 2.68
C LYS A 109 6.63 5.66 2.24
N ALA A 110 6.32 6.00 0.99
CA ALA A 110 4.94 5.91 0.51
C ALA A 110 4.46 4.46 0.42
N ARG A 111 5.25 3.63 -0.23
CA ARG A 111 4.90 2.23 -0.42
C ARG A 111 4.69 1.52 0.91
N GLU A 112 5.55 1.81 1.87
CA GLU A 112 5.40 1.18 3.17
C GLU A 112 4.02 1.56 3.70
N MET A 113 3.72 2.85 3.59
CA MET A 113 2.45 3.42 4.07
C MET A 113 1.23 2.79 3.36
N LEU A 114 1.27 2.62 2.04
CA LEU A 114 0.14 2.03 1.32
C LEU A 114 -0.06 0.58 1.80
N LEU A 115 1.04 -0.15 1.90
CA LEU A 115 0.96 -1.54 2.33
C LEU A 115 0.26 -1.64 3.71
N LYS A 116 0.65 -0.78 4.64
CA LYS A 116 0.04 -0.76 5.97
C LYS A 116 -1.43 -0.31 5.89
N LEU A 117 -1.73 0.52 4.89
CA LEU A 117 -3.10 1.01 4.75
C LEU A 117 -4.04 -0.18 4.60
N ALA A 118 -3.71 -1.09 3.69
CA ALA A 118 -4.56 -2.24 3.43
C ALA A 118 -4.63 -3.21 4.61
N GLU A 119 -3.54 -3.35 5.36
CA GLU A 119 -3.54 -4.33 6.45
C GLU A 119 -4.40 -3.96 7.63
N GLU A 120 -4.48 -2.70 8.04
CA GLU A 120 -5.29 -2.44 9.21
C GLU A 120 -6.69 -2.10 8.82
N THR A 121 -6.91 -1.44 7.72
CA THR A 121 -8.26 -1.20 7.34
C THR A 121 -8.33 -1.27 5.85
N SER A 122 -9.50 -1.32 5.33
CA SER A 122 -9.68 -1.21 3.92
C SER A 122 -10.76 -0.14 3.76
N ILE A 123 -10.79 0.67 2.73
CA ILE A 123 -11.96 1.57 2.67
C ILE A 123 -13.10 0.63 2.31
N PHE A 124 -12.96 -0.01 1.15
CA PHE A 124 -13.89 -1.04 0.74
C PHE A 124 -13.35 -2.29 1.43
N PRO A 125 -14.07 -3.34 1.59
CA PRO A 125 -13.54 -4.53 2.32
C PRO A 125 -12.15 -5.02 1.85
N ALA A 126 -11.46 -5.67 2.78
CA ALA A 126 -10.04 -6.05 2.60
C ALA A 126 -9.74 -6.71 1.24
N SER A 127 -10.63 -7.55 0.70
CA SER A 127 -10.31 -8.19 -0.60
C SER A 127 -10.27 -7.11 -1.71
N TRP A 128 -10.89 -5.99 -1.41
CA TRP A 128 -10.82 -4.84 -2.30
C TRP A 128 -9.44 -4.23 -2.03
N GLU A 129 -8.63 -4.05 -3.06
CA GLU A 129 -7.32 -3.45 -2.88
C GLU A 129 -7.51 -1.97 -2.90
N LEU A 130 -6.64 -1.22 -2.25
CA LEU A 130 -6.82 0.21 -2.35
C LEU A 130 -5.82 0.75 -3.35
N SER A 131 -6.35 1.26 -4.44
CA SER A 131 -5.54 1.86 -5.46
C SER A 131 -5.79 3.35 -5.48
N GLU A 132 -4.81 4.12 -5.86
CA GLU A 132 -5.02 5.55 -5.92
C GLU A 132 -6.20 5.87 -6.84
N ARG A 133 -6.30 5.18 -7.99
CA ARG A 133 -7.40 5.42 -8.93
C ARG A 133 -8.75 4.90 -8.43
N TYR A 134 -8.76 3.70 -7.82
CA TYR A 134 -10.01 3.13 -7.29
C TYR A 134 -10.50 4.05 -6.19
N LEU A 135 -9.55 4.45 -5.38
CA LEU A 135 -9.88 5.34 -4.29
C LEU A 135 -10.57 6.53 -4.92
N LEU A 136 -10.03 7.09 -5.99
CA LEU A 136 -10.66 8.22 -6.64
C LEU A 136 -12.13 7.88 -6.97
N VAL A 137 -12.43 6.62 -7.27
CA VAL A 137 -13.83 6.28 -7.53
C VAL A 137 -14.63 6.64 -6.28
N VAL A 138 -14.03 6.40 -5.13
CA VAL A 138 -14.70 6.74 -3.88
C VAL A 138 -15.01 8.24 -3.89
N ASP A 139 -14.10 9.06 -4.43
CA ASP A 139 -14.31 10.50 -4.53
C ASP A 139 -15.60 10.80 -5.29
N ARG A 140 -15.92 9.89 -6.21
CA ARG A 140 -17.17 10.02 -6.95
C ARG A 140 -18.37 9.86 -6.00
N LEU A 141 -18.28 8.85 -5.11
CA LEU A 141 -19.38 8.58 -4.16
C LEU A 141 -19.56 9.68 -3.10
N ILE A 142 -18.47 10.14 -2.50
CA ILE A 142 -18.59 11.18 -1.46
C ILE A 142 -19.31 12.36 -2.07
N ALA A 143 -19.01 12.65 -3.34
CA ALA A 143 -19.64 13.77 -4.03
C ALA A 143 -21.17 13.60 -4.03
N LEU A 144 -21.62 12.35 -3.91
CA LEU A 144 -23.06 12.06 -3.86
C LEU A 144 -23.58 12.23 -2.43
N ASP A 145 -22.66 12.43 -1.48
CA ASP A 145 -22.97 12.62 -0.06
C ASP A 145 -23.46 11.34 0.62
N ALA A 146 -22.80 10.21 0.33
CA ALA A 146 -23.15 8.93 0.93
C ALA A 146 -21.85 8.33 1.53
N ALA A 147 -20.91 9.22 1.87
CA ALA A 147 -19.60 8.83 2.42
C ALA A 147 -19.72 8.03 3.73
N GLU A 148 -20.74 8.29 4.54
CA GLU A 148 -20.86 7.56 5.79
C GLU A 148 -20.85 6.06 5.49
N ASP A 149 -21.31 5.70 4.29
CA ASP A 149 -21.31 4.32 3.87
C ASP A 149 -19.87 3.79 3.88
N PHE A 150 -18.93 4.66 3.48
CA PHE A 150 -17.51 4.32 3.47
C PHE A 150 -17.13 3.82 4.84
N PHE A 151 -17.56 4.57 5.82
CA PHE A 151 -17.21 4.22 7.19
C PHE A 151 -17.67 2.80 7.52
N LYS A 152 -18.93 2.49 7.30
CA LYS A 152 -19.44 1.14 7.62
C LYS A 152 -18.67 0.05 6.87
N ILE A 153 -18.34 0.30 5.61
CA ILE A 153 -17.60 -0.71 4.83
C ILE A 153 -16.17 -0.86 5.36
N ALA A 154 -15.48 0.26 5.53
CA ALA A 154 -14.13 0.23 6.04
C ALA A 154 -14.08 -0.40 7.44
N SER A 155 -15.10 -0.13 8.25
CA SER A 155 -15.16 -0.70 9.60
C SER A 155 -15.21 -2.23 9.50
N GLN A 156 -16.06 -2.72 8.59
CA GLN A 156 -16.29 -4.15 8.42
C GLN A 156 -15.01 -4.91 8.11
N MET A 157 -14.01 -4.28 7.50
CA MET A 157 -12.76 -5.04 7.27
C MET A 157 -12.03 -5.25 8.62
N TYR A 158 -12.04 -4.22 9.44
CA TYR A 158 -11.36 -4.28 10.74
C TYR A 158 -12.31 -4.05 11.92
N PRO A 159 -13.22 -4.96 12.13
CA PRO A 159 -14.21 -4.89 13.25
C PRO A 159 -13.54 -5.22 14.57
N LYS A 160 -14.09 -4.72 15.68
CA LYS A 160 -13.50 -5.00 16.97
C LYS A 160 -13.80 -6.45 17.36
N LYS A 161 -12.75 -7.26 17.44
CA LYS A 161 -12.88 -8.67 17.77
C LYS A 161 -11.96 -9.03 18.94
N PRO A 162 -12.24 -10.11 19.63
CA PRO A 162 -11.41 -10.56 20.78
C PRO A 162 -9.92 -10.52 20.44
N GLY A 163 -9.09 -10.19 21.43
CA GLY A 163 -7.65 -10.10 21.20
C GLY A 163 -7.19 -8.66 20.99
N VAL A 164 -8.10 -7.69 21.18
CA VAL A 164 -7.73 -6.29 21.00
C VAL A 164 -6.64 -5.90 22.02
N PRO A 165 -5.56 -5.26 21.59
CA PRO A 165 -4.47 -4.85 22.53
C PRO A 165 -4.89 -3.67 23.39
N CYS A 166 -4.36 -3.61 24.62
CA CYS A 166 -4.68 -2.52 25.52
C CYS A 166 -4.18 -1.20 24.96
N LEU A 167 -4.80 -0.10 25.38
CA LEU A 167 -4.40 1.22 24.89
C LEU A 167 -3.21 1.76 25.68
N VAL A 168 -2.09 1.94 25.01
CA VAL A 168 -0.88 2.44 25.67
C VAL A 168 -1.14 3.80 26.33
N ASP A 169 -0.36 4.10 27.36
CA ASP A 169 -0.51 5.35 28.10
C ASP A 169 -0.18 6.55 27.21
N GLY A 170 -0.70 7.72 27.58
CA GLY A 170 -0.48 8.94 26.83
C GLY A 170 -1.77 9.41 26.17
N GLN A 171 -2.67 8.48 25.87
CA GLN A 171 -3.94 8.84 25.24
C GLN A 171 -4.79 9.65 26.21
N ARG A 172 -5.58 10.58 25.67
CA ARG A 172 -6.42 11.42 26.50
C ARG A 172 -7.79 10.78 26.73
N LYS A 173 -8.15 10.59 28.00
CA LYS A 173 -9.43 9.98 28.35
C LYS A 173 -10.59 10.94 28.05
N LEU A 174 -11.79 10.38 27.97
CA LEU A 174 -12.98 11.18 27.71
C LEU A 174 -13.49 11.79 29.00
N HIS A 175 -13.79 13.09 28.98
CA HIS A 175 -14.26 13.76 30.18
C HIS A 175 -15.50 13.05 30.73
N CYS A 176 -15.39 12.59 31.97
CA CYS A 176 -16.48 11.88 32.62
C CYS A 176 -17.63 12.84 32.97
N LEU A 177 -17.28 14.10 33.23
CA LEU A 177 -18.29 15.10 33.58
C LEU A 177 -18.39 16.18 32.51
N PRO A 178 -19.53 16.83 32.39
CA PRO A 178 -19.75 17.91 31.39
C PRO A 178 -18.97 19.18 31.73
N PHE A 179 -18.58 19.92 30.71
CA PHE A 179 -17.83 21.16 30.91
C PHE A 179 -18.80 22.33 31.08
N PRO A 180 -18.71 23.11 32.15
CA PRO A 180 -19.65 24.26 32.37
C PRO A 180 -19.42 25.40 31.38
N SER A 181 -20.50 26.12 31.09
CA SER A 181 -20.42 27.25 30.16
C SER A 181 -19.68 28.42 30.79
N PRO A 182 -19.09 29.28 30.00
CA PRO A 182 -18.33 30.46 30.52
C PRO A 182 -19.11 31.21 31.60
N GLY A 1 29.56 -23.99 -14.98
CA GLY A 1 29.15 -25.17 -15.80
C GLY A 1 30.03 -25.25 -17.04
N ASN A 2 30.44 -26.47 -17.39
CA ASN A 2 31.28 -26.68 -18.57
C ASN A 2 30.55 -26.28 -19.85
N ASN A 3 29.26 -26.60 -19.91
CA ASN A 3 28.46 -26.28 -21.10
C ASN A 3 27.14 -25.61 -20.70
N PRO A 4 27.18 -24.35 -20.34
CA PRO A 4 25.96 -23.60 -19.92
C PRO A 4 24.97 -23.41 -21.08
N TYR A 5 25.49 -23.47 -22.31
CA TYR A 5 24.65 -23.30 -23.49
C TYR A 5 24.87 -24.44 -24.47
N SER A 6 23.81 -24.82 -25.18
CA SER A 6 23.91 -25.90 -26.16
C SER A 6 24.89 -25.53 -27.27
N SER A 7 24.86 -24.27 -27.68
CA SER A 7 25.76 -23.79 -28.73
C SER A 7 26.17 -22.36 -28.46
N PHE A 8 27.42 -22.04 -28.80
CA PHE A 8 27.93 -20.68 -28.59
C PHE A 8 27.41 -19.73 -29.66
N GLY A 9 27.41 -18.44 -29.35
CA GLY A 9 26.94 -17.44 -30.30
C GLY A 9 25.49 -17.05 -30.01
N ALA A 10 24.78 -17.90 -29.28
CA ALA A 10 23.39 -17.62 -28.95
C ALA A 10 23.26 -16.28 -28.24
N THR A 11 22.44 -15.40 -28.81
CA THR A 11 22.23 -14.08 -28.22
C THR A 11 20.97 -14.06 -27.35
N LEU A 12 21.12 -13.62 -26.11
CA LEU A 12 19.98 -13.54 -25.19
C LEU A 12 18.95 -12.52 -25.69
N GLU A 13 19.47 -11.42 -26.25
CA GLU A 13 18.63 -10.36 -26.78
C GLU A 13 17.78 -10.86 -27.94
N ARG A 14 18.36 -11.73 -28.76
CA ARG A 14 17.66 -12.26 -29.92
C ARG A 14 16.58 -13.26 -29.48
N ASP A 15 16.71 -13.80 -28.28
CA ASP A 15 15.71 -14.74 -27.78
C ASP A 15 14.35 -14.06 -27.70
N ASP A 16 13.31 -14.74 -28.17
CA ASP A 16 11.98 -14.17 -28.14
C ASP A 16 11.50 -13.97 -26.71
N GLU A 17 10.97 -12.77 -26.43
CA GLU A 17 10.46 -12.47 -25.10
C GLU A 17 8.94 -12.62 -25.03
N LYS A 18 8.31 -12.80 -26.19
CA LYS A 18 6.85 -12.95 -26.24
C LYS A 18 6.40 -14.22 -25.52
N ASN A 19 7.33 -15.15 -25.31
CA ASN A 19 6.98 -16.39 -24.63
C ASN A 19 6.45 -16.14 -23.22
N LEU A 20 5.53 -16.98 -22.78
CA LEU A 20 4.93 -16.84 -21.45
C LEU A 20 5.65 -17.72 -20.44
N TRP A 21 5.42 -17.43 -19.16
CA TRP A 21 6.04 -18.19 -18.07
C TRP A 21 7.52 -17.87 -17.95
N SER A 22 7.84 -16.88 -17.12
CA SER A 22 9.23 -16.47 -16.92
C SER A 22 9.39 -15.78 -15.56
N MET A 23 10.64 -15.65 -15.12
CA MET A 23 10.91 -15.01 -13.83
C MET A 23 10.06 -15.63 -12.73
N PRO A 24 10.29 -16.89 -12.45
CA PRO A 24 9.53 -17.64 -11.39
C PRO A 24 9.74 -17.07 -9.99
N HIS A 25 10.81 -16.30 -9.81
CA HIS A 25 11.11 -15.73 -8.50
C HIS A 25 10.01 -14.78 -8.04
N ASP A 26 9.14 -14.36 -8.95
CA ASP A 26 8.07 -13.42 -8.61
C ASP A 26 6.80 -14.18 -8.18
N VAL A 27 6.97 -15.37 -7.64
CA VAL A 27 5.83 -16.15 -7.15
C VAL A 27 5.47 -15.77 -5.71
N SER A 28 6.51 -15.51 -4.92
CA SER A 28 6.37 -15.15 -3.51
C SER A 28 6.16 -13.64 -3.35
N HIS A 29 5.93 -12.95 -4.47
CA HIS A 29 5.75 -11.52 -4.52
C HIS A 29 4.60 -10.98 -3.67
N THR A 30 4.81 -9.77 -3.19
CA THR A 30 3.85 -9.07 -2.38
C THR A 30 2.70 -8.71 -3.31
N GLU A 31 1.61 -8.16 -2.83
CA GLU A 31 0.47 -7.98 -3.71
C GLU A 31 0.87 -7.20 -4.95
N ALA A 32 1.68 -6.14 -4.86
CA ALA A 32 2.10 -5.46 -6.07
C ALA A 32 3.51 -5.92 -6.43
N ASP A 33 3.59 -6.74 -7.47
CA ASP A 33 4.86 -7.31 -7.91
C ASP A 33 5.80 -6.27 -8.47
N ASP A 34 5.28 -5.18 -8.98
CA ASP A 34 6.14 -4.15 -9.56
C ASP A 34 7.12 -3.63 -8.50
N ASP A 35 6.65 -3.47 -7.27
CA ASP A 35 7.52 -3.00 -6.20
C ASP A 35 8.54 -4.07 -5.79
N ARG A 36 8.08 -5.31 -5.60
CA ARG A 36 8.98 -6.40 -5.19
C ARG A 36 10.06 -6.69 -6.23
N ILE A 37 9.66 -6.82 -7.48
CA ILE A 37 10.62 -7.10 -8.54
C ILE A 37 11.63 -5.99 -8.57
N LEU A 38 11.14 -4.77 -8.38
CA LEU A 38 12.04 -3.63 -8.38
C LEU A 38 13.17 -3.90 -7.40
N TYR A 39 12.86 -4.26 -6.17
CA TYR A 39 13.94 -4.50 -5.22
C TYR A 39 14.94 -5.49 -5.82
N ASN A 40 14.44 -6.43 -6.61
CA ASN A 40 15.36 -7.35 -7.27
C ASN A 40 16.35 -6.51 -8.12
N LEU A 41 15.83 -5.47 -8.79
CA LEU A 41 16.68 -4.60 -9.60
C LEU A 41 17.83 -4.04 -8.74
N ILE A 42 17.55 -3.67 -7.51
CA ILE A 42 18.60 -3.15 -6.65
C ILE A 42 19.69 -4.21 -6.46
N VAL A 43 19.30 -5.48 -6.41
CA VAL A 43 20.29 -6.52 -6.26
C VAL A 43 21.28 -6.40 -7.42
N ILE A 44 20.76 -6.14 -8.63
CA ILE A 44 21.67 -6.00 -9.76
C ILE A 44 22.67 -4.92 -9.42
N ARG A 45 22.28 -3.93 -8.61
CA ARG A 45 23.21 -2.86 -8.23
C ARG A 45 24.43 -3.49 -7.54
N ASN A 46 24.19 -4.52 -6.76
CA ASN A 46 25.34 -5.19 -6.10
C ASN A 46 26.26 -5.74 -7.20
N GLN A 47 25.67 -5.98 -8.36
CA GLN A 47 26.40 -6.46 -9.55
C GLN A 47 26.76 -5.30 -10.51
N GLN A 48 26.05 -4.20 -10.36
CA GLN A 48 26.19 -3.01 -11.20
C GLN A 48 26.80 -1.81 -10.47
N THR A 49 27.40 -0.93 -11.26
CA THR A 49 27.98 0.30 -10.71
C THR A 49 26.94 1.41 -10.75
N LYS A 50 27.12 2.45 -9.95
CA LYS A 50 26.17 3.56 -9.89
C LYS A 50 25.80 4.03 -11.30
N ASP A 51 26.74 3.89 -12.22
CA ASP A 51 26.47 4.34 -13.57
C ASP A 51 25.20 3.63 -14.06
N SER A 52 25.13 2.31 -13.81
CA SER A 52 24.00 1.46 -14.22
C SER A 52 22.67 2.22 -14.39
N GLU A 53 22.19 2.19 -15.63
CA GLU A 53 20.95 2.86 -16.04
C GLU A 53 19.66 2.19 -15.53
N GLU A 54 19.65 0.88 -15.33
CA GLU A 54 18.42 0.22 -14.88
C GLU A 54 18.14 0.50 -13.39
N TRP A 55 19.11 0.25 -12.52
CA TRP A 55 18.90 0.44 -11.10
C TRP A 55 18.52 1.90 -10.78
N GLN A 56 19.16 2.86 -11.42
CA GLN A 56 18.77 4.24 -11.13
C GLN A 56 17.29 4.36 -11.47
N ARG A 57 16.91 3.90 -12.68
CA ARG A 57 15.52 3.96 -13.14
C ARG A 57 14.57 3.27 -12.17
N LEU A 58 15.05 2.25 -11.45
CA LEU A 58 14.20 1.59 -10.47
C LEU A 58 13.76 2.61 -9.44
N ASN A 59 14.73 3.40 -8.99
CA ASN A 59 14.43 4.41 -8.00
C ASN A 59 13.37 5.35 -8.58
N TYR A 60 13.54 5.70 -9.84
CA TYR A 60 12.60 6.56 -10.54
C TYR A 60 11.22 5.90 -10.63
N ASP A 61 11.20 4.57 -10.63
CA ASP A 61 9.94 3.84 -10.67
C ASP A 61 9.23 3.92 -9.32
N ILE A 62 10.03 3.84 -8.25
CA ILE A 62 9.50 3.95 -6.89
C ILE A 62 9.04 5.39 -6.65
N TYR A 63 9.79 6.32 -7.23
CA TYR A 63 9.46 7.74 -7.08
C TYR A 63 8.03 7.95 -7.56
N THR A 64 7.71 7.38 -8.72
CA THR A 64 6.36 7.50 -9.25
C THR A 64 5.38 6.89 -8.24
N LEU A 65 5.78 5.76 -7.64
CA LEU A 65 4.94 5.09 -6.65
C LEU A 65 4.70 6.05 -5.47
N ARG A 66 5.71 6.82 -5.13
CA ARG A 66 5.57 7.79 -4.05
C ARG A 66 4.52 8.84 -4.42
N GLN A 67 4.52 9.23 -5.69
CA GLN A 67 3.60 10.24 -6.21
C GLN A 67 2.14 9.80 -6.17
N ILE A 68 1.88 8.51 -6.35
CA ILE A 68 0.49 8.04 -6.31
C ILE A 68 -0.02 8.01 -4.87
N ARG A 69 0.84 7.64 -3.93
CA ARG A 69 0.44 7.60 -2.53
C ARG A 69 0.01 8.99 -2.07
N ARG A 70 0.81 9.98 -2.45
CA ARG A 70 0.54 11.36 -2.06
C ARG A 70 -0.83 11.80 -2.56
N GLU A 71 -1.17 11.45 -3.80
CA GLU A 71 -2.47 11.83 -4.35
C GLU A 71 -3.62 11.25 -3.53
N VAL A 72 -3.49 10.01 -3.08
CA VAL A 72 -4.55 9.37 -2.31
C VAL A 72 -4.84 10.16 -1.03
N ARG A 73 -3.80 10.48 -0.28
CA ARG A 73 -3.98 11.22 0.97
C ARG A 73 -4.76 12.50 0.70
N ASN A 74 -4.49 13.11 -0.44
CA ASN A 74 -5.19 14.33 -0.83
C ASN A 74 -6.66 14.04 -1.16
N ARG A 75 -6.92 12.81 -1.58
CA ARG A 75 -8.31 12.41 -1.83
C ARG A 75 -9.04 12.16 -0.51
N TRP A 76 -8.46 11.32 0.36
CA TRP A 76 -9.07 11.00 1.65
C TRP A 76 -9.29 12.27 2.43
N ARG A 77 -8.30 13.12 2.42
CA ARG A 77 -8.44 14.35 3.15
C ARG A 77 -9.75 15.02 2.71
N ARG A 78 -9.99 15.13 1.40
CA ARG A 78 -11.24 15.75 0.92
C ARG A 78 -12.54 14.91 1.11
N ILE A 79 -12.48 13.55 1.00
CA ILE A 79 -13.74 12.76 1.15
C ILE A 79 -14.23 12.77 2.58
N LEU A 80 -13.34 12.49 3.52
CA LEU A 80 -13.75 12.47 4.90
C LEU A 80 -13.93 13.86 5.48
N GLU A 81 -13.12 14.82 5.02
CA GLU A 81 -13.25 16.16 5.58
C GLU A 81 -14.67 16.64 5.43
N ASP A 82 -15.26 16.44 4.25
CA ASP A 82 -16.63 16.92 4.06
C ASP A 82 -17.59 16.32 5.10
N LEU A 83 -17.30 15.12 5.63
CA LEU A 83 -18.20 14.55 6.63
C LEU A 83 -17.74 14.86 8.07
N GLY A 84 -16.44 15.13 8.25
CA GLY A 84 -15.92 15.41 9.59
C GLY A 84 -15.51 14.13 10.35
N PHE A 85 -15.67 12.97 9.71
CA PHE A 85 -15.30 11.70 10.37
C PHE A 85 -13.96 11.16 9.85
N GLN A 86 -13.08 12.11 9.55
CA GLN A 86 -11.73 11.89 9.01
C GLN A 86 -10.81 10.89 9.75
N ARG A 87 -10.97 10.67 11.04
CA ARG A 87 -10.02 9.81 11.76
C ARG A 87 -9.85 8.38 11.21
N GLU A 88 -10.92 7.64 10.91
CA GLU A 88 -10.69 6.23 10.51
C GLU A 88 -9.83 6.10 9.24
N ALA A 89 -10.16 6.81 8.18
CA ALA A 89 -9.39 6.76 6.93
C ALA A 89 -8.02 7.47 7.07
N ASP A 90 -8.02 8.45 7.95
CA ASP A 90 -6.78 9.16 8.26
C ASP A 90 -5.79 8.15 8.87
N SER A 91 -6.30 7.34 9.79
CA SER A 91 -5.49 6.36 10.50
C SER A 91 -4.78 5.43 9.54
N LEU A 92 -5.45 5.04 8.48
CA LEU A 92 -4.83 4.03 7.60
C LEU A 92 -3.63 4.57 6.81
N LEU A 93 -3.72 5.76 6.19
CA LEU A 93 -2.58 6.20 5.36
C LEU A 93 -1.34 6.58 6.19
N SER A 94 -1.53 7.36 7.26
CA SER A 94 -0.44 7.82 8.16
C SER A 94 -0.88 9.07 8.95
N VAL A 95 -2.18 9.17 9.15
CA VAL A 95 -2.74 10.31 9.87
C VAL A 95 -3.61 9.87 11.04
N THR A 96 -3.12 8.91 11.82
CA THR A 96 -3.87 8.46 12.99
C THR A 96 -3.83 9.55 14.05
N LYS A 97 -4.67 10.56 13.87
CA LYS A 97 -4.70 11.69 14.79
C LYS A 97 -3.35 12.39 14.82
N LEU A 98 -2.49 12.09 13.83
CA LEU A 98 -1.18 12.70 13.73
C LEU A 98 -1.11 13.57 12.47
N SER A 99 -0.89 14.88 12.59
CA SER A 99 -0.73 15.66 11.38
C SER A 99 0.76 15.71 11.03
N THR A 100 1.17 15.12 9.92
CA THR A 100 2.59 15.13 9.58
C THR A 100 2.86 15.38 8.10
N MET A 101 3.90 16.16 7.82
CA MET A 101 4.30 16.40 6.44
C MET A 101 5.82 16.62 6.38
N SER A 102 6.44 16.19 5.29
CA SER A 102 7.87 16.36 5.12
C SER A 102 8.17 17.07 3.80
N ASP A 103 8.87 18.20 3.85
CA ASP A 103 9.16 18.92 2.61
C ASP A 103 10.24 18.21 1.79
N SER A 104 10.95 17.27 2.41
CA SER A 104 11.96 16.50 1.67
C SER A 104 11.28 15.26 1.06
N LYS A 105 11.82 14.72 -0.02
CA LYS A 105 11.19 13.57 -0.70
C LYS A 105 11.16 12.30 0.15
N ASN A 106 10.00 11.59 0.13
CA ASN A 106 9.82 10.36 0.91
C ASN A 106 10.15 9.10 0.09
N THR A 107 9.78 9.09 -1.20
CA THR A 107 10.02 7.96 -2.10
C THR A 107 9.37 6.63 -1.60
N ARG A 108 10.18 5.57 -1.42
CA ARG A 108 9.70 4.24 -1.00
C ARG A 108 8.88 4.26 0.29
N LYS A 109 9.09 5.27 1.11
CA LYS A 109 8.35 5.37 2.37
C LYS A 109 6.84 5.39 2.13
N ALA A 110 6.42 5.85 0.95
CA ALA A 110 4.99 5.89 0.63
C ALA A 110 4.42 4.47 0.52
N ARG A 111 5.11 3.64 -0.24
CA ARG A 111 4.69 2.26 -0.46
C ARG A 111 4.60 1.49 0.84
N GLU A 112 5.56 1.73 1.72
CA GLU A 112 5.55 1.01 2.99
C GLU A 112 4.23 1.32 3.67
N MET A 113 3.87 2.60 3.69
CA MET A 113 2.64 3.04 4.33
C MET A 113 1.39 2.44 3.66
N LEU A 114 1.38 2.36 2.33
CA LEU A 114 0.22 1.81 1.62
C LEU A 114 0.00 0.34 2.06
N LEU A 115 1.09 -0.40 2.07
CA LEU A 115 1.01 -1.82 2.43
C LEU A 115 0.36 -1.95 3.82
N LYS A 116 0.76 -1.08 4.75
CA LYS A 116 0.20 -1.06 6.09
C LYS A 116 -1.28 -0.65 6.07
N LEU A 117 -1.64 0.16 5.08
CA LEU A 117 -3.03 0.60 4.99
C LEU A 117 -3.92 -0.63 4.82
N ALA A 118 -3.58 -1.48 3.88
CA ALA A 118 -4.39 -2.66 3.62
C ALA A 118 -4.44 -3.56 4.83
N GLU A 119 -3.35 -3.61 5.58
CA GLU A 119 -3.32 -4.51 6.72
C GLU A 119 -4.19 -4.05 7.88
N GLU A 120 -4.30 -2.76 8.20
CA GLU A 120 -5.13 -2.45 9.36
C GLU A 120 -6.54 -2.16 8.96
N THR A 121 -6.79 -1.53 7.85
CA THR A 121 -8.14 -1.32 7.48
C THR A 121 -8.22 -1.43 5.99
N SER A 122 -9.39 -1.50 5.48
CA SER A 122 -9.57 -1.43 4.07
C SER A 122 -10.63 -0.36 3.87
N ILE A 123 -10.62 0.48 2.85
CA ILE A 123 -11.78 1.39 2.80
C ILE A 123 -12.93 0.46 2.44
N PHE A 124 -12.81 -0.19 1.30
CA PHE A 124 -13.77 -1.22 0.91
C PHE A 124 -13.24 -2.45 1.62
N PRO A 125 -13.97 -3.49 1.81
CA PRO A 125 -13.47 -4.68 2.57
C PRO A 125 -12.08 -5.18 2.14
N ALA A 126 -11.40 -5.84 3.08
CA ALA A 126 -9.98 -6.23 2.91
C ALA A 126 -9.70 -6.88 1.55
N SER A 127 -10.59 -7.68 1.00
CA SER A 127 -10.31 -8.31 -0.29
C SER A 127 -10.26 -7.25 -1.42
N TRP A 128 -10.64 -6.03 -1.05
CA TRP A 128 -10.55 -4.90 -1.95
C TRP A 128 -9.16 -4.29 -1.76
N GLU A 129 -8.39 -4.16 -2.84
CA GLU A 129 -7.07 -3.55 -2.80
C GLU A 129 -7.28 -2.07 -3.00
N LEU A 130 -6.39 -1.23 -2.52
CA LEU A 130 -6.57 0.18 -2.81
C LEU A 130 -5.53 0.62 -3.82
N SER A 131 -6.03 1.01 -4.98
CA SER A 131 -5.18 1.53 -6.03
C SER A 131 -5.46 2.99 -6.23
N GLU A 132 -4.48 3.72 -6.70
CA GLU A 132 -4.68 5.14 -6.92
C GLU A 132 -5.87 5.39 -7.84
N ARG A 133 -6.01 4.61 -8.92
CA ARG A 133 -7.09 4.82 -9.87
C ARG A 133 -8.48 4.41 -9.33
N TYR A 134 -8.56 3.24 -8.69
CA TYR A 134 -9.86 2.81 -8.15
C TYR A 134 -10.29 3.79 -7.06
N LEU A 135 -9.31 4.18 -6.28
CA LEU A 135 -9.58 5.13 -5.22
C LEU A 135 -10.26 6.35 -5.86
N LEU A 136 -9.63 6.94 -6.89
CA LEU A 136 -10.21 8.11 -7.54
C LEU A 136 -11.65 7.81 -8.00
N VAL A 137 -11.90 6.59 -8.42
CA VAL A 137 -13.26 6.24 -8.83
C VAL A 137 -14.14 6.34 -7.58
N VAL A 138 -13.60 5.85 -6.48
CA VAL A 138 -14.30 5.90 -5.23
C VAL A 138 -14.50 7.37 -4.86
N ASP A 139 -13.57 8.25 -5.25
CA ASP A 139 -13.74 9.66 -4.90
C ASP A 139 -15.10 10.11 -5.43
N ARG A 140 -15.35 9.91 -6.72
CA ARG A 140 -16.61 10.36 -7.28
C ARG A 140 -17.79 9.77 -6.52
N LEU A 141 -17.63 8.59 -5.94
CA LEU A 141 -18.72 8.03 -5.15
C LEU A 141 -18.98 8.94 -3.93
N ILE A 142 -17.88 9.34 -3.28
CA ILE A 142 -17.96 10.19 -2.08
C ILE A 142 -18.75 11.46 -2.42
N ALA A 143 -18.66 11.86 -3.68
CA ALA A 143 -19.34 13.02 -4.23
C ALA A 143 -20.85 12.96 -3.99
N LEU A 144 -21.37 11.75 -3.79
CA LEU A 144 -22.80 11.56 -3.55
C LEU A 144 -23.17 11.87 -2.09
N ASP A 145 -22.16 12.18 -1.26
CA ASP A 145 -22.39 12.48 0.15
C ASP A 145 -22.96 11.28 0.89
N ALA A 146 -22.33 10.12 0.68
CA ALA A 146 -22.72 8.85 1.29
C ALA A 146 -21.50 8.25 2.00
N ALA A 147 -20.57 9.11 2.41
CA ALA A 147 -19.32 8.69 3.04
C ALA A 147 -19.54 7.80 4.28
N GLU A 148 -20.63 8.01 5.01
CA GLU A 148 -20.88 7.20 6.20
C GLU A 148 -20.83 5.73 5.81
N ASP A 149 -21.17 5.45 4.56
CA ASP A 149 -21.14 4.09 4.05
C ASP A 149 -19.71 3.55 4.15
N PHE A 150 -18.72 4.40 3.85
CA PHE A 150 -17.32 4.00 3.91
C PHE A 150 -16.97 3.51 5.30
N PHE A 151 -17.37 4.28 6.27
CA PHE A 151 -17.05 3.90 7.65
C PHE A 151 -17.53 2.47 7.92
N LYS A 152 -18.79 2.20 7.62
CA LYS A 152 -19.34 0.86 7.89
C LYS A 152 -18.56 -0.25 7.16
N ILE A 153 -18.14 0.02 5.93
CA ILE A 153 -17.39 -0.99 5.16
C ILE A 153 -15.94 -1.09 5.65
N ALA A 154 -15.27 0.05 5.79
CA ALA A 154 -13.90 0.06 6.24
C ALA A 154 -13.80 -0.51 7.66
N SER A 155 -14.79 -0.22 8.50
CA SER A 155 -14.81 -0.77 9.86
C SER A 155 -14.92 -2.28 9.76
N GLN A 156 -15.77 -2.71 8.84
CA GLN A 156 -16.10 -4.13 8.67
C GLN A 156 -14.85 -4.97 8.42
N MET A 157 -13.80 -4.39 7.84
CA MET A 157 -12.58 -5.18 7.64
C MET A 157 -11.84 -5.37 8.99
N TYR A 158 -11.82 -4.31 9.78
CA TYR A 158 -11.12 -4.35 11.08
C TYR A 158 -12.05 -4.07 12.27
N PRO A 159 -13.10 -4.84 12.43
CA PRO A 159 -14.08 -4.68 13.55
C PRO A 159 -13.56 -5.20 14.88
N LYS A 160 -14.07 -4.67 15.98
CA LYS A 160 -13.68 -5.12 17.31
C LYS A 160 -14.91 -5.72 17.99
N LYS A 161 -14.72 -6.64 18.94
CA LYS A 161 -15.85 -7.24 19.64
C LYS A 161 -15.63 -7.12 21.17
N PRO A 162 -16.62 -6.71 21.94
CA PRO A 162 -16.45 -6.58 23.43
C PRO A 162 -16.26 -7.92 24.13
N GLY A 163 -15.16 -8.04 24.88
CA GLY A 163 -14.85 -9.29 25.59
C GLY A 163 -14.10 -10.27 24.69
N VAL A 164 -13.73 -9.80 23.50
CA VAL A 164 -12.99 -10.62 22.56
C VAL A 164 -11.52 -10.19 22.51
N PRO A 165 -10.58 -11.11 22.66
CA PRO A 165 -9.13 -10.79 22.64
C PRO A 165 -8.67 -10.38 21.24
N CYS A 166 -7.61 -9.59 21.17
CA CYS A 166 -7.11 -9.10 19.90
C CYS A 166 -6.67 -10.28 19.01
N LEU A 167 -7.20 -10.29 17.79
CA LEU A 167 -6.88 -11.33 16.83
C LEU A 167 -5.56 -11.03 16.15
N VAL A 168 -4.85 -12.07 15.71
CA VAL A 168 -3.58 -11.88 15.04
C VAL A 168 -3.80 -11.45 13.59
N ASP A 169 -2.85 -10.70 13.04
CA ASP A 169 -2.94 -10.23 11.66
C ASP A 169 -2.86 -11.39 10.68
N GLY A 170 -3.35 -11.17 9.46
CA GLY A 170 -3.32 -12.19 8.42
C GLY A 170 -4.71 -12.70 8.10
N GLN A 171 -5.63 -12.65 9.06
CA GLN A 171 -6.99 -13.14 8.84
C GLN A 171 -7.66 -12.31 7.73
N ARG A 172 -8.04 -12.99 6.65
CA ARG A 172 -8.69 -12.31 5.54
C ARG A 172 -10.21 -12.37 5.68
N LYS A 173 -10.85 -11.21 5.64
CA LYS A 173 -12.30 -11.14 5.76
C LYS A 173 -12.97 -11.63 4.47
N LEU A 174 -14.24 -11.99 4.58
CA LEU A 174 -14.99 -12.47 3.42
C LEU A 174 -15.66 -11.29 2.71
N HIS A 175 -15.44 -11.19 1.40
CA HIS A 175 -16.04 -10.10 0.63
C HIS A 175 -17.55 -10.19 0.68
N CYS A 176 -18.23 -9.06 0.56
CA CYS A 176 -19.69 -9.04 0.59
C CYS A 176 -20.28 -9.20 -0.81
N LEU A 177 -19.50 -8.82 -1.83
CA LEU A 177 -19.97 -8.93 -3.21
C LEU A 177 -18.89 -9.53 -4.12
N PRO A 178 -19.28 -10.15 -5.20
CA PRO A 178 -18.32 -10.77 -6.16
C PRO A 178 -17.56 -9.70 -6.96
N PHE A 179 -16.33 -10.01 -7.35
CA PHE A 179 -15.54 -9.07 -8.12
C PHE A 179 -15.77 -9.28 -9.62
N PRO A 180 -15.57 -8.27 -10.43
CA PRO A 180 -15.77 -8.37 -11.91
C PRO A 180 -14.71 -9.22 -12.58
N SER A 181 -15.07 -9.81 -13.72
CA SER A 181 -14.13 -10.65 -14.47
C SER A 181 -13.04 -9.80 -15.11
N PRO A 182 -11.92 -10.38 -15.45
CA PRO A 182 -10.80 -9.63 -16.08
C PRO A 182 -11.24 -8.84 -17.31
N GLY A 1 25.38 -8.16 -23.57
CA GLY A 1 25.50 -7.17 -22.46
C GLY A 1 24.23 -7.15 -21.63
N ASN A 2 24.18 -8.00 -20.62
CA ASN A 2 23.01 -8.09 -19.75
C ASN A 2 23.39 -8.63 -18.38
N ASN A 3 22.42 -8.66 -17.47
CA ASN A 3 22.67 -9.16 -16.12
C ASN A 3 21.58 -10.14 -15.70
N PRO A 4 21.61 -11.34 -16.22
CA PRO A 4 20.61 -12.40 -15.90
C PRO A 4 20.58 -12.72 -14.40
N TYR A 5 19.39 -12.99 -13.89
CA TYR A 5 19.22 -13.33 -12.48
C TYR A 5 18.05 -14.27 -12.28
N SER A 6 18.03 -14.97 -11.15
CA SER A 6 16.96 -15.90 -10.85
C SER A 6 16.72 -16.01 -9.35
N SER A 7 15.46 -16.19 -8.97
CA SER A 7 15.10 -16.31 -7.56
C SER A 7 15.56 -17.66 -7.00
N PHE A 8 15.95 -18.58 -7.88
CA PHE A 8 16.40 -19.89 -7.45
C PHE A 8 17.53 -19.78 -6.44
N GLY A 9 17.46 -20.61 -5.40
CA GLY A 9 18.49 -20.60 -4.36
C GLY A 9 18.21 -19.53 -3.30
N ALA A 10 17.11 -18.81 -3.46
CA ALA A 10 16.75 -17.77 -2.50
C ALA A 10 16.48 -18.37 -1.12
N THR A 11 16.79 -17.60 -0.08
CA THR A 11 16.58 -18.07 1.29
C THR A 11 15.10 -18.38 1.52
N LEU A 12 14.83 -19.54 2.10
CA LEU A 12 13.46 -19.95 2.38
C LEU A 12 13.03 -19.50 3.78
N GLU A 13 13.98 -19.04 4.59
CA GLU A 13 13.68 -18.60 5.95
C GLU A 13 12.68 -17.45 5.95
N ARG A 14 12.83 -16.52 5.01
CA ARG A 14 11.91 -15.38 4.94
C ARG A 14 10.82 -15.64 3.90
N ASP A 15 10.64 -16.90 3.51
CA ASP A 15 9.62 -17.24 2.54
C ASP A 15 8.24 -16.82 3.02
N ASP A 16 7.47 -16.20 2.13
CA ASP A 16 6.13 -15.74 2.48
C ASP A 16 5.25 -16.91 2.91
N GLU A 17 4.40 -16.66 3.90
CA GLU A 17 3.49 -17.69 4.40
C GLU A 17 2.39 -17.98 3.39
N LYS A 18 2.24 -17.11 2.39
CA LYS A 18 1.22 -17.30 1.37
C LYS A 18 1.69 -18.29 0.30
N ASN A 19 2.98 -18.63 0.32
CA ASN A 19 3.54 -19.56 -0.66
C ASN A 19 3.53 -18.94 -2.05
N LEU A 20 3.30 -19.73 -3.10
CA LEU A 20 3.29 -19.20 -4.46
C LEU A 20 1.95 -19.45 -5.15
N TRP A 21 1.23 -18.36 -5.42
CA TRP A 21 -0.07 -18.45 -6.09
C TRP A 21 -0.13 -17.47 -7.25
N SER A 22 1.04 -17.12 -7.79
CA SER A 22 1.09 -16.18 -8.91
C SER A 22 2.08 -16.64 -9.99
N MET A 23 2.58 -15.69 -10.79
CA MET A 23 3.51 -16.01 -11.87
C MET A 23 4.87 -16.46 -11.31
N PRO A 24 5.64 -17.18 -12.11
CA PRO A 24 6.99 -17.69 -11.70
C PRO A 24 7.94 -16.59 -11.21
N HIS A 25 7.67 -15.35 -11.61
CA HIS A 25 8.52 -14.23 -11.20
C HIS A 25 8.08 -13.66 -9.86
N ASP A 26 6.77 -13.66 -9.62
CA ASP A 26 6.23 -13.12 -8.39
C ASP A 26 5.66 -14.22 -7.51
N VAL A 27 6.44 -15.28 -7.35
CA VAL A 27 5.99 -16.41 -6.53
C VAL A 27 6.20 -16.13 -5.05
N SER A 28 7.32 -15.48 -4.71
CA SER A 28 7.59 -15.11 -3.34
C SER A 28 7.25 -13.65 -3.09
N HIS A 29 6.77 -12.98 -4.14
CA HIS A 29 6.44 -11.58 -4.15
C HIS A 29 5.08 -11.25 -3.51
N THR A 30 5.01 -10.06 -2.94
CA THR A 30 3.84 -9.54 -2.26
C THR A 30 2.76 -9.28 -3.31
N GLU A 31 1.55 -8.92 -2.91
CA GLU A 31 0.49 -8.78 -3.88
C GLU A 31 0.89 -7.84 -5.01
N ALA A 32 1.55 -6.71 -4.74
CA ALA A 32 1.97 -5.88 -5.86
C ALA A 32 3.40 -6.28 -6.20
N ASP A 33 3.52 -7.00 -7.28
CA ASP A 33 4.81 -7.52 -7.73
C ASP A 33 5.75 -6.47 -8.31
N ASP A 34 5.23 -5.38 -8.86
CA ASP A 34 6.11 -4.39 -9.47
C ASP A 34 7.09 -3.80 -8.44
N ASP A 35 6.62 -3.52 -7.23
CA ASP A 35 7.48 -2.96 -6.21
C ASP A 35 8.55 -3.97 -5.79
N ARG A 36 8.14 -5.20 -5.57
CA ARG A 36 9.07 -6.24 -5.16
C ARG A 36 10.10 -6.54 -6.26
N ILE A 37 9.64 -6.71 -7.50
CA ILE A 37 10.55 -6.98 -8.60
C ILE A 37 11.52 -5.82 -8.76
N LEU A 38 11.12 -4.64 -8.28
CA LEU A 38 12.03 -3.51 -8.33
C LEU A 38 13.20 -3.85 -7.42
N TYR A 39 12.92 -4.22 -6.19
CA TYR A 39 14.00 -4.50 -5.26
C TYR A 39 14.97 -5.50 -5.88
N ASN A 40 14.47 -6.39 -6.73
CA ASN A 40 15.38 -7.32 -7.40
C ASN A 40 16.37 -6.45 -8.24
N LEU A 41 15.86 -5.41 -8.87
CA LEU A 41 16.70 -4.51 -9.66
C LEU A 41 17.85 -3.97 -8.78
N ILE A 42 17.56 -3.60 -7.54
CA ILE A 42 18.61 -3.11 -6.68
C ILE A 42 19.69 -4.20 -6.49
N VAL A 43 19.28 -5.45 -6.48
CA VAL A 43 20.26 -6.52 -6.33
C VAL A 43 21.26 -6.38 -7.47
N ILE A 44 20.78 -6.09 -8.69
CA ILE A 44 21.73 -5.95 -9.79
C ILE A 44 22.74 -4.91 -9.41
N ARG A 45 22.34 -3.91 -8.60
CA ARG A 45 23.31 -2.89 -8.18
C ARG A 45 24.46 -3.56 -7.44
N ASN A 46 24.16 -4.61 -6.69
CA ASN A 46 25.22 -5.34 -5.99
C ASN A 46 26.21 -5.89 -7.03
N GLN A 47 25.69 -6.09 -8.24
CA GLN A 47 26.50 -6.57 -9.39
C GLN A 47 26.96 -5.40 -10.29
N GLN A 48 26.23 -4.31 -10.21
CA GLN A 48 26.49 -3.11 -11.01
C GLN A 48 27.02 -1.93 -10.21
N THR A 49 27.66 -1.01 -10.91
CA THR A 49 28.15 0.19 -10.29
C THR A 49 27.07 1.27 -10.40
N LYS A 50 27.12 2.27 -9.53
CA LYS A 50 26.13 3.34 -9.54
C LYS A 50 25.87 3.87 -10.95
N ASP A 51 26.86 3.72 -11.81
CA ASP A 51 26.70 4.22 -13.17
C ASP A 51 25.44 3.57 -13.76
N SER A 52 25.31 2.25 -13.57
CA SER A 52 24.18 1.47 -14.11
C SER A 52 22.89 2.29 -14.22
N GLU A 53 22.42 2.34 -15.46
CA GLU A 53 21.23 3.08 -15.85
C GLU A 53 19.89 2.47 -15.40
N GLU A 54 19.82 1.16 -15.26
CA GLU A 54 18.54 0.55 -14.86
C GLU A 54 18.21 0.76 -13.37
N TRP A 55 19.13 0.44 -12.47
CA TRP A 55 18.82 0.57 -11.05
C TRP A 55 18.42 2.01 -10.75
N GLN A 56 19.02 2.97 -11.45
CA GLN A 56 18.64 4.35 -11.21
C GLN A 56 17.14 4.43 -11.53
N ARG A 57 16.76 3.93 -12.71
CA ARG A 57 15.36 3.96 -13.15
C ARG A 57 14.45 3.31 -12.11
N LEU A 58 14.96 2.33 -11.37
CA LEU A 58 14.16 1.71 -10.34
C LEU A 58 13.78 2.76 -9.29
N ASN A 59 14.78 3.51 -8.86
CA ASN A 59 14.54 4.54 -7.86
C ASN A 59 13.49 5.50 -8.41
N TYR A 60 13.65 5.86 -9.68
CA TYR A 60 12.72 6.74 -10.36
C TYR A 60 11.33 6.13 -10.41
N ASP A 61 11.25 4.79 -10.38
CA ASP A 61 9.97 4.10 -10.38
C ASP A 61 9.31 4.18 -9.00
N ILE A 62 10.13 4.07 -7.94
CA ILE A 62 9.64 4.16 -6.57
C ILE A 62 9.23 5.60 -6.30
N TYR A 63 10.01 6.51 -6.88
CA TYR A 63 9.74 7.94 -6.73
C TYR A 63 8.31 8.20 -7.19
N THR A 64 7.98 7.64 -8.34
CA THR A 64 6.64 7.79 -8.86
C THR A 64 5.65 7.26 -7.82
N LEU A 65 6.03 6.18 -7.15
CA LEU A 65 5.17 5.63 -6.12
C LEU A 65 4.85 6.73 -5.09
N ARG A 66 5.84 7.54 -4.77
CA ARG A 66 5.62 8.63 -3.82
C ARG A 66 4.55 9.57 -4.36
N GLN A 67 4.56 9.80 -5.67
CA GLN A 67 3.60 10.69 -6.29
C GLN A 67 2.16 10.21 -6.09
N ILE A 68 1.96 8.90 -6.08
CA ILE A 68 0.60 8.38 -5.90
C ILE A 68 0.13 8.61 -4.47
N ARG A 69 1.03 8.42 -3.51
CA ARG A 69 0.68 8.59 -2.11
C ARG A 69 0.25 10.02 -1.79
N ARG A 70 1.03 10.99 -2.25
CA ARG A 70 0.74 12.39 -1.96
C ARG A 70 -0.60 12.83 -2.57
N GLU A 71 -0.85 12.44 -3.82
CA GLU A 71 -2.10 12.84 -4.46
C GLU A 71 -3.30 12.28 -3.72
N VAL A 72 -3.22 11.02 -3.30
CA VAL A 72 -4.32 10.39 -2.58
C VAL A 72 -4.66 11.11 -1.28
N ARG A 73 -3.68 11.34 -0.44
CA ARG A 73 -3.95 12.00 0.83
C ARG A 73 -4.68 13.31 0.57
N ASN A 74 -4.33 13.95 -0.53
CA ASN A 74 -4.98 15.20 -0.93
C ASN A 74 -6.44 14.97 -1.36
N ARG A 75 -6.70 13.77 -1.88
CA ARG A 75 -8.07 13.41 -2.25
C ARG A 75 -8.89 13.08 -0.99
N TRP A 76 -8.37 12.16 -0.17
CA TRP A 76 -9.07 11.78 1.06
C TRP A 76 -9.22 13.01 1.94
N ARG A 77 -8.17 13.79 1.98
CA ARG A 77 -8.17 14.96 2.83
C ARG A 77 -9.42 15.81 2.54
N ARG A 78 -9.78 16.07 1.27
CA ARG A 78 -10.98 16.88 1.06
C ARG A 78 -12.29 16.13 1.47
N ILE A 79 -12.52 14.91 0.96
CA ILE A 79 -13.78 14.19 1.29
C ILE A 79 -13.93 14.02 2.79
N LEU A 80 -12.90 13.54 3.43
CA LEU A 80 -12.97 13.32 4.85
C LEU A 80 -13.09 14.63 5.62
N GLU A 81 -12.24 15.60 5.28
CA GLU A 81 -12.28 16.87 6.00
C GLU A 81 -13.70 17.45 5.90
N ASP A 82 -14.29 17.40 4.71
CA ASP A 82 -15.62 17.94 4.49
C ASP A 82 -16.70 17.27 5.33
N LEU A 83 -16.57 15.98 5.66
CA LEU A 83 -17.63 15.36 6.48
C LEU A 83 -17.30 15.41 7.97
N GLY A 84 -16.02 15.49 8.30
CA GLY A 84 -15.61 15.54 9.71
C GLY A 84 -15.32 14.15 10.29
N PHE A 85 -15.55 13.09 9.51
CA PHE A 85 -15.28 11.72 9.99
C PHE A 85 -13.86 11.28 9.60
N GLN A 86 -12.99 12.27 9.45
CA GLN A 86 -11.62 12.08 8.98
C GLN A 86 -10.77 11.00 9.67
N ARG A 87 -11.02 10.67 10.92
CA ARG A 87 -10.15 9.70 11.59
C ARG A 87 -9.99 8.32 10.89
N GLU A 88 -11.06 7.68 10.42
CA GLU A 88 -10.86 6.32 9.89
C GLU A 88 -9.91 6.25 8.67
N ALA A 89 -10.15 7.06 7.64
CA ALA A 89 -9.27 7.07 6.46
C ALA A 89 -7.94 7.77 6.75
N ASP A 90 -7.99 8.73 7.66
CA ASP A 90 -6.75 9.38 8.04
C ASP A 90 -5.83 8.31 8.62
N SER A 91 -6.42 7.47 9.46
CA SER A 91 -5.67 6.41 10.13
C SER A 91 -4.94 5.52 9.14
N LEU A 92 -5.58 5.13 8.03
CA LEU A 92 -4.86 4.21 7.13
C LEU A 92 -3.65 4.85 6.41
N LEU A 93 -3.74 6.06 5.86
CA LEU A 93 -2.59 6.59 5.09
C LEU A 93 -1.36 6.92 5.98
N SER A 94 -1.59 7.63 7.10
CA SER A 94 -0.52 8.05 8.06
C SER A 94 -0.93 9.33 8.81
N VAL A 95 -2.23 9.59 8.83
CA VAL A 95 -2.76 10.77 9.48
C VAL A 95 -3.60 10.43 10.70
N THR A 96 -3.11 9.50 11.53
CA THR A 96 -3.82 9.13 12.74
C THR A 96 -3.72 10.26 13.77
N LYS A 97 -4.49 11.31 13.56
CA LYS A 97 -4.48 12.46 14.45
C LYS A 97 -3.07 13.05 14.52
N LEU A 98 -2.22 12.70 13.55
CA LEU A 98 -0.86 13.20 13.50
C LEU A 98 -0.68 14.08 12.25
N SER A 99 -0.35 15.36 12.42
CA SER A 99 -0.09 16.15 11.23
C SER A 99 1.39 16.09 10.93
N THR A 100 1.79 15.49 9.81
CA THR A 100 3.22 15.38 9.51
C THR A 100 3.55 15.64 8.05
N MET A 101 4.67 16.33 7.82
CA MET A 101 5.13 16.57 6.46
C MET A 101 6.65 16.66 6.46
N SER A 102 7.27 16.20 5.37
CA SER A 102 8.73 16.24 5.25
C SER A 102 9.14 16.95 3.97
N ASP A 103 9.90 18.04 4.08
CA ASP A 103 10.30 18.75 2.88
C ASP A 103 11.39 17.99 2.11
N SER A 104 12.01 16.99 2.76
CA SER A 104 13.03 16.18 2.10
C SER A 104 12.33 14.99 1.40
N LYS A 105 12.94 14.45 0.35
CA LYS A 105 12.30 13.36 -0.41
C LYS A 105 12.14 12.07 0.41
N ASN A 106 10.92 11.50 0.39
CA ASN A 106 10.64 10.25 1.10
C ASN A 106 10.78 9.02 0.18
N THR A 107 10.19 9.11 -1.01
CA THR A 107 10.24 8.03 -2.01
C THR A 107 9.60 6.69 -1.53
N ARG A 108 10.39 5.83 -0.89
CA ARG A 108 9.95 4.50 -0.43
C ARG A 108 8.88 4.55 0.66
N LYS A 109 8.85 5.63 1.41
CA LYS A 109 7.90 5.78 2.52
C LYS A 109 6.44 5.65 2.06
N ALA A 110 6.16 5.97 0.80
CA ALA A 110 4.77 5.88 0.32
C ALA A 110 4.24 4.44 0.27
N ARG A 111 5.02 3.57 -0.33
CA ARG A 111 4.63 2.16 -0.48
C ARG A 111 4.36 1.52 0.87
N GLU A 112 5.18 1.85 1.85
CA GLU A 112 4.95 1.27 3.17
C GLU A 112 3.55 1.70 3.62
N MET A 113 3.29 2.99 3.45
CA MET A 113 2.01 3.56 3.86
C MET A 113 0.82 2.93 3.11
N LEU A 114 0.92 2.74 1.79
CA LEU A 114 -0.19 2.15 1.04
C LEU A 114 -0.40 0.69 1.47
N LEU A 115 0.69 -0.07 1.55
CA LEU A 115 0.57 -1.47 1.94
C LEU A 115 -0.13 -1.58 3.30
N LYS A 116 0.29 -0.74 4.25
CA LYS A 116 -0.32 -0.71 5.57
C LYS A 116 -1.75 -0.19 5.48
N LEU A 117 -2.02 0.66 4.49
CA LEU A 117 -3.36 1.20 4.34
C LEU A 117 -4.32 0.04 4.17
N ALA A 118 -4.01 -0.84 3.25
CA ALA A 118 -4.88 -1.98 2.95
C ALA A 118 -5.05 -2.91 4.15
N GLU A 119 -3.99 -3.05 4.94
CA GLU A 119 -4.07 -4.00 6.05
C GLU A 119 -4.94 -3.51 7.22
N GLU A 120 -4.91 -2.23 7.59
CA GLU A 120 -5.73 -1.85 8.73
C GLU A 120 -7.09 -1.33 8.34
N THR A 121 -7.24 -0.64 7.24
CA THR A 121 -8.55 -0.21 6.86
C THR A 121 -8.64 -0.31 5.36
N SER A 122 -9.83 -0.36 4.86
CA SER A 122 -10.00 -0.25 3.45
C SER A 122 -11.06 0.83 3.31
N ILE A 123 -11.11 1.61 2.25
CA ILE A 123 -12.25 2.52 2.20
C ILE A 123 -13.36 1.63 1.68
N PHE A 124 -13.14 1.11 0.48
CA PHE A 124 -14.03 0.13 -0.08
C PHE A 124 -13.63 -1.15 0.64
N PRO A 125 -14.42 -2.16 0.72
CA PRO A 125 -14.02 -3.39 1.49
C PRO A 125 -12.63 -3.92 1.14
N ALA A 126 -12.02 -4.62 2.12
CA ALA A 126 -10.61 -5.05 2.01
C ALA A 126 -10.30 -5.68 0.64
N SER A 127 -11.21 -6.44 0.04
CA SER A 127 -10.91 -7.04 -1.27
C SER A 127 -10.80 -5.98 -2.38
N TRP A 128 -10.97 -4.72 -1.97
CA TRP A 128 -10.82 -3.58 -2.86
C TRP A 128 -9.38 -3.08 -2.81
N GLU A 129 -8.75 -2.95 -3.96
CA GLU A 129 -7.40 -2.42 -4.04
C GLU A 129 -7.55 -1.00 -4.55
N LEU A 130 -6.62 -0.12 -4.24
CA LEU A 130 -6.72 1.23 -4.75
C LEU A 130 -5.39 1.71 -5.29
N SER A 131 -5.36 2.02 -6.56
CA SER A 131 -4.17 2.56 -7.16
C SER A 131 -4.41 4.04 -7.34
N GLU A 132 -3.41 4.77 -7.79
CA GLU A 132 -3.57 6.20 -7.94
C GLU A 132 -4.81 6.50 -8.78
N ARG A 133 -5.00 5.74 -9.85
CA ARG A 133 -6.14 5.95 -10.74
C ARG A 133 -7.50 5.53 -10.17
N TYR A 134 -7.58 4.39 -9.48
CA TYR A 134 -8.87 3.96 -8.91
C TYR A 134 -9.26 4.91 -7.81
N LEU A 135 -8.30 5.17 -6.95
CA LEU A 135 -8.59 6.07 -5.85
C LEU A 135 -9.15 7.37 -6.43
N LEU A 136 -8.46 8.00 -7.38
CA LEU A 136 -8.97 9.25 -7.94
C LEU A 136 -10.42 9.07 -8.42
N VAL A 137 -10.75 7.88 -8.90
CA VAL A 137 -12.13 7.62 -9.30
C VAL A 137 -13.01 7.73 -8.06
N VAL A 138 -12.48 7.22 -6.94
CA VAL A 138 -13.20 7.29 -5.68
C VAL A 138 -13.42 8.77 -5.35
N ASP A 139 -12.48 9.64 -5.75
CA ASP A 139 -12.68 11.05 -5.44
C ASP A 139 -13.99 11.48 -6.06
N ARG A 140 -14.17 11.26 -7.35
CA ARG A 140 -15.38 11.75 -8.00
C ARG A 140 -16.62 11.24 -7.27
N LEU A 141 -16.54 10.08 -6.64
CA LEU A 141 -17.70 9.59 -5.88
C LEU A 141 -17.99 10.60 -4.75
N ILE A 142 -16.91 11.04 -4.07
CA ILE A 142 -17.05 11.98 -2.93
C ILE A 142 -17.84 13.20 -3.40
N ALA A 143 -17.70 13.53 -4.68
CA ALA A 143 -18.37 14.66 -5.30
C ALA A 143 -19.89 14.60 -5.14
N LEU A 144 -20.42 13.41 -4.92
CA LEU A 144 -21.87 13.25 -4.75
C LEU A 144 -22.31 13.60 -3.33
N ASP A 145 -21.36 13.89 -2.43
CA ASP A 145 -21.71 14.23 -1.05
C ASP A 145 -22.46 13.06 -0.39
N ALA A 146 -21.91 11.88 -0.61
CA ALA A 146 -22.47 10.63 -0.09
C ALA A 146 -21.38 9.88 0.69
N ALA A 147 -20.42 10.63 1.23
CA ALA A 147 -19.31 10.05 1.97
C ALA A 147 -19.77 9.09 3.07
N GLU A 148 -20.93 9.31 3.66
CA GLU A 148 -21.38 8.42 4.72
C GLU A 148 -21.39 6.98 4.23
N ASP A 149 -21.61 6.81 2.92
CA ASP A 149 -21.59 5.48 2.35
C ASP A 149 -20.22 4.87 2.59
N PHE A 150 -19.17 5.69 2.46
CA PHE A 150 -17.82 5.22 2.68
C PHE A 150 -17.62 4.76 4.11
N PHE A 151 -18.27 5.44 5.05
CA PHE A 151 -18.06 5.10 6.45
C PHE A 151 -18.43 3.64 6.65
N LYS A 152 -19.64 3.27 6.23
CA LYS A 152 -20.14 1.90 6.42
C LYS A 152 -19.26 0.85 5.75
N ILE A 153 -18.78 1.14 4.55
CA ILE A 153 -17.94 0.19 3.83
C ILE A 153 -16.54 0.11 4.47
N ALA A 154 -15.94 1.28 4.71
CA ALA A 154 -14.63 1.32 5.31
C ALA A 154 -14.62 0.70 6.70
N SER A 155 -15.67 0.94 7.47
CA SER A 155 -15.77 0.35 8.82
C SER A 155 -15.82 -1.16 8.68
N GLN A 156 -16.61 -1.60 7.71
CA GLN A 156 -16.89 -3.01 7.49
C GLN A 156 -15.61 -3.82 7.28
N MET A 157 -14.54 -3.22 6.77
CA MET A 157 -13.30 -4.01 6.63
C MET A 157 -12.63 -4.21 8.01
N TYR A 158 -12.62 -3.17 8.82
CA TYR A 158 -11.98 -3.26 10.14
C TYR A 158 -12.94 -2.90 11.29
N PRO A 159 -14.05 -3.60 11.39
CA PRO A 159 -15.06 -3.38 12.47
C PRO A 159 -14.61 -3.92 13.82
N LYS A 160 -15.11 -3.36 14.90
CA LYS A 160 -14.78 -3.83 16.24
C LYS A 160 -16.01 -4.52 16.83
N LYS A 161 -15.81 -5.46 17.73
CA LYS A 161 -16.95 -6.14 18.37
C LYS A 161 -16.78 -6.07 19.89
N PRO A 162 -17.81 -5.75 20.65
CA PRO A 162 -17.69 -5.67 22.14
C PRO A 162 -17.45 -7.03 22.80
N GLY A 163 -16.36 -7.12 23.57
CA GLY A 163 -16.02 -8.38 24.24
C GLY A 163 -15.20 -9.30 23.33
N VAL A 164 -14.82 -8.79 22.16
CA VAL A 164 -14.04 -9.57 21.21
C VAL A 164 -12.57 -9.13 21.26
N PRO A 165 -11.63 -10.05 21.42
CA PRO A 165 -10.17 -9.72 21.48
C PRO A 165 -9.62 -9.24 20.15
N CYS A 166 -8.56 -8.45 20.21
CA CYS A 166 -7.94 -7.90 19.00
C CYS A 166 -7.44 -9.02 18.09
N LEU A 167 -7.85 -8.97 16.83
CA LEU A 167 -7.45 -9.97 15.85
C LEU A 167 -6.03 -9.72 15.36
N VAL A 168 -5.35 -10.80 14.98
CA VAL A 168 -3.98 -10.69 14.49
C VAL A 168 -3.96 -10.00 13.12
N ASP A 169 -3.09 -9.00 12.95
CA ASP A 169 -2.99 -8.29 11.69
C ASP A 169 -2.17 -9.10 10.69
N GLY A 170 -2.37 -8.84 9.39
CA GLY A 170 -1.63 -9.54 8.36
C GLY A 170 -2.54 -10.48 7.56
N GLN A 171 -3.60 -10.97 8.19
CA GLN A 171 -4.51 -11.88 7.50
C GLN A 171 -5.72 -11.12 6.93
N ARG A 172 -6.18 -11.57 5.76
CA ARG A 172 -7.33 -10.94 5.12
C ARG A 172 -8.61 -11.65 5.52
N LYS A 173 -9.69 -10.90 5.66
CA LYS A 173 -10.97 -11.47 6.05
C LYS A 173 -11.34 -12.64 5.14
N LEU A 174 -12.16 -13.55 5.65
CA LEU A 174 -12.59 -14.71 4.87
C LEU A 174 -13.84 -14.39 4.07
N HIS A 175 -13.95 -14.99 2.89
CA HIS A 175 -15.12 -14.77 2.04
C HIS A 175 -16.27 -15.66 2.47
N CYS A 176 -17.45 -15.07 2.60
CA CYS A 176 -18.63 -15.82 3.01
C CYS A 176 -19.03 -16.85 1.96
N LEU A 177 -18.76 -16.54 0.69
CA LEU A 177 -19.11 -17.46 -0.39
C LEU A 177 -17.97 -17.59 -1.39
N PRO A 178 -17.88 -18.70 -2.09
CA PRO A 178 -16.82 -18.94 -3.10
C PRO A 178 -17.05 -18.14 -4.39
N PHE A 179 -15.96 -17.76 -5.06
CA PHE A 179 -16.08 -16.99 -6.29
C PHE A 179 -16.21 -17.94 -7.49
N PRO A 180 -16.79 -17.49 -8.58
CA PRO A 180 -16.97 -18.34 -9.80
C PRO A 180 -15.64 -18.88 -10.31
N SER A 181 -15.65 -20.15 -10.73
CA SER A 181 -14.44 -20.77 -11.25
C SER A 181 -14.10 -20.21 -12.64
N PRO A 182 -12.88 -20.35 -13.07
CA PRO A 182 -12.45 -19.85 -14.41
C PRO A 182 -13.34 -20.35 -15.53
N GLY A 1 -31.81 -12.03 -6.13
CA GLY A 1 -31.68 -12.71 -7.45
C GLY A 1 -30.37 -13.50 -7.50
N ASN A 2 -29.26 -12.77 -7.52
CA ASN A 2 -27.95 -13.41 -7.55
C ASN A 2 -27.43 -13.65 -6.13
N ASN A 3 -27.46 -14.91 -5.71
CA ASN A 3 -26.98 -15.26 -4.37
C ASN A 3 -25.46 -15.16 -4.31
N PRO A 4 -24.91 -14.92 -3.14
CA PRO A 4 -23.42 -14.81 -2.96
C PRO A 4 -22.73 -16.17 -3.09
N TYR A 5 -21.46 -16.13 -3.50
CA TYR A 5 -20.69 -17.36 -3.66
C TYR A 5 -21.40 -18.32 -4.61
N SER A 6 -21.93 -17.78 -5.71
CA SER A 6 -22.63 -18.60 -6.69
C SER A 6 -21.95 -18.52 -8.05
N SER A 7 -22.03 -19.60 -8.81
CA SER A 7 -21.42 -19.64 -10.14
C SER A 7 -22.05 -18.59 -11.05
N PHE A 8 -23.36 -18.41 -10.93
CA PHE A 8 -24.07 -17.43 -11.74
C PHE A 8 -23.67 -16.02 -11.35
N GLY A 9 -23.69 -15.10 -12.31
CA GLY A 9 -23.33 -13.72 -12.06
C GLY A 9 -21.88 -13.44 -12.46
N ALA A 10 -21.10 -14.50 -12.64
CA ALA A 10 -19.69 -14.34 -13.02
C ALA A 10 -19.60 -13.67 -14.39
N THR A 11 -18.65 -12.75 -14.52
CA THR A 11 -18.46 -12.04 -15.78
C THR A 11 -17.35 -12.70 -16.60
N LEU A 12 -17.70 -13.17 -17.79
CA LEU A 12 -16.72 -13.83 -18.65
C LEU A 12 -15.56 -12.88 -18.97
N GLU A 13 -15.90 -11.67 -19.39
CA GLU A 13 -14.89 -10.68 -19.76
C GLU A 13 -13.98 -10.36 -18.57
N ARG A 14 -14.53 -10.31 -17.37
CA ARG A 14 -13.73 -10.01 -16.19
C ARG A 14 -12.81 -11.18 -15.85
N ASP A 15 -13.18 -12.38 -16.33
CA ASP A 15 -12.37 -13.56 -16.07
C ASP A 15 -11.49 -13.85 -17.31
N ASP A 16 -10.21 -14.14 -17.07
CA ASP A 16 -9.31 -14.43 -18.17
C ASP A 16 -9.67 -15.77 -18.82
N GLU A 17 -9.83 -15.75 -20.14
CA GLU A 17 -10.16 -16.97 -20.87
C GLU A 17 -9.04 -18.00 -20.77
N LYS A 18 -7.80 -17.51 -20.92
CA LYS A 18 -6.64 -18.39 -20.87
C LYS A 18 -6.50 -19.02 -19.48
N ASN A 19 -6.85 -18.26 -18.45
CA ASN A 19 -6.75 -18.75 -17.08
C ASN A 19 -5.38 -19.37 -16.83
N LEU A 20 -5.27 -20.16 -15.77
CA LEU A 20 -4.01 -20.81 -15.43
C LEU A 20 -2.91 -19.77 -15.23
N TRP A 21 -3.22 -18.72 -14.48
CA TRP A 21 -2.24 -17.66 -14.22
C TRP A 21 -1.05 -18.21 -13.42
N SER A 22 0.16 -17.85 -13.84
CA SER A 22 1.36 -18.32 -13.15
C SER A 22 2.30 -17.15 -12.87
N MET A 23 2.90 -17.16 -11.68
CA MET A 23 3.83 -16.10 -11.28
C MET A 23 5.12 -16.69 -10.74
N PRO A 24 5.90 -17.28 -11.59
CA PRO A 24 7.21 -17.92 -11.21
C PRO A 24 8.25 -16.89 -10.76
N HIS A 25 8.04 -15.63 -11.10
CA HIS A 25 8.97 -14.59 -10.71
C HIS A 25 8.53 -13.93 -9.40
N ASP A 26 7.22 -13.90 -9.18
CA ASP A 26 6.67 -13.29 -7.98
C ASP A 26 6.12 -14.37 -7.05
N VAL A 27 6.93 -15.41 -6.86
CA VAL A 27 6.51 -16.53 -6.01
C VAL A 27 6.68 -16.21 -4.53
N SER A 28 7.77 -15.51 -4.21
CA SER A 28 8.02 -15.11 -2.82
C SER A 28 7.61 -13.65 -2.62
N HIS A 29 7.13 -13.03 -3.69
CA HIS A 29 6.74 -11.64 -3.73
C HIS A 29 5.38 -11.34 -3.10
N THR A 30 5.27 -10.14 -2.56
CA THR A 30 4.08 -9.65 -1.89
C THR A 30 2.99 -9.45 -2.94
N GLU A 31 1.76 -9.11 -2.53
CA GLU A 31 0.69 -9.04 -3.50
C GLU A 31 1.04 -8.10 -4.65
N ALA A 32 1.66 -6.92 -4.40
CA ALA A 32 2.03 -6.11 -5.54
C ALA A 32 3.47 -6.47 -5.89
N ASP A 33 3.60 -7.21 -6.97
CA ASP A 33 4.89 -7.69 -7.42
C ASP A 33 5.78 -6.62 -8.04
N ASP A 34 5.20 -5.57 -8.60
CA ASP A 34 6.03 -4.55 -9.26
C ASP A 34 7.02 -3.92 -8.30
N ASP A 35 6.62 -3.64 -7.06
CA ASP A 35 7.53 -3.03 -6.11
C ASP A 35 8.66 -4.01 -5.74
N ARG A 36 8.30 -5.25 -5.45
CA ARG A 36 9.29 -6.25 -5.08
C ARG A 36 10.26 -6.53 -6.23
N ILE A 37 9.75 -6.73 -7.44
CA ILE A 37 10.60 -6.98 -8.60
C ILE A 37 11.54 -5.79 -8.78
N LEU A 38 11.01 -4.62 -8.50
CA LEU A 38 11.80 -3.42 -8.60
C LEU A 38 13.05 -3.64 -7.74
N TYR A 39 12.83 -4.01 -6.49
CA TYR A 39 13.96 -4.27 -5.60
C TYR A 39 14.91 -5.26 -6.24
N ASN A 40 14.39 -6.14 -7.09
CA ASN A 40 15.28 -7.08 -7.76
C ASN A 40 16.33 -6.25 -8.51
N LEU A 41 15.91 -5.17 -9.16
CA LEU A 41 16.86 -4.32 -9.87
C LEU A 41 17.95 -3.85 -8.89
N ILE A 42 17.58 -3.57 -7.66
CA ILE A 42 18.60 -3.15 -6.69
C ILE A 42 19.62 -4.27 -6.49
N VAL A 43 19.18 -5.51 -6.55
CA VAL A 43 20.12 -6.62 -6.39
C VAL A 43 21.19 -6.47 -7.46
N ILE A 44 20.79 -6.12 -8.69
CA ILE A 44 21.78 -5.95 -9.73
C ILE A 44 22.79 -4.93 -9.26
N ARG A 45 22.37 -3.98 -8.41
CA ARG A 45 23.31 -2.98 -7.92
C ARG A 45 24.45 -3.69 -7.19
N ASN A 46 24.13 -4.75 -6.48
CA ASN A 46 25.20 -5.51 -5.80
C ASN A 46 26.18 -6.05 -6.86
N GLN A 47 25.64 -6.23 -8.06
CA GLN A 47 26.45 -6.69 -9.23
C GLN A 47 26.91 -5.49 -10.11
N GLN A 48 26.25 -4.35 -9.91
CA GLN A 48 26.50 -3.14 -10.66
C GLN A 48 27.14 -2.01 -9.85
N THR A 49 27.83 -1.14 -10.56
CA THR A 49 28.44 0.03 -9.95
C THR A 49 27.53 1.22 -10.19
N LYS A 50 27.76 2.33 -9.51
CA LYS A 50 26.91 3.53 -9.63
C LYS A 50 26.57 3.89 -11.10
N ASP A 51 27.37 3.37 -12.03
CA ASP A 51 27.06 3.64 -13.43
C ASP A 51 25.64 3.11 -13.69
N SER A 52 25.39 1.90 -13.18
CA SER A 52 24.11 1.18 -13.32
C SER A 52 22.92 2.05 -13.71
N GLU A 53 22.69 2.17 -15.00
CA GLU A 53 21.59 2.96 -15.53
C GLU A 53 20.23 2.37 -15.15
N GLU A 54 20.16 1.04 -15.01
CA GLU A 54 18.89 0.42 -14.63
C GLU A 54 18.59 0.64 -13.15
N TRP A 55 19.55 0.33 -12.27
CA TRP A 55 19.31 0.49 -10.84
C TRP A 55 18.93 1.94 -10.52
N GLN A 56 19.53 2.90 -11.22
CA GLN A 56 19.13 4.27 -10.94
C GLN A 56 17.62 4.31 -11.22
N ARG A 57 17.23 3.76 -12.38
CA ARG A 57 15.82 3.71 -12.76
C ARG A 57 14.97 3.04 -11.69
N LEU A 58 15.53 2.10 -10.92
CA LEU A 58 14.76 1.48 -9.85
C LEU A 58 14.34 2.57 -8.87
N ASN A 59 15.29 3.41 -8.48
CA ASN A 59 15.01 4.49 -7.55
C ASN A 59 13.98 5.45 -8.15
N TYR A 60 14.19 5.84 -9.39
CA TYR A 60 13.29 6.75 -10.09
C TYR A 60 11.91 6.13 -10.25
N ASP A 61 11.86 4.80 -10.30
CA ASP A 61 10.59 4.10 -10.42
C ASP A 61 9.82 4.16 -9.10
N ILE A 62 10.56 4.02 -7.99
CA ILE A 62 9.96 4.09 -6.67
C ILE A 62 9.58 5.52 -6.35
N TYR A 63 10.37 6.45 -6.86
CA TYR A 63 10.10 7.86 -6.64
C TYR A 63 8.68 8.13 -7.10
N THR A 64 8.36 7.64 -8.29
CA THR A 64 7.01 7.79 -8.82
C THR A 64 6.05 7.12 -7.84
N LEU A 65 6.47 5.98 -7.30
CA LEU A 65 5.63 5.27 -6.35
C LEU A 65 5.27 6.22 -5.19
N ARG A 66 6.26 7.00 -4.76
CA ARG A 66 6.04 7.97 -3.67
C ARG A 66 4.93 8.94 -4.07
N GLN A 67 4.89 9.27 -5.35
CA GLN A 67 3.89 10.20 -5.86
C GLN A 67 2.49 9.63 -5.70
N ILE A 68 2.36 8.30 -5.75
CA ILE A 68 1.03 7.68 -5.60
C ILE A 68 0.56 7.77 -4.14
N ARG A 69 1.46 7.51 -3.19
CA ARG A 69 1.08 7.54 -1.77
C ARG A 69 0.61 8.93 -1.34
N ARG A 70 1.42 9.93 -1.70
CA ARG A 70 1.11 11.31 -1.31
C ARG A 70 -0.21 11.80 -1.91
N GLU A 71 -0.46 11.49 -3.18
CA GLU A 71 -1.69 11.95 -3.82
C GLU A 71 -2.92 11.37 -3.14
N VAL A 72 -2.88 10.09 -2.79
CA VAL A 72 -4.02 9.45 -2.13
C VAL A 72 -4.36 10.15 -0.81
N ARG A 73 -3.34 10.41 -0.01
CA ARG A 73 -3.57 11.08 1.27
C ARG A 73 -4.33 12.38 1.00
N ASN A 74 -3.99 13.02 -0.10
CA ASN A 74 -4.65 14.25 -0.50
C ASN A 74 -6.11 13.98 -0.91
N ARG A 75 -6.37 12.76 -1.38
CA ARG A 75 -7.74 12.39 -1.72
C ARG A 75 -8.53 12.09 -0.43
N TRP A 76 -8.01 11.20 0.43
CA TRP A 76 -8.71 10.84 1.66
C TRP A 76 -8.98 12.08 2.47
N ARG A 77 -8.00 12.95 2.50
CA ARG A 77 -8.19 14.17 3.23
C ARG A 77 -9.49 14.82 2.71
N ARG A 78 -9.63 14.96 1.40
CA ARG A 78 -10.84 15.58 0.81
C ARG A 78 -12.16 14.74 0.87
N ILE A 79 -12.10 13.41 0.67
CA ILE A 79 -13.36 12.59 0.68
C ILE A 79 -13.96 12.49 2.05
N LEU A 80 -13.16 12.10 3.02
CA LEU A 80 -13.68 11.95 4.36
C LEU A 80 -13.84 13.27 5.11
N GLU A 81 -12.89 14.20 4.96
CA GLU A 81 -13.00 15.46 5.71
C GLU A 81 -14.27 16.20 5.34
N ASP A 82 -14.57 16.32 4.05
CA ASP A 82 -15.76 17.05 3.67
C ASP A 82 -16.98 16.45 4.35
N LEU A 83 -16.92 15.17 4.66
CA LEU A 83 -18.06 14.54 5.32
C LEU A 83 -17.88 14.54 6.84
N GLY A 84 -16.64 14.62 7.31
CA GLY A 84 -16.38 14.66 8.74
C GLY A 84 -15.90 13.31 9.32
N PHE A 85 -15.82 12.24 8.51
CA PHE A 85 -15.35 10.95 9.06
C PHE A 85 -13.87 10.73 8.75
N GLN A 86 -13.14 11.82 8.62
CA GLN A 86 -11.73 11.82 8.24
C GLN A 86 -10.80 10.87 9.01
N ARG A 87 -11.04 10.60 10.28
CA ARG A 87 -10.09 9.75 11.03
C ARG A 87 -9.87 8.32 10.50
N GLU A 88 -10.92 7.57 10.15
CA GLU A 88 -10.69 6.16 9.76
C GLU A 88 -9.77 6.00 8.55
N ALA A 89 -10.04 6.72 7.46
CA ALA A 89 -9.22 6.66 6.24
C ALA A 89 -7.85 7.32 6.45
N ASP A 90 -7.86 8.30 7.35
CA ASP A 90 -6.62 8.96 7.73
C ASP A 90 -5.71 7.91 8.38
N SER A 91 -6.29 7.14 9.28
CA SER A 91 -5.53 6.13 10.02
C SER A 91 -4.81 5.15 9.08
N LEU A 92 -5.49 4.65 8.06
CA LEU A 92 -4.79 3.66 7.22
C LEU A 92 -3.56 4.23 6.50
N LEU A 93 -3.61 5.43 5.89
CA LEU A 93 -2.43 5.90 5.14
C LEU A 93 -1.22 6.24 6.04
N SER A 94 -1.47 6.97 7.13
CA SER A 94 -0.40 7.40 8.09
C SER A 94 -0.86 8.61 8.92
N VAL A 95 -2.16 8.72 9.08
CA VAL A 95 -2.72 9.84 9.81
C VAL A 95 -3.67 9.41 10.91
N THR A 96 -3.25 8.44 11.72
CA THR A 96 -4.07 7.99 12.84
C THR A 96 -4.00 9.06 13.92
N LYS A 97 -4.74 10.15 13.71
CA LYS A 97 -4.75 11.28 14.63
C LYS A 97 -3.35 11.89 14.72
N LEU A 98 -2.47 11.53 13.78
CA LEU A 98 -1.11 12.07 13.78
C LEU A 98 -0.91 12.95 12.52
N SER A 99 -0.62 14.25 12.69
CA SER A 99 -0.33 15.04 11.50
C SER A 99 1.18 15.01 11.27
N THR A 100 1.64 14.41 10.18
CA THR A 100 3.08 14.35 9.94
C THR A 100 3.47 14.61 8.49
N MET A 101 4.58 15.33 8.30
CA MET A 101 5.08 15.59 6.95
C MET A 101 6.60 15.70 6.98
N SER A 102 7.26 15.27 5.91
CA SER A 102 8.72 15.35 5.83
C SER A 102 9.14 16.09 4.55
N ASP A 103 9.84 17.20 4.69
CA ASP A 103 10.26 17.97 3.51
C ASP A 103 11.40 17.26 2.75
N SER A 104 12.04 16.28 3.39
CA SER A 104 13.10 15.53 2.72
C SER A 104 12.47 14.34 1.98
N LYS A 105 13.12 13.86 0.91
CA LYS A 105 12.54 12.79 0.09
C LYS A 105 12.39 11.46 0.84
N ASN A 106 11.17 10.87 0.74
CA ASN A 106 10.85 9.59 1.39
C ASN A 106 11.06 8.37 0.47
N THR A 107 10.54 8.48 -0.76
CA THR A 107 10.63 7.40 -1.76
C THR A 107 10.03 6.05 -1.26
N ARG A 108 10.89 5.15 -0.80
CA ARG A 108 10.47 3.82 -0.31
C ARG A 108 9.48 3.87 0.86
N LYS A 109 9.51 4.94 1.60
CA LYS A 109 8.63 5.07 2.76
C LYS A 109 7.15 4.99 2.35
N ALA A 110 6.84 5.35 1.10
CA ALA A 110 5.45 5.30 0.65
C ALA A 110 4.90 3.86 0.61
N ARG A 111 5.67 2.98 0.01
CA ARG A 111 5.30 1.57 -0.13
C ARG A 111 5.03 0.96 1.24
N GLU A 112 5.84 1.32 2.21
CA GLU A 112 5.63 0.78 3.54
C GLU A 112 4.22 1.19 3.98
N MET A 113 3.93 2.46 3.78
CA MET A 113 2.63 3.01 4.18
C MET A 113 1.47 2.30 3.48
N LEU A 114 1.56 2.07 2.17
CA LEU A 114 0.47 1.40 1.45
C LEU A 114 0.35 -0.06 1.95
N LEU A 115 1.48 -0.73 2.07
CA LEU A 115 1.44 -2.13 2.51
C LEU A 115 0.77 -2.23 3.89
N LYS A 116 1.16 -1.36 4.82
CA LYS A 116 0.56 -1.35 6.15
C LYS A 116 -0.89 -0.88 6.07
N LEU A 117 -1.17 -0.03 5.08
CA LEU A 117 -2.53 0.45 4.92
C LEU A 117 -3.44 -0.74 4.76
N ALA A 118 -3.07 -1.62 3.85
CA ALA A 118 -3.87 -2.80 3.57
C ALA A 118 -4.02 -3.69 4.80
N GLU A 119 -2.98 -3.74 5.62
CA GLU A 119 -3.06 -4.62 6.79
C GLU A 119 -4.02 -4.09 7.85
N GLU A 120 -4.08 -2.78 8.12
CA GLU A 120 -4.99 -2.37 9.19
C GLU A 120 -6.36 -2.00 8.69
N THR A 121 -6.52 -1.39 7.54
CA THR A 121 -7.84 -1.13 7.08
C THR A 121 -7.84 -1.30 5.58
N SER A 122 -8.98 -1.45 5.01
CA SER A 122 -9.08 -1.40 3.58
C SER A 122 -10.20 -0.40 3.31
N ILE A 123 -10.22 0.36 2.23
CA ILE A 123 -11.40 1.21 2.08
C ILE A 123 -12.47 0.23 1.64
N PHE A 124 -12.24 -0.40 0.50
CA PHE A 124 -13.10 -1.47 0.05
C PHE A 124 -12.57 -2.68 0.81
N PRO A 125 -13.27 -3.75 0.94
CA PRO A 125 -12.76 -4.91 1.76
C PRO A 125 -11.32 -5.34 1.39
N ALA A 126 -10.67 -5.95 2.39
CA ALA A 126 -9.23 -6.25 2.28
C ALA A 126 -8.84 -6.91 0.95
N SER A 127 -9.69 -7.74 0.34
CA SER A 127 -9.31 -8.36 -0.95
C SER A 127 -9.23 -7.30 -2.08
N TRP A 128 -9.59 -6.07 -1.71
CA TRP A 128 -9.48 -4.93 -2.61
C TRP A 128 -8.11 -4.30 -2.38
N GLU A 129 -7.33 -4.12 -3.46
CA GLU A 129 -6.03 -3.48 -3.36
C GLU A 129 -6.26 -2.00 -3.53
N LEU A 130 -5.40 -1.15 -3.00
CA LEU A 130 -5.61 0.26 -3.23
C LEU A 130 -4.56 0.80 -4.17
N SER A 131 -5.02 1.22 -5.34
CA SER A 131 -4.15 1.82 -6.32
C SER A 131 -4.45 3.30 -6.51
N GLU A 132 -3.47 4.02 -7.02
CA GLU A 132 -3.63 5.44 -7.22
C GLU A 132 -4.84 5.74 -8.12
N ARG A 133 -5.00 4.98 -9.20
CA ARG A 133 -6.10 5.20 -10.16
C ARG A 133 -7.49 4.77 -9.67
N TYR A 134 -7.61 3.59 -9.05
CA TYR A 134 -8.92 3.14 -8.58
C TYR A 134 -9.42 4.08 -7.50
N LEU A 135 -8.50 4.43 -6.65
CA LEU A 135 -8.83 5.32 -5.56
C LEU A 135 -9.47 6.58 -6.17
N LEU A 136 -8.82 7.23 -7.14
CA LEU A 136 -9.41 8.42 -7.75
C LEU A 136 -10.82 8.12 -8.27
N VAL A 137 -11.05 6.90 -8.74
CA VAL A 137 -12.40 6.55 -9.20
C VAL A 137 -13.33 6.62 -7.99
N VAL A 138 -12.83 6.12 -6.86
CA VAL A 138 -13.59 6.13 -5.64
C VAL A 138 -13.93 7.57 -5.27
N ASP A 139 -13.02 8.51 -5.60
CA ASP A 139 -13.30 9.89 -5.26
C ASP A 139 -14.64 10.24 -5.90
N ARG A 140 -14.78 9.98 -7.19
CA ARG A 140 -16.02 10.34 -7.85
C ARG A 140 -17.23 9.72 -7.15
N LEU A 141 -17.09 8.53 -6.56
CA LEU A 141 -18.25 7.95 -5.85
C LEU A 141 -18.60 8.79 -4.61
N ILE A 142 -17.59 9.11 -3.80
CA ILE A 142 -17.82 9.93 -2.58
C ILE A 142 -18.49 11.24 -2.98
N ALA A 143 -18.19 11.69 -4.18
CA ALA A 143 -18.76 12.92 -4.74
C ALA A 143 -20.29 12.86 -4.73
N LEU A 144 -20.83 11.64 -4.67
CA LEU A 144 -22.28 11.44 -4.62
C LEU A 144 -22.80 11.66 -3.20
N ASP A 145 -21.88 11.88 -2.25
CA ASP A 145 -22.22 12.10 -0.85
C ASP A 145 -22.77 10.84 -0.20
N ALA A 146 -22.13 9.70 -0.45
CA ALA A 146 -22.53 8.41 0.12
C ALA A 146 -21.29 7.78 0.80
N ALA A 147 -20.35 8.62 1.22
CA ALA A 147 -19.09 8.17 1.83
C ALA A 147 -19.33 7.28 3.06
N GLU A 148 -20.41 7.49 3.77
CA GLU A 148 -20.67 6.68 4.95
C GLU A 148 -20.63 5.22 4.56
N ASP A 149 -20.96 4.93 3.29
CA ASP A 149 -20.91 3.57 2.79
C ASP A 149 -19.49 3.04 2.93
N PHE A 150 -18.50 3.92 2.66
CA PHE A 150 -17.11 3.52 2.77
C PHE A 150 -16.83 3.04 4.17
N PHE A 151 -17.33 3.77 5.12
CA PHE A 151 -17.08 3.39 6.51
C PHE A 151 -17.53 1.94 6.73
N LYS A 152 -18.75 1.60 6.37
CA LYS A 152 -19.25 0.24 6.58
C LYS A 152 -18.37 -0.82 5.91
N ILE A 153 -17.87 -0.51 4.72
CA ILE A 153 -17.01 -1.47 4.01
C ILE A 153 -15.59 -1.50 4.61
N ALA A 154 -14.99 -0.34 4.82
CA ALA A 154 -13.68 -0.27 5.39
C ALA A 154 -13.65 -0.90 6.79
N SER A 155 -14.72 -0.68 7.56
CA SER A 155 -14.83 -1.27 8.89
C SER A 155 -14.84 -2.79 8.73
N GLN A 156 -15.58 -3.23 7.73
CA GLN A 156 -15.80 -4.65 7.49
C GLN A 156 -14.47 -5.39 7.33
N MET A 157 -13.43 -4.71 6.89
CA MET A 157 -12.13 -5.38 6.80
C MET A 157 -11.49 -5.52 8.20
N TYR A 158 -11.62 -4.47 9.01
CA TYR A 158 -11.02 -4.48 10.35
C TYR A 158 -12.07 -4.28 11.47
N PRO A 159 -13.12 -5.08 11.49
CA PRO A 159 -14.20 -5.00 12.51
C PRO A 159 -13.79 -5.60 13.86
N LYS A 160 -14.42 -5.13 14.93
CA LYS A 160 -14.18 -5.67 16.26
C LYS A 160 -15.54 -5.97 16.86
N LYS A 161 -15.66 -6.95 17.75
CA LYS A 161 -16.95 -7.24 18.36
C LYS A 161 -16.83 -7.27 19.89
N PRO A 162 -17.71 -6.63 20.62
CA PRO A 162 -17.65 -6.66 22.12
C PRO A 162 -17.94 -8.05 22.66
N GLY A 163 -17.05 -8.60 23.48
CA GLY A 163 -17.28 -9.94 24.00
C GLY A 163 -16.49 -11.00 23.22
N VAL A 164 -15.61 -10.56 22.32
CA VAL A 164 -14.82 -11.50 21.55
C VAL A 164 -13.95 -12.34 22.51
N PRO A 165 -14.12 -13.65 22.56
CA PRO A 165 -13.37 -14.52 23.49
C PRO A 165 -11.96 -14.89 23.02
N CYS A 166 -11.08 -15.09 24.00
CA CYS A 166 -9.69 -15.47 23.73
C CYS A 166 -9.66 -16.82 23.02
N LEU A 167 -8.57 -17.08 22.30
CA LEU A 167 -8.45 -18.34 21.58
C LEU A 167 -7.99 -19.45 22.51
N VAL A 168 -8.88 -20.40 22.80
CA VAL A 168 -8.57 -21.51 23.69
C VAL A 168 -8.15 -22.76 22.90
N ASP A 169 -7.10 -23.44 23.34
CA ASP A 169 -6.65 -24.66 22.67
C ASP A 169 -7.69 -25.76 22.82
N GLY A 170 -7.66 -26.74 21.92
CA GLY A 170 -8.61 -27.84 21.98
C GLY A 170 -9.79 -27.61 21.02
N GLN A 171 -9.66 -26.61 20.15
CA GLN A 171 -10.71 -26.30 19.19
C GLN A 171 -10.64 -27.28 18.02
N ARG A 172 -11.76 -27.48 17.34
CA ARG A 172 -11.78 -28.41 16.22
C ARG A 172 -10.67 -28.05 15.23
N LYS A 173 -10.19 -29.04 14.48
CA LYS A 173 -9.12 -28.81 13.52
C LYS A 173 -9.56 -27.84 12.42
N LEU A 174 -8.69 -26.90 12.06
CA LEU A 174 -9.01 -25.93 11.01
C LEU A 174 -9.17 -26.66 9.68
N HIS A 175 -10.11 -26.18 8.86
CA HIS A 175 -10.35 -26.80 7.56
C HIS A 175 -9.16 -26.60 6.62
N CYS A 176 -8.87 -27.61 5.82
CA CYS A 176 -7.76 -27.54 4.88
C CYS A 176 -8.03 -26.52 3.79
N LEU A 177 -9.32 -26.34 3.46
CA LEU A 177 -9.69 -25.38 2.42
C LEU A 177 -9.73 -23.98 3.01
N PRO A 178 -9.47 -22.96 2.21
CA PRO A 178 -9.47 -21.54 2.69
C PRO A 178 -10.88 -21.03 2.94
N PHE A 179 -11.01 -20.13 3.91
CA PHE A 179 -12.32 -19.57 4.24
C PHE A 179 -12.59 -18.32 3.39
N PRO A 180 -13.83 -17.95 3.22
CA PRO A 180 -14.21 -16.76 2.40
C PRO A 180 -13.50 -15.49 2.89
N SER A 181 -13.06 -14.68 1.93
CA SER A 181 -12.37 -13.43 2.26
C SER A 181 -13.37 -12.40 2.78
N PRO A 182 -12.90 -11.40 3.50
CA PRO A 182 -13.79 -10.35 4.07
C PRO A 182 -14.68 -9.72 3.01
N GLY A 1 10.12 -37.73 -11.04
CA GLY A 1 10.37 -37.15 -9.68
C GLY A 1 10.97 -35.76 -9.83
N ASN A 2 11.14 -35.07 -8.72
CA ASN A 2 11.71 -33.73 -8.74
C ASN A 2 13.23 -33.78 -8.58
N ASN A 3 13.93 -33.53 -9.67
CA ASN A 3 15.39 -33.55 -9.65
C ASN A 3 15.96 -32.30 -10.31
N PRO A 4 15.96 -31.20 -9.61
CA PRO A 4 16.49 -29.91 -10.15
C PRO A 4 17.96 -30.00 -10.56
N TYR A 5 18.33 -29.28 -11.61
CA TYR A 5 19.71 -29.30 -12.09
C TYR A 5 20.32 -27.91 -12.01
N SER A 6 21.62 -27.85 -11.72
CA SER A 6 22.31 -26.58 -11.61
C SER A 6 22.38 -25.88 -12.96
N SER A 7 22.40 -24.55 -12.94
CA SER A 7 22.46 -23.79 -14.18
C SER A 7 23.76 -24.07 -14.94
N PHE A 8 23.67 -24.08 -16.26
CA PHE A 8 24.84 -24.35 -17.09
C PHE A 8 25.66 -23.07 -17.30
N GLY A 9 26.96 -23.17 -17.04
CA GLY A 9 27.85 -22.03 -17.21
C GLY A 9 27.68 -21.01 -16.08
N ALA A 10 26.50 -20.39 -16.03
CA ALA A 10 26.22 -19.39 -15.01
C ALA A 10 26.23 -20.01 -13.63
N THR A 11 26.72 -19.26 -12.64
CA THR A 11 26.78 -19.75 -11.28
C THR A 11 25.44 -19.52 -10.59
N LEU A 12 25.18 -20.27 -9.52
CA LEU A 12 23.90 -20.16 -8.82
C LEU A 12 23.57 -18.69 -8.52
N GLU A 13 24.52 -17.95 -7.95
CA GLU A 13 24.28 -16.53 -7.63
C GLU A 13 24.46 -15.65 -8.87
N ARG A 14 25.43 -16.01 -9.71
CA ARG A 14 25.73 -15.22 -10.91
C ARG A 14 24.65 -15.36 -11.97
N ASP A 15 23.81 -16.38 -11.85
CA ASP A 15 22.75 -16.61 -12.82
C ASP A 15 21.83 -15.39 -12.92
N ASP A 16 21.52 -14.99 -14.14
CA ASP A 16 20.66 -13.84 -14.37
C ASP A 16 19.27 -14.06 -13.79
N GLU A 17 18.71 -13.00 -13.22
CA GLU A 17 17.38 -13.07 -12.62
C GLU A 17 16.34 -13.39 -13.69
N LYS A 18 16.53 -12.83 -14.88
CA LYS A 18 15.60 -13.04 -15.99
C LYS A 18 15.57 -14.51 -16.39
N ASN A 19 16.73 -15.17 -16.30
CA ASN A 19 16.82 -16.57 -16.66
C ASN A 19 16.47 -16.76 -18.14
N LEU A 20 15.92 -17.92 -18.51
CA LEU A 20 15.57 -18.18 -19.90
C LEU A 20 14.49 -17.20 -20.37
N TRP A 21 13.51 -16.94 -19.51
CA TRP A 21 12.43 -16.02 -19.87
C TRP A 21 11.51 -15.77 -18.68
N SER A 22 10.93 -16.84 -18.16
CA SER A 22 10.00 -16.74 -17.03
C SER A 22 10.74 -16.37 -15.74
N MET A 23 9.97 -15.87 -14.76
CA MET A 23 10.54 -15.48 -13.48
C MET A 23 9.69 -16.03 -12.33
N PRO A 24 9.76 -17.31 -12.10
CA PRO A 24 8.99 -18.01 -11.02
C PRO A 24 9.22 -17.41 -9.63
N HIS A 25 10.33 -16.69 -9.47
CA HIS A 25 10.65 -16.09 -8.17
C HIS A 25 9.63 -15.03 -7.75
N ASP A 26 8.82 -14.56 -8.71
CA ASP A 26 7.83 -13.53 -8.41
C ASP A 26 6.50 -14.13 -7.97
N VAL A 27 6.55 -15.29 -7.33
CA VAL A 27 5.34 -15.94 -6.83
C VAL A 27 4.97 -15.42 -5.44
N SER A 28 6.00 -15.18 -4.64
CA SER A 28 5.85 -14.70 -3.27
C SER A 28 5.70 -13.19 -3.21
N HIS A 29 5.51 -12.58 -4.38
CA HIS A 29 5.39 -11.14 -4.49
C HIS A 29 4.26 -10.51 -3.68
N THR A 30 4.52 -9.29 -3.26
CA THR A 30 3.59 -8.51 -2.48
C THR A 30 2.46 -8.15 -3.45
N GLU A 31 1.38 -7.52 -2.99
CA GLU A 31 0.26 -7.33 -3.88
C GLU A 31 0.71 -6.65 -5.16
N ALA A 32 1.58 -5.64 -5.11
CA ALA A 32 2.05 -5.06 -6.35
C ALA A 32 3.44 -5.63 -6.64
N ASP A 33 3.49 -6.53 -7.61
CA ASP A 33 4.74 -7.21 -7.95
C ASP A 33 5.80 -6.25 -8.47
N ASP A 34 5.38 -5.14 -9.06
CA ASP A 34 6.33 -4.18 -9.59
C ASP A 34 7.26 -3.68 -8.49
N ASP A 35 6.73 -3.45 -7.30
CA ASP A 35 7.56 -2.99 -6.20
C ASP A 35 8.57 -4.05 -5.75
N ARG A 36 8.09 -5.29 -5.59
CA ARG A 36 8.98 -6.36 -5.15
C ARG A 36 10.06 -6.68 -6.18
N ILE A 37 9.65 -6.87 -7.44
CA ILE A 37 10.60 -7.16 -8.50
C ILE A 37 11.55 -5.98 -8.64
N LEU A 38 11.10 -4.82 -8.19
CA LEU A 38 11.97 -3.66 -8.24
C LEU A 38 13.16 -3.95 -7.33
N TYR A 39 12.90 -4.32 -6.11
CA TYR A 39 14.00 -4.58 -5.18
C TYR A 39 14.97 -5.59 -5.81
N ASN A 40 14.46 -6.48 -6.62
CA ASN A 40 15.36 -7.40 -7.31
C ASN A 40 16.34 -6.55 -8.14
N LEU A 41 15.82 -5.51 -8.81
CA LEU A 41 16.67 -4.63 -9.61
C LEU A 41 17.81 -4.05 -8.76
N ILE A 42 17.53 -3.66 -7.52
CA ILE A 42 18.60 -3.13 -6.68
C ILE A 42 19.69 -4.18 -6.48
N VAL A 43 19.29 -5.46 -6.41
CA VAL A 43 20.31 -6.49 -6.26
C VAL A 43 21.28 -6.37 -7.42
N ILE A 44 20.78 -6.15 -8.64
CA ILE A 44 21.69 -6.03 -9.77
C ILE A 44 22.68 -4.92 -9.44
N ARG A 45 22.27 -3.92 -8.66
CA ARG A 45 23.20 -2.84 -8.30
C ARG A 45 24.40 -3.45 -7.57
N ASN A 46 24.15 -4.48 -6.78
CA ASN A 46 25.26 -5.13 -6.08
C ASN A 46 26.23 -5.69 -7.15
N GLN A 47 25.68 -5.91 -8.34
CA GLN A 47 26.46 -6.38 -9.49
C GLN A 47 26.88 -5.20 -10.42
N GLN A 48 26.09 -4.13 -10.36
CA GLN A 48 26.30 -2.94 -11.19
C GLN A 48 26.79 -1.71 -10.42
N THR A 49 27.42 -0.82 -11.15
CA THR A 49 27.89 0.42 -10.55
C THR A 49 26.81 1.48 -10.69
N LYS A 50 26.90 2.53 -9.88
CA LYS A 50 25.92 3.62 -9.90
C LYS A 50 25.64 4.07 -11.33
N ASP A 51 26.63 3.92 -12.19
CA ASP A 51 26.44 4.36 -13.57
C ASP A 51 25.20 3.65 -14.13
N SER A 52 25.10 2.33 -13.88
CA SER A 52 24.00 1.50 -14.36
C SER A 52 22.68 2.26 -14.53
N GLU A 53 22.20 2.25 -15.76
CA GLU A 53 20.96 2.90 -16.19
C GLU A 53 19.66 2.24 -15.71
N GLU A 54 19.67 0.91 -15.53
CA GLU A 54 18.43 0.25 -15.10
C GLU A 54 18.12 0.48 -13.62
N TRP A 55 19.06 0.23 -12.72
CA TRP A 55 18.76 0.38 -11.31
C TRP A 55 18.34 1.82 -11.01
N GLN A 56 18.93 2.78 -11.72
CA GLN A 56 18.52 4.16 -11.48
C GLN A 56 17.02 4.23 -11.78
N ARG A 57 16.62 3.71 -12.95
CA ARG A 57 15.23 3.71 -13.39
C ARG A 57 14.32 3.06 -12.35
N LEU A 58 14.84 2.11 -11.59
CA LEU A 58 14.05 1.48 -10.53
C LEU A 58 13.66 2.54 -9.51
N ASN A 59 14.62 3.36 -9.15
CA ASN A 59 14.37 4.41 -8.17
C ASN A 59 13.25 5.31 -8.69
N TYR A 60 13.33 5.62 -9.98
CA TYR A 60 12.33 6.44 -10.66
C TYR A 60 10.96 5.76 -10.62
N ASP A 61 10.95 4.44 -10.52
CA ASP A 61 9.69 3.70 -10.43
C ASP A 61 9.10 3.85 -9.02
N ILE A 62 9.96 3.88 -8.00
CA ILE A 62 9.51 4.07 -6.61
C ILE A 62 9.04 5.51 -6.44
N TYR A 63 9.75 6.43 -7.08
CA TYR A 63 9.42 7.84 -7.00
C TYR A 63 7.97 8.00 -7.45
N THR A 64 7.63 7.38 -8.56
CA THR A 64 6.28 7.43 -9.08
C THR A 64 5.34 6.88 -8.01
N LEU A 65 5.79 5.85 -7.31
CA LEU A 65 4.99 5.26 -6.24
C LEU A 65 4.65 6.35 -5.22
N ARG A 66 5.61 7.23 -4.93
CA ARG A 66 5.36 8.31 -3.99
C ARG A 66 4.22 9.21 -4.51
N GLN A 67 4.21 9.41 -5.82
CA GLN A 67 3.19 10.27 -6.43
C GLN A 67 1.79 9.68 -6.25
N ILE A 68 1.66 8.35 -6.22
CA ILE A 68 0.34 7.75 -6.06
C ILE A 68 -0.18 7.97 -4.64
N ARG A 69 0.71 7.85 -3.66
CA ARG A 69 0.32 8.02 -2.26
C ARG A 69 -0.21 9.44 -2.02
N ARG A 70 0.53 10.42 -2.53
CA ARG A 70 0.15 11.83 -2.34
C ARG A 70 -1.22 12.13 -2.95
N GLU A 71 -1.47 11.64 -4.15
CA GLU A 71 -2.75 11.91 -4.81
C GLU A 71 -3.93 11.37 -4.01
N VAL A 72 -3.81 10.16 -3.47
CA VAL A 72 -4.90 9.60 -2.69
C VAL A 72 -5.23 10.44 -1.48
N ARG A 73 -4.23 10.82 -0.71
CA ARG A 73 -4.48 11.62 0.48
C ARG A 73 -5.27 12.87 0.11
N ASN A 74 -4.96 13.42 -1.05
CA ASN A 74 -5.66 14.60 -1.55
C ASN A 74 -7.11 14.24 -1.90
N ARG A 75 -7.32 12.96 -2.24
CA ARG A 75 -8.67 12.49 -2.52
C ARG A 75 -9.41 12.30 -1.19
N TRP A 76 -8.79 11.54 -0.27
CA TRP A 76 -9.41 11.28 1.02
C TRP A 76 -9.77 12.60 1.68
N ARG A 77 -8.83 13.51 1.60
CA ARG A 77 -9.04 14.79 2.21
C ARG A 77 -10.37 15.36 1.70
N ARG A 78 -10.60 15.39 0.38
CA ARG A 78 -11.86 15.92 -0.17
C ARG A 78 -13.14 15.10 0.16
N ILE A 79 -13.05 13.76 0.20
CA ILE A 79 -14.25 12.94 0.53
C ILE A 79 -14.57 12.99 2.01
N LEU A 80 -13.55 12.75 2.80
CA LEU A 80 -13.71 12.72 4.22
C LEU A 80 -13.99 14.13 4.79
N GLU A 81 -13.30 15.14 4.27
CA GLU A 81 -13.52 16.50 4.76
C GLU A 81 -14.99 16.85 4.59
N ASP A 82 -15.55 16.55 3.42
CA ASP A 82 -16.95 16.88 3.15
C ASP A 82 -17.93 16.29 4.18
N LEU A 83 -17.67 15.09 4.72
CA LEU A 83 -18.62 14.53 5.70
C LEU A 83 -18.23 14.86 7.14
N GLY A 84 -16.95 15.11 7.41
CA GLY A 84 -16.51 15.41 8.78
C GLY A 84 -16.19 14.14 9.57
N PHE A 85 -16.39 12.97 8.97
CA PHE A 85 -16.10 11.69 9.64
C PHE A 85 -14.71 11.16 9.23
N GLN A 86 -13.83 12.12 8.99
CA GLN A 86 -12.46 11.92 8.52
C GLN A 86 -11.57 10.90 9.26
N ARG A 87 -11.76 10.65 10.54
CA ARG A 87 -10.84 9.79 11.28
C ARG A 87 -10.60 8.37 10.72
N GLU A 88 -11.64 7.65 10.31
CA GLU A 88 -11.39 6.24 9.90
C GLU A 88 -10.38 6.14 8.74
N ALA A 89 -10.59 6.88 7.68
CA ALA A 89 -9.67 6.89 6.54
C ALA A 89 -8.34 7.56 6.88
N ASP A 90 -8.41 8.49 7.82
CA ASP A 90 -7.20 9.15 8.31
C ASP A 90 -6.26 8.06 8.80
N SER A 91 -6.84 7.16 9.59
CA SER A 91 -6.09 6.10 10.23
C SER A 91 -5.31 5.32 9.20
N LEU A 92 -5.87 5.08 8.02
CA LEU A 92 -5.10 4.24 7.12
C LEU A 92 -3.91 4.97 6.45
N LEU A 93 -4.08 6.19 5.92
CA LEU A 93 -2.93 6.81 5.23
C LEU A 93 -1.83 7.30 6.18
N SER A 94 -2.20 8.02 7.27
CA SER A 94 -1.26 8.61 8.29
C SER A 94 -1.76 9.99 8.78
N VAL A 95 -3.02 10.29 8.50
CA VAL A 95 -3.61 11.58 8.88
C VAL A 95 -4.25 11.53 10.27
N THR A 96 -3.52 11.01 11.25
CA THR A 96 -4.04 10.92 12.63
C THR A 96 -3.93 12.25 13.36
N LYS A 97 -4.67 13.23 12.87
CA LYS A 97 -4.68 14.55 13.49
C LYS A 97 -3.28 15.15 13.56
N LEU A 98 -2.41 14.69 12.67
CA LEU A 98 -1.06 15.21 12.62
C LEU A 98 -0.83 15.94 11.29
N SER A 99 -0.49 17.23 11.34
CA SER A 99 -0.18 17.88 10.07
C SER A 99 1.31 17.76 9.84
N THR A 100 1.74 17.04 8.82
CA THR A 100 3.17 16.87 8.59
C THR A 100 3.55 16.96 7.12
N MET A 101 4.64 17.68 6.83
CA MET A 101 5.12 17.76 5.46
C MET A 101 6.66 17.68 5.46
N SER A 102 7.22 17.08 4.42
CA SER A 102 8.67 16.97 4.31
C SER A 102 9.15 17.53 2.97
N ASP A 103 9.97 18.57 2.99
CA ASP A 103 10.45 19.14 1.73
C ASP A 103 11.50 18.24 1.07
N SER A 104 12.05 17.29 1.84
CA SER A 104 13.03 16.36 1.29
C SER A 104 12.28 15.13 0.74
N LYS A 105 12.81 14.51 -0.31
CA LYS A 105 12.11 13.38 -0.97
C LYS A 105 11.98 12.14 -0.05
N ASN A 106 10.76 11.57 -0.02
CA ASN A 106 10.46 10.38 0.78
C ASN A 106 10.60 9.07 -0.04
N THR A 107 10.01 9.08 -1.24
CA THR A 107 10.01 7.92 -2.16
C THR A 107 9.42 6.63 -1.55
N ARG A 108 10.27 5.80 -0.96
CA ARG A 108 9.88 4.50 -0.37
C ARG A 108 8.79 4.61 0.71
N LYS A 109 8.71 5.76 1.34
CA LYS A 109 7.74 5.98 2.42
C LYS A 109 6.29 5.74 1.99
N ALA A 110 5.96 5.95 0.71
CA ALA A 110 4.58 5.77 0.27
C ALA A 110 4.11 4.31 0.39
N ARG A 111 4.93 3.41 -0.12
CA ARG A 111 4.60 1.98 -0.11
C ARG A 111 4.31 1.48 1.30
N GLU A 112 5.09 1.94 2.26
CA GLU A 112 4.87 1.50 3.63
C GLU A 112 3.46 1.93 4.04
N MET A 113 3.15 3.19 3.75
CA MET A 113 1.86 3.76 4.13
C MET A 113 0.69 2.98 3.49
N LEU A 114 0.79 2.68 2.18
CA LEU A 114 -0.30 1.94 1.53
C LEU A 114 -0.38 0.51 2.05
N LEU A 115 0.76 -0.13 2.21
CA LEU A 115 0.75 -1.52 2.68
C LEU A 115 -0.02 -1.59 4.01
N LYS A 116 0.24 -0.62 4.89
CA LYS A 116 -0.46 -0.54 6.16
C LYS A 116 -1.95 -0.24 5.96
N LEU A 117 -2.25 0.47 4.87
CA LEU A 117 -3.65 0.80 4.60
C LEU A 117 -4.44 -0.48 4.40
N ALA A 118 -3.97 -1.37 3.56
CA ALA A 118 -4.70 -2.60 3.31
C ALA A 118 -4.83 -3.45 4.56
N GLU A 119 -3.82 -3.44 5.41
CA GLU A 119 -3.86 -4.29 6.58
C GLU A 119 -4.81 -3.82 7.67
N GLU A 120 -4.96 -2.52 7.96
CA GLU A 120 -5.85 -2.22 9.08
C GLU A 120 -7.24 -1.95 8.61
N THR A 121 -7.42 -1.36 7.47
CA THR A 121 -8.75 -1.16 7.01
C THR A 121 -8.75 -1.31 5.52
N SER A 122 -9.89 -1.39 4.96
CA SER A 122 -10.00 -1.35 3.55
C SER A 122 -11.06 -0.28 3.30
N ILE A 123 -10.99 0.56 2.29
CA ILE A 123 -12.13 1.49 2.19
C ILE A 123 -13.27 0.57 1.78
N PHE A 124 -13.11 -0.06 0.64
CA PHE A 124 -14.02 -1.08 0.19
C PHE A 124 -13.52 -2.31 0.94
N PRO A 125 -14.26 -3.36 1.09
CA PRO A 125 -13.79 -4.55 1.88
C PRO A 125 -12.38 -5.05 1.51
N ALA A 126 -11.74 -5.70 2.48
CA ALA A 126 -10.31 -6.09 2.38
C ALA A 126 -9.96 -6.74 1.04
N SER A 127 -10.81 -7.57 0.46
CA SER A 127 -10.45 -8.20 -0.81
C SER A 127 -10.39 -7.14 -1.94
N TRP A 128 -10.83 -5.93 -1.61
CA TRP A 128 -10.75 -4.81 -2.53
C TRP A 128 -9.36 -4.18 -2.42
N GLU A 129 -8.68 -4.04 -3.55
CA GLU A 129 -7.39 -3.37 -3.59
C GLU A 129 -7.67 -1.96 -4.06
N LEU A 130 -6.83 -1.00 -3.71
CA LEU A 130 -7.06 0.34 -4.20
C LEU A 130 -5.78 0.94 -4.74
N SER A 131 -5.78 1.27 -6.00
CA SER A 131 -4.63 1.87 -6.62
C SER A 131 -4.93 3.32 -6.88
N GLU A 132 -3.96 4.07 -7.36
CA GLU A 132 -4.18 5.47 -7.60
C GLU A 132 -5.40 5.67 -8.50
N ARG A 133 -5.52 4.84 -9.54
CA ARG A 133 -6.64 4.96 -10.48
C ARG A 133 -7.99 4.51 -9.92
N TYR A 134 -8.04 3.37 -9.21
CA TYR A 134 -9.33 2.89 -8.69
C TYR A 134 -9.84 3.83 -7.62
N LEU A 135 -8.94 4.17 -6.72
CA LEU A 135 -9.34 5.06 -5.65
C LEU A 135 -9.97 6.32 -6.27
N LEU A 136 -9.25 6.97 -7.20
CA LEU A 136 -9.79 8.17 -7.84
C LEU A 136 -11.17 7.90 -8.45
N VAL A 137 -11.40 6.69 -8.94
CA VAL A 137 -12.71 6.37 -9.49
C VAL A 137 -13.71 6.37 -8.34
N VAL A 138 -13.27 5.80 -7.23
CA VAL A 138 -14.09 5.77 -6.05
C VAL A 138 -14.37 7.19 -5.61
N ASP A 139 -13.41 8.11 -5.84
CA ASP A 139 -13.65 9.49 -5.43
C ASP A 139 -14.93 9.94 -6.09
N ARG A 140 -15.06 9.78 -7.40
CA ARG A 140 -16.26 10.26 -8.07
C ARG A 140 -17.49 9.64 -7.44
N LEU A 141 -17.37 8.44 -6.88
CA LEU A 141 -18.54 7.87 -6.21
C LEU A 141 -18.91 8.79 -5.03
N ILE A 142 -17.89 9.20 -4.29
CA ILE A 142 -18.09 10.08 -3.11
C ILE A 142 -18.86 11.33 -3.54
N ALA A 143 -18.67 11.71 -4.79
CA ALA A 143 -19.32 12.87 -5.39
C ALA A 143 -20.85 12.79 -5.28
N LEU A 144 -21.37 11.59 -5.10
CA LEU A 144 -22.83 11.41 -4.97
C LEU A 144 -23.28 11.74 -3.54
N ASP A 145 -22.33 12.07 -2.66
CA ASP A 145 -22.65 12.38 -1.26
C ASP A 145 -23.23 11.16 -0.55
N ALA A 146 -22.52 10.04 -0.66
CA ALA A 146 -22.92 8.78 -0.05
C ALA A 146 -21.75 8.24 0.78
N ALA A 147 -20.91 9.16 1.27
CA ALA A 147 -19.71 8.79 2.03
C ALA A 147 -20.03 7.92 3.25
N GLU A 148 -21.16 8.13 3.91
CA GLU A 148 -21.47 7.33 5.08
C GLU A 148 -21.41 5.85 4.69
N ASP A 149 -21.68 5.58 3.42
CA ASP A 149 -21.60 4.21 2.92
C ASP A 149 -20.18 3.68 3.10
N PHE A 150 -19.19 4.54 2.83
CA PHE A 150 -17.78 4.14 2.96
C PHE A 150 -17.49 3.68 4.37
N PHE A 151 -17.96 4.43 5.32
CA PHE A 151 -17.71 4.06 6.71
C PHE A 151 -18.18 2.64 6.98
N LYS A 152 -19.43 2.33 6.63
CA LYS A 152 -19.98 0.99 6.88
C LYS A 152 -19.13 -0.11 6.21
N ILE A 153 -18.63 0.16 5.01
CA ILE A 153 -17.83 -0.86 4.30
C ILE A 153 -16.41 -0.94 4.88
N ALA A 154 -15.76 0.21 5.02
CA ALA A 154 -14.42 0.25 5.54
C ALA A 154 -14.36 -0.29 6.98
N SER A 155 -15.39 0.01 7.76
CA SER A 155 -15.46 -0.50 9.13
C SER A 155 -15.55 -2.03 9.07
N GLN A 156 -16.37 -2.48 8.14
CA GLN A 156 -16.68 -3.91 7.98
C GLN A 156 -15.43 -4.76 7.76
N MET A 157 -14.38 -4.22 7.19
CA MET A 157 -13.16 -5.03 7.02
C MET A 157 -12.47 -5.22 8.38
N TYR A 158 -12.46 -4.16 9.17
CA TYR A 158 -11.81 -4.21 10.48
C TYR A 158 -12.80 -3.95 11.63
N PRO A 159 -13.72 -4.86 11.83
CA PRO A 159 -14.74 -4.77 12.92
C PRO A 159 -14.12 -5.07 14.28
N LYS A 160 -14.71 -4.55 15.35
CA LYS A 160 -14.17 -4.83 16.68
C LYS A 160 -14.50 -6.26 17.07
N LYS A 161 -13.46 -7.10 17.11
CA LYS A 161 -13.62 -8.51 17.44
C LYS A 161 -12.67 -8.91 18.56
N PRO A 162 -12.97 -9.98 19.28
CA PRO A 162 -12.10 -10.48 20.38
C PRO A 162 -10.62 -10.51 19.99
N GLY A 163 -9.75 -10.22 20.96
CA GLY A 163 -8.31 -10.19 20.69
C GLY A 163 -7.80 -8.76 20.52
N VAL A 164 -8.67 -7.77 20.74
CA VAL A 164 -8.27 -6.37 20.65
C VAL A 164 -7.57 -5.95 21.94
N PRO A 165 -6.57 -5.11 21.89
CA PRO A 165 -5.84 -4.67 23.12
C PRO A 165 -6.70 -3.78 24.00
N CYS A 166 -6.57 -3.95 25.31
CA CYS A 166 -7.35 -3.17 26.26
C CYS A 166 -6.51 -2.08 26.92
N LEU A 167 -7.07 -0.87 27.00
CA LEU A 167 -6.36 0.24 27.62
C LEU A 167 -6.49 0.16 29.14
N VAL A 168 -5.38 0.33 29.84
CA VAL A 168 -5.39 0.22 31.30
C VAL A 168 -5.81 1.53 31.98
N ASP A 169 -6.89 1.48 32.77
CA ASP A 169 -7.38 2.64 33.50
C ASP A 169 -6.34 3.09 34.53
N GLY A 170 -6.41 4.35 34.95
CA GLY A 170 -5.47 4.86 35.94
C GLY A 170 -4.28 5.57 35.29
N GLN A 171 -4.37 5.84 33.99
CA GLN A 171 -3.28 6.53 33.30
C GLN A 171 -3.33 8.02 33.59
N ARG A 172 -2.16 8.64 33.73
CA ARG A 172 -2.09 10.06 34.02
C ARG A 172 -2.52 10.89 32.80
N LYS A 173 -3.26 11.96 33.06
CA LYS A 173 -3.72 12.83 31.98
C LYS A 173 -2.56 13.65 31.43
N LEU A 174 -2.73 14.19 30.22
CA LEU A 174 -1.67 14.98 29.61
C LEU A 174 -1.50 16.31 30.36
N HIS A 175 -0.25 16.65 30.65
CA HIS A 175 0.04 17.89 31.37
C HIS A 175 0.39 19.01 30.39
N CYS A 176 0.04 20.24 30.77
CA CYS A 176 0.32 21.39 29.92
C CYS A 176 1.81 21.68 29.87
N LEU A 177 2.56 21.17 30.85
CA LEU A 177 4.01 21.37 30.89
C LEU A 177 4.72 20.09 30.46
N PRO A 178 5.94 20.19 29.95
CA PRO A 178 6.71 19.00 29.49
C PRO A 178 7.23 18.16 30.66
N PHE A 179 7.33 16.85 30.44
CA PHE A 179 7.80 15.94 31.48
C PHE A 179 8.74 14.88 30.86
N PRO A 180 9.62 14.30 31.66
CA PRO A 180 10.56 13.25 31.18
C PRO A 180 9.84 11.95 30.85
N SER A 181 10.44 11.15 29.97
CA SER A 181 9.85 9.88 29.58
C SER A 181 9.97 8.87 30.72
N PRO A 182 9.15 7.85 30.73
CA PRO A 182 9.17 6.81 31.79
C PRO A 182 10.22 5.73 31.52
N GLY A 1 -11.35 -36.84 -22.31
CA GLY A 1 -11.10 -38.31 -22.34
C GLY A 1 -10.20 -38.70 -21.18
N ASN A 2 -9.83 -39.97 -21.11
CA ASN A 2 -8.98 -40.47 -20.05
C ASN A 2 -7.50 -40.44 -20.45
N ASN A 3 -7.21 -39.80 -21.58
CA ASN A 3 -5.83 -39.72 -22.05
C ASN A 3 -5.02 -38.78 -21.16
N PRO A 4 -3.71 -38.96 -21.09
CA PRO A 4 -2.83 -38.10 -20.25
C PRO A 4 -2.69 -36.69 -20.83
N TYR A 5 -2.39 -35.73 -19.95
CA TYR A 5 -2.22 -34.35 -20.38
C TYR A 5 -0.86 -33.81 -19.96
N SER A 6 -0.28 -32.96 -20.80
CA SER A 6 1.03 -32.37 -20.50
C SER A 6 1.18 -31.04 -21.22
N SER A 7 2.17 -30.26 -20.80
CA SER A 7 2.43 -28.96 -21.40
C SER A 7 2.83 -29.13 -22.87
N PHE A 8 3.32 -30.30 -23.22
CA PHE A 8 3.74 -30.58 -24.59
C PHE A 8 2.51 -30.74 -25.50
N GLY A 9 2.66 -30.32 -26.75
CA GLY A 9 1.56 -30.41 -27.71
C GLY A 9 0.55 -29.29 -27.54
N ALA A 10 0.87 -28.31 -26.67
CA ALA A 10 -0.03 -27.20 -26.43
C ALA A 10 -0.25 -26.39 -27.71
N THR A 11 -1.44 -25.83 -27.84
CA THR A 11 -1.79 -25.02 -29.01
C THR A 11 -1.15 -23.64 -28.90
N LEU A 12 -1.16 -22.91 -30.00
CA LEU A 12 -0.54 -21.58 -30.02
C LEU A 12 -1.03 -20.70 -28.87
N GLU A 13 -2.35 -20.62 -28.68
CA GLU A 13 -2.90 -19.82 -27.59
C GLU A 13 -2.62 -20.48 -26.24
N ARG A 14 -2.77 -21.80 -26.22
CA ARG A 14 -2.57 -22.58 -25.00
C ARG A 14 -1.09 -22.67 -24.62
N ASP A 15 -0.21 -22.24 -25.52
CA ASP A 15 1.23 -22.28 -25.24
C ASP A 15 1.54 -21.43 -24.01
N ASP A 16 2.37 -21.99 -23.12
CA ASP A 16 2.75 -21.27 -21.91
C ASP A 16 3.52 -20.00 -22.24
N GLU A 17 3.24 -18.93 -21.51
CA GLU A 17 3.92 -17.66 -21.72
C GLU A 17 5.21 -17.58 -20.93
N LYS A 18 5.45 -18.57 -20.06
CA LYS A 18 6.66 -18.58 -19.25
C LYS A 18 7.91 -18.70 -20.12
N ASN A 19 7.80 -19.44 -21.21
CA ASN A 19 8.96 -19.63 -22.10
C ASN A 19 9.58 -18.29 -22.45
N LEU A 20 10.80 -18.32 -23.00
CA LEU A 20 11.50 -17.10 -23.37
C LEU A 20 11.69 -16.23 -22.13
N TRP A 21 12.65 -16.62 -21.29
CA TRP A 21 12.94 -15.88 -20.06
C TRP A 21 11.82 -16.06 -19.05
N SER A 22 12.11 -16.79 -17.98
CA SER A 22 11.12 -17.04 -16.93
C SER A 22 11.57 -16.45 -15.60
N MET A 23 10.59 -15.96 -14.83
CA MET A 23 10.89 -15.38 -13.53
C MET A 23 9.97 -15.97 -12.46
N PRO A 24 10.19 -17.21 -12.11
CA PRO A 24 9.36 -17.92 -11.08
C PRO A 24 9.54 -17.34 -9.68
N HIS A 25 10.62 -16.60 -9.48
CA HIS A 25 10.91 -16.01 -8.17
C HIS A 25 9.85 -15.00 -7.75
N ASP A 26 9.06 -14.52 -8.71
CA ASP A 26 8.04 -13.51 -8.44
C ASP A 26 6.72 -14.15 -7.99
N VAL A 27 6.80 -15.33 -7.39
CA VAL A 27 5.61 -16.01 -6.88
C VAL A 27 5.25 -15.55 -5.46
N SER A 28 6.28 -15.30 -4.66
CA SER A 28 6.14 -14.88 -3.28
C SER A 28 5.96 -13.37 -3.18
N HIS A 29 5.75 -12.73 -4.32
CA HIS A 29 5.60 -11.28 -4.39
C HIS A 29 4.47 -10.70 -3.56
N THR A 30 4.73 -9.48 -3.11
CA THR A 30 3.78 -8.73 -2.31
C THR A 30 2.64 -8.37 -3.25
N GLU A 31 1.56 -7.77 -2.76
CA GLU A 31 0.42 -7.57 -3.65
C GLU A 31 0.85 -6.85 -4.91
N ALA A 32 1.70 -5.82 -4.85
CA ALA A 32 2.13 -5.20 -6.10
C ALA A 32 3.52 -5.75 -6.43
N ASP A 33 3.58 -6.62 -7.43
CA ASP A 33 4.82 -7.27 -7.82
C ASP A 33 5.84 -6.31 -8.40
N ASP A 34 5.38 -5.21 -8.98
CA ASP A 34 6.30 -4.26 -9.58
C ASP A 34 7.26 -3.70 -8.53
N ASP A 35 6.74 -3.43 -7.33
CA ASP A 35 7.58 -2.90 -6.26
C ASP A 35 8.58 -3.96 -5.76
N ARG A 36 8.09 -5.20 -5.62
CA ARG A 36 8.96 -6.28 -5.15
C ARG A 36 10.04 -6.62 -6.18
N ILE A 37 9.62 -6.81 -7.43
CA ILE A 37 10.56 -7.12 -8.50
C ILE A 37 11.51 -5.96 -8.68
N LEU A 38 11.10 -4.80 -8.19
CA LEU A 38 11.96 -3.66 -8.24
C LEU A 38 13.16 -3.97 -7.36
N TYR A 39 12.90 -4.36 -6.13
CA TYR A 39 14.00 -4.64 -5.21
C TYR A 39 14.97 -5.63 -5.86
N ASN A 40 14.46 -6.52 -6.69
CA ASN A 40 15.37 -7.43 -7.38
C ASN A 40 16.35 -6.55 -8.21
N LEU A 41 15.83 -5.51 -8.84
CA LEU A 41 16.67 -4.60 -9.64
C LEU A 41 17.81 -4.04 -8.77
N ILE A 42 17.52 -3.67 -7.53
CA ILE A 42 18.58 -3.16 -6.66
C ILE A 42 19.67 -4.22 -6.48
N VAL A 43 19.28 -5.49 -6.44
CA VAL A 43 20.29 -6.52 -6.29
C VAL A 43 21.28 -6.38 -7.44
N ILE A 44 20.77 -6.11 -8.66
CA ILE A 44 21.70 -5.96 -9.77
C ILE A 44 22.68 -4.89 -9.41
N ARG A 45 22.27 -3.90 -8.61
CA ARG A 45 23.21 -2.83 -8.21
C ARG A 45 24.40 -3.45 -7.49
N ASN A 46 24.15 -4.51 -6.73
CA ASN A 46 25.27 -5.19 -6.05
C ASN A 46 26.25 -5.70 -7.13
N GLN A 47 25.69 -5.95 -8.31
CA GLN A 47 26.47 -6.39 -9.48
C GLN A 47 26.84 -5.20 -10.42
N GLN A 48 26.07 -4.13 -10.30
CA GLN A 48 26.21 -2.94 -11.13
C GLN A 48 26.74 -1.71 -10.39
N THR A 49 27.33 -0.81 -11.14
CA THR A 49 27.83 0.43 -10.55
C THR A 49 26.77 1.53 -10.67
N LYS A 50 26.90 2.58 -9.86
CA LYS A 50 25.92 3.67 -9.87
C LYS A 50 25.60 4.12 -11.30
N ASP A 51 26.56 3.94 -12.19
CA ASP A 51 26.32 4.38 -13.57
C ASP A 51 25.06 3.66 -14.07
N SER A 52 24.99 2.35 -13.78
CA SER A 52 23.88 1.48 -14.20
C SER A 52 22.56 2.23 -14.40
N GLU A 53 22.09 2.19 -15.64
CA GLU A 53 20.86 2.84 -16.07
C GLU A 53 19.56 2.17 -15.57
N GLU A 54 19.58 0.85 -15.36
CA GLU A 54 18.36 0.19 -14.89
C GLU A 54 18.08 0.46 -13.40
N TRP A 55 19.07 0.24 -12.55
CA TRP A 55 18.85 0.44 -11.12
C TRP A 55 18.46 1.89 -10.82
N GLN A 56 19.07 2.86 -11.50
CA GLN A 56 18.67 4.23 -11.24
C GLN A 56 17.17 4.32 -11.54
N ARG A 57 16.78 3.82 -12.71
CA ARG A 57 15.38 3.82 -13.13
C ARG A 57 14.47 3.16 -12.11
N LEU A 58 14.99 2.17 -11.37
CA LEU A 58 14.19 1.53 -10.33
C LEU A 58 13.77 2.57 -9.31
N ASN A 59 14.73 3.38 -8.91
CA ASN A 59 14.45 4.40 -7.92
C ASN A 59 13.36 5.32 -8.47
N TYR A 60 13.50 5.66 -9.74
CA TYR A 60 12.53 6.50 -10.43
C TYR A 60 11.16 5.86 -10.43
N ASP A 61 11.12 4.53 -10.36
CA ASP A 61 9.85 3.81 -10.30
C ASP A 61 9.22 3.92 -8.90
N ILE A 62 10.06 3.88 -7.86
CA ILE A 62 9.57 4.03 -6.49
C ILE A 62 9.10 5.47 -6.29
N TYR A 63 9.84 6.39 -6.88
CA TYR A 63 9.48 7.80 -6.80
C TYR A 63 8.05 7.95 -7.31
N THR A 64 7.77 7.29 -8.42
CA THR A 64 6.43 7.33 -8.96
C THR A 64 5.46 6.84 -7.89
N LEU A 65 5.88 5.81 -7.15
CA LEU A 65 5.05 5.28 -6.07
C LEU A 65 4.69 6.41 -5.09
N ARG A 66 5.62 7.33 -4.89
CA ARG A 66 5.35 8.45 -3.99
C ARG A 66 4.23 9.33 -4.54
N GLN A 67 4.25 9.52 -5.87
CA GLN A 67 3.25 10.36 -6.53
C GLN A 67 1.82 9.81 -6.42
N ILE A 68 1.66 8.49 -6.50
CA ILE A 68 0.32 7.92 -6.41
C ILE A 68 -0.19 7.95 -4.97
N ARG A 69 0.69 7.64 -4.02
CA ARG A 69 0.31 7.64 -2.60
C ARG A 69 -0.14 9.05 -2.18
N ARG A 70 0.64 10.04 -2.58
CA ARG A 70 0.35 11.42 -2.23
C ARG A 70 -1.01 11.87 -2.77
N GLU A 71 -1.32 11.53 -4.02
CA GLU A 71 -2.60 11.92 -4.60
C GLU A 71 -3.76 11.35 -3.79
N VAL A 72 -3.62 10.11 -3.33
CA VAL A 72 -4.68 9.49 -2.54
C VAL A 72 -4.94 10.28 -1.25
N ARG A 73 -3.88 10.63 -0.54
CA ARG A 73 -4.03 11.37 0.72
C ARG A 73 -4.86 12.61 0.46
N ASN A 74 -4.66 13.21 -0.70
CA ASN A 74 -5.41 14.39 -1.11
C ASN A 74 -6.87 14.03 -1.42
N ARG A 75 -7.09 12.77 -1.80
CA ARG A 75 -8.44 12.30 -2.04
C ARG A 75 -9.17 12.07 -0.71
N TRP A 76 -8.56 11.28 0.19
CA TRP A 76 -9.18 10.98 1.47
C TRP A 76 -9.43 12.27 2.22
N ARG A 77 -8.48 13.16 2.15
CA ARG A 77 -8.64 14.42 2.83
C ARG A 77 -9.99 15.04 2.41
N ARG A 78 -10.30 15.11 1.10
CA ARG A 78 -11.60 15.70 0.70
C ARG A 78 -12.85 14.82 1.03
N ILE A 79 -12.85 13.52 0.64
CA ILE A 79 -14.07 12.69 0.83
C ILE A 79 -14.54 12.67 2.28
N LEU A 80 -13.63 12.36 3.19
CA LEU A 80 -14.03 12.28 4.58
C LEU A 80 -14.21 13.66 5.24
N GLU A 81 -13.39 14.63 4.86
CA GLU A 81 -13.49 15.94 5.51
C GLU A 81 -14.91 16.46 5.41
N ASP A 82 -15.53 16.31 4.24
CA ASP A 82 -16.88 16.81 4.05
C ASP A 82 -17.85 16.22 5.08
N LEU A 83 -17.59 15.00 5.58
CA LEU A 83 -18.48 14.46 6.61
C LEU A 83 -17.95 14.73 8.02
N GLY A 84 -16.64 14.91 8.14
CA GLY A 84 -16.04 15.15 9.47
C GLY A 84 -15.62 13.85 10.15
N PHE A 85 -15.90 12.71 9.51
CA PHE A 85 -15.54 11.39 10.07
C PHE A 85 -14.22 10.85 9.51
N GLN A 86 -13.34 11.78 9.18
CA GLN A 86 -12.01 11.53 8.59
C GLN A 86 -11.05 10.58 9.31
N ARG A 87 -11.13 10.41 10.61
CA ARG A 87 -10.15 9.58 11.30
C ARG A 87 -9.96 8.15 10.76
N GLU A 88 -11.02 7.40 10.44
CA GLU A 88 -10.79 5.99 10.04
C GLU A 88 -9.90 5.87 8.78
N ALA A 89 -10.23 6.58 7.70
CA ALA A 89 -9.44 6.54 6.46
C ALA A 89 -8.13 7.33 6.62
N ASP A 90 -8.18 8.33 7.47
CA ASP A 90 -6.99 9.10 7.75
C ASP A 90 -5.96 8.15 8.36
N SER A 91 -6.41 7.38 9.33
CA SER A 91 -5.53 6.47 10.05
C SER A 91 -4.84 5.48 9.11
N LEU A 92 -5.53 4.97 8.09
CA LEU A 92 -4.84 3.97 7.27
C LEU A 92 -3.68 4.57 6.45
N LEU A 93 -3.82 5.72 5.78
CA LEU A 93 -2.70 6.21 4.97
C LEU A 93 -1.46 6.62 5.80
N SER A 94 -1.69 7.37 6.89
CA SER A 94 -0.60 7.85 7.80
C SER A 94 -1.07 9.08 8.59
N VAL A 95 -2.39 9.17 8.78
CA VAL A 95 -2.97 10.31 9.50
C VAL A 95 -3.84 9.85 10.66
N THR A 96 -3.32 8.92 11.46
CA THR A 96 -4.04 8.44 12.63
C THR A 96 -4.04 9.49 13.73
N LYS A 97 -4.87 10.51 13.56
CA LYS A 97 -4.95 11.61 14.52
C LYS A 97 -3.60 12.30 14.71
N LEU A 98 -2.65 12.02 13.81
CA LEU A 98 -1.34 12.65 13.88
C LEU A 98 -1.14 13.53 12.64
N SER A 99 -0.92 14.84 12.79
CA SER A 99 -0.66 15.62 11.59
C SER A 99 0.84 15.67 11.35
N THR A 100 1.30 15.07 10.27
CA THR A 100 2.72 15.06 9.98
C THR A 100 3.04 15.30 8.51
N MET A 101 4.11 16.04 8.23
CA MET A 101 4.52 16.26 6.86
C MET A 101 6.05 16.43 6.79
N SER A 102 6.64 15.96 5.70
CA SER A 102 8.08 16.08 5.51
C SER A 102 8.40 16.76 4.19
N ASP A 103 9.08 17.90 4.23
CA ASP A 103 9.38 18.61 2.99
C ASP A 103 10.46 17.92 2.17
N SER A 104 11.19 16.97 2.78
CA SER A 104 12.22 16.24 2.03
C SER A 104 11.58 15.00 1.38
N LYS A 105 12.18 14.49 0.30
CA LYS A 105 11.58 13.36 -0.44
C LYS A 105 11.51 12.06 0.38
N ASN A 106 10.32 11.41 0.34
CA ASN A 106 10.09 10.15 1.05
C ASN A 106 10.35 8.91 0.16
N THR A 107 9.79 8.94 -1.05
CA THR A 107 9.90 7.86 -2.05
C THR A 107 9.34 6.50 -1.55
N ARG A 108 10.21 5.58 -1.15
CA ARG A 108 9.82 4.23 -0.69
C ARG A 108 8.79 4.27 0.45
N LYS A 109 8.79 5.37 1.16
CA LYS A 109 7.87 5.55 2.30
C LYS A 109 6.40 5.40 1.88
N ALA A 110 6.08 5.74 0.63
CA ALA A 110 4.69 5.65 0.16
C ALA A 110 4.18 4.21 0.18
N ARG A 111 4.97 3.32 -0.40
CA ARG A 111 4.62 1.90 -0.50
C ARG A 111 4.41 1.29 0.88
N GLU A 112 5.24 1.68 1.83
CA GLU A 112 5.08 1.13 3.17
C GLU A 112 3.67 1.46 3.63
N MET A 113 3.31 2.72 3.45
CA MET A 113 2.00 3.22 3.86
C MET A 113 0.83 2.47 3.20
N LEU A 114 0.89 2.24 1.89
CA LEU A 114 -0.19 1.53 1.21
C LEU A 114 -0.30 0.10 1.71
N LEU A 115 0.83 -0.59 1.80
CA LEU A 115 0.82 -1.98 2.24
C LEU A 115 0.17 -2.08 3.64
N LYS A 116 0.56 -1.19 4.54
CA LYS A 116 -0.01 -1.16 5.88
C LYS A 116 -1.46 -0.72 5.83
N LEU A 117 -1.78 0.11 4.84
CA LEU A 117 -3.15 0.57 4.71
C LEU A 117 -4.04 -0.66 4.61
N ALA A 118 -3.69 -1.55 3.70
CA ALA A 118 -4.50 -2.74 3.47
C ALA A 118 -4.60 -3.61 4.71
N GLU A 119 -3.53 -3.65 5.49
CA GLU A 119 -3.57 -4.52 6.66
C GLU A 119 -4.45 -3.98 7.78
N GLU A 120 -4.47 -2.68 8.04
CA GLU A 120 -5.30 -2.25 9.15
C GLU A 120 -6.67 -1.85 8.70
N THR A 121 -6.86 -1.26 7.56
CA THR A 121 -8.20 -0.94 7.15
C THR A 121 -8.31 -1.14 5.67
N SER A 122 -9.48 -1.27 5.18
CA SER A 122 -9.67 -1.26 3.77
C SER A 122 -10.77 -0.24 3.55
N ILE A 123 -10.82 0.52 2.47
CA ILE A 123 -11.99 1.39 2.40
C ILE A 123 -13.12 0.44 2.05
N PHE A 124 -12.99 -0.22 0.91
CA PHE A 124 -13.89 -1.27 0.53
C PHE A 124 -13.36 -2.47 1.28
N PRO A 125 -14.06 -3.54 1.48
CA PRO A 125 -13.53 -4.69 2.27
C PRO A 125 -12.12 -5.16 1.86
N ALA A 126 -11.42 -5.76 2.82
CA ALA A 126 -9.99 -6.11 2.65
C ALA A 126 -9.70 -6.81 1.31
N SER A 127 -10.59 -7.65 0.80
CA SER A 127 -10.32 -8.33 -0.47
C SER A 127 -10.31 -7.31 -1.64
N TRP A 128 -10.73 -6.09 -1.32
CA TRP A 128 -10.69 -4.98 -2.27
C TRP A 128 -9.31 -4.35 -2.21
N GLU A 129 -8.69 -4.19 -3.37
CA GLU A 129 -7.42 -3.52 -3.46
C GLU A 129 -7.72 -2.14 -3.99
N LEU A 130 -6.91 -1.14 -3.71
CA LEU A 130 -7.19 0.17 -4.24
C LEU A 130 -5.93 0.80 -4.83
N SER A 131 -5.98 1.07 -6.11
CA SER A 131 -4.86 1.69 -6.77
C SER A 131 -5.21 3.15 -6.96
N GLU A 132 -4.24 3.94 -7.36
CA GLU A 132 -4.51 5.36 -7.55
C GLU A 132 -5.70 5.55 -8.47
N ARG A 133 -5.77 4.77 -9.55
CA ARG A 133 -6.85 4.91 -10.51
C ARG A 133 -8.22 4.42 -9.99
N TYR A 134 -8.25 3.25 -9.33
CA TYR A 134 -9.51 2.74 -8.80
C TYR A 134 -10.01 3.69 -7.73
N LEU A 135 -9.09 4.04 -6.86
CA LEU A 135 -9.43 4.92 -5.78
C LEU A 135 -10.14 6.16 -6.36
N LEU A 136 -9.52 6.82 -7.34
CA LEU A 136 -10.13 8.02 -7.94
C LEU A 136 -11.52 7.71 -8.47
N VAL A 137 -11.73 6.49 -8.95
CA VAL A 137 -13.06 6.12 -9.41
C VAL A 137 -13.99 6.10 -8.20
N VAL A 138 -13.45 5.57 -7.11
CA VAL A 138 -14.19 5.50 -5.87
C VAL A 138 -14.49 6.93 -5.42
N ASP A 139 -13.56 7.86 -5.68
CA ASP A 139 -13.78 9.24 -5.26
C ASP A 139 -15.10 9.69 -5.85
N ARG A 140 -15.29 9.55 -7.16
CA ARG A 140 -16.50 10.02 -7.78
C ARG A 140 -17.72 9.40 -7.11
N LEU A 141 -17.59 8.19 -6.57
CA LEU A 141 -18.72 7.61 -5.85
C LEU A 141 -19.05 8.51 -4.65
N ILE A 142 -17.99 8.89 -3.93
CA ILE A 142 -18.14 9.75 -2.73
C ILE A 142 -18.89 11.02 -3.09
N ALA A 143 -18.74 11.43 -4.35
CA ALA A 143 -19.37 12.62 -4.90
C ALA A 143 -20.89 12.59 -4.72
N LEU A 144 -21.46 11.41 -4.54
CA LEU A 144 -22.91 11.30 -4.34
C LEU A 144 -23.28 11.64 -2.88
N ASP A 145 -22.28 11.96 -2.05
CA ASP A 145 -22.53 12.29 -0.64
C ASP A 145 -23.08 11.08 0.11
N ALA A 146 -22.39 9.96 -0.03
CA ALA A 146 -22.77 8.69 0.60
C ALA A 146 -21.56 8.16 1.39
N ALA A 147 -20.69 9.06 1.84
CA ALA A 147 -19.47 8.67 2.56
C ALA A 147 -19.75 7.79 3.79
N GLU A 148 -20.85 8.00 4.49
CA GLU A 148 -21.13 7.18 5.67
C GLU A 148 -21.10 5.71 5.28
N ASP A 149 -21.44 5.41 4.03
CA ASP A 149 -21.41 4.04 3.56
C ASP A 149 -19.99 3.49 3.64
N PHE A 150 -19.00 4.34 3.31
CA PHE A 150 -17.60 3.91 3.36
C PHE A 150 -17.24 3.45 4.75
N PHE A 151 -17.63 4.24 5.72
CA PHE A 151 -17.31 3.88 7.10
C PHE A 151 -17.78 2.46 7.39
N LYS A 152 -19.04 2.16 7.10
CA LYS A 152 -19.59 0.84 7.38
C LYS A 152 -18.80 -0.28 6.67
N ILE A 153 -18.36 -0.03 5.44
CA ILE A 153 -17.59 -1.06 4.71
C ILE A 153 -16.15 -1.14 5.23
N ALA A 154 -15.49 0.00 5.34
CA ALA A 154 -14.13 0.03 5.82
C ALA A 154 -14.05 -0.51 7.25
N SER A 155 -15.07 -0.21 8.05
CA SER A 155 -15.10 -0.71 9.44
C SER A 155 -15.13 -2.25 9.41
N GLN A 156 -15.99 -2.79 8.55
CA GLN A 156 -16.19 -4.22 8.46
C GLN A 156 -14.91 -4.98 8.17
N MET A 157 -13.93 -4.36 7.52
CA MET A 157 -12.66 -5.06 7.32
C MET A 157 -11.94 -5.19 8.65
N TYR A 158 -11.99 -4.13 9.44
CA TYR A 158 -11.31 -4.10 10.73
C TYR A 158 -12.28 -3.94 11.91
N PRO A 159 -13.07 -4.94 12.15
CA PRO A 159 -14.06 -4.97 13.28
C PRO A 159 -13.36 -5.21 14.61
N LYS A 160 -13.96 -4.76 15.71
CA LYS A 160 -13.34 -4.98 17.02
C LYS A 160 -13.48 -6.45 17.38
N LYS A 161 -12.34 -7.12 17.54
CA LYS A 161 -12.32 -8.55 17.86
C LYS A 161 -11.46 -8.83 19.09
N PRO A 162 -11.67 -9.95 19.75
CA PRO A 162 -10.89 -10.35 20.95
C PRO A 162 -9.38 -10.21 20.71
N GLY A 163 -8.66 -9.83 21.76
CA GLY A 163 -7.21 -9.63 21.64
C GLY A 163 -6.86 -8.18 21.32
N VAL A 164 -7.88 -7.31 21.28
CA VAL A 164 -7.67 -5.90 21.00
C VAL A 164 -7.03 -5.20 22.20
N PRO A 165 -6.13 -4.25 21.99
CA PRO A 165 -5.48 -3.51 23.11
C PRO A 165 -6.47 -2.60 23.82
N CYS A 166 -6.21 -2.29 25.09
CA CYS A 166 -7.12 -1.42 25.81
C CYS A 166 -6.53 -0.02 26.00
N LEU A 167 -7.21 0.97 25.38
CA LEU A 167 -6.82 2.37 25.51
C LEU A 167 -7.72 3.09 26.53
N VAL A 168 -7.23 3.48 27.70
CA VAL A 168 -8.11 4.18 28.63
C VAL A 168 -8.10 5.68 28.32
N ASP A 169 -9.28 6.28 28.11
CA ASP A 169 -9.36 7.71 27.81
C ASP A 169 -9.44 8.56 29.08
N GLY A 170 -8.46 9.46 29.27
CA GLY A 170 -8.46 10.30 30.46
C GLY A 170 -7.30 9.96 31.40
N GLN A 171 -6.34 9.19 30.91
CA GLN A 171 -5.19 8.83 31.74
C GLN A 171 -4.04 9.81 31.50
N ARG A 172 -3.53 10.38 32.59
CA ARG A 172 -2.43 11.33 32.49
C ARG A 172 -1.13 10.61 32.14
N LYS A 173 -0.21 11.33 31.50
CA LYS A 173 1.06 10.72 31.10
C LYS A 173 1.75 10.06 32.29
N LEU A 174 2.65 9.12 31.99
CA LEU A 174 3.38 8.41 33.03
C LEU A 174 4.60 9.21 33.47
N HIS A 175 4.87 9.18 34.78
CA HIS A 175 6.02 9.90 35.32
C HIS A 175 7.22 8.96 35.44
N CYS A 176 8.42 9.50 35.30
CA CYS A 176 9.63 8.70 35.39
C CYS A 176 9.80 8.15 36.80
N LEU A 177 9.32 8.91 37.79
CA LEU A 177 9.42 8.48 39.18
C LEU A 177 8.10 8.74 39.90
N PRO A 178 7.81 7.99 40.95
CA PRO A 178 6.55 8.17 41.73
C PRO A 178 6.61 9.39 42.65
N PHE A 179 5.48 10.08 42.81
CA PHE A 179 5.44 11.25 43.67
C PHE A 179 5.11 10.84 45.11
N PRO A 180 5.92 11.21 46.09
CA PRO A 180 5.66 10.83 47.50
C PRO A 180 4.45 11.55 48.10
N SER A 181 3.78 10.89 49.04
CA SER A 181 2.60 11.47 49.68
C SER A 181 3.01 12.60 50.62
N PRO A 182 2.12 13.49 50.95
CA PRO A 182 2.40 14.63 51.86
C PRO A 182 2.30 14.23 53.33
N GLY A 1 9.26 -18.63 -25.46
CA GLY A 1 10.33 -19.08 -26.39
C GLY A 1 11.65 -18.42 -26.01
N ASN A 2 11.99 -18.46 -24.73
CA ASN A 2 13.22 -17.85 -24.25
C ASN A 2 14.36 -18.86 -24.28
N ASN A 3 15.27 -18.70 -25.24
CA ASN A 3 16.41 -19.61 -25.36
C ASN A 3 17.70 -18.82 -25.54
N PRO A 4 18.20 -18.25 -24.47
CA PRO A 4 19.47 -17.45 -24.48
C PRO A 4 20.70 -18.34 -24.68
N TYR A 5 21.75 -17.76 -25.24
CA TYR A 5 22.99 -18.50 -25.47
C TYR A 5 24.19 -17.57 -25.37
N SER A 6 25.37 -18.17 -25.15
CA SER A 6 26.60 -17.38 -25.02
C SER A 6 27.81 -18.24 -25.36
N SER A 7 28.95 -17.59 -25.58
CA SER A 7 30.18 -18.30 -25.91
C SER A 7 30.59 -19.21 -24.77
N PHE A 8 31.14 -20.37 -25.10
CA PHE A 8 31.57 -21.33 -24.10
C PHE A 8 32.97 -21.00 -23.59
N GLY A 9 33.11 -20.92 -22.27
CA GLY A 9 34.39 -20.60 -21.66
C GLY A 9 34.25 -19.51 -20.60
N ALA A 10 33.13 -18.81 -20.60
CA ALA A 10 32.90 -17.75 -19.63
C ALA A 10 32.86 -18.33 -18.22
N THR A 11 33.31 -17.55 -17.24
CA THR A 11 33.32 -17.99 -15.86
C THR A 11 31.96 -17.76 -15.21
N LEU A 12 31.63 -18.56 -14.21
CA LEU A 12 30.33 -18.46 -13.55
C LEU A 12 30.03 -17.00 -13.14
N GLU A 13 31.00 -16.34 -12.52
CA GLU A 13 30.81 -14.94 -12.12
C GLU A 13 30.81 -14.03 -13.36
N ARG A 14 31.70 -14.37 -14.29
CA ARG A 14 31.87 -13.59 -15.52
C ARG A 14 30.68 -13.77 -16.47
N ASP A 15 29.85 -14.77 -16.20
CA ASP A 15 28.69 -15.03 -17.05
C ASP A 15 27.77 -13.82 -17.11
N ASP A 16 27.27 -13.52 -18.31
CA ASP A 16 26.38 -12.39 -18.52
C ASP A 16 25.02 -12.64 -17.89
N GLU A 17 24.36 -11.56 -17.47
CA GLU A 17 23.04 -11.68 -16.85
C GLU A 17 22.02 -12.22 -17.85
N LYS A 18 22.35 -12.14 -19.15
CA LYS A 18 21.46 -12.61 -20.19
C LYS A 18 21.27 -14.12 -20.07
N ASN A 19 22.32 -14.82 -19.66
CA ASN A 19 22.26 -16.27 -19.50
C ASN A 19 21.23 -16.65 -18.43
N LEU A 20 21.64 -16.66 -17.16
CA LEU A 20 20.74 -17.02 -16.08
C LEU A 20 19.77 -15.88 -15.79
N TRP A 21 18.61 -16.20 -15.23
CA TRP A 21 17.61 -15.20 -14.91
C TRP A 21 16.86 -15.57 -13.63
N SER A 22 16.22 -14.59 -13.00
CA SER A 22 15.49 -14.84 -11.77
C SER A 22 14.02 -14.49 -11.95
N MET A 23 13.31 -15.32 -12.72
CA MET A 23 11.89 -15.09 -12.96
C MET A 23 11.01 -15.89 -11.97
N PRO A 24 11.23 -17.19 -11.81
CA PRO A 24 10.42 -18.02 -10.87
C PRO A 24 10.45 -17.49 -9.43
N HIS A 25 11.48 -16.73 -9.10
CA HIS A 25 11.62 -16.18 -7.76
C HIS A 25 10.48 -15.22 -7.41
N ASP A 26 9.73 -14.77 -8.41
CA ASP A 26 8.63 -13.83 -8.18
C ASP A 26 7.33 -14.54 -7.77
N VAL A 27 7.45 -15.72 -7.20
CA VAL A 27 6.28 -16.48 -6.75
C VAL A 27 5.83 -16.04 -5.36
N SER A 28 6.80 -15.61 -4.56
CA SER A 28 6.56 -15.19 -3.19
C SER A 28 6.30 -13.70 -3.09
N HIS A 29 6.14 -13.04 -4.24
CA HIS A 29 5.94 -11.60 -4.30
C HIS A 29 4.72 -11.09 -3.53
N THR A 30 4.87 -9.87 -3.04
CA THR A 30 3.85 -9.20 -2.26
C THR A 30 2.69 -8.89 -3.22
N GLU A 31 1.57 -8.38 -2.72
CA GLU A 31 0.43 -8.21 -3.61
C GLU A 31 0.82 -7.38 -4.82
N ALA A 32 1.58 -6.30 -4.67
CA ALA A 32 1.99 -5.56 -5.86
C ALA A 32 3.38 -6.02 -6.23
N ASP A 33 3.44 -6.81 -7.29
CA ASP A 33 4.70 -7.38 -7.74
C ASP A 33 5.68 -6.35 -8.27
N ASP A 34 5.17 -5.24 -8.77
CA ASP A 34 6.05 -4.22 -9.33
C ASP A 34 7.07 -3.75 -8.30
N ASP A 35 6.66 -3.59 -7.05
CA ASP A 35 7.60 -3.15 -6.03
C ASP A 35 8.66 -4.20 -5.70
N ARG A 36 8.23 -5.45 -5.50
CA ARG A 36 9.16 -6.52 -5.14
C ARG A 36 10.21 -6.78 -6.22
N ILE A 37 9.77 -6.93 -7.46
CA ILE A 37 10.70 -7.20 -8.55
C ILE A 37 11.59 -5.97 -8.79
N LEU A 38 11.03 -4.82 -8.51
CA LEU A 38 11.81 -3.60 -8.65
C LEU A 38 13.01 -3.72 -7.72
N TYR A 39 12.76 -4.03 -6.46
CA TYR A 39 13.85 -4.15 -5.52
C TYR A 39 14.87 -5.15 -6.09
N ASN A 40 14.38 -6.12 -6.86
CA ASN A 40 15.30 -7.08 -7.46
C ASN A 40 16.34 -6.28 -8.26
N LEU A 41 15.90 -5.22 -8.95
CA LEU A 41 16.84 -4.41 -9.71
C LEU A 41 17.94 -3.92 -8.77
N ILE A 42 17.60 -3.61 -7.52
CA ILE A 42 18.66 -3.17 -6.60
C ILE A 42 19.71 -4.27 -6.42
N VAL A 43 19.27 -5.51 -6.40
CA VAL A 43 20.23 -6.60 -6.24
C VAL A 43 21.26 -6.49 -7.37
N ILE A 44 20.79 -6.24 -8.59
CA ILE A 44 21.73 -6.12 -9.69
C ILE A 44 22.73 -5.05 -9.34
N ARG A 45 22.33 -4.04 -8.54
CA ARG A 45 23.28 -2.97 -8.16
C ARG A 45 24.46 -3.59 -7.42
N ASN A 46 24.21 -4.61 -6.64
CA ASN A 46 25.32 -5.28 -5.94
C ASN A 46 26.29 -5.82 -7.02
N GLN A 47 25.71 -6.07 -8.19
CA GLN A 47 26.49 -6.52 -9.36
C GLN A 47 26.85 -5.34 -10.32
N GLN A 48 26.07 -4.28 -10.20
CA GLN A 48 26.19 -3.08 -11.05
C GLN A 48 26.72 -1.85 -10.34
N THR A 49 27.24 -0.93 -11.13
CA THR A 49 27.72 0.33 -10.58
C THR A 49 26.61 1.38 -10.68
N LYS A 50 26.71 2.40 -9.83
CA LYS A 50 25.70 3.48 -9.80
C LYS A 50 25.36 3.97 -11.21
N ASP A 51 26.34 3.84 -12.10
CA ASP A 51 26.10 4.32 -13.46
C ASP A 51 24.86 3.60 -14.01
N SER A 52 24.80 2.28 -13.80
CA SER A 52 23.69 1.45 -14.29
C SER A 52 22.34 2.18 -14.36
N GLU A 53 21.79 2.16 -15.58
CA GLU A 53 20.52 2.80 -15.92
C GLU A 53 19.26 2.09 -15.39
N GLU A 54 19.30 0.77 -15.23
CA GLU A 54 18.10 0.08 -14.76
C GLU A 54 17.85 0.28 -13.26
N TRP A 55 18.85 0.02 -12.43
CA TRP A 55 18.65 0.16 -11.00
C TRP A 55 18.22 1.60 -10.71
N GLN A 56 18.71 2.54 -11.50
CA GLN A 56 18.30 3.92 -11.29
C GLN A 56 16.77 3.91 -11.40
N ARG A 57 16.26 3.30 -12.47
CA ARG A 57 14.82 3.22 -12.70
C ARG A 57 14.10 2.62 -11.49
N LEU A 58 14.77 1.76 -10.74
CA LEU A 58 14.14 1.23 -9.52
C LEU A 58 13.87 2.38 -8.58
N ASN A 59 14.87 3.23 -8.37
CA ASN A 59 14.72 4.37 -7.47
C ASN A 59 13.63 5.30 -7.98
N TYR A 60 13.73 5.65 -9.26
CA TYR A 60 12.77 6.54 -9.92
C TYR A 60 11.36 5.95 -9.94
N ASP A 61 11.29 4.62 -9.92
CA ASP A 61 10.00 3.92 -9.90
C ASP A 61 9.36 3.97 -8.52
N ILE A 62 10.17 3.80 -7.48
CA ILE A 62 9.66 3.86 -6.11
C ILE A 62 9.39 5.32 -5.74
N TYR A 63 10.19 6.22 -6.30
CA TYR A 63 9.98 7.63 -6.04
C TYR A 63 8.55 7.93 -6.46
N THR A 64 8.17 7.39 -7.61
CA THR A 64 6.81 7.57 -8.10
C THR A 64 5.84 7.04 -7.03
N LEU A 65 6.24 5.96 -6.37
CA LEU A 65 5.41 5.39 -5.30
C LEU A 65 5.16 6.49 -4.25
N ARG A 66 6.16 7.34 -4.02
CA ARG A 66 5.98 8.42 -3.05
C ARG A 66 4.90 9.38 -3.52
N GLN A 67 4.88 9.64 -4.82
CA GLN A 67 3.91 10.57 -5.42
C GLN A 67 2.46 10.08 -5.29
N ILE A 68 2.22 8.78 -5.40
CA ILE A 68 0.87 8.26 -5.27
C ILE A 68 0.40 8.22 -3.82
N ARG A 69 1.29 7.79 -2.92
CA ARG A 69 0.92 7.72 -1.50
C ARG A 69 0.53 9.11 -1.02
N ARG A 70 1.37 10.08 -1.36
CA ARG A 70 1.11 11.46 -0.95
C ARG A 70 -0.23 11.93 -1.53
N GLU A 71 -0.48 11.59 -2.79
CA GLU A 71 -1.73 11.98 -3.43
C GLU A 71 -2.93 11.39 -2.70
N VAL A 72 -2.83 10.13 -2.28
CA VAL A 72 -3.93 9.50 -1.57
C VAL A 72 -4.25 10.25 -0.28
N ARG A 73 -3.23 10.53 0.52
CA ARG A 73 -3.45 11.23 1.79
C ARG A 73 -4.20 12.53 1.52
N ASN A 74 -3.91 13.15 0.39
CA ASN A 74 -4.58 14.38 -0.01
C ASN A 74 -6.04 14.10 -0.40
N ARG A 75 -6.28 12.86 -0.85
CA ARG A 75 -7.64 12.45 -1.18
C ARG A 75 -8.40 12.16 0.12
N TRP A 76 -7.82 11.32 0.99
CA TRP A 76 -8.46 10.98 2.26
C TRP A 76 -8.68 12.23 3.06
N ARG A 77 -7.71 13.08 3.02
CA ARG A 77 -7.82 14.31 3.75
C ARG A 77 -9.15 14.97 3.37
N ARG A 78 -9.48 15.06 2.07
CA ARG A 78 -10.79 15.68 1.72
C ARG A 78 -12.03 14.79 2.06
N ILE A 79 -12.07 13.51 1.63
CA ILE A 79 -13.27 12.66 1.89
C ILE A 79 -13.60 12.58 3.38
N LEU A 80 -12.61 12.24 4.17
CA LEU A 80 -12.85 12.08 5.59
C LEU A 80 -13.08 13.42 6.31
N GLU A 81 -12.29 14.44 5.97
CA GLU A 81 -12.43 15.71 6.66
C GLU A 81 -13.88 16.17 6.57
N ASP A 82 -14.50 16.00 5.40
CA ASP A 82 -15.87 16.42 5.20
C ASP A 82 -16.83 15.77 6.21
N LEU A 83 -16.58 14.52 6.64
CA LEU A 83 -17.51 13.92 7.61
C LEU A 83 -17.03 14.13 9.05
N GLY A 84 -15.72 14.31 9.23
CA GLY A 84 -15.18 14.50 10.57
C GLY A 84 -14.78 13.17 11.24
N PHE A 85 -15.04 12.05 10.56
CA PHE A 85 -14.70 10.72 11.13
C PHE A 85 -13.34 10.21 10.60
N GLN A 86 -12.47 11.16 10.27
CA GLN A 86 -11.14 10.93 9.71
C GLN A 86 -10.21 9.95 10.43
N ARG A 87 -10.36 9.73 11.72
CA ARG A 87 -9.40 8.87 12.43
C ARG A 87 -9.21 7.47 11.82
N GLU A 88 -10.27 6.74 11.47
CA GLU A 88 -10.02 5.36 10.99
C GLU A 88 -9.11 5.34 9.74
N ALA A 89 -9.44 6.10 8.71
CA ALA A 89 -8.63 6.16 7.49
C ALA A 89 -7.33 6.93 7.70
N ASP A 90 -7.38 7.90 8.59
CA ASP A 90 -6.18 8.63 8.91
C ASP A 90 -5.16 7.64 9.46
N SER A 91 -5.66 6.80 10.35
CA SER A 91 -4.83 5.80 11.03
C SER A 91 -4.09 4.92 10.03
N LEU A 92 -4.75 4.45 8.97
CA LEU A 92 -4.01 3.55 8.08
C LEU A 92 -2.89 4.24 7.28
N LEU A 93 -3.08 5.43 6.68
CA LEU A 93 -1.99 5.98 5.86
C LEU A 93 -0.76 6.43 6.70
N SER A 94 -0.98 7.17 7.80
CA SER A 94 0.11 7.67 8.69
C SER A 94 -0.35 8.90 9.50
N VAL A 95 -1.65 9.02 9.68
CA VAL A 95 -2.22 10.15 10.40
C VAL A 95 -3.02 9.70 11.62
N THR A 96 -2.45 8.78 12.40
CA THR A 96 -3.12 8.31 13.61
C THR A 96 -3.07 9.40 14.68
N LYS A 97 -3.91 10.42 14.51
CA LYS A 97 -3.96 11.53 15.46
C LYS A 97 -2.60 12.21 15.60
N LEU A 98 -1.68 11.92 14.68
CA LEU A 98 -0.37 12.56 14.71
C LEU A 98 -0.21 13.46 13.48
N SER A 99 0.01 14.77 13.65
CA SER A 99 0.23 15.58 12.47
C SER A 99 1.72 15.64 12.19
N THR A 100 2.15 15.07 11.07
CA THR A 100 3.57 15.07 10.76
C THR A 100 3.83 15.36 9.28
N MET A 101 4.82 16.21 9.01
CA MET A 101 5.18 16.48 7.62
C MET A 101 6.71 16.59 7.50
N SER A 102 7.23 16.15 6.37
CA SER A 102 8.67 16.24 6.12
C SER A 102 8.93 16.95 4.81
N ASP A 103 9.63 18.09 4.85
CA ASP A 103 9.89 18.81 3.61
C ASP A 103 10.94 18.10 2.75
N SER A 104 11.66 17.13 3.34
CA SER A 104 12.64 16.37 2.58
C SER A 104 11.93 15.16 1.95
N LYS A 105 12.48 14.61 0.88
CA LYS A 105 11.82 13.49 0.18
C LYS A 105 11.73 12.21 1.04
N ASN A 106 10.55 11.54 0.97
CA ASN A 106 10.32 10.32 1.75
C ASN A 106 10.66 9.05 0.95
N THR A 107 10.27 9.02 -0.33
CA THR A 107 10.53 7.88 -1.22
C THR A 107 9.91 6.53 -0.75
N ARG A 108 10.76 5.52 -0.49
CA ARG A 108 10.32 4.18 -0.06
C ARG A 108 9.40 4.17 1.16
N LYS A 109 9.52 5.21 1.96
CA LYS A 109 8.71 5.31 3.17
C LYS A 109 7.20 5.30 2.85
N ALA A 110 6.84 5.76 1.65
CA ALA A 110 5.43 5.77 1.25
C ALA A 110 4.87 4.36 1.18
N ARG A 111 5.61 3.50 0.50
CA ARG A 111 5.24 2.10 0.33
C ARG A 111 5.07 1.41 1.67
N GLU A 112 5.95 1.74 2.61
CA GLU A 112 5.87 1.11 3.90
C GLU A 112 4.46 1.37 4.43
N MET A 113 4.05 2.63 4.35
CA MET A 113 2.73 3.02 4.82
C MET A 113 1.60 2.29 4.08
N LEU A 114 1.72 2.12 2.76
CA LEU A 114 0.65 1.45 2.01
C LEU A 114 0.52 -0.01 2.53
N LEU A 115 1.64 -0.69 2.66
CA LEU A 115 1.61 -2.08 3.14
C LEU A 115 0.90 -2.13 4.50
N LYS A 116 1.27 -1.21 5.39
CA LYS A 116 0.67 -1.12 6.72
C LYS A 116 -0.83 -0.79 6.62
N LEU A 117 -1.20 -0.08 5.57
CA LEU A 117 -2.61 0.24 5.41
C LEU A 117 -3.41 -1.03 5.31
N ALA A 118 -3.01 -1.92 4.43
CA ALA A 118 -3.76 -3.16 4.24
C ALA A 118 -3.84 -3.98 5.49
N GLU A 119 -2.81 -3.96 6.31
CA GLU A 119 -2.84 -4.81 7.48
C GLU A 119 -3.72 -4.28 8.60
N GLU A 120 -3.77 -2.97 8.85
CA GLU A 120 -4.59 -2.55 9.99
C GLU A 120 -5.96 -2.14 9.57
N THR A 121 -6.16 -1.54 8.42
CA THR A 121 -7.49 -1.19 8.04
C THR A 121 -7.61 -1.38 6.56
N SER A 122 -8.80 -1.50 6.07
CA SER A 122 -8.98 -1.49 4.65
C SER A 122 -10.05 -0.44 4.42
N ILE A 123 -10.08 0.32 3.34
CA ILE A 123 -11.23 1.20 3.24
C ILE A 123 -12.36 0.27 2.83
N PHE A 124 -12.17 -0.37 1.69
CA PHE A 124 -13.08 -1.40 1.26
C PHE A 124 -12.61 -2.62 2.03
N PRO A 125 -13.36 -3.67 2.19
CA PRO A 125 -12.90 -4.84 3.02
C PRO A 125 -11.49 -5.34 2.67
N ALA A 126 -10.84 -5.97 3.65
CA ALA A 126 -9.43 -6.37 3.52
C ALA A 126 -9.14 -7.07 2.18
N SER A 127 -10.04 -7.90 1.67
CA SER A 127 -9.77 -8.57 0.38
C SER A 127 -9.76 -7.55 -0.79
N TRP A 128 -9.97 -6.29 -0.45
CA TRP A 128 -9.89 -5.20 -1.39
C TRP A 128 -8.46 -4.64 -1.40
N GLU A 129 -7.87 -4.56 -2.56
CA GLU A 129 -6.55 -3.97 -2.69
C GLU A 129 -6.78 -2.60 -3.26
N LEU A 130 -5.90 -1.65 -3.04
CA LEU A 130 -6.10 -0.33 -3.60
C LEU A 130 -4.83 0.19 -4.24
N SER A 131 -4.93 0.56 -5.49
CA SER A 131 -3.81 1.13 -6.17
C SER A 131 -4.10 2.61 -6.34
N GLU A 132 -3.12 3.36 -6.79
CA GLU A 132 -3.34 4.79 -6.97
C GLU A 132 -4.58 5.03 -7.83
N ARG A 133 -4.72 4.24 -8.87
CA ARG A 133 -5.84 4.39 -9.79
C ARG A 133 -7.19 3.97 -9.19
N TYR A 134 -7.25 2.84 -8.48
CA TYR A 134 -8.52 2.40 -7.89
C TYR A 134 -8.93 3.37 -6.81
N LEU A 135 -7.96 3.69 -5.99
CA LEU A 135 -8.23 4.61 -4.91
C LEU A 135 -8.86 5.88 -5.50
N LEU A 136 -8.22 6.51 -6.49
CA LEU A 136 -8.76 7.72 -7.09
C LEU A 136 -10.19 7.48 -7.59
N VAL A 137 -10.47 6.27 -8.06
CA VAL A 137 -11.82 5.96 -8.50
C VAL A 137 -12.74 6.01 -7.28
N VAL A 138 -12.23 5.46 -6.18
CA VAL A 138 -12.96 5.47 -4.93
C VAL A 138 -13.20 6.90 -4.49
N ASP A 139 -12.22 7.79 -4.76
CA ASP A 139 -12.40 9.18 -4.33
C ASP A 139 -13.69 9.69 -4.95
N ARG A 140 -13.85 9.56 -6.27
CA ARG A 140 -15.05 10.10 -6.89
C ARG A 140 -16.29 9.53 -6.22
N LEU A 141 -16.19 8.33 -5.67
CA LEU A 141 -17.33 7.78 -4.96
C LEU A 141 -17.66 8.72 -3.77
N ILE A 142 -16.60 9.11 -3.06
CA ILE A 142 -16.72 9.99 -1.89
C ILE A 142 -17.47 11.26 -2.28
N ALA A 143 -17.32 11.65 -3.54
CA ALA A 143 -17.95 12.83 -4.11
C ALA A 143 -19.46 12.78 -3.94
N LEU A 144 -20.02 11.60 -3.73
CA LEU A 144 -21.46 11.45 -3.54
C LEU A 144 -21.85 11.79 -2.09
N ASP A 145 -20.87 12.09 -1.25
CA ASP A 145 -21.14 12.43 0.15
C ASP A 145 -21.77 11.24 0.87
N ALA A 146 -21.15 10.07 0.69
CA ALA A 146 -21.60 8.82 1.29
C ALA A 146 -20.45 8.17 2.05
N ALA A 147 -19.50 8.99 2.51
CA ALA A 147 -18.32 8.49 3.22
C ALA A 147 -18.68 7.58 4.39
N GLU A 148 -19.79 7.84 5.07
CA GLU A 148 -20.17 7.00 6.20
C GLU A 148 -20.23 5.54 5.76
N ASP A 149 -20.52 5.32 4.49
CA ASP A 149 -20.56 3.97 3.96
C ASP A 149 -19.18 3.34 4.11
N PHE A 150 -18.14 4.14 3.84
CA PHE A 150 -16.78 3.64 3.95
C PHE A 150 -16.49 3.18 5.37
N PHE A 151 -16.97 3.93 6.33
CA PHE A 151 -16.70 3.56 7.71
C PHE A 151 -17.20 2.14 7.98
N LYS A 152 -18.45 1.85 7.65
CA LYS A 152 -18.99 0.51 7.92
C LYS A 152 -18.17 -0.59 7.25
N ILE A 153 -17.66 -0.33 6.04
CA ILE A 153 -16.85 -1.32 5.34
C ILE A 153 -15.42 -1.38 5.92
N ALA A 154 -14.80 -0.22 6.07
CA ALA A 154 -13.46 -0.15 6.60
C ALA A 154 -13.39 -0.70 8.03
N SER A 155 -14.41 -0.41 8.84
CA SER A 155 -14.46 -0.92 10.20
C SER A 155 -14.50 -2.44 10.15
N GLN A 156 -15.33 -2.93 9.24
CA GLN A 156 -15.59 -4.36 9.10
C GLN A 156 -14.31 -5.15 8.88
N MET A 157 -13.28 -4.53 8.30
CA MET A 157 -12.01 -5.26 8.14
C MET A 157 -11.29 -5.38 9.48
N TYR A 158 -11.31 -4.31 10.27
CA TYR A 158 -10.63 -4.32 11.57
C TYR A 158 -11.60 -4.09 12.75
N PRO A 159 -12.52 -4.99 12.93
CA PRO A 159 -13.53 -4.95 14.04
C PRO A 159 -12.90 -5.35 15.38
N LYS A 160 -13.47 -4.87 16.48
CA LYS A 160 -12.93 -5.21 17.79
C LYS A 160 -13.27 -6.66 18.16
N LYS A 161 -12.25 -7.50 18.16
CA LYS A 161 -12.43 -8.92 18.50
C LYS A 161 -11.45 -9.34 19.60
N PRO A 162 -11.74 -10.40 20.31
CA PRO A 162 -10.86 -10.90 21.41
C PRO A 162 -9.40 -10.95 21.00
N GLY A 163 -8.50 -10.66 21.93
CA GLY A 163 -7.07 -10.64 21.62
C GLY A 163 -6.57 -9.22 21.38
N VAL A 164 -7.42 -8.23 21.62
CA VAL A 164 -7.03 -6.83 21.42
C VAL A 164 -5.86 -6.47 22.34
N PRO A 165 -4.72 -6.04 21.83
CA PRO A 165 -3.56 -5.64 22.69
C PRO A 165 -3.86 -4.37 23.45
N CYS A 166 -3.22 -4.20 24.60
CA CYS A 166 -3.45 -3.00 25.41
C CYS A 166 -3.03 -1.75 24.62
N LEU A 167 -3.61 -0.61 24.98
CA LEU A 167 -3.30 0.63 24.29
C LEU A 167 -2.20 1.42 25.00
N VAL A 168 -1.17 1.78 24.25
CA VAL A 168 -0.03 2.51 24.80
C VAL A 168 -0.50 3.81 25.49
N ASP A 169 0.16 4.15 26.60
CA ASP A 169 -0.20 5.36 27.34
C ASP A 169 0.19 6.60 26.55
N GLY A 170 -0.47 7.73 26.86
CA GLY A 170 -0.20 8.98 26.17
C GLY A 170 -1.38 9.39 25.30
N GLN A 171 -2.17 8.41 24.86
CA GLN A 171 -3.33 8.71 24.03
C GLN A 171 -4.39 9.45 24.84
N ARG A 172 -5.11 10.35 24.18
CA ARG A 172 -6.14 11.12 24.86
C ARG A 172 -7.50 10.45 24.74
N LYS A 173 -8.20 10.32 25.86
CA LYS A 173 -9.51 9.68 25.87
C LYS A 173 -10.45 10.33 24.83
N LEU A 174 -11.27 9.50 24.18
CA LEU A 174 -12.20 10.00 23.18
C LEU A 174 -13.49 10.48 23.85
N HIS A 175 -14.13 11.49 23.26
CA HIS A 175 -15.36 12.03 23.83
C HIS A 175 -16.54 11.15 23.43
N CYS A 176 -17.34 10.76 24.42
CA CYS A 176 -18.50 9.92 24.17
C CYS A 176 -19.60 10.71 23.48
N LEU A 177 -19.67 12.01 23.76
CA LEU A 177 -20.68 12.86 23.15
C LEU A 177 -20.06 14.18 22.69
N PRO A 178 -20.68 14.87 21.75
CA PRO A 178 -20.16 16.17 21.24
C PRO A 178 -20.05 17.22 22.35
N PHE A 179 -19.06 18.10 22.23
CA PHE A 179 -18.86 19.15 23.22
C PHE A 179 -18.73 20.51 22.54
N PRO A 180 -18.99 21.59 23.25
CA PRO A 180 -18.89 22.97 22.68
C PRO A 180 -17.53 23.25 22.06
N SER A 181 -17.54 23.98 20.95
CA SER A 181 -16.29 24.32 20.25
C SER A 181 -15.50 25.34 21.07
N PRO A 182 -14.22 25.43 20.84
CA PRO A 182 -13.34 26.39 21.56
C PRO A 182 -13.38 27.79 20.95
N GLY A 1 -11.17 -43.69 -14.04
CA GLY A 1 -10.85 -42.30 -14.50
C GLY A 1 -10.66 -41.40 -13.28
N ASN A 2 -9.50 -41.50 -12.64
CA ASN A 2 -9.21 -40.69 -11.47
C ASN A 2 -9.21 -39.20 -11.83
N ASN A 3 -8.68 -38.88 -13.01
CA ASN A 3 -8.62 -37.50 -13.46
C ASN A 3 -9.17 -37.38 -14.89
N PRO A 4 -9.67 -36.23 -15.26
CA PRO A 4 -10.24 -36.01 -16.63
C PRO A 4 -9.15 -35.96 -17.71
N TYR A 5 -9.53 -36.29 -18.93
CA TYR A 5 -8.59 -36.29 -20.05
C TYR A 5 -9.14 -35.45 -21.20
N SER A 6 -8.23 -34.79 -21.92
CA SER A 6 -8.64 -33.95 -23.05
C SER A 6 -7.94 -34.38 -24.33
N SER A 7 -8.64 -34.24 -25.46
CA SER A 7 -8.07 -34.63 -26.74
C SER A 7 -6.97 -33.65 -27.17
N PHE A 8 -6.01 -34.15 -27.94
CA PHE A 8 -4.91 -33.31 -28.39
C PHE A 8 -5.40 -32.30 -29.42
N GLY A 9 -4.62 -31.26 -29.66
CA GLY A 9 -5.00 -30.23 -30.61
C GLY A 9 -5.51 -28.99 -29.88
N ALA A 10 -4.98 -28.76 -28.69
CA ALA A 10 -5.39 -27.60 -27.89
C ALA A 10 -5.19 -26.32 -28.68
N THR A 11 -6.11 -25.37 -28.46
CA THR A 11 -6.04 -24.10 -29.18
C THR A 11 -4.76 -23.34 -28.80
N LEU A 12 -3.92 -23.09 -29.81
CA LEU A 12 -2.67 -22.38 -29.59
C LEU A 12 -2.87 -20.87 -29.76
N GLU A 13 -4.03 -20.48 -30.30
CA GLU A 13 -4.31 -19.07 -30.54
C GLU A 13 -4.32 -18.27 -29.24
N ARG A 14 -4.86 -18.86 -28.18
CA ARG A 14 -4.93 -18.17 -26.89
C ARG A 14 -3.63 -18.30 -26.10
N ASP A 15 -2.61 -18.91 -26.71
CA ASP A 15 -1.33 -19.07 -26.03
C ASP A 15 -0.75 -17.72 -25.64
N ASP A 16 -0.11 -17.66 -24.48
CA ASP A 16 0.47 -16.43 -23.99
C ASP A 16 1.56 -15.93 -24.94
N GLU A 17 1.60 -14.61 -25.12
CA GLU A 17 2.59 -14.00 -26.00
C GLU A 17 3.99 -14.10 -25.40
N LYS A 18 4.08 -14.49 -24.13
CA LYS A 18 5.37 -14.61 -23.47
C LYS A 18 6.08 -15.91 -23.86
N ASN A 19 5.34 -16.81 -24.51
CA ASN A 19 5.92 -18.09 -24.93
C ASN A 19 6.22 -18.96 -23.71
N LEU A 20 7.12 -19.92 -23.88
CA LEU A 20 7.48 -20.82 -22.78
C LEU A 20 8.66 -20.26 -22.00
N TRP A 21 8.45 -19.99 -20.71
CA TRP A 21 9.51 -19.46 -19.86
C TRP A 21 9.11 -19.55 -18.39
N SER A 22 8.05 -18.84 -18.03
CA SER A 22 7.56 -18.84 -16.66
C SER A 22 8.57 -18.19 -15.71
N MET A 23 8.07 -17.48 -14.72
CA MET A 23 8.94 -16.81 -13.75
C MET A 23 8.49 -17.13 -12.32
N PRO A 24 8.76 -18.32 -11.85
CA PRO A 24 8.37 -18.77 -10.48
C PRO A 24 8.94 -17.88 -9.38
N HIS A 25 9.93 -17.07 -9.72
CA HIS A 25 10.58 -16.20 -8.74
C HIS A 25 9.62 -15.15 -8.16
N ASP A 26 8.71 -14.62 -8.98
CA ASP A 26 7.78 -13.59 -8.51
C ASP A 26 6.44 -14.18 -8.10
N VAL A 27 6.46 -15.37 -7.53
CA VAL A 27 5.23 -16.02 -7.06
C VAL A 27 4.89 -15.55 -5.64
N SER A 28 5.95 -15.39 -4.85
CA SER A 28 5.85 -14.97 -3.46
C SER A 28 5.80 -13.46 -3.35
N HIS A 29 5.61 -12.78 -4.48
CA HIS A 29 5.58 -11.34 -4.56
C HIS A 29 4.51 -10.67 -3.70
N THR A 30 4.85 -9.47 -3.25
CA THR A 30 4.00 -8.65 -2.41
C THR A 30 2.83 -8.20 -3.27
N GLU A 31 1.82 -7.57 -2.69
CA GLU A 31 0.64 -7.26 -3.49
C GLU A 31 1.05 -6.49 -4.72
N ALA A 32 1.96 -5.52 -4.63
CA ALA A 32 2.39 -4.86 -5.84
C ALA A 32 3.69 -5.53 -6.29
N ASP A 33 3.56 -6.31 -7.34
CA ASP A 33 4.67 -7.08 -7.87
C ASP A 33 5.77 -6.19 -8.43
N ASP A 34 5.39 -5.10 -9.06
CA ASP A 34 6.38 -4.20 -9.64
C ASP A 34 7.32 -3.70 -8.55
N ASP A 35 6.78 -3.47 -7.35
CA ASP A 35 7.58 -3.02 -6.22
C ASP A 35 8.59 -4.10 -5.78
N ARG A 36 8.11 -5.33 -5.64
CA ARG A 36 8.98 -6.42 -5.20
C ARG A 36 10.07 -6.72 -6.24
N ILE A 37 9.67 -6.88 -7.49
CA ILE A 37 10.62 -7.15 -8.55
C ILE A 37 11.58 -5.96 -8.67
N LEU A 38 11.13 -4.81 -8.17
CA LEU A 38 11.99 -3.65 -8.18
C LEU A 38 13.19 -3.96 -7.28
N TYR A 39 12.93 -4.37 -6.06
CA TYR A 39 14.03 -4.65 -5.14
C TYR A 39 14.98 -5.63 -5.81
N ASN A 40 14.47 -6.50 -6.65
CA ASN A 40 15.36 -7.41 -7.37
C ASN A 40 16.35 -6.55 -8.18
N LEU A 41 15.84 -5.49 -8.83
CA LEU A 41 16.69 -4.61 -9.63
C LEU A 41 17.86 -4.04 -8.81
N ILE A 42 17.60 -3.67 -7.56
CA ILE A 42 18.66 -3.13 -6.72
C ILE A 42 19.72 -4.19 -6.48
N VAL A 43 19.32 -5.46 -6.39
CA VAL A 43 20.31 -6.50 -6.20
C VAL A 43 21.28 -6.41 -7.36
N ILE A 44 20.75 -6.20 -8.57
CA ILE A 44 21.63 -6.08 -9.72
C ILE A 44 22.62 -4.96 -9.45
N ARG A 45 22.20 -3.93 -8.69
CA ARG A 45 23.12 -2.84 -8.36
C ARG A 45 24.29 -3.41 -7.56
N ASN A 46 24.04 -4.46 -6.81
CA ASN A 46 25.14 -5.10 -6.08
C ASN A 46 26.17 -5.59 -7.12
N GLN A 47 25.65 -5.80 -8.33
CA GLN A 47 26.49 -6.20 -9.49
C GLN A 47 26.87 -4.96 -10.36
N GLN A 48 26.04 -3.93 -10.27
CA GLN A 48 26.24 -2.69 -11.03
C GLN A 48 26.64 -1.49 -10.16
N THR A 49 27.29 -0.52 -10.76
CA THR A 49 27.64 0.67 -10.03
C THR A 49 26.45 1.62 -10.02
N LYS A 50 26.41 2.52 -9.04
CA LYS A 50 25.28 3.46 -8.94
C LYS A 50 25.07 4.20 -10.26
N ASP A 51 26.13 4.27 -11.06
CA ASP A 51 26.00 4.98 -12.32
C ASP A 51 24.85 4.34 -13.09
N SER A 52 24.82 3.00 -13.10
CA SER A 52 23.79 2.21 -13.82
C SER A 52 22.50 3.00 -14.07
N GLU A 53 22.18 3.13 -15.36
CA GLU A 53 21.00 3.86 -15.82
C GLU A 53 19.68 3.14 -15.56
N GLU A 54 19.68 1.80 -15.57
CA GLU A 54 18.41 1.10 -15.31
C GLU A 54 18.03 1.13 -13.84
N TRP A 55 18.95 0.74 -12.96
CA TRP A 55 18.63 0.67 -11.55
C TRP A 55 18.24 2.06 -11.06
N GLN A 56 18.84 3.08 -11.68
CA GLN A 56 18.46 4.43 -11.31
C GLN A 56 16.95 4.49 -11.57
N ARG A 57 16.52 4.06 -12.78
CA ARG A 57 15.11 4.07 -13.14
C ARG A 57 14.26 3.31 -12.12
N LEU A 58 14.83 2.29 -11.47
CA LEU A 58 14.07 1.57 -10.43
C LEU A 58 13.67 2.59 -9.36
N ASN A 59 14.63 3.41 -8.97
CA ASN A 59 14.35 4.42 -7.96
C ASN A 59 13.22 5.31 -8.45
N TYR A 60 13.31 5.69 -9.71
CA TYR A 60 12.29 6.52 -10.37
C TYR A 60 10.92 5.83 -10.32
N ASP A 61 10.92 4.50 -10.24
CA ASP A 61 9.68 3.75 -10.14
C ASP A 61 9.09 3.88 -8.72
N ILE A 62 9.97 3.91 -7.72
CA ILE A 62 9.53 4.08 -6.33
C ILE A 62 9.03 5.51 -6.12
N TYR A 63 9.71 6.46 -6.75
CA TYR A 63 9.28 7.85 -6.63
C TYR A 63 7.84 7.94 -7.13
N THR A 64 7.56 7.19 -8.20
CA THR A 64 6.21 7.17 -8.74
C THR A 64 5.25 6.66 -7.66
N LEU A 65 5.67 5.64 -6.92
CA LEU A 65 4.84 5.09 -5.84
C LEU A 65 4.49 6.19 -4.84
N ARG A 66 5.41 7.11 -4.63
CA ARG A 66 5.16 8.21 -3.71
C ARG A 66 4.04 9.12 -4.25
N GLN A 67 4.07 9.38 -5.56
CA GLN A 67 3.08 10.24 -6.20
C GLN A 67 1.67 9.66 -6.15
N ILE A 68 1.56 8.34 -6.33
CA ILE A 68 0.24 7.70 -6.29
C ILE A 68 -0.30 7.72 -4.86
N ARG A 69 0.58 7.44 -3.89
CA ARG A 69 0.19 7.44 -2.49
C ARG A 69 -0.38 8.81 -2.09
N ARG A 70 0.33 9.85 -2.48
CA ARG A 70 -0.05 11.21 -2.15
C ARG A 70 -1.46 11.55 -2.66
N GLU A 71 -1.77 11.17 -3.91
CA GLU A 71 -3.07 11.49 -4.48
C GLU A 71 -4.22 10.80 -3.71
N VAL A 72 -4.02 9.54 -3.32
CA VAL A 72 -5.08 8.82 -2.61
C VAL A 72 -5.43 9.50 -1.28
N ARG A 73 -4.42 9.79 -0.47
CA ARG A 73 -4.67 10.42 0.82
C ARG A 73 -5.45 11.72 0.62
N ASN A 74 -5.11 12.40 -0.44
CA ASN A 74 -5.80 13.64 -0.80
C ASN A 74 -7.26 13.34 -1.14
N ARG A 75 -7.50 12.12 -1.61
CA ARG A 75 -8.86 11.68 -1.89
C ARG A 75 -9.59 11.33 -0.59
N TRP A 76 -9.00 10.47 0.25
CA TRP A 76 -9.62 10.06 1.51
C TRP A 76 -9.92 11.29 2.34
N ARG A 77 -8.98 12.19 2.36
CA ARG A 77 -9.18 13.40 3.13
C ARG A 77 -10.52 14.02 2.66
N ARG A 78 -10.70 14.18 1.35
CA ARG A 78 -11.94 14.78 0.80
C ARG A 78 -13.24 13.93 0.90
N ILE A 79 -13.17 12.60 0.68
CA ILE A 79 -14.42 11.76 0.71
C ILE A 79 -15.01 11.71 2.10
N LEU A 80 -14.20 11.33 3.07
CA LEU A 80 -14.69 11.21 4.42
C LEU A 80 -14.83 12.54 5.16
N GLU A 81 -13.89 13.48 4.98
CA GLU A 81 -13.98 14.72 5.73
C GLU A 81 -15.26 15.46 5.41
N ASP A 82 -15.60 15.60 4.12
CA ASP A 82 -16.81 16.32 3.79
C ASP A 82 -18.00 15.69 4.48
N LEU A 83 -17.90 14.40 4.78
CA LEU A 83 -19.01 13.73 5.44
C LEU A 83 -18.84 13.71 6.96
N GLY A 84 -17.60 13.81 7.44
CA GLY A 84 -17.36 13.80 8.88
C GLY A 84 -16.92 12.44 9.44
N PHE A 85 -16.86 11.38 8.61
CA PHE A 85 -16.44 10.06 9.14
C PHE A 85 -14.97 9.79 8.83
N GLN A 86 -14.21 10.85 8.76
CA GLN A 86 -12.78 10.82 8.39
C GLN A 86 -11.91 9.81 9.14
N ARG A 87 -12.19 9.47 10.38
CA ARG A 87 -11.29 8.58 11.12
C ARG A 87 -11.06 7.17 10.51
N GLU A 88 -12.10 6.45 10.10
CA GLU A 88 -11.88 5.06 9.63
C GLU A 88 -10.92 4.98 8.43
N ALA A 89 -11.17 5.77 7.39
CA ALA A 89 -10.32 5.78 6.18
C ALA A 89 -8.97 6.45 6.45
N ASP A 90 -9.00 7.37 7.40
CA ASP A 90 -7.77 8.02 7.82
C ASP A 90 -6.84 6.97 8.41
N SER A 91 -7.41 6.15 9.29
CA SER A 91 -6.65 5.12 9.98
C SER A 91 -5.95 4.19 9.01
N LEU A 92 -6.63 3.74 7.96
CA LEU A 92 -5.96 2.78 7.07
C LEU A 92 -4.70 3.37 6.42
N LEU A 93 -4.72 4.61 5.88
CA LEU A 93 -3.52 5.11 5.21
C LEU A 93 -2.35 5.46 6.17
N SER A 94 -2.64 6.17 7.29
CA SER A 94 -1.63 6.58 8.31
C SER A 94 -2.06 7.87 9.06
N VAL A 95 -3.35 8.16 9.02
CA VAL A 95 -3.87 9.36 9.67
C VAL A 95 -4.76 9.03 10.86
N THR A 96 -4.30 8.12 11.71
CA THR A 96 -5.07 7.75 12.91
C THR A 96 -5.00 8.88 13.94
N LYS A 97 -5.79 9.92 13.71
CA LYS A 97 -5.85 11.06 14.62
C LYS A 97 -4.47 11.69 14.81
N LEU A 98 -3.54 11.39 13.90
CA LEU A 98 -2.20 11.97 13.97
C LEU A 98 -1.97 12.89 12.75
N SER A 99 -1.68 14.18 12.98
CA SER A 99 -1.39 15.01 11.81
C SER A 99 0.11 15.00 11.57
N THR A 100 0.55 14.43 10.44
CA THR A 100 1.98 14.37 10.17
C THR A 100 2.32 14.67 8.71
N MET A 101 3.43 15.39 8.51
CA MET A 101 3.88 15.68 7.15
C MET A 101 5.40 15.77 7.11
N SER A 102 6.01 15.36 6.00
CA SER A 102 7.45 15.42 5.85
C SER A 102 7.82 16.18 4.58
N ASP A 103 8.54 17.30 4.71
CA ASP A 103 8.91 18.08 3.53
C ASP A 103 10.00 17.40 2.71
N SER A 104 10.69 16.41 3.29
CA SER A 104 11.73 15.70 2.55
C SER A 104 11.10 14.51 1.80
N LYS A 105 11.73 14.05 0.72
CA LYS A 105 11.14 12.96 -0.09
C LYS A 105 11.07 11.63 0.67
N ASN A 106 9.91 10.96 0.57
CA ASN A 106 9.69 9.67 1.25
C ASN A 106 10.00 8.45 0.34
N THR A 107 9.50 8.50 -0.91
CA THR A 107 9.70 7.43 -1.91
C THR A 107 9.13 6.03 -1.51
N ARG A 108 10.00 5.10 -1.12
CA ARG A 108 9.62 3.72 -0.75
C ARG A 108 8.54 3.66 0.34
N LYS A 109 8.49 4.71 1.13
CA LYS A 109 7.52 4.78 2.23
C LYS A 109 6.07 4.61 1.75
N ALA A 110 5.78 4.99 0.51
CA ALA A 110 4.40 4.90 0.00
C ALA A 110 3.91 3.45 -0.07
N ARG A 111 4.72 2.61 -0.67
CA ARG A 111 4.36 1.20 -0.84
C ARG A 111 4.06 0.54 0.52
N GLU A 112 4.85 0.90 1.52
CA GLU A 112 4.62 0.34 2.83
C GLU A 112 3.21 0.72 3.28
N MET A 113 2.89 2.00 3.09
CA MET A 113 1.61 2.54 3.53
C MET A 113 0.42 1.82 2.87
N LEU A 114 0.45 1.57 1.56
CA LEU A 114 -0.67 0.88 0.92
C LEU A 114 -0.75 -0.57 1.44
N LEU A 115 0.40 -1.23 1.54
CA LEU A 115 0.38 -2.62 2.00
C LEU A 115 -0.22 -2.73 3.41
N LYS A 116 0.24 -1.90 4.34
CA LYS A 116 -0.30 -1.91 5.69
C LYS A 116 -1.75 -1.43 5.68
N LEU A 117 -2.06 -0.58 4.72
CA LEU A 117 -3.43 -0.08 4.62
C LEU A 117 -4.34 -1.27 4.47
N ALA A 118 -4.00 -2.13 3.53
CA ALA A 118 -4.80 -3.31 3.25
C ALA A 118 -4.93 -4.21 4.46
N GLU A 119 -3.89 -4.28 5.28
CA GLU A 119 -3.95 -5.20 6.41
C GLU A 119 -4.91 -4.74 7.50
N GLU A 120 -5.00 -3.44 7.83
CA GLU A 120 -5.90 -3.11 8.93
C GLU A 120 -7.28 -2.73 8.46
N THR A 121 -7.43 -2.08 7.33
CA THR A 121 -8.76 -1.79 6.89
C THR A 121 -8.75 -1.90 5.39
N SER A 122 -9.88 -2.06 4.80
CA SER A 122 -9.97 -1.98 3.37
C SER A 122 -11.13 -1.02 3.11
N ILE A 123 -11.16 -0.24 2.05
CA ILE A 123 -12.38 0.55 1.88
C ILE A 123 -13.41 -0.47 1.43
N PHE A 124 -13.12 -1.09 0.30
CA PHE A 124 -13.93 -2.19 -0.18
C PHE A 124 -13.34 -3.40 0.51
N PRO A 125 -13.99 -4.52 0.62
CA PRO A 125 -13.42 -5.67 1.39
C PRO A 125 -11.97 -6.03 1.02
N ALA A 126 -11.30 -6.63 2.00
CA ALA A 126 -9.83 -6.87 1.91
C ALA A 126 -9.38 -7.47 0.57
N SER A 127 -10.17 -8.33 -0.08
CA SER A 127 -9.72 -8.89 -1.36
C SER A 127 -9.65 -7.78 -2.42
N TRP A 128 -10.32 -6.68 -2.11
CA TRP A 128 -10.28 -5.49 -2.95
C TRP A 128 -8.94 -4.80 -2.72
N GLU A 129 -8.20 -4.52 -3.79
CA GLU A 129 -6.93 -3.82 -3.68
C GLU A 129 -7.24 -2.36 -3.80
N LEU A 130 -6.43 -1.49 -3.24
CA LEU A 130 -6.72 -0.08 -3.40
C LEU A 130 -5.74 0.55 -4.37
N SER A 131 -6.28 1.01 -5.47
CA SER A 131 -5.50 1.67 -6.49
C SER A 131 -5.86 3.14 -6.53
N GLU A 132 -4.91 3.96 -6.88
CA GLU A 132 -5.20 5.39 -6.95
C GLU A 132 -6.35 5.68 -7.91
N ARG A 133 -6.37 5.02 -9.08
CA ARG A 133 -7.42 5.27 -10.07
C ARG A 133 -8.82 4.78 -9.61
N TYR A 134 -8.90 3.57 -9.04
CA TYR A 134 -10.20 3.05 -8.60
C TYR A 134 -10.71 3.89 -7.43
N LEU A 135 -9.81 4.12 -6.51
CA LEU A 135 -10.18 4.89 -5.34
C LEU A 135 -10.74 6.23 -5.83
N LEU A 136 -10.01 6.94 -6.67
CA LEU A 136 -10.49 8.21 -7.19
C LEU A 136 -11.87 8.04 -7.82
N VAL A 137 -12.12 6.87 -8.43
CA VAL A 137 -13.44 6.61 -8.99
C VAL A 137 -14.44 6.56 -7.85
N VAL A 138 -14.01 5.90 -6.77
CA VAL A 138 -14.84 5.81 -5.59
C VAL A 138 -15.13 7.22 -5.09
N ASP A 139 -14.18 8.16 -5.33
CA ASP A 139 -14.41 9.52 -4.87
C ASP A 139 -15.74 9.97 -5.48
N ARG A 140 -15.86 9.83 -6.79
CA ARG A 140 -17.07 10.27 -7.46
C ARG A 140 -18.31 9.60 -6.87
N LEU A 141 -18.18 8.36 -6.40
CA LEU A 141 -19.34 7.70 -5.79
C LEU A 141 -19.76 8.50 -4.53
N ILE A 142 -18.75 8.84 -3.72
CA ILE A 142 -18.98 9.58 -2.46
C ILE A 142 -19.74 10.87 -2.78
N ALA A 143 -19.52 11.37 -3.97
CA ALA A 143 -20.18 12.57 -4.48
C ALA A 143 -21.70 12.41 -4.43
N LEU A 144 -22.16 11.16 -4.40
CA LEU A 144 -23.58 10.85 -4.33
C LEU A 144 -24.08 10.98 -2.89
N ASP A 145 -23.16 11.14 -1.95
CA ASP A 145 -23.48 11.29 -0.53
C ASP A 145 -24.00 9.99 0.08
N ALA A 146 -23.34 8.87 -0.21
CA ALA A 146 -23.73 7.55 0.32
C ALA A 146 -22.48 6.91 0.95
N ALA A 147 -21.55 7.75 1.40
CA ALA A 147 -20.28 7.29 2.00
C ALA A 147 -20.47 6.34 3.19
N GLU A 148 -21.57 6.49 3.92
CA GLU A 148 -21.81 5.61 5.07
C GLU A 148 -21.72 4.16 4.61
N ASP A 149 -22.04 3.93 3.34
CA ASP A 149 -21.95 2.59 2.78
C ASP A 149 -20.50 2.10 2.89
N PHE A 150 -19.55 3.00 2.66
CA PHE A 150 -18.13 2.64 2.74
C PHE A 150 -17.85 2.09 4.12
N PHE A 151 -18.36 2.78 5.11
CA PHE A 151 -18.11 2.35 6.47
C PHE A 151 -18.51 0.88 6.64
N LYS A 152 -19.74 0.54 6.25
CA LYS A 152 -20.21 -0.84 6.39
C LYS A 152 -19.30 -1.86 5.68
N ILE A 153 -18.80 -1.48 4.50
CA ILE A 153 -17.92 -2.40 3.75
C ILE A 153 -16.50 -2.42 4.35
N ALA A 154 -15.93 -1.25 4.60
CA ALA A 154 -14.61 -1.17 5.17
C ALA A 154 -14.57 -1.84 6.55
N SER A 155 -15.64 -1.67 7.32
CA SER A 155 -15.72 -2.30 8.63
C SER A 155 -15.71 -3.82 8.42
N GLN A 156 -16.43 -4.23 7.39
CA GLN A 156 -16.63 -5.65 7.11
C GLN A 156 -15.29 -6.35 6.93
N MET A 157 -14.25 -5.62 6.51
CA MET A 157 -12.93 -6.25 6.40
C MET A 157 -12.30 -6.42 7.79
N TYR A 158 -12.46 -5.41 8.65
CA TYR A 158 -11.88 -5.45 10.00
C TYR A 158 -12.93 -5.36 11.12
N PRO A 159 -13.95 -6.21 11.09
CA PRO A 159 -15.04 -6.23 12.12
C PRO A 159 -14.62 -6.89 13.44
N LYS A 160 -15.28 -6.50 14.52
CA LYS A 160 -15.03 -7.11 15.82
C LYS A 160 -16.39 -7.41 16.43
N LYS A 161 -16.49 -8.41 17.31
CA LYS A 161 -17.78 -8.72 17.93
C LYS A 161 -17.65 -8.77 19.45
N PRO A 162 -18.54 -8.16 20.20
CA PRO A 162 -18.48 -8.21 21.69
C PRO A 162 -18.74 -9.63 22.20
N GLY A 163 -17.82 -10.19 22.98
CA GLY A 163 -18.02 -11.55 23.47
C GLY A 163 -17.23 -12.56 22.63
N VAL A 164 -16.40 -12.07 21.71
CA VAL A 164 -15.61 -12.96 20.87
C VAL A 164 -14.69 -13.80 21.78
N PRO A 165 -14.83 -15.12 21.78
CA PRO A 165 -14.01 -16.00 22.66
C PRO A 165 -12.60 -16.30 22.15
N CYS A 166 -11.69 -16.49 23.09
CA CYS A 166 -10.30 -16.78 22.78
C CYS A 166 -10.20 -18.10 22.01
N LEU A 167 -9.12 -18.26 21.26
CA LEU A 167 -8.93 -19.48 20.47
C LEU A 167 -8.43 -20.62 21.35
N VAL A 168 -9.29 -21.61 21.57
CA VAL A 168 -8.94 -22.76 22.41
C VAL A 168 -8.46 -23.94 21.56
N ASP A 169 -7.41 -24.62 22.02
CA ASP A 169 -6.89 -25.79 21.31
C ASP A 169 -7.87 -26.95 21.39
N GLY A 170 -7.76 -27.91 20.47
CA GLY A 170 -8.66 -29.06 20.49
C GLY A 170 -9.94 -28.80 19.69
N GLN A 171 -9.99 -27.67 18.99
CA GLN A 171 -11.16 -27.33 18.19
C GLN A 171 -11.30 -28.31 17.03
N ARG A 172 -12.51 -28.83 16.83
CA ARG A 172 -12.75 -29.78 15.74
C ARG A 172 -12.64 -29.08 14.40
N LYS A 173 -11.80 -29.62 13.52
CA LYS A 173 -11.62 -29.04 12.19
C LYS A 173 -12.56 -29.70 11.17
N LEU A 174 -12.95 -28.95 10.15
CA LEU A 174 -13.84 -29.50 9.12
C LEU A 174 -13.01 -30.13 8.01
N HIS A 175 -13.55 -31.19 7.40
CA HIS A 175 -12.84 -31.87 6.34
C HIS A 175 -13.20 -31.27 4.98
N CYS A 176 -12.20 -30.63 4.35
CA CYS A 176 -12.42 -30.02 3.05
C CYS A 176 -12.62 -31.09 1.98
N LEU A 177 -12.00 -32.24 2.17
CA LEU A 177 -12.12 -33.33 1.21
C LEU A 177 -12.34 -34.67 1.94
N PRO A 178 -12.96 -35.62 1.30
CA PRO A 178 -13.21 -36.97 1.91
C PRO A 178 -11.93 -37.77 2.02
N PHE A 179 -11.85 -38.63 3.05
CA PHE A 179 -10.67 -39.45 3.25
C PHE A 179 -11.00 -40.94 3.04
N PRO A 180 -10.04 -41.74 2.66
CA PRO A 180 -10.25 -43.20 2.41
C PRO A 180 -10.48 -43.97 3.71
N SER A 181 -11.24 -45.05 3.62
CA SER A 181 -11.53 -45.87 4.79
C SER A 181 -10.28 -46.65 5.22
N PRO A 182 -10.18 -47.02 6.47
CA PRO A 182 -9.00 -47.77 6.99
C PRO A 182 -9.03 -49.24 6.54
N GLY A 1 38.46 0.13 -0.78
CA GLY A 1 39.41 -1.03 -0.74
C GLY A 1 40.05 -1.20 -2.11
N ASN A 2 41.20 -1.86 -2.14
CA ASN A 2 41.91 -2.08 -3.39
C ASN A 2 41.75 -3.53 -3.85
N ASN A 3 41.56 -3.72 -5.16
CA ASN A 3 41.39 -5.06 -5.71
C ASN A 3 40.34 -5.84 -4.91
N PRO A 4 39.10 -5.44 -4.99
CA PRO A 4 37.98 -6.11 -4.26
C PRO A 4 37.91 -7.61 -4.53
N TYR A 5 38.12 -8.00 -5.79
CA TYR A 5 38.07 -9.41 -6.16
C TYR A 5 39.31 -9.83 -6.94
N SER A 6 39.77 -11.05 -6.72
CA SER A 6 40.95 -11.56 -7.41
C SER A 6 40.66 -11.72 -8.90
N SER A 7 41.68 -11.53 -9.72
CA SER A 7 41.51 -11.65 -11.16
C SER A 7 40.40 -10.74 -11.65
N PHE A 8 40.35 -9.53 -11.09
CA PHE A 8 39.33 -8.56 -11.48
C PHE A 8 39.45 -8.22 -12.96
N GLY A 9 38.30 -8.20 -13.64
CA GLY A 9 38.28 -7.89 -15.07
C GLY A 9 37.53 -8.95 -15.85
N ALA A 10 36.56 -9.58 -15.18
CA ALA A 10 35.78 -10.64 -15.81
C ALA A 10 35.11 -10.14 -17.10
N THR A 11 34.56 -11.08 -17.86
CA THR A 11 33.90 -10.75 -19.10
C THR A 11 32.40 -10.61 -18.92
N LEU A 12 31.93 -9.37 -18.79
CA LEU A 12 30.51 -9.11 -18.59
C LEU A 12 29.69 -9.56 -19.80
N GLU A 13 30.35 -9.81 -20.92
CA GLU A 13 29.66 -10.27 -22.12
C GLU A 13 29.27 -11.74 -22.00
N ARG A 14 29.82 -12.41 -20.98
CA ARG A 14 29.51 -13.83 -20.77
C ARG A 14 28.08 -13.99 -20.27
N ASP A 15 27.53 -12.93 -19.67
CA ASP A 15 26.17 -12.97 -19.17
C ASP A 15 25.34 -11.84 -19.79
N ASP A 16 24.13 -12.16 -20.22
CA ASP A 16 23.27 -11.15 -20.84
C ASP A 16 22.85 -10.11 -19.81
N GLU A 17 22.91 -8.84 -20.20
CA GLU A 17 22.52 -7.76 -19.31
C GLU A 17 21.04 -7.84 -18.98
N LYS A 18 20.24 -8.19 -19.99
CA LYS A 18 18.80 -8.30 -19.83
C LYS A 18 18.43 -9.39 -18.83
N ASN A 19 19.21 -10.47 -18.82
CA ASN A 19 18.96 -11.59 -17.91
C ASN A 19 17.63 -12.28 -18.26
N LEU A 20 16.94 -12.82 -17.26
CA LEU A 20 15.68 -13.52 -17.51
C LEU A 20 14.50 -12.70 -16.99
N TRP A 21 13.35 -12.88 -17.62
CA TRP A 21 12.14 -12.17 -17.23
C TRP A 21 11.06 -13.14 -16.75
N SER A 22 10.23 -12.70 -15.82
CA SER A 22 9.16 -13.54 -15.30
C SER A 22 9.74 -14.80 -14.65
N MET A 23 10.79 -14.62 -13.86
CA MET A 23 11.43 -15.75 -13.19
C MET A 23 10.52 -16.29 -12.07
N PRO A 24 10.67 -17.54 -11.71
CA PRO A 24 9.83 -18.17 -10.64
C PRO A 24 10.03 -17.51 -9.28
N HIS A 25 11.13 -16.79 -9.13
CA HIS A 25 11.42 -16.12 -7.86
C HIS A 25 10.31 -15.13 -7.49
N ASP A 26 9.48 -14.76 -8.45
CA ASP A 26 8.40 -13.81 -8.22
C ASP A 26 7.11 -14.49 -7.77
N VAL A 27 7.22 -15.62 -7.10
CA VAL A 27 6.03 -16.32 -6.61
C VAL A 27 5.55 -15.79 -5.26
N SER A 28 6.52 -15.42 -4.43
CA SER A 28 6.26 -14.91 -3.08
C SER A 28 5.99 -13.41 -3.06
N HIS A 29 5.81 -12.83 -4.23
CA HIS A 29 5.60 -11.39 -4.38
C HIS A 29 4.41 -10.83 -3.61
N THR A 30 4.57 -9.58 -3.20
CA THR A 30 3.57 -8.84 -2.45
C THR A 30 2.43 -8.58 -3.43
N GLU A 31 1.31 -8.02 -3.00
CA GLU A 31 0.20 -7.89 -3.92
C GLU A 31 0.64 -7.17 -5.19
N ALA A 32 1.43 -6.09 -5.10
CA ALA A 32 1.89 -5.47 -6.33
C ALA A 32 3.31 -5.93 -6.58
N ASP A 33 3.45 -6.81 -7.56
CA ASP A 33 4.73 -7.40 -7.91
C ASP A 33 5.76 -6.39 -8.38
N ASP A 34 5.30 -5.28 -8.93
CA ASP A 34 6.23 -4.28 -9.44
C ASP A 34 7.16 -3.79 -8.34
N ASP A 35 6.64 -3.60 -7.14
CA ASP A 35 7.46 -3.14 -6.02
C ASP A 35 8.52 -4.17 -5.63
N ARG A 36 8.11 -5.44 -5.47
CA ARG A 36 9.04 -6.49 -5.07
C ARG A 36 10.13 -6.73 -6.11
N ILE A 37 9.73 -6.88 -7.36
CA ILE A 37 10.68 -7.14 -8.43
C ILE A 37 11.56 -5.90 -8.65
N LEU A 38 11.02 -4.74 -8.34
CA LEU A 38 11.82 -3.54 -8.49
C LEU A 38 13.07 -3.70 -7.62
N TYR A 39 12.85 -4.00 -6.36
CA TYR A 39 13.97 -4.17 -5.44
C TYR A 39 14.92 -5.20 -6.01
N ASN A 40 14.41 -6.16 -6.77
CA ASN A 40 15.31 -7.14 -7.37
C ASN A 40 16.33 -6.37 -8.21
N LEU A 41 15.88 -5.35 -8.95
CA LEU A 41 16.82 -4.58 -9.75
C LEU A 41 17.92 -4.03 -8.84
N ILE A 42 17.58 -3.62 -7.64
CA ILE A 42 18.63 -3.13 -6.75
C ILE A 42 19.69 -4.21 -6.54
N VAL A 43 19.26 -5.48 -6.53
CA VAL A 43 20.24 -6.55 -6.37
C VAL A 43 21.26 -6.41 -7.50
N ILE A 44 20.79 -6.12 -8.72
CA ILE A 44 21.75 -5.97 -9.81
C ILE A 44 22.78 -4.93 -9.41
N ARG A 45 22.38 -3.95 -8.59
CA ARG A 45 23.32 -2.92 -8.15
C ARG A 45 24.47 -3.59 -7.39
N ASN A 46 24.17 -4.64 -6.64
CA ASN A 46 25.25 -5.34 -5.93
C ASN A 46 26.25 -5.91 -6.96
N GLN A 47 25.73 -6.12 -8.18
CA GLN A 47 26.56 -6.61 -9.30
C GLN A 47 27.08 -5.46 -10.21
N GLN A 48 26.31 -4.38 -10.21
CA GLN A 48 26.61 -3.20 -11.02
C GLN A 48 27.02 -1.98 -10.22
N THR A 49 27.77 -1.11 -10.87
CA THR A 49 28.17 0.13 -10.23
C THR A 49 27.02 1.13 -10.43
N LYS A 50 27.03 2.20 -9.66
CA LYS A 50 25.98 3.23 -9.74
C LYS A 50 25.63 3.59 -11.19
N ASP A 51 26.59 3.40 -12.08
CA ASP A 51 26.35 3.75 -13.48
C ASP A 51 25.10 3.00 -14.00
N SER A 52 25.01 1.68 -13.71
CA SER A 52 23.89 0.83 -14.18
C SER A 52 22.58 1.59 -14.46
N GLU A 53 22.16 1.49 -15.71
CA GLU A 53 20.95 2.12 -16.21
C GLU A 53 19.66 1.46 -15.70
N GLU A 54 19.69 0.15 -15.44
CA GLU A 54 18.48 -0.50 -14.94
C GLU A 54 18.22 -0.15 -13.48
N TRP A 55 19.21 -0.32 -12.61
CA TRP A 55 19.03 -0.01 -11.21
C TRP A 55 18.56 1.45 -11.06
N GLN A 56 19.01 2.31 -11.96
CA GLN A 56 18.56 3.70 -11.88
C GLN A 56 17.04 3.65 -12.03
N ARG A 57 16.57 2.92 -13.06
CA ARG A 57 15.13 2.78 -13.33
C ARG A 57 14.39 2.26 -12.11
N LEU A 58 15.06 1.47 -11.28
CA LEU A 58 14.41 0.97 -10.06
C LEU A 58 14.02 2.19 -9.22
N ASN A 59 14.97 3.10 -9.05
CA ASN A 59 14.72 4.30 -8.26
C ASN A 59 13.60 5.15 -8.88
N TYR A 60 13.67 5.35 -10.19
CA TYR A 60 12.68 6.14 -10.92
C TYR A 60 11.30 5.46 -10.96
N ASP A 61 11.30 4.14 -10.86
CA ASP A 61 10.05 3.38 -10.85
C ASP A 61 9.36 3.52 -9.48
N ILE A 62 10.17 3.47 -8.42
CA ILE A 62 9.67 3.62 -7.06
C ILE A 62 9.22 5.07 -6.86
N TYR A 63 9.99 5.97 -7.46
CA TYR A 63 9.66 7.39 -7.37
C TYR A 63 8.24 7.57 -7.87
N THR A 64 7.93 6.92 -8.98
CA THR A 64 6.59 6.98 -9.53
C THR A 64 5.61 6.51 -8.46
N LEU A 65 6.02 5.50 -7.70
CA LEU A 65 5.17 5.00 -6.62
C LEU A 65 4.82 6.18 -5.69
N ARG A 66 5.79 7.06 -5.46
CA ARG A 66 5.53 8.21 -4.60
C ARG A 66 4.41 9.06 -5.20
N GLN A 67 4.39 9.17 -6.52
CA GLN A 67 3.38 9.97 -7.20
C GLN A 67 1.97 9.42 -6.95
N ILE A 68 1.82 8.10 -6.83
CA ILE A 68 0.49 7.54 -6.59
C ILE A 68 0.03 7.86 -5.17
N ARG A 69 0.95 7.78 -4.21
CA ARG A 69 0.62 8.05 -2.82
C ARG A 69 0.13 9.49 -2.63
N ARG A 70 0.86 10.43 -3.20
CA ARG A 70 0.52 11.85 -3.06
C ARG A 70 -0.86 12.15 -3.64
N GLU A 71 -1.16 11.64 -4.84
CA GLU A 71 -2.45 11.91 -5.46
C GLU A 71 -3.62 11.39 -4.63
N VAL A 72 -3.48 10.19 -4.05
CA VAL A 72 -4.57 9.63 -3.27
C VAL A 72 -4.90 10.51 -2.06
N ARG A 73 -3.89 10.89 -1.31
CA ARG A 73 -4.10 11.71 -0.13
C ARG A 73 -4.86 12.98 -0.52
N ASN A 74 -4.52 13.50 -1.69
CA ASN A 74 -5.18 14.68 -2.21
C ASN A 74 -6.63 14.34 -2.59
N ARG A 75 -6.87 13.07 -2.93
CA ARG A 75 -8.22 12.63 -3.24
C ARG A 75 -9.04 12.47 -1.96
N TRP A 76 -8.50 11.70 -1.00
CA TRP A 76 -9.19 11.44 0.26
C TRP A 76 -9.45 12.77 0.94
N ARG A 77 -8.45 13.62 0.88
CA ARG A 77 -8.63 14.91 1.47
C ARG A 77 -9.92 15.50 0.90
N ARG A 78 -10.07 15.50 -0.42
CA ARG A 78 -11.28 16.04 -1.06
C ARG A 78 -12.59 15.19 -0.87
N ILE A 79 -12.51 13.85 -0.91
CA ILE A 79 -13.75 13.04 -0.75
C ILE A 79 -14.26 13.14 0.68
N LEU A 80 -13.37 12.97 1.63
CA LEU A 80 -13.79 13.03 3.01
C LEU A 80 -14.02 14.45 3.51
N GLU A 81 -13.21 15.42 3.06
CA GLU A 81 -13.39 16.78 3.55
C GLU A 81 -14.83 17.21 3.30
N ASP A 82 -15.36 16.95 2.11
CA ASP A 82 -16.71 17.39 1.82
C ASP A 82 -17.73 16.86 2.85
N LEU A 83 -17.49 15.67 3.43
CA LEU A 83 -18.44 15.18 4.44
C LEU A 83 -18.00 15.55 5.86
N GLY A 84 -16.70 15.77 6.05
CA GLY A 84 -16.19 16.12 7.39
C GLY A 84 -15.83 14.87 8.21
N PHE A 85 -15.95 13.68 7.62
CA PHE A 85 -15.64 12.44 8.33
C PHE A 85 -14.26 11.85 7.92
N GLN A 86 -13.34 12.76 7.63
CA GLN A 86 -11.97 12.48 7.18
C GLN A 86 -11.08 11.61 8.07
N ARG A 87 -11.29 11.57 9.37
CA ARG A 87 -10.35 10.83 10.22
C ARG A 87 -10.12 9.35 9.80
N GLU A 88 -11.16 8.56 9.53
CA GLU A 88 -10.88 7.15 9.24
C GLU A 88 -9.98 6.96 8.00
N ALA A 89 -10.30 7.58 6.88
CA ALA A 89 -9.49 7.47 5.66
C ALA A 89 -8.15 8.21 5.79
N ASP A 90 -8.19 9.27 6.59
CA ASP A 90 -6.98 10.01 6.88
C ASP A 90 -5.99 9.07 7.57
N SER A 91 -6.52 8.31 8.52
CA SER A 91 -5.70 7.38 9.31
C SER A 91 -4.94 6.41 8.42
N LEU A 92 -5.56 5.95 7.36
CA LEU A 92 -4.87 4.91 6.57
C LEU A 92 -3.70 5.44 5.74
N LEU A 93 -3.80 6.56 5.02
CA LEU A 93 -2.68 6.97 4.18
C LEU A 93 -1.44 7.47 4.96
N SER A 94 -1.67 8.33 5.97
CA SER A 94 -0.58 8.89 6.81
C SER A 94 -1.06 10.16 7.55
N VAL A 95 -2.37 10.22 7.77
CA VAL A 95 -2.97 11.36 8.44
C VAL A 95 -3.82 10.95 9.64
N THR A 96 -3.29 10.05 10.46
CA THR A 96 -4.00 9.62 11.65
C THR A 96 -3.96 10.72 12.69
N LYS A 97 -4.78 11.75 12.46
CA LYS A 97 -4.84 12.90 13.36
C LYS A 97 -3.48 13.60 13.46
N LEU A 98 -2.55 13.25 12.56
CA LEU A 98 -1.25 13.88 12.55
C LEU A 98 -1.06 14.68 11.24
N SER A 99 -0.86 16.00 11.33
CA SER A 99 -0.61 16.72 10.09
C SER A 99 0.89 16.76 9.83
N THR A 100 1.35 16.11 8.78
CA THR A 100 2.78 16.09 8.49
C THR A 100 3.10 16.28 7.02
N MET A 101 4.16 17.03 6.74
CA MET A 101 4.60 17.20 5.36
C MET A 101 6.11 17.36 5.32
N SER A 102 6.73 16.86 4.25
CA SER A 102 8.18 16.97 4.10
C SER A 102 8.52 17.59 2.75
N ASP A 103 9.22 18.72 2.75
CA ASP A 103 9.54 19.37 1.47
C ASP A 103 10.64 18.61 0.72
N SER A 104 11.32 17.69 1.40
CA SER A 104 12.34 16.88 0.74
C SER A 104 11.68 15.62 0.16
N LYS A 105 12.27 15.02 -0.87
CA LYS A 105 11.66 13.85 -1.53
C LYS A 105 11.58 12.62 -0.61
N ASN A 106 10.40 11.96 -0.61
CA ASN A 106 10.19 10.75 0.20
C ASN A 106 10.47 9.46 -0.59
N THR A 107 9.93 9.37 -1.80
CA THR A 107 10.14 8.20 -2.68
C THR A 107 9.55 6.88 -2.12
N ARG A 108 10.41 5.96 -1.66
CA ARG A 108 10.02 4.63 -1.13
C ARG A 108 9.02 4.69 0.03
N LYS A 109 9.02 5.79 0.73
CA LYS A 109 8.14 5.97 1.89
C LYS A 109 6.66 5.77 1.51
N ALA A 110 6.32 6.02 0.25
CA ALA A 110 4.93 5.87 -0.18
C ALA A 110 4.43 4.42 -0.09
N ARG A 111 5.22 3.51 -0.63
CA ARG A 111 4.87 2.09 -0.63
C ARG A 111 4.62 1.59 0.79
N GLU A 112 5.43 2.07 1.71
CA GLU A 112 5.23 1.66 3.09
C GLU A 112 3.82 2.09 3.50
N MET A 113 3.51 3.33 3.18
CA MET A 113 2.21 3.90 3.53
C MET A 113 1.05 3.12 2.88
N LEU A 114 1.17 2.80 1.59
CA LEU A 114 0.08 2.06 0.93
C LEU A 114 -0.05 0.65 1.53
N LEU A 115 1.07 -0.02 1.68
CA LEU A 115 1.05 -1.38 2.22
C LEU A 115 0.35 -1.39 3.58
N LYS A 116 0.71 -0.44 4.44
CA LYS A 116 0.08 -0.33 5.76
C LYS A 116 -1.37 0.14 5.64
N LEU A 117 -1.64 0.91 4.58
CA LEU A 117 -2.99 1.42 4.38
C LEU A 117 -3.95 0.23 4.24
N ALA A 118 -3.60 -0.69 3.36
CA ALA A 118 -4.43 -1.86 3.13
C ALA A 118 -4.57 -2.72 4.38
N GLU A 119 -3.50 -2.78 5.17
CA GLU A 119 -3.54 -3.64 6.34
C GLU A 119 -4.45 -3.15 7.45
N GLU A 120 -4.56 -1.84 7.73
CA GLU A 120 -5.42 -1.48 8.83
C GLU A 120 -6.82 -1.18 8.36
N THR A 121 -7.00 -0.62 7.20
CA THR A 121 -8.34 -0.43 6.75
C THR A 121 -8.34 -0.63 5.27
N SER A 122 -9.49 -0.75 4.70
CA SER A 122 -9.59 -0.77 3.28
C SER A 122 -10.66 0.27 2.95
N ILE A 123 -10.60 1.05 1.88
CA ILE A 123 -11.77 1.91 1.68
C ILE A 123 -12.88 0.93 1.32
N PHE A 124 -12.67 0.23 0.22
CA PHE A 124 -13.57 -0.85 -0.16
C PHE A 124 -13.07 -2.03 0.65
N PRO A 125 -13.81 -3.07 0.84
CA PRO A 125 -13.32 -4.20 1.70
C PRO A 125 -11.90 -4.70 1.35
N ALA A 126 -11.26 -5.28 2.36
CA ALA A 126 -9.83 -5.64 2.28
C ALA A 126 -9.46 -6.38 0.98
N SER A 127 -10.32 -7.24 0.44
CA SER A 127 -9.95 -7.95 -0.81
C SER A 127 -9.87 -6.97 -2.01
N TRP A 128 -10.26 -5.73 -1.75
CA TRP A 128 -10.14 -4.66 -2.74
C TRP A 128 -8.77 -3.98 -2.51
N GLU A 129 -7.96 -3.89 -3.57
CA GLU A 129 -6.66 -3.23 -3.45
C GLU A 129 -6.89 -1.75 -3.62
N LEU A 130 -6.03 -0.92 -3.07
CA LEU A 130 -6.24 0.50 -3.26
C LEU A 130 -5.20 1.06 -4.23
N SER A 131 -5.72 1.52 -5.37
CA SER A 131 -4.91 2.16 -6.38
C SER A 131 -5.25 3.63 -6.46
N GLU A 132 -4.37 4.44 -7.03
CA GLU A 132 -4.66 5.85 -7.15
C GLU A 132 -5.78 6.11 -8.16
N ARG A 133 -5.80 5.38 -9.28
CA ARG A 133 -6.84 5.58 -10.29
C ARG A 133 -8.22 5.11 -9.84
N TYR A 134 -8.29 3.96 -9.18
CA TYR A 134 -9.58 3.46 -8.71
C TYR A 134 -10.10 4.37 -7.61
N LEU A 135 -9.19 4.71 -6.72
CA LEU A 135 -9.57 5.58 -5.62
C LEU A 135 -10.18 6.83 -6.22
N LEU A 136 -9.49 7.47 -7.18
CA LEU A 136 -10.00 8.68 -7.82
C LEU A 136 -11.42 8.45 -8.39
N VAL A 137 -11.69 7.24 -8.85
CA VAL A 137 -13.01 6.95 -9.36
C VAL A 137 -13.98 7.09 -8.19
N VAL A 138 -13.55 6.60 -7.04
CA VAL A 138 -14.36 6.70 -5.84
C VAL A 138 -14.58 8.16 -5.51
N ASP A 139 -13.63 9.03 -5.89
CA ASP A 139 -13.82 10.43 -5.59
C ASP A 139 -15.12 10.84 -6.26
N ARG A 140 -15.26 10.56 -7.55
CA ARG A 140 -16.47 11.00 -8.24
C ARG A 140 -17.71 10.46 -7.53
N LEU A 141 -17.60 9.32 -6.86
CA LEU A 141 -18.76 8.83 -6.13
C LEU A 141 -19.11 9.89 -5.07
N ILE A 142 -18.07 10.44 -4.44
CA ILE A 142 -18.28 11.48 -3.41
C ILE A 142 -19.10 12.60 -4.02
N ALA A 143 -18.87 12.83 -5.31
CA ALA A 143 -19.59 13.87 -6.05
C ALA A 143 -21.10 13.60 -6.01
N LEU A 144 -21.47 12.34 -5.79
CA LEU A 144 -22.87 11.95 -5.68
C LEU A 144 -23.36 12.18 -4.25
N ASP A 145 -22.40 12.39 -3.32
CA ASP A 145 -22.70 12.63 -1.92
C ASP A 145 -23.24 11.39 -1.21
N ALA A 146 -22.54 10.25 -1.37
CA ALA A 146 -22.92 9.00 -0.72
C ALA A 146 -21.70 8.45 0.04
N ALA A 147 -20.80 9.36 0.41
CA ALA A 147 -19.54 9.01 1.09
C ALA A 147 -19.75 8.20 2.38
N GLU A 148 -20.86 8.42 3.06
CA GLU A 148 -21.09 7.67 4.30
C GLU A 148 -20.99 6.19 3.99
N ASP A 149 -21.30 5.83 2.75
CA ASP A 149 -21.20 4.44 2.33
C ASP A 149 -19.75 3.97 2.51
N PHE A 150 -18.79 4.85 2.15
CA PHE A 150 -17.36 4.51 2.28
C PHE A 150 -17.07 4.10 3.71
N PHE A 151 -17.52 4.92 4.62
CA PHE A 151 -17.26 4.64 6.02
C PHE A 151 -17.73 3.23 6.37
N LYS A 152 -18.97 2.90 6.06
CA LYS A 152 -19.50 1.58 6.40
C LYS A 152 -18.69 0.45 5.75
N ILE A 153 -18.24 0.64 4.52
CA ILE A 153 -17.46 -0.41 3.85
C ILE A 153 -16.05 -0.50 4.46
N ALA A 154 -15.38 0.64 4.57
CA ALA A 154 -14.05 0.68 5.13
C ALA A 154 -14.04 0.19 6.59
N SER A 155 -15.09 0.52 7.34
CA SER A 155 -15.17 0.06 8.74
C SER A 155 -15.22 -1.46 8.76
N GLN A 156 -16.05 -2.03 7.89
CA GLN A 156 -16.28 -3.46 7.85
C GLN A 156 -14.99 -4.25 7.62
N MET A 157 -13.99 -3.67 6.98
CA MET A 157 -12.74 -4.42 6.84
C MET A 157 -12.05 -4.51 8.21
N TYR A 158 -12.10 -3.42 8.96
CA TYR A 158 -11.46 -3.36 10.28
C TYR A 158 -12.46 -3.09 11.41
N PRO A 159 -13.33 -4.03 11.68
CA PRO A 159 -14.35 -3.92 12.76
C PRO A 159 -13.71 -4.13 14.14
N LYS A 160 -14.31 -3.56 15.18
CA LYS A 160 -13.75 -3.74 16.51
C LYS A 160 -14.03 -5.17 16.99
N LYS A 161 -12.96 -5.95 17.13
CA LYS A 161 -13.08 -7.33 17.56
C LYS A 161 -12.16 -7.60 18.75
N PRO A 162 -12.42 -8.63 19.52
CA PRO A 162 -11.59 -8.98 20.71
C PRO A 162 -10.10 -8.96 20.36
N GLY A 163 -9.27 -8.54 21.31
CA GLY A 163 -7.83 -8.47 21.07
C GLY A 163 -7.39 -7.04 20.73
N VAL A 164 -8.30 -6.08 20.83
CA VAL A 164 -7.96 -4.68 20.53
C VAL A 164 -6.86 -4.20 21.48
N PRO A 165 -5.76 -3.67 20.99
CA PRO A 165 -4.66 -3.17 21.87
C PRO A 165 -5.04 -1.88 22.58
N CYS A 166 -4.51 -1.68 23.78
CA CYS A 166 -4.80 -0.49 24.55
C CYS A 166 -4.32 0.76 23.80
N LEU A 167 -4.96 1.90 24.09
CA LEU A 167 -4.58 3.14 23.44
C LEU A 167 -3.63 3.95 24.31
N VAL A 168 -2.48 4.30 23.76
CA VAL A 168 -1.47 5.06 24.51
C VAL A 168 -2.05 6.38 25.02
N ASP A 169 -1.42 6.94 26.04
CA ASP A 169 -1.86 8.20 26.63
C ASP A 169 -1.51 9.38 25.72
N GLY A 170 -2.23 10.48 25.90
CA GLY A 170 -1.99 11.68 25.10
C GLY A 170 -3.17 11.96 24.16
N GLN A 171 -3.88 10.90 23.77
CA GLN A 171 -5.02 11.07 22.88
C GLN A 171 -6.13 11.84 23.59
N ARG A 172 -6.68 12.86 22.92
CA ARG A 172 -7.73 13.67 23.52
C ARG A 172 -9.08 12.96 23.40
N LYS A 173 -9.79 12.89 24.53
CA LYS A 173 -11.10 12.23 24.56
C LYS A 173 -12.13 13.06 23.79
N LEU A 174 -13.24 12.41 23.43
CA LEU A 174 -14.30 13.09 22.70
C LEU A 174 -15.30 13.69 23.69
N HIS A 175 -15.76 14.90 23.40
CA HIS A 175 -16.72 15.55 24.28
C HIS A 175 -18.02 14.77 24.35
N CYS A 176 -18.54 14.59 25.57
CA CYS A 176 -19.78 13.84 25.75
C CYS A 176 -20.97 14.67 25.30
N LEU A 177 -20.86 16.00 25.43
CA LEU A 177 -21.94 16.89 25.03
C LEU A 177 -21.40 18.08 24.23
N PRO A 178 -22.22 18.70 23.41
CA PRO A 178 -21.80 19.87 22.59
C PRO A 178 -21.52 21.10 23.45
N PHE A 179 -20.61 21.95 23.00
CA PHE A 179 -20.27 23.15 23.75
C PHE A 179 -20.32 24.37 22.84
N PRO A 180 -20.53 25.55 23.39
CA PRO A 180 -20.60 26.82 22.59
C PRO A 180 -19.24 27.22 22.01
N SER A 181 -19.28 27.95 20.90
CA SER A 181 -18.04 28.40 20.27
C SER A 181 -17.28 29.36 21.20
N PRO A 182 -15.97 29.30 21.22
CA PRO A 182 -15.16 30.19 22.11
C PRO A 182 -15.61 31.65 22.04
N GLY A 1 21.52 5.44 -40.12
CA GLY A 1 20.82 5.79 -38.85
C GLY A 1 21.80 5.67 -37.68
N ASN A 2 22.48 6.76 -37.36
CA ASN A 2 23.43 6.77 -36.27
C ASN A 2 22.70 6.66 -34.93
N ASN A 3 23.32 5.95 -33.98
CA ASN A 3 22.72 5.79 -32.67
C ASN A 3 23.74 6.11 -31.57
N PRO A 4 24.08 7.36 -31.43
CA PRO A 4 25.06 7.83 -30.42
C PRO A 4 24.54 7.64 -28.98
N TYR A 5 23.23 7.56 -28.84
CA TYR A 5 22.61 7.38 -27.53
C TYR A 5 23.09 6.08 -26.90
N SER A 6 23.07 5.00 -27.69
CA SER A 6 23.52 3.69 -27.21
C SER A 6 22.67 3.24 -26.01
N SER A 7 21.36 3.12 -26.22
CA SER A 7 20.48 2.69 -25.14
C SER A 7 20.86 1.29 -24.66
N PHE A 8 21.50 0.52 -25.53
CA PHE A 8 21.92 -0.84 -25.19
C PHE A 8 23.18 -0.81 -24.33
N GLY A 9 23.26 -1.74 -23.38
CA GLY A 9 24.42 -1.81 -22.49
C GLY A 9 24.25 -2.95 -21.48
N ALA A 10 23.00 -3.29 -21.18
CA ALA A 10 22.73 -4.37 -20.24
C ALA A 10 23.21 -5.71 -20.80
N THR A 11 23.64 -6.60 -19.92
CA THR A 11 24.12 -7.90 -20.36
C THR A 11 23.05 -8.62 -21.17
N LEU A 12 23.40 -9.06 -22.37
CA LEU A 12 22.46 -9.76 -23.23
C LEU A 12 22.52 -11.27 -22.99
N GLU A 13 23.61 -11.74 -22.40
CA GLU A 13 23.77 -13.17 -22.14
C GLU A 13 22.80 -13.65 -21.06
N ARG A 14 22.37 -12.75 -20.19
CA ARG A 14 21.45 -13.13 -19.12
C ARG A 14 19.99 -13.06 -19.58
N ASP A 15 19.76 -12.62 -20.82
CA ASP A 15 18.40 -12.52 -21.33
C ASP A 15 17.74 -13.90 -21.33
N ASP A 16 16.46 -13.93 -20.94
CA ASP A 16 15.73 -15.19 -20.90
C ASP A 16 15.39 -15.67 -22.30
N GLU A 17 15.73 -16.93 -22.58
CA GLU A 17 15.45 -17.50 -23.89
C GLU A 17 14.14 -18.29 -23.88
N LYS A 18 13.60 -18.55 -22.69
CA LYS A 18 12.35 -19.30 -22.57
C LYS A 18 11.21 -18.54 -23.21
N ASN A 19 11.24 -17.21 -23.08
CA ASN A 19 10.18 -16.37 -23.66
C ASN A 19 8.84 -16.67 -23.01
N LEU A 20 7.97 -15.65 -22.96
CA LEU A 20 6.65 -15.81 -22.36
C LEU A 20 6.74 -16.51 -21.02
N TRP A 21 6.90 -15.72 -19.95
CA TRP A 21 7.00 -16.28 -18.61
C TRP A 21 6.51 -15.29 -17.56
N SER A 22 6.12 -15.81 -16.40
CA SER A 22 5.65 -14.98 -15.30
C SER A 22 5.16 -15.86 -14.15
N MET A 23 6.06 -16.17 -13.22
CA MET A 23 5.70 -17.02 -12.08
C MET A 23 6.92 -17.31 -11.18
N PRO A 24 7.98 -17.88 -11.72
CA PRO A 24 9.19 -18.22 -10.90
C PRO A 24 9.96 -17.00 -10.38
N HIS A 25 9.56 -15.81 -10.83
CA HIS A 25 10.21 -14.60 -10.37
C HIS A 25 9.45 -13.99 -9.18
N ASP A 26 8.13 -14.11 -9.24
CA ASP A 26 7.28 -13.54 -8.21
C ASP A 26 6.61 -14.64 -7.38
N VAL A 27 7.40 -15.62 -6.97
CA VAL A 27 6.84 -16.71 -6.17
C VAL A 27 6.69 -16.31 -4.70
N SER A 28 7.66 -15.56 -4.19
CA SER A 28 7.63 -15.10 -2.81
C SER A 28 7.16 -13.64 -2.70
N HIS A 29 6.69 -13.08 -3.81
CA HIS A 29 6.30 -11.68 -3.90
C HIS A 29 5.12 -11.19 -3.05
N THR A 30 5.25 -9.94 -2.63
CA THR A 30 4.26 -9.24 -1.84
C THR A 30 3.05 -9.00 -2.75
N GLU A 31 1.94 -8.49 -2.24
CA GLU A 31 0.77 -8.37 -3.08
C GLU A 31 1.07 -7.54 -4.32
N ALA A 32 1.80 -6.42 -4.23
CA ALA A 32 2.11 -5.67 -5.44
C ALA A 32 3.51 -6.06 -5.87
N ASP A 33 3.57 -6.82 -6.94
CA ASP A 33 4.83 -7.33 -7.45
C ASP A 33 5.72 -6.28 -8.09
N ASP A 34 5.13 -5.21 -8.62
CA ASP A 34 5.95 -4.22 -9.29
C ASP A 34 7.01 -3.70 -8.33
N ASP A 35 6.66 -3.48 -7.08
CA ASP A 35 7.64 -3.00 -6.12
C ASP A 35 8.66 -4.08 -5.79
N ARG A 36 8.21 -5.31 -5.61
CA ARG A 36 9.13 -6.39 -5.24
C ARG A 36 10.15 -6.68 -6.36
N ILE A 37 9.69 -6.84 -7.59
CA ILE A 37 10.61 -7.11 -8.69
C ILE A 37 11.56 -5.93 -8.87
N LEU A 38 11.09 -4.75 -8.48
CA LEU A 38 11.97 -3.60 -8.56
C LEU A 38 13.15 -3.88 -7.64
N TYR A 39 12.86 -4.24 -6.40
CA TYR A 39 13.96 -4.49 -5.46
C TYR A 39 14.93 -5.50 -6.07
N ASN A 40 14.43 -6.39 -6.92
CA ASN A 40 15.34 -7.32 -7.58
C ASN A 40 16.37 -6.48 -8.37
N LEU A 41 15.89 -5.41 -9.02
CA LEU A 41 16.78 -4.52 -9.78
C LEU A 41 17.90 -3.99 -8.86
N ILE A 42 17.56 -3.62 -7.63
CA ILE A 42 18.59 -3.12 -6.73
C ILE A 42 19.65 -4.19 -6.47
N VAL A 43 19.24 -5.45 -6.45
CA VAL A 43 20.22 -6.50 -6.24
C VAL A 43 21.25 -6.40 -7.36
N ILE A 44 20.79 -6.14 -8.59
CA ILE A 44 21.75 -6.02 -9.67
C ILE A 44 22.75 -4.95 -9.30
N ARG A 45 22.33 -3.94 -8.52
CA ARG A 45 23.27 -2.89 -8.11
C ARG A 45 24.44 -3.52 -7.35
N ASN A 46 24.15 -4.53 -6.57
CA ASN A 46 25.25 -5.21 -5.86
C ASN A 46 26.23 -5.78 -6.90
N GLN A 47 25.68 -6.04 -8.08
CA GLN A 47 26.47 -6.52 -9.24
C GLN A 47 26.88 -5.37 -10.19
N GLN A 48 26.15 -4.27 -10.10
CA GLN A 48 26.34 -3.11 -10.95
C GLN A 48 26.91 -1.88 -10.22
N THR A 49 27.57 -1.03 -10.97
CA THR A 49 28.11 0.20 -10.41
C THR A 49 27.06 1.30 -10.53
N LYS A 50 27.20 2.35 -9.72
CA LYS A 50 26.23 3.45 -9.74
C LYS A 50 25.95 3.91 -11.17
N ASP A 51 26.94 3.75 -12.04
CA ASP A 51 26.75 4.19 -13.41
C ASP A 51 25.50 3.47 -13.96
N SER A 52 25.41 2.15 -13.70
CA SER A 52 24.29 1.31 -14.17
C SER A 52 22.98 2.07 -14.39
N GLU A 53 22.52 2.01 -15.64
CA GLU A 53 21.30 2.68 -16.10
C GLU A 53 20.00 2.03 -15.63
N GLU A 54 19.98 0.72 -15.40
CA GLU A 54 18.73 0.08 -14.97
C GLU A 54 18.40 0.36 -13.50
N TRP A 55 19.36 0.13 -12.60
CA TRP A 55 19.10 0.36 -11.18
C TRP A 55 18.71 1.82 -10.92
N GLN A 56 19.36 2.77 -11.58
CA GLN A 56 18.98 4.15 -11.35
C GLN A 56 17.49 4.25 -11.71
N ARG A 57 17.14 3.73 -12.89
CA ARG A 57 15.76 3.76 -13.38
C ARG A 57 14.80 3.11 -12.37
N LEU A 58 15.29 2.13 -11.60
CA LEU A 58 14.42 1.52 -10.59
C LEU A 58 13.96 2.59 -9.63
N ASN A 59 14.90 3.41 -9.19
CA ASN A 59 14.59 4.46 -8.24
C ASN A 59 13.51 5.35 -8.83
N TYR A 60 13.63 5.62 -10.12
CA TYR A 60 12.66 6.44 -10.84
C TYR A 60 11.28 5.77 -10.87
N ASP A 61 11.27 4.44 -10.79
CA ASP A 61 10.00 3.70 -10.77
C ASP A 61 9.30 3.85 -9.41
N ILE A 62 10.09 3.80 -8.34
CA ILE A 62 9.54 3.96 -7.00
C ILE A 62 9.14 5.42 -6.79
N TYR A 63 9.87 6.31 -7.44
CA TYR A 63 9.56 7.73 -7.37
C TYR A 63 8.11 7.89 -7.83
N THR A 64 7.78 7.23 -8.93
CA THR A 64 6.42 7.26 -9.44
C THR A 64 5.48 6.78 -8.34
N LEU A 65 5.92 5.76 -7.60
CA LEU A 65 5.10 5.25 -6.50
C LEU A 65 4.77 6.40 -5.54
N ARG A 66 5.72 7.29 -5.31
CA ARG A 66 5.48 8.43 -4.43
C ARG A 66 4.35 9.27 -4.99
N GLN A 67 4.32 9.41 -6.31
CA GLN A 67 3.30 10.22 -6.97
C GLN A 67 1.90 9.66 -6.70
N ILE A 68 1.75 8.35 -6.59
CA ILE A 68 0.43 7.78 -6.33
C ILE A 68 -0.02 8.15 -4.92
N ARG A 69 0.93 8.14 -3.97
CA ARG A 69 0.64 8.45 -2.59
C ARG A 69 0.10 9.88 -2.43
N ARG A 70 0.79 10.83 -3.04
CA ARG A 70 0.41 12.23 -2.93
C ARG A 70 -0.97 12.50 -3.52
N GLU A 71 -1.27 11.92 -4.69
CA GLU A 71 -2.55 12.16 -5.33
C GLU A 71 -3.72 11.70 -4.46
N VAL A 72 -3.60 10.51 -3.86
CA VAL A 72 -4.69 10.01 -3.02
C VAL A 72 -4.95 10.92 -1.83
N ARG A 73 -3.90 11.30 -1.11
CA ARG A 73 -4.10 12.15 0.05
C ARG A 73 -4.87 13.40 -0.33
N ASN A 74 -4.60 13.91 -1.53
CA ASN A 74 -5.28 15.08 -2.04
C ASN A 74 -6.75 14.75 -2.34
N ARG A 75 -7.01 13.48 -2.65
CA ARG A 75 -8.38 13.03 -2.87
C ARG A 75 -9.09 12.90 -1.52
N TRP A 76 -8.46 12.17 -0.60
CA TRP A 76 -9.03 11.94 0.72
C TRP A 76 -9.28 13.28 1.39
N ARG A 77 -8.32 14.15 1.24
CA ARG A 77 -8.44 15.45 1.83
C ARG A 77 -9.78 16.08 1.38
N ARG A 78 -10.06 16.10 0.08
CA ARG A 78 -11.32 16.70 -0.43
C ARG A 78 -12.62 15.87 -0.20
N ILE A 79 -12.56 14.54 -0.26
CA ILE A 79 -13.79 13.71 -0.06
C ILE A 79 -14.27 13.76 1.37
N LEU A 80 -13.36 13.47 2.29
CA LEU A 80 -13.72 13.44 3.68
C LEU A 80 -13.88 14.83 4.28
N GLU A 81 -13.03 15.78 3.89
CA GLU A 81 -13.14 17.10 4.47
C GLU A 81 -14.55 17.61 4.25
N ASP A 82 -15.07 17.44 3.04
CA ASP A 82 -16.41 17.93 2.75
C ASP A 82 -17.45 17.32 3.70
N LEU A 83 -17.24 16.10 4.21
CA LEU A 83 -18.24 15.52 5.12
C LEU A 83 -17.91 15.80 6.59
N GLY A 84 -16.64 16.01 6.91
CA GLY A 84 -16.24 16.28 8.30
C GLY A 84 -15.88 15.00 9.07
N PHE A 85 -16.01 13.84 8.44
CA PHE A 85 -15.65 12.56 9.11
C PHE A 85 -14.27 12.04 8.66
N GLN A 86 -13.39 12.98 8.36
CA GLN A 86 -12.02 12.73 7.86
C GLN A 86 -11.12 11.81 8.67
N ARG A 87 -11.29 11.68 9.98
CA ARG A 87 -10.34 10.86 10.74
C ARG A 87 -10.16 9.41 10.25
N GLU A 88 -11.23 8.69 9.92
CA GLU A 88 -11.02 7.27 9.58
C GLU A 88 -10.10 7.09 8.34
N ALA A 89 -10.39 7.77 7.24
CA ALA A 89 -9.55 7.67 6.04
C ALA A 89 -8.22 8.40 6.21
N ASP A 90 -8.25 9.44 7.01
CA ASP A 90 -7.03 10.17 7.31
C ASP A 90 -6.06 9.19 7.99
N SER A 91 -6.62 8.42 8.93
CA SER A 91 -5.82 7.46 9.69
C SER A 91 -5.05 6.52 8.78
N LEU A 92 -5.68 6.08 7.70
CA LEU A 92 -4.98 5.08 6.88
C LEU A 92 -3.76 5.66 6.13
N LEU A 93 -3.87 6.83 5.47
CA LEU A 93 -2.70 7.30 4.70
C LEU A 93 -1.54 7.82 5.58
N SER A 94 -1.84 8.64 6.61
CA SER A 94 -0.81 9.21 7.54
C SER A 94 -1.29 10.55 8.16
N VAL A 95 -2.59 10.79 8.08
CA VAL A 95 -3.17 12.03 8.60
C VAL A 95 -4.02 11.80 9.85
N THR A 96 -3.53 10.95 10.76
CA THR A 96 -4.27 10.70 12.00
C THR A 96 -4.19 11.92 12.91
N LYS A 97 -4.97 12.95 12.57
CA LYS A 97 -4.96 14.19 13.35
C LYS A 97 -3.56 14.77 13.41
N LEU A 98 -2.68 14.33 12.49
CA LEU A 98 -1.33 14.83 12.44
C LEU A 98 -1.11 15.60 11.14
N SER A 99 -0.78 16.90 11.20
CA SER A 99 -0.48 17.57 9.95
C SER A 99 1.02 17.49 9.71
N THR A 100 1.45 16.79 8.66
CA THR A 100 2.88 16.67 8.41
C THR A 100 3.25 16.79 6.94
N MET A 101 4.32 17.54 6.66
CA MET A 101 4.80 17.66 5.28
C MET A 101 6.33 17.65 5.26
N SER A 102 6.90 17.08 4.21
CA SER A 102 8.36 17.03 4.07
C SER A 102 8.80 17.62 2.74
N ASP A 103 9.59 18.68 2.76
CA ASP A 103 10.01 19.30 1.51
C ASP A 103 11.10 18.46 0.81
N SER A 104 11.71 17.52 1.54
CA SER A 104 12.73 16.65 0.95
C SER A 104 12.05 15.41 0.35
N LYS A 105 12.64 14.80 -0.68
CA LYS A 105 12.01 13.65 -1.35
C LYS A 105 11.90 12.42 -0.43
N ASN A 106 10.70 11.81 -0.42
CA ASN A 106 10.43 10.62 0.39
C ASN A 106 10.62 9.31 -0.41
N THR A 107 10.05 9.28 -1.61
CA THR A 107 10.10 8.11 -2.52
C THR A 107 9.53 6.82 -1.89
N ARG A 108 10.40 6.02 -1.29
CA ARG A 108 10.01 4.72 -0.69
C ARG A 108 8.95 4.85 0.42
N LYS A 109 8.91 6.00 1.06
CA LYS A 109 7.95 6.24 2.15
C LYS A 109 6.50 6.01 1.72
N ALA A 110 6.20 6.20 0.44
CA ALA A 110 4.82 6.02 -0.03
C ALA A 110 4.34 4.59 0.15
N ARG A 111 5.15 3.66 -0.30
CA ARG A 111 4.83 2.24 -0.25
C ARG A 111 4.47 1.80 1.17
N GLU A 112 5.23 2.29 2.13
CA GLU A 112 4.95 1.91 3.50
C GLU A 112 3.54 2.39 3.84
N MET A 113 3.27 3.63 3.47
CA MET A 113 1.98 4.24 3.77
C MET A 113 0.82 3.49 3.10
N LEU A 114 0.94 3.16 1.80
CA LEU A 114 -0.14 2.45 1.10
C LEU A 114 -0.27 1.02 1.66
N LEU A 115 0.84 0.33 1.79
CA LEU A 115 0.80 -1.05 2.29
C LEU A 115 0.10 -1.08 3.65
N LYS A 116 0.47 -0.18 4.54
CA LYS A 116 -0.15 -0.10 5.86
C LYS A 116 -1.60 0.37 5.73
N LEU A 117 -1.87 1.17 4.71
CA LEU A 117 -3.22 1.66 4.51
C LEU A 117 -4.17 0.48 4.38
N ALA A 118 -3.81 -0.45 3.52
CA ALA A 118 -4.65 -1.62 3.28
C ALA A 118 -4.77 -2.51 4.52
N GLU A 119 -3.71 -2.58 5.31
CA GLU A 119 -3.75 -3.47 6.47
C GLU A 119 -4.66 -2.99 7.59
N GLU A 120 -4.77 -1.70 7.90
CA GLU A 120 -5.63 -1.36 9.01
C GLU A 120 -7.01 -1.04 8.55
N THR A 121 -7.19 -0.45 7.40
CA THR A 121 -8.53 -0.24 6.96
C THR A 121 -8.53 -0.40 5.47
N SER A 122 -9.67 -0.48 4.90
CA SER A 122 -9.77 -0.45 3.48
C SER A 122 -10.83 0.62 3.21
N ILE A 123 -10.79 1.40 2.15
CA ILE A 123 -11.94 2.30 2.00
C ILE A 123 -13.08 1.37 1.63
N PHE A 124 -12.90 0.68 0.51
CA PHE A 124 -13.82 -0.36 0.10
C PHE A 124 -13.35 -1.56 0.88
N PRO A 125 -14.10 -2.60 1.05
CA PRO A 125 -13.64 -3.77 1.89
C PRO A 125 -12.23 -4.29 1.54
N ALA A 126 -11.61 -4.90 2.55
CA ALA A 126 -10.18 -5.29 2.47
C ALA A 126 -9.81 -5.99 1.15
N SER A 127 -10.67 -6.82 0.58
CA SER A 127 -10.29 -7.50 -0.67
C SER A 127 -10.20 -6.46 -1.82
N TRP A 128 -10.62 -5.24 -1.52
CA TRP A 128 -10.52 -4.14 -2.47
C TRP A 128 -9.14 -3.50 -2.38
N GLU A 129 -8.48 -3.35 -3.51
CA GLU A 129 -7.20 -2.68 -3.57
C GLU A 129 -7.49 -1.31 -4.14
N LEU A 130 -6.69 -0.30 -3.86
CA LEU A 130 -6.96 1.01 -4.42
C LEU A 130 -5.68 1.61 -4.99
N SER A 131 -5.70 1.86 -6.27
CA SER A 131 -4.56 2.49 -6.91
C SER A 131 -4.87 3.95 -7.05
N GLU A 132 -3.88 4.73 -7.42
CA GLU A 132 -4.11 6.16 -7.58
C GLU A 132 -5.29 6.38 -8.54
N ARG A 133 -5.38 5.59 -9.60
CA ARG A 133 -6.45 5.75 -10.58
C ARG A 133 -7.82 5.23 -10.08
N TYR A 134 -7.86 4.07 -9.42
CA TYR A 134 -9.15 3.55 -8.93
C TYR A 134 -9.70 4.49 -7.87
N LEU A 135 -8.83 4.78 -6.93
CA LEU A 135 -9.25 5.67 -5.85
C LEU A 135 -9.84 6.94 -6.48
N LEU A 136 -9.09 7.57 -7.39
CA LEU A 136 -9.56 8.78 -8.05
C LEU A 136 -10.93 8.57 -8.71
N VAL A 137 -11.17 7.37 -9.23
CA VAL A 137 -12.47 7.08 -9.84
C VAL A 137 -13.52 7.11 -8.72
N VAL A 138 -13.15 6.48 -7.61
CA VAL A 138 -14.01 6.44 -6.46
C VAL A 138 -14.26 7.88 -6.01
N ASP A 139 -13.26 8.76 -6.20
CA ASP A 139 -13.45 10.15 -5.79
C ASP A 139 -14.70 10.67 -6.47
N ARG A 140 -14.79 10.54 -7.79
CA ARG A 140 -15.95 11.09 -8.48
C ARG A 140 -17.23 10.51 -7.89
N LEU A 141 -17.16 9.30 -7.33
CA LEU A 141 -18.36 8.75 -6.70
C LEU A 141 -18.74 9.68 -5.52
N ILE A 142 -17.71 10.05 -4.75
CA ILE A 142 -17.89 10.92 -3.57
C ILE A 142 -18.60 12.20 -3.99
N ALA A 143 -18.40 12.58 -5.23
CA ALA A 143 -19.00 13.77 -5.83
C ALA A 143 -20.52 13.76 -5.72
N LEU A 144 -21.09 12.57 -5.54
CA LEU A 144 -22.55 12.45 -5.41
C LEU A 144 -22.99 12.79 -3.97
N ASP A 145 -22.03 13.11 -3.10
CA ASP A 145 -22.33 13.45 -1.70
C ASP A 145 -22.96 12.26 -0.97
N ALA A 146 -22.32 11.11 -1.09
CA ALA A 146 -22.77 9.86 -0.47
C ALA A 146 -21.61 9.26 0.34
N ALA A 147 -20.71 10.13 0.79
CA ALA A 147 -19.51 9.70 1.52
C ALA A 147 -19.82 8.85 2.77
N GLU A 148 -20.94 9.10 3.44
CA GLU A 148 -21.25 8.31 4.63
C GLU A 148 -21.22 6.83 4.29
N ASP A 149 -21.50 6.52 3.02
CA ASP A 149 -21.46 5.14 2.58
C ASP A 149 -20.04 4.59 2.73
N PHE A 150 -19.04 5.42 2.42
CA PHE A 150 -17.64 5.00 2.52
C PHE A 150 -17.33 4.58 3.93
N PHE A 151 -17.83 5.35 4.87
CA PHE A 151 -17.56 5.03 6.28
C PHE A 151 -18.04 3.62 6.60
N LYS A 152 -19.28 3.30 6.28
CA LYS A 152 -19.82 1.98 6.60
C LYS A 152 -19.00 0.85 5.95
N ILE A 153 -18.52 1.07 4.73
CA ILE A 153 -17.73 0.04 4.05
C ILE A 153 -16.30 -0.02 4.63
N ALA A 154 -15.66 1.12 4.75
CA ALA A 154 -14.31 1.17 5.27
C ALA A 154 -14.29 0.64 6.71
N SER A 155 -15.31 0.95 7.49
CA SER A 155 -15.40 0.46 8.86
C SER A 155 -15.49 -1.06 8.82
N GLN A 156 -16.30 -1.53 7.87
CA GLN A 156 -16.61 -2.95 7.74
C GLN A 156 -15.35 -3.80 7.58
N MET A 157 -14.27 -3.24 7.05
CA MET A 157 -13.04 -4.03 6.97
C MET A 157 -12.38 -4.16 8.35
N TYR A 158 -12.39 -3.09 9.12
CA TYR A 158 -11.77 -3.09 10.45
C TYR A 158 -12.76 -2.74 11.58
N PRO A 159 -13.82 -3.49 11.71
CA PRO A 159 -14.86 -3.28 12.77
C PRO A 159 -14.39 -3.75 14.15
N LYS A 160 -14.94 -3.17 15.20
CA LYS A 160 -14.61 -3.58 16.56
C LYS A 160 -15.85 -4.18 17.20
N LYS A 161 -15.69 -5.08 18.17
CA LYS A 161 -16.84 -5.67 18.84
C LYS A 161 -16.67 -5.53 20.37
N PRO A 162 -17.68 -5.12 21.11
CA PRO A 162 -17.55 -4.97 22.61
C PRO A 162 -17.37 -6.30 23.34
N GLY A 163 -16.29 -6.41 24.12
CA GLY A 163 -16.02 -7.64 24.86
C GLY A 163 -15.26 -8.67 24.00
N VAL A 164 -14.89 -8.25 22.80
CA VAL A 164 -14.17 -9.12 21.89
C VAL A 164 -12.66 -8.80 21.91
N PRO A 165 -11.80 -9.78 22.14
CA PRO A 165 -10.33 -9.55 22.19
C PRO A 165 -9.76 -9.24 20.80
N CYS A 166 -8.64 -8.52 20.78
CA CYS A 166 -8.05 -8.11 19.50
C CYS A 166 -7.66 -9.33 18.66
N LEU A 167 -8.09 -9.29 17.40
CA LEU A 167 -7.81 -10.36 16.44
C LEU A 167 -6.47 -10.11 15.77
N VAL A 168 -5.80 -11.17 15.34
CA VAL A 168 -4.50 -11.03 14.68
C VAL A 168 -4.70 -10.66 13.21
N ASP A 169 -3.67 -10.05 12.62
CA ASP A 169 -3.73 -9.64 11.22
C ASP A 169 -3.83 -10.86 10.30
N GLY A 170 -4.33 -10.63 9.08
CA GLY A 170 -4.47 -11.70 8.10
C GLY A 170 -5.93 -12.13 7.95
N GLN A 171 -6.71 -11.95 9.00
CA GLN A 171 -8.11 -12.37 8.99
C GLN A 171 -8.87 -11.72 7.83
N ARG A 172 -9.76 -12.50 7.23
CA ARG A 172 -10.56 -12.05 6.10
C ARG A 172 -11.49 -10.92 6.52
N LYS A 173 -12.02 -10.20 5.54
CA LYS A 173 -12.93 -9.09 5.79
C LYS A 173 -14.08 -9.52 6.70
N LEU A 174 -14.74 -8.54 7.32
CA LEU A 174 -15.85 -8.83 8.21
C LEU A 174 -17.16 -8.89 7.43
N HIS A 175 -17.88 -10.00 7.58
CA HIS A 175 -19.15 -10.18 6.89
C HIS A 175 -20.24 -9.29 7.49
N CYS A 176 -21.20 -8.90 6.67
CA CYS A 176 -22.29 -8.05 7.14
C CYS A 176 -23.17 -8.78 8.16
N LEU A 177 -23.27 -10.09 8.02
CA LEU A 177 -24.09 -10.88 8.94
C LEU A 177 -23.35 -12.15 9.37
N PRO A 178 -23.67 -12.69 10.53
CA PRO A 178 -23.01 -13.93 11.06
C PRO A 178 -23.49 -15.19 10.33
N PHE A 179 -22.60 -16.18 10.25
CA PHE A 179 -22.93 -17.44 9.59
C PHE A 179 -22.71 -18.61 10.55
N PRO A 180 -23.35 -19.73 10.32
CA PRO A 180 -23.20 -20.92 11.21
C PRO A 180 -21.75 -21.37 11.34
N SER A 181 -21.36 -21.75 12.56
CA SER A 181 -20.00 -22.19 12.82
C SER A 181 -19.76 -23.57 12.19
N PRO A 182 -18.53 -23.90 11.87
CA PRO A 182 -18.19 -25.21 11.25
C PRO A 182 -18.26 -26.36 12.26
N GLY A 1 33.20 -22.81 -9.31
CA GLY A 1 33.88 -23.80 -10.19
C GLY A 1 33.55 -23.52 -11.65
N ASN A 2 33.72 -22.26 -12.04
CA ASN A 2 33.44 -21.86 -13.42
C ASN A 2 34.67 -22.01 -14.29
N ASN A 3 34.67 -23.02 -15.16
CA ASN A 3 35.80 -23.26 -16.05
C ASN A 3 35.88 -22.18 -17.12
N PRO A 4 37.04 -21.92 -17.65
CA PRO A 4 37.23 -20.87 -18.71
C PRO A 4 36.61 -21.28 -20.04
N TYR A 5 36.17 -20.29 -20.81
CA TYR A 5 35.55 -20.55 -22.10
C TYR A 5 34.34 -21.47 -21.96
N SER A 6 33.70 -21.40 -20.79
CA SER A 6 32.54 -22.25 -20.53
C SER A 6 31.39 -21.87 -21.47
N SER A 7 30.70 -22.89 -21.98
CA SER A 7 29.58 -22.66 -22.89
C SER A 7 28.47 -21.88 -22.18
N PHE A 8 28.22 -22.24 -20.92
CA PHE A 8 27.18 -21.57 -20.14
C PHE A 8 27.70 -20.26 -19.57
N GLY A 9 26.94 -19.18 -19.79
CA GLY A 9 27.34 -17.87 -19.29
C GLY A 9 26.95 -16.77 -20.29
N ALA A 10 25.88 -17.00 -21.05
CA ALA A 10 25.42 -16.02 -22.01
C ALA A 10 24.89 -14.77 -21.32
N THR A 11 25.03 -13.62 -21.97
CA THR A 11 24.58 -12.36 -21.40
C THR A 11 23.09 -12.46 -21.04
N LEU A 12 22.75 -12.04 -19.82
CA LEU A 12 21.37 -12.07 -19.38
C LEU A 12 20.64 -10.78 -19.73
N GLU A 13 21.40 -9.71 -19.93
CA GLU A 13 20.82 -8.42 -20.27
C GLU A 13 20.11 -8.48 -21.63
N ARG A 14 20.72 -9.19 -22.57
CA ARG A 14 20.14 -9.31 -23.90
C ARG A 14 19.45 -10.66 -24.09
N ASP A 15 19.15 -11.34 -22.99
CA ASP A 15 18.49 -12.64 -23.06
C ASP A 15 17.15 -12.51 -23.78
N ASP A 16 16.88 -13.43 -24.69
CA ASP A 16 15.63 -13.40 -25.44
C ASP A 16 14.43 -13.58 -24.52
N GLU A 17 13.35 -12.88 -24.82
CA GLU A 17 12.13 -12.97 -24.01
C GLU A 17 11.22 -14.09 -24.51
N LYS A 18 11.60 -14.74 -25.61
CA LYS A 18 10.80 -15.83 -26.17
C LYS A 18 10.97 -17.11 -25.35
N ASN A 19 11.97 -17.13 -24.46
CA ASN A 19 12.20 -18.31 -23.63
C ASN A 19 11.17 -18.40 -22.51
N LEU A 20 10.92 -19.62 -22.04
CA LEU A 20 9.95 -19.84 -20.98
C LEU A 20 10.39 -19.12 -19.71
N TRP A 21 11.69 -19.16 -19.43
CA TRP A 21 12.23 -18.52 -18.24
C TRP A 21 11.97 -17.01 -18.29
N SER A 22 11.40 -16.47 -17.22
CA SER A 22 11.10 -15.05 -17.16
C SER A 22 11.04 -14.55 -15.72
N MET A 23 12.19 -14.36 -15.10
CA MET A 23 12.24 -13.87 -13.73
C MET A 23 11.30 -14.67 -12.83
N PRO A 24 11.55 -15.94 -12.67
CA PRO A 24 10.71 -16.84 -11.82
C PRO A 24 10.75 -16.43 -10.34
N HIS A 25 11.79 -15.70 -9.97
CA HIS A 25 11.95 -15.26 -8.59
C HIS A 25 10.77 -14.41 -8.12
N ASP A 26 9.93 -13.95 -9.05
CA ASP A 26 8.79 -13.11 -8.71
C ASP A 26 7.54 -13.91 -8.37
N VAL A 27 7.76 -15.13 -7.90
CA VAL A 27 6.66 -16.00 -7.51
C VAL A 27 6.21 -15.75 -6.08
N SER A 28 7.18 -15.47 -5.20
CA SER A 28 6.90 -15.22 -3.79
C SER A 28 6.67 -13.73 -3.53
N HIS A 29 6.57 -12.98 -4.62
CA HIS A 29 6.36 -11.54 -4.58
C HIS A 29 5.02 -11.16 -3.96
N THR A 30 5.00 -9.98 -3.36
CA THR A 30 3.85 -9.45 -2.66
C THR A 30 2.78 -9.13 -3.71
N GLU A 31 1.58 -8.73 -3.30
CA GLU A 31 0.52 -8.56 -4.28
C GLU A 31 0.96 -7.63 -5.40
N ALA A 32 1.65 -6.53 -5.11
CA ALA A 32 2.11 -5.72 -6.23
C ALA A 32 3.54 -6.16 -6.51
N ASP A 33 3.69 -6.89 -7.59
CA ASP A 33 4.97 -7.45 -7.98
C ASP A 33 5.96 -6.42 -8.51
N ASP A 34 5.46 -5.32 -9.05
CA ASP A 34 6.37 -4.32 -9.60
C ASP A 34 7.27 -3.74 -8.50
N ASP A 35 6.72 -3.50 -7.32
CA ASP A 35 7.51 -2.94 -6.22
C ASP A 35 8.55 -3.95 -5.71
N ARG A 36 8.12 -5.19 -5.48
CA ARG A 36 9.05 -6.21 -5.00
C ARG A 36 10.09 -6.54 -6.06
N ILE A 37 9.64 -6.81 -7.27
CA ILE A 37 10.58 -7.12 -8.36
C ILE A 37 11.49 -5.93 -8.59
N LEU A 38 11.06 -4.76 -8.13
CA LEU A 38 11.90 -3.60 -8.25
C LEU A 38 13.12 -3.87 -7.37
N TYR A 39 12.89 -4.23 -6.13
CA TYR A 39 14.02 -4.49 -5.24
C TYR A 39 14.96 -5.50 -5.90
N ASN A 40 14.42 -6.37 -6.74
CA ASN A 40 15.30 -7.31 -7.44
C ASN A 40 16.30 -6.46 -8.26
N LEU A 41 15.81 -5.38 -8.91
CA LEU A 41 16.68 -4.51 -9.69
C LEU A 41 17.83 -3.98 -8.80
N ILE A 42 17.53 -3.65 -7.56
CA ILE A 42 18.59 -3.18 -6.67
C ILE A 42 19.65 -4.26 -6.48
N VAL A 43 19.24 -5.53 -6.48
CA VAL A 43 20.22 -6.58 -6.34
C VAL A 43 21.22 -6.43 -7.47
N ILE A 44 20.73 -6.14 -8.69
CA ILE A 44 21.67 -5.97 -9.78
C ILE A 44 22.67 -4.91 -9.40
N ARG A 45 22.26 -3.94 -8.56
CA ARG A 45 23.19 -2.87 -8.14
C ARG A 45 24.39 -3.51 -7.45
N ASN A 46 24.15 -4.58 -6.70
CA ASN A 46 25.26 -5.28 -6.05
C ASN A 46 26.22 -5.80 -7.15
N GLN A 47 25.62 -6.03 -8.31
CA GLN A 47 26.37 -6.46 -9.51
C GLN A 47 26.73 -5.27 -10.44
N GLN A 48 26.05 -4.16 -10.21
CA GLN A 48 26.20 -2.94 -11.01
C GLN A 48 26.87 -1.79 -10.27
N THR A 49 27.42 -0.87 -11.04
CA THR A 49 28.05 0.31 -10.50
C THR A 49 27.07 1.49 -10.61
N LYS A 50 27.31 2.53 -9.82
CA LYS A 50 26.40 3.69 -9.82
C LYS A 50 26.09 4.17 -11.24
N ASP A 51 27.01 3.92 -12.16
CA ASP A 51 26.76 4.35 -13.52
C ASP A 51 25.45 3.68 -13.98
N SER A 52 25.34 2.38 -13.69
CA SER A 52 24.18 1.55 -14.06
C SER A 52 22.88 2.33 -14.21
N GLU A 53 22.41 2.37 -15.45
CA GLU A 53 21.19 3.08 -15.85
C GLU A 53 19.89 2.41 -15.38
N GLU A 54 19.86 1.08 -15.25
CA GLU A 54 18.61 0.44 -14.83
C GLU A 54 18.33 0.64 -13.33
N TRP A 55 19.29 0.35 -12.46
CA TRP A 55 19.05 0.50 -11.04
C TRP A 55 18.68 1.94 -10.68
N GLN A 56 19.32 2.92 -11.30
CA GLN A 56 18.92 4.29 -10.98
C GLN A 56 17.43 4.40 -11.34
N ARG A 57 17.07 3.96 -12.54
CA ARG A 57 15.69 4.03 -13.02
C ARG A 57 14.74 3.36 -12.05
N LEU A 58 15.20 2.35 -11.33
CA LEU A 58 14.37 1.70 -10.33
C LEU A 58 13.99 2.71 -9.26
N ASN A 59 14.98 3.49 -8.85
CA ASN A 59 14.74 4.49 -7.82
C ASN A 59 13.66 5.45 -8.33
N TYR A 60 13.78 5.85 -9.58
CA TYR A 60 12.83 6.75 -10.22
C TYR A 60 11.43 6.12 -10.27
N ASP A 61 11.38 4.79 -10.28
CA ASP A 61 10.10 4.10 -10.30
C ASP A 61 9.43 4.19 -8.92
N ILE A 62 10.24 4.11 -7.87
CA ILE A 62 9.73 4.23 -6.51
C ILE A 62 9.27 5.66 -6.26
N TYR A 63 10.03 6.62 -6.81
CA TYR A 63 9.68 8.02 -6.66
C TYR A 63 8.26 8.22 -7.19
N THR A 64 7.97 7.55 -8.29
CA THR A 64 6.64 7.64 -8.87
C THR A 64 5.65 7.16 -7.81
N LEU A 65 6.03 6.10 -7.09
CA LEU A 65 5.18 5.59 -6.03
C LEU A 65 4.89 6.68 -5.01
N ARG A 66 5.84 7.58 -4.79
CA ARG A 66 5.63 8.67 -3.85
C ARG A 66 4.53 9.60 -4.35
N GLN A 67 4.54 9.86 -5.67
CA GLN A 67 3.58 10.76 -6.28
C GLN A 67 2.13 10.28 -6.16
N ILE A 68 1.90 8.98 -6.29
CA ILE A 68 0.53 8.48 -6.18
C ILE A 68 0.07 8.46 -4.72
N ARG A 69 0.96 8.08 -3.82
CA ARG A 69 0.60 8.03 -2.40
C ARG A 69 0.16 9.41 -1.93
N ARG A 70 0.94 10.42 -2.32
CA ARG A 70 0.64 11.79 -1.94
C ARG A 70 -0.74 12.19 -2.46
N GLU A 71 -1.05 11.87 -3.71
CA GLU A 71 -2.34 12.22 -4.28
C GLU A 71 -3.47 11.53 -3.52
N VAL A 72 -3.26 10.27 -3.16
CA VAL A 72 -4.29 9.52 -2.43
C VAL A 72 -4.65 10.20 -1.11
N ARG A 73 -3.65 10.47 -0.29
CA ARG A 73 -3.91 11.08 1.00
C ARG A 73 -4.72 12.37 0.80
N ASN A 74 -4.46 13.03 -0.32
CA ASN A 74 -5.19 14.26 -0.66
C ASN A 74 -6.64 13.94 -1.06
N ARG A 75 -6.85 12.72 -1.57
CA ARG A 75 -8.20 12.29 -1.90
C ARG A 75 -8.96 11.92 -0.63
N TRP A 76 -8.38 11.03 0.18
CA TRP A 76 -9.02 10.62 1.42
C TRP A 76 -9.21 11.84 2.31
N ARG A 77 -8.20 12.66 2.32
CA ARG A 77 -8.25 13.85 3.16
C ARG A 77 -9.55 14.62 2.91
N ARG A 78 -9.95 14.86 1.65
CA ARG A 78 -11.22 15.59 1.46
C ARG A 78 -12.48 14.77 1.91
N ILE A 79 -12.64 13.54 1.40
CA ILE A 79 -13.85 12.75 1.76
C ILE A 79 -13.97 12.60 3.26
N LEU A 80 -12.90 12.22 3.92
CA LEU A 80 -12.95 12.03 5.36
C LEU A 80 -13.12 13.37 6.09
N GLU A 81 -12.38 14.38 5.65
CA GLU A 81 -12.46 15.68 6.33
C GLU A 81 -13.91 16.16 6.32
N ASP A 82 -14.58 16.05 5.18
CA ASP A 82 -15.95 16.51 5.02
C ASP A 82 -16.96 15.82 5.96
N LEU A 83 -16.78 14.54 6.27
CA LEU A 83 -17.74 13.89 7.18
C LEU A 83 -17.28 13.92 8.64
N GLY A 84 -15.97 14.00 8.88
CA GLY A 84 -15.46 14.03 10.24
C GLY A 84 -15.08 12.63 10.77
N PHE A 85 -15.31 11.57 9.99
CA PHE A 85 -14.97 10.21 10.44
C PHE A 85 -13.53 9.85 10.06
N GLN A 86 -12.69 10.87 9.94
CA GLN A 86 -11.30 10.75 9.51
C GLN A 86 -10.46 9.67 10.19
N ARG A 87 -10.72 9.30 11.43
CA ARG A 87 -9.86 8.33 12.10
C ARG A 87 -9.66 6.98 11.37
N GLU A 88 -10.71 6.31 10.90
CA GLU A 88 -10.50 4.96 10.34
C GLU A 88 -9.59 4.95 9.09
N ALA A 89 -9.88 5.77 8.09
CA ALA A 89 -9.06 5.84 6.86
C ALA A 89 -7.72 6.55 7.10
N ASP A 90 -7.73 7.47 8.04
CA ASP A 90 -6.48 8.14 8.35
C ASP A 90 -5.53 7.08 8.89
N SER A 91 -6.07 6.22 9.74
CA SER A 91 -5.28 5.18 10.38
C SER A 91 -4.58 4.31 9.33
N LEU A 92 -5.25 3.96 8.25
CA LEU A 92 -4.57 3.08 7.29
C LEU A 92 -3.38 3.78 6.59
N LEU A 93 -3.51 5.02 6.09
CA LEU A 93 -2.38 5.61 5.34
C LEU A 93 -1.17 6.00 6.21
N SER A 94 -1.41 6.68 7.35
CA SER A 94 -0.33 7.14 8.30
C SER A 94 -0.76 8.42 9.06
N VAL A 95 -2.06 8.69 9.06
CA VAL A 95 -2.60 9.89 9.70
C VAL A 95 -3.41 9.54 10.95
N THR A 96 -2.90 8.61 11.76
CA THR A 96 -3.60 8.24 12.99
C THR A 96 -3.52 9.37 14.01
N LYS A 97 -4.37 10.38 13.82
CA LYS A 97 -4.39 11.52 14.72
C LYS A 97 -3.01 12.18 14.79
N LEU A 98 -2.17 11.90 13.79
CA LEU A 98 -0.84 12.48 13.75
C LEU A 98 -0.72 13.41 12.53
N SER A 99 -0.46 14.70 12.74
CA SER A 99 -0.26 15.55 11.57
C SER A 99 1.22 15.59 11.27
N THR A 100 1.64 15.05 10.12
CA THR A 100 3.06 15.04 9.81
C THR A 100 3.36 15.38 8.35
N MET A 101 4.35 16.24 8.13
CA MET A 101 4.76 16.55 6.77
C MET A 101 6.28 16.65 6.71
N SER A 102 6.85 16.25 5.58
CA SER A 102 8.30 16.31 5.40
C SER A 102 8.65 17.09 4.13
N ASP A 103 9.35 18.21 4.25
CA ASP A 103 9.69 18.97 3.05
C ASP A 103 10.77 18.26 2.23
N SER A 104 11.45 17.29 2.83
CA SER A 104 12.45 16.51 2.11
C SER A 104 11.75 15.30 1.46
N LYS A 105 12.30 14.77 0.37
CA LYS A 105 11.64 13.65 -0.33
C LYS A 105 11.57 12.37 0.51
N ASN A 106 10.39 11.71 0.48
CA ASN A 106 10.18 10.46 1.23
C ASN A 106 10.46 9.21 0.37
N THR A 107 10.00 9.25 -0.88
CA THR A 107 10.19 8.15 -1.85
C THR A 107 9.55 6.80 -1.41
N ARG A 108 10.36 5.78 -1.14
CA ARG A 108 9.91 4.43 -0.75
C ARG A 108 8.94 4.43 0.44
N LYS A 109 9.02 5.46 1.26
CA LYS A 109 8.17 5.54 2.45
C LYS A 109 6.68 5.47 2.06
N ALA A 110 6.37 5.91 0.84
CA ALA A 110 4.97 5.86 0.37
C ALA A 110 4.47 4.42 0.29
N ARG A 111 5.27 3.58 -0.35
CA ARG A 111 4.95 2.18 -0.54
C ARG A 111 4.78 1.45 0.79
N GLU A 112 5.62 1.77 1.75
CA GLU A 112 5.52 1.08 3.03
C GLU A 112 4.10 1.30 3.56
N MET A 113 3.67 2.55 3.51
CA MET A 113 2.34 2.92 4.02
C MET A 113 1.21 2.18 3.29
N LEU A 114 1.31 2.03 1.97
CA LEU A 114 0.24 1.34 1.22
C LEU A 114 0.14 -0.13 1.65
N LEU A 115 1.28 -0.80 1.72
CA LEU A 115 1.26 -2.22 2.10
C LEU A 115 0.59 -2.37 3.48
N LYS A 116 0.99 -1.55 4.44
CA LYS A 116 0.41 -1.58 5.77
C LYS A 116 -1.05 -1.12 5.73
N LEU A 117 -1.35 -0.25 4.78
CA LEU A 117 -2.72 0.26 4.66
C LEU A 117 -3.66 -0.92 4.47
N ALA A 118 -3.33 -1.78 3.53
CA ALA A 118 -4.18 -2.93 3.22
C ALA A 118 -4.26 -3.91 4.38
N GLU A 119 -3.18 -4.08 5.13
CA GLU A 119 -3.23 -5.07 6.21
C GLU A 119 -4.10 -4.65 7.38
N GLU A 120 -4.12 -3.38 7.79
CA GLU A 120 -4.94 -3.06 8.93
C GLU A 120 -6.32 -2.63 8.56
N THR A 121 -6.52 -1.93 7.46
CA THR A 121 -7.83 -1.56 7.10
C THR A 121 -7.94 -1.64 5.60
N SER A 122 -9.13 -1.71 5.10
CA SER A 122 -9.33 -1.58 3.69
C SER A 122 -10.42 -0.54 3.59
N ILE A 123 -10.52 0.26 2.54
CA ILE A 123 -11.71 1.12 2.55
C ILE A 123 -12.80 0.20 2.06
N PHE A 124 -12.62 -0.32 0.87
CA PHE A 124 -13.51 -1.33 0.35
C PHE A 124 -13.02 -2.59 1.04
N PRO A 125 -13.76 -3.65 1.13
CA PRO A 125 -13.29 -4.87 1.88
C PRO A 125 -11.88 -5.35 1.48
N ALA A 126 -11.24 -6.04 2.42
CA ALA A 126 -9.81 -6.41 2.27
C ALA A 126 -9.51 -7.01 0.89
N SER A 127 -10.41 -7.79 0.29
CA SER A 127 -10.11 -8.37 -1.03
C SER A 127 -10.04 -7.26 -2.11
N TRP A 128 -10.31 -6.04 -1.68
CA TRP A 128 -10.16 -4.86 -2.51
C TRP A 128 -8.74 -4.35 -2.27
N GLU A 129 -7.90 -4.36 -3.28
CA GLU A 129 -6.58 -3.78 -3.14
C GLU A 129 -6.56 -2.52 -3.97
N LEU A 130 -6.50 -1.34 -3.38
CA LEU A 130 -6.56 -0.14 -4.19
C LEU A 130 -5.22 0.28 -4.75
N SER A 131 -5.24 0.60 -6.01
CA SER A 131 -4.07 1.13 -6.67
C SER A 131 -4.35 2.60 -6.90
N GLU A 132 -3.38 3.32 -7.41
CA GLU A 132 -3.61 4.76 -7.62
C GLU A 132 -4.88 5.01 -8.43
N ARG A 133 -5.08 4.23 -9.48
CA ARG A 133 -6.23 4.42 -10.34
C ARG A 133 -7.57 4.03 -9.72
N TYR A 134 -7.63 2.89 -9.03
CA TYR A 134 -8.89 2.46 -8.43
C TYR A 134 -9.29 3.46 -7.36
N LEU A 135 -8.30 3.85 -6.60
CA LEU A 135 -8.58 4.82 -5.56
C LEU A 135 -9.24 6.06 -6.17
N LEU A 136 -8.65 6.66 -7.20
CA LEU A 136 -9.25 7.85 -7.79
C LEU A 136 -10.71 7.58 -8.17
N VAL A 137 -10.99 6.35 -8.57
CA VAL A 137 -12.37 5.99 -8.89
C VAL A 137 -13.18 6.07 -7.60
N VAL A 138 -12.55 5.62 -6.51
CA VAL A 138 -13.18 5.66 -5.20
C VAL A 138 -13.49 7.11 -4.86
N ASP A 139 -12.61 8.05 -5.24
CA ASP A 139 -12.87 9.43 -4.91
C ASP A 139 -14.22 9.82 -5.49
N ARG A 140 -14.42 9.60 -6.78
CA ARG A 140 -15.66 10.04 -7.40
C ARG A 140 -16.86 9.47 -6.66
N LEU A 141 -16.74 8.29 -6.09
CA LEU A 141 -17.88 7.75 -5.33
C LEU A 141 -18.18 8.70 -4.15
N ILE A 142 -17.10 9.13 -3.49
CA ILE A 142 -17.26 10.04 -2.32
C ILE A 142 -18.05 11.26 -2.73
N ALA A 143 -17.92 11.63 -4.00
CA ALA A 143 -18.60 12.79 -4.56
C ALA A 143 -20.12 12.72 -4.39
N LEU A 144 -20.64 11.51 -4.20
CA LEU A 144 -22.08 11.33 -4.03
C LEU A 144 -22.53 11.65 -2.60
N ASP A 145 -21.57 11.97 -1.71
CA ASP A 145 -21.91 12.27 -0.31
C ASP A 145 -22.57 11.07 0.34
N ALA A 146 -21.99 9.90 0.09
CA ALA A 146 -22.47 8.62 0.61
C ALA A 146 -21.32 7.92 1.32
N ALA A 147 -20.38 8.71 1.83
CA ALA A 147 -19.19 8.20 2.51
C ALA A 147 -19.55 7.26 3.67
N GLU A 148 -20.67 7.44 4.33
CA GLU A 148 -21.00 6.57 5.45
C GLU A 148 -20.98 5.12 4.98
N ASP A 149 -21.26 4.92 3.70
CA ASP A 149 -21.22 3.58 3.13
C ASP A 149 -19.80 3.05 3.28
N PHE A 150 -18.82 3.93 3.09
CA PHE A 150 -17.43 3.53 3.22
C PHE A 150 -17.12 3.08 4.63
N PHE A 151 -17.74 3.74 5.60
CA PHE A 151 -17.44 3.41 6.99
C PHE A 151 -17.73 1.92 7.22
N LYS A 152 -18.95 1.51 6.87
CA LYS A 152 -19.38 0.12 7.09
C LYS A 152 -18.50 -0.90 6.36
N ILE A 153 -18.11 -0.58 5.14
CA ILE A 153 -17.27 -1.50 4.37
C ILE A 153 -15.84 -1.52 4.92
N ALA A 154 -15.28 -0.33 5.17
CA ALA A 154 -13.94 -0.24 5.69
C ALA A 154 -13.85 -0.90 7.08
N SER A 155 -14.90 -0.71 7.89
CA SER A 155 -14.93 -1.33 9.22
C SER A 155 -14.95 -2.85 9.05
N GLN A 156 -15.74 -3.28 8.08
CA GLN A 156 -15.97 -4.70 7.85
C GLN A 156 -14.68 -5.47 7.59
N MET A 157 -13.65 -4.81 7.08
CA MET A 157 -12.38 -5.53 6.89
C MET A 157 -11.68 -5.74 8.25
N TYR A 158 -11.72 -4.73 9.09
CA TYR A 158 -11.06 -4.81 10.40
C TYR A 158 -12.04 -4.60 11.56
N PRO A 159 -12.99 -5.48 11.69
CA PRO A 159 -14.01 -5.45 12.79
C PRO A 159 -13.39 -5.90 14.11
N LYS A 160 -13.95 -5.45 15.23
CA LYS A 160 -13.39 -5.87 16.52
C LYS A 160 -13.75 -7.33 16.78
N LYS A 161 -12.72 -8.17 16.79
CA LYS A 161 -12.90 -9.60 16.97
C LYS A 161 -12.00 -10.12 18.11
N PRO A 162 -12.32 -11.25 18.69
CA PRO A 162 -11.51 -11.84 19.79
C PRO A 162 -10.02 -11.83 19.46
N GLY A 163 -9.19 -11.63 20.48
CA GLY A 163 -7.74 -11.57 20.31
C GLY A 163 -7.24 -10.11 20.30
N VAL A 164 -8.14 -9.17 20.57
CA VAL A 164 -7.77 -7.75 20.64
C VAL A 164 -7.01 -7.52 21.95
N PRO A 165 -5.92 -6.78 21.95
CA PRO A 165 -5.16 -6.52 23.21
C PRO A 165 -5.93 -5.64 24.18
N CYS A 166 -5.81 -5.93 25.47
CA CYS A 166 -6.51 -5.18 26.49
C CYS A 166 -5.58 -4.23 27.24
N LEU A 167 -6.04 -2.99 27.45
CA LEU A 167 -5.25 -2.01 28.17
C LEU A 167 -5.40 -2.24 29.68
N VAL A 168 -4.30 -2.14 30.41
CA VAL A 168 -4.34 -2.38 31.84
C VAL A 168 -4.70 -1.12 32.64
N ASP A 169 -5.77 -1.21 33.44
CA ASP A 169 -6.21 -0.09 34.27
C ASP A 169 -5.13 0.28 35.28
N GLY A 170 -5.17 1.50 35.79
CA GLY A 170 -4.17 1.93 36.77
C GLY A 170 -2.95 2.57 36.10
N GLN A 171 -3.05 2.87 34.80
CA GLN A 171 -1.95 3.49 34.09
C GLN A 171 -1.78 4.94 34.52
N ARG A 172 -0.53 5.34 34.77
CA ARG A 172 -0.25 6.70 35.20
C ARG A 172 -0.61 7.69 34.09
N LYS A 173 -1.13 8.84 34.48
CA LYS A 173 -1.51 9.87 33.52
C LYS A 173 -0.26 10.51 32.91
N LEU A 174 -0.39 11.01 31.69
CA LEU A 174 0.75 11.63 31.02
C LEU A 174 1.16 12.91 31.74
N HIS A 175 2.43 12.98 32.11
CA HIS A 175 2.96 14.14 32.82
C HIS A 175 3.26 15.28 31.84
N CYS A 176 3.15 16.51 32.33
CA CYS A 176 3.42 17.68 31.50
C CYS A 176 4.89 17.73 31.09
N LEU A 177 5.75 17.20 31.95
CA LEU A 177 7.19 17.20 31.67
C LEU A 177 7.60 15.84 31.10
N PRO A 178 8.67 15.79 30.34
CA PRO A 178 9.16 14.51 29.73
C PRO A 178 9.80 13.58 30.76
N PHE A 179 9.68 12.28 30.52
CA PHE A 179 10.25 11.27 31.41
C PHE A 179 10.88 10.14 30.61
N PRO A 180 11.81 9.41 31.19
CA PRO A 180 12.48 8.27 30.49
C PRO A 180 11.48 7.23 29.99
N SER A 181 11.79 6.62 28.85
CA SER A 181 10.92 5.61 28.27
C SER A 181 10.97 4.33 29.10
N PRO A 182 9.98 3.48 28.98
CA PRO A 182 9.92 2.20 29.74
C PRO A 182 10.70 1.09 29.04
N GLY A 1 0.91 -34.83 -16.02
CA GLY A 1 -0.30 -35.69 -15.84
C GLY A 1 -1.22 -35.03 -14.80
N ASN A 2 -2.40 -35.63 -14.62
CA ASN A 2 -3.36 -35.10 -13.65
C ASN A 2 -3.65 -33.63 -13.94
N ASN A 3 -3.82 -33.30 -15.21
CA ASN A 3 -4.11 -31.92 -15.60
C ASN A 3 -5.52 -31.52 -15.16
N PRO A 4 -5.76 -30.25 -14.93
CA PRO A 4 -7.11 -29.76 -14.51
C PRO A 4 -8.17 -29.96 -15.58
N TYR A 5 -7.73 -30.03 -16.84
CA TYR A 5 -8.66 -30.21 -17.95
C TYR A 5 -9.36 -31.56 -17.86
N SER A 6 -8.60 -32.58 -17.45
CA SER A 6 -9.16 -33.93 -17.32
C SER A 6 -9.94 -34.31 -18.58
N SER A 7 -10.83 -35.29 -18.45
CA SER A 7 -11.64 -35.73 -19.59
C SER A 7 -12.68 -34.67 -19.93
N PHE A 8 -13.21 -34.75 -21.15
CA PHE A 8 -14.23 -33.80 -21.58
C PHE A 8 -15.58 -34.13 -20.96
N GLY A 9 -16.32 -33.10 -20.58
CA GLY A 9 -17.64 -33.29 -19.97
C GLY A 9 -17.52 -33.59 -18.48
N ALA A 10 -16.29 -33.58 -17.95
CA ALA A 10 -16.07 -33.84 -16.53
C ALA A 10 -16.72 -32.76 -15.68
N THR A 11 -17.27 -33.15 -14.54
CA THR A 11 -17.92 -32.20 -13.65
C THR A 11 -16.89 -31.24 -13.05
N LEU A 12 -17.29 -30.00 -12.86
CA LEU A 12 -16.41 -28.98 -12.31
C LEU A 12 -16.47 -28.95 -10.78
N GLU A 13 -17.45 -29.65 -10.21
CA GLU A 13 -17.58 -29.66 -8.75
C GLU A 13 -16.34 -30.22 -8.10
N ARG A 14 -15.80 -31.30 -8.64
CA ARG A 14 -14.59 -31.90 -8.09
C ARG A 14 -13.36 -31.05 -8.38
N ASP A 15 -13.46 -30.20 -9.40
CA ASP A 15 -12.35 -29.33 -9.77
C ASP A 15 -12.17 -28.23 -8.72
N ASP A 16 -10.92 -27.83 -8.51
CA ASP A 16 -10.63 -26.78 -7.53
C ASP A 16 -11.11 -25.42 -8.05
N GLU A 17 -11.75 -24.66 -7.18
CA GLU A 17 -12.26 -23.34 -7.54
C GLU A 17 -11.27 -22.23 -7.15
N LYS A 18 -10.18 -22.61 -6.48
CA LYS A 18 -9.18 -21.64 -6.05
C LYS A 18 -8.52 -20.96 -7.26
N ASN A 19 -8.57 -21.63 -8.40
CA ASN A 19 -7.97 -21.08 -9.61
C ASN A 19 -6.49 -20.78 -9.39
N LEU A 20 -5.87 -20.09 -10.35
CA LEU A 20 -4.45 -19.75 -10.24
C LEU A 20 -4.26 -18.24 -10.33
N TRP A 21 -3.32 -17.72 -9.53
CA TRP A 21 -3.05 -16.29 -9.53
C TRP A 21 -1.64 -16.02 -9.02
N SER A 22 -0.65 -16.57 -9.70
CA SER A 22 0.75 -16.39 -9.31
C SER A 22 1.67 -16.63 -10.49
N MET A 23 2.91 -16.14 -10.39
CA MET A 23 3.88 -16.32 -11.47
C MET A 23 5.24 -16.76 -10.90
N PRO A 24 6.06 -17.43 -11.69
CA PRO A 24 7.40 -17.90 -11.25
C PRO A 24 8.32 -16.76 -10.79
N HIS A 25 7.99 -15.54 -11.20
CA HIS A 25 8.79 -14.38 -10.81
C HIS A 25 8.33 -13.80 -9.48
N ASP A 26 7.03 -13.84 -9.23
CA ASP A 26 6.47 -13.29 -8.01
C ASP A 26 5.97 -14.39 -7.08
N VAL A 27 6.80 -15.42 -6.91
CA VAL A 27 6.42 -16.55 -6.05
C VAL A 27 6.66 -16.25 -4.57
N SER A 28 7.75 -15.55 -4.29
CA SER A 28 8.06 -15.16 -2.91
C SER A 28 7.66 -13.70 -2.68
N HIS A 29 7.25 -13.05 -3.76
CA HIS A 29 6.87 -11.66 -3.79
C HIS A 29 5.51 -11.35 -3.15
N THR A 30 5.42 -10.14 -2.61
CA THR A 30 4.24 -9.66 -1.92
C THR A 30 3.12 -9.46 -2.96
N GLU A 31 1.91 -9.12 -2.53
CA GLU A 31 0.81 -9.05 -3.48
C GLU A 31 1.13 -8.12 -4.63
N ALA A 32 1.75 -6.95 -4.41
CA ALA A 32 2.09 -6.14 -5.57
C ALA A 32 3.51 -6.49 -5.94
N ASP A 33 3.63 -7.23 -7.03
CA ASP A 33 4.92 -7.71 -7.50
C ASP A 33 5.79 -6.64 -8.13
N ASP A 34 5.20 -5.58 -8.69
CA ASP A 34 6.01 -4.57 -9.36
C ASP A 34 6.99 -3.91 -8.38
N ASP A 35 6.54 -3.63 -7.16
CA ASP A 35 7.43 -3.01 -6.18
C ASP A 35 8.55 -3.97 -5.77
N ARG A 36 8.18 -5.23 -5.54
CA ARG A 36 9.16 -6.22 -5.13
C ARG A 36 10.19 -6.50 -6.24
N ILE A 37 9.73 -6.72 -7.47
CA ILE A 37 10.65 -6.97 -8.58
C ILE A 37 11.55 -5.74 -8.75
N LEU A 38 11.04 -4.59 -8.38
CA LEU A 38 11.83 -3.38 -8.46
C LEU A 38 13.09 -3.63 -7.61
N TYR A 39 12.87 -4.03 -6.38
CA TYR A 39 13.99 -4.31 -5.48
C TYR A 39 14.93 -5.30 -6.15
N ASN A 40 14.39 -6.17 -7.01
CA ASN A 40 15.28 -7.10 -7.69
C ASN A 40 16.32 -6.27 -8.44
N LEU A 41 15.90 -5.18 -9.08
CA LEU A 41 16.86 -4.33 -9.79
C LEU A 41 17.96 -3.88 -8.83
N ILE A 42 17.61 -3.59 -7.59
CA ILE A 42 18.64 -3.17 -6.64
C ILE A 42 19.68 -4.30 -6.45
N VAL A 43 19.24 -5.54 -6.51
CA VAL A 43 20.18 -6.63 -6.36
C VAL A 43 21.23 -6.49 -7.46
N ILE A 44 20.79 -6.16 -8.68
CA ILE A 44 21.77 -6.00 -9.74
C ILE A 44 22.78 -4.97 -9.31
N ARG A 45 22.36 -4.00 -8.46
CA ARG A 45 23.31 -2.98 -7.98
C ARG A 45 24.46 -3.66 -7.27
N ASN A 46 24.17 -4.75 -6.57
CA ASN A 46 25.25 -5.49 -5.90
C ASN A 46 26.24 -6.00 -6.97
N GLN A 47 25.69 -6.20 -8.17
CA GLN A 47 26.49 -6.62 -9.34
C GLN A 47 26.90 -5.42 -10.23
N GLN A 48 26.20 -4.31 -10.05
CA GLN A 48 26.41 -3.10 -10.83
C GLN A 48 27.02 -1.94 -10.03
N THR A 49 27.67 -1.05 -10.76
CA THR A 49 28.27 0.14 -10.16
C THR A 49 27.31 1.33 -10.27
N LYS A 50 27.57 2.37 -9.47
CA LYS A 50 26.71 3.56 -9.47
C LYS A 50 26.40 4.04 -10.89
N ASP A 51 27.35 3.80 -11.78
CA ASP A 51 27.14 4.25 -13.16
C ASP A 51 25.83 3.63 -13.65
N SER A 52 25.69 2.33 -13.38
CA SER A 52 24.52 1.53 -13.78
C SER A 52 23.23 2.33 -13.95
N GLU A 53 22.77 2.36 -15.20
CA GLU A 53 21.56 3.05 -15.61
C GLU A 53 20.26 2.36 -15.16
N GLU A 54 20.26 1.03 -15.03
CA GLU A 54 19.02 0.35 -14.62
C GLU A 54 18.73 0.53 -13.12
N TRP A 55 19.70 0.25 -12.25
CA TRP A 55 19.45 0.38 -10.82
C TRP A 55 19.05 1.82 -10.48
N GLN A 56 19.64 2.80 -11.16
CA GLN A 56 19.25 4.17 -10.88
C GLN A 56 17.74 4.22 -11.14
N ARG A 57 17.33 3.69 -12.29
CA ARG A 57 15.91 3.67 -12.68
C ARG A 57 15.06 3.01 -11.60
N LEU A 58 15.61 2.06 -10.84
CA LEU A 58 14.84 1.45 -9.77
C LEU A 58 14.43 2.55 -8.79
N ASN A 59 15.40 3.37 -8.42
CA ASN A 59 15.14 4.46 -7.50
C ASN A 59 14.10 5.42 -8.07
N TYR A 60 14.27 5.80 -9.33
CA TYR A 60 13.35 6.71 -10.00
C TYR A 60 11.98 6.08 -10.18
N ASP A 61 11.93 4.76 -10.24
CA ASP A 61 10.66 4.06 -10.38
C ASP A 61 9.89 4.15 -9.05
N ILE A 62 10.63 4.03 -7.95
CA ILE A 62 10.03 4.13 -6.61
C ILE A 62 9.59 5.57 -6.37
N TYR A 63 10.37 6.50 -6.90
CA TYR A 63 10.06 7.92 -6.73
C TYR A 63 8.65 8.14 -7.26
N THR A 64 8.35 7.60 -8.44
CA THR A 64 7.01 7.73 -8.99
C THR A 64 6.01 7.09 -8.03
N LEU A 65 6.40 5.96 -7.45
CA LEU A 65 5.54 5.25 -6.50
C LEU A 65 5.25 6.18 -5.31
N ARG A 66 6.25 6.95 -4.91
CA ARG A 66 6.06 7.91 -3.82
C ARG A 66 5.01 8.95 -4.22
N GLN A 67 5.04 9.34 -5.50
CA GLN A 67 4.12 10.34 -6.03
C GLN A 67 2.66 9.87 -6.03
N ILE A 68 2.41 8.57 -6.21
CA ILE A 68 1.02 8.11 -6.20
C ILE A 68 0.48 8.07 -4.77
N ARG A 69 1.33 7.69 -3.82
CA ARG A 69 0.90 7.61 -2.43
C ARG A 69 0.47 8.99 -1.95
N ARG A 70 1.28 9.98 -2.31
CA ARG A 70 0.99 11.35 -1.92
C ARG A 70 -0.37 11.77 -2.48
N GLU A 71 -0.64 11.40 -3.74
CA GLU A 71 -1.91 11.74 -4.35
C GLU A 71 -3.07 11.09 -3.60
N VAL A 72 -2.90 9.82 -3.22
CA VAL A 72 -3.97 9.12 -2.50
C VAL A 72 -4.33 9.83 -1.20
N ARG A 73 -3.32 10.13 -0.39
CA ARG A 73 -3.58 10.80 0.88
C ARG A 73 -4.37 12.08 0.63
N ASN A 74 -4.08 12.71 -0.49
CA ASN A 74 -4.78 13.94 -0.89
C ASN A 74 -6.22 13.62 -1.28
N ARG A 75 -6.46 12.39 -1.74
CA ARG A 75 -7.81 11.97 -2.05
C ARG A 75 -8.54 11.65 -0.75
N TRP A 76 -7.93 10.83 0.11
CA TRP A 76 -8.54 10.42 1.36
C TRP A 76 -8.91 11.65 2.17
N ARG A 77 -7.96 12.56 2.23
CA ARG A 77 -8.17 13.77 2.98
C ARG A 77 -9.48 14.41 2.50
N ARG A 78 -9.66 14.56 1.19
CA ARG A 78 -10.90 15.16 0.65
C ARG A 78 -12.20 14.35 0.87
N ILE A 79 -12.14 13.01 0.78
CA ILE A 79 -13.38 12.18 0.97
C ILE A 79 -13.88 12.24 2.39
N LEU A 80 -12.99 11.97 3.32
CA LEU A 80 -13.40 11.96 4.69
C LEU A 80 -13.56 13.36 5.26
N GLU A 81 -12.75 14.31 4.81
CA GLU A 81 -12.86 15.65 5.38
C GLU A 81 -14.28 16.16 5.21
N ASP A 82 -14.85 16.01 4.01
CA ASP A 82 -16.20 16.52 3.79
C ASP A 82 -17.22 15.94 4.78
N LEU A 83 -17.01 14.70 5.24
CA LEU A 83 -17.95 14.14 6.22
C LEU A 83 -17.48 14.35 7.66
N GLY A 84 -16.17 14.52 7.84
CA GLY A 84 -15.59 14.70 9.18
C GLY A 84 -15.27 13.36 9.86
N PHE A 85 -15.45 12.25 9.16
CA PHE A 85 -15.19 10.91 9.73
C PHE A 85 -13.82 10.33 9.31
N GLN A 86 -12.87 11.24 9.15
CA GLN A 86 -11.49 10.97 8.72
C GLN A 86 -10.60 10.05 9.57
N ARG A 87 -10.82 9.92 10.87
CA ARG A 87 -9.89 9.11 11.67
C ARG A 87 -9.64 7.67 11.17
N GLU A 88 -10.66 6.88 10.87
CA GLU A 88 -10.36 5.46 10.52
C GLU A 88 -9.46 5.35 9.28
N ALA A 89 -9.82 6.02 8.19
CA ALA A 89 -9.03 6.01 6.95
C ALA A 89 -7.70 6.75 7.11
N ASP A 90 -7.73 7.76 7.97
CA ASP A 90 -6.53 8.51 8.28
C ASP A 90 -5.52 7.56 8.94
N SER A 91 -6.01 6.79 9.92
CA SER A 91 -5.14 5.91 10.70
C SER A 91 -4.36 4.97 9.81
N LEU A 92 -5.00 4.44 8.79
CA LEU A 92 -4.28 3.47 7.99
C LEU A 92 -3.16 4.05 7.08
N LEU A 93 -3.34 5.17 6.35
CA LEU A 93 -2.25 5.62 5.48
C LEU A 93 -1.01 6.07 6.27
N SER A 94 -1.22 6.88 7.32
CA SER A 94 -0.13 7.40 8.19
C SER A 94 -0.60 8.64 8.99
N VAL A 95 -1.92 8.77 9.12
CA VAL A 95 -2.50 9.91 9.82
C VAL A 95 -3.35 9.51 11.02
N THR A 96 -2.83 8.60 11.84
CA THR A 96 -3.57 8.20 13.05
C THR A 96 -3.56 9.33 14.06
N LYS A 97 -4.43 10.32 13.83
CA LYS A 97 -4.51 11.48 14.71
C LYS A 97 -3.15 12.17 14.78
N LEU A 98 -2.28 11.89 13.80
CA LEU A 98 -0.97 12.51 13.75
C LEU A 98 -0.87 13.41 12.52
N SER A 99 -0.66 14.72 12.68
CA SER A 99 -0.47 15.54 11.50
C SER A 99 1.02 15.61 11.19
N THR A 100 1.45 15.05 10.06
CA THR A 100 2.87 15.06 9.74
C THR A 100 3.15 15.37 8.28
N MET A 101 4.20 16.16 8.04
CA MET A 101 4.62 16.44 6.67
C MET A 101 6.14 16.65 6.64
N SER A 102 6.76 16.23 5.54
CA SER A 102 8.21 16.39 5.39
C SER A 102 8.54 17.12 4.10
N ASP A 103 9.24 18.25 4.18
CA ASP A 103 9.57 18.98 2.95
C ASP A 103 10.65 18.24 2.14
N SER A 104 11.33 17.28 2.77
CA SER A 104 12.34 16.50 2.07
C SER A 104 11.66 15.27 1.44
N LYS A 105 12.22 14.72 0.36
CA LYS A 105 11.59 13.58 -0.33
C LYS A 105 11.53 12.31 0.54
N ASN A 106 10.38 11.61 0.47
CA ASN A 106 10.17 10.37 1.24
C ASN A 106 10.54 9.11 0.44
N THR A 107 10.19 9.11 -0.85
CA THR A 107 10.47 7.98 -1.75
C THR A 107 9.80 6.64 -1.29
N ARG A 108 10.60 5.58 -1.12
CA ARG A 108 10.11 4.24 -0.73
C ARG A 108 9.24 4.23 0.53
N LYS A 109 9.43 5.22 1.38
CA LYS A 109 8.67 5.29 2.62
C LYS A 109 7.16 5.34 2.34
N ALA A 110 6.77 5.83 1.16
CA ALA A 110 5.35 5.88 0.80
C ALA A 110 4.77 4.47 0.63
N ARG A 111 5.48 3.65 -0.13
CA ARG A 111 5.04 2.28 -0.39
C ARG A 111 4.91 1.48 0.89
N GLU A 112 5.85 1.70 1.80
CA GLU A 112 5.81 0.94 3.04
C GLU A 112 4.47 1.22 3.69
N MET A 113 4.11 2.49 3.74
CA MET A 113 2.85 2.89 4.36
C MET A 113 1.65 2.25 3.65
N LEU A 114 1.71 2.14 2.32
CA LEU A 114 0.59 1.54 1.58
C LEU A 114 0.43 0.08 2.04
N LEU A 115 1.55 -0.63 2.11
CA LEU A 115 1.50 -2.03 2.54
C LEU A 115 0.79 -2.11 3.89
N LYS A 116 1.16 -1.22 4.82
CA LYS A 116 0.54 -1.18 6.13
C LYS A 116 -0.92 -0.73 6.03
N LEU A 117 -1.21 0.09 5.03
CA LEU A 117 -2.58 0.59 4.87
C LEU A 117 -3.50 -0.62 4.72
N ALA A 118 -3.15 -1.54 3.83
CA ALA A 118 -3.98 -2.72 3.56
C ALA A 118 -4.04 -3.68 4.75
N GLU A 119 -2.95 -3.81 5.51
CA GLU A 119 -2.96 -4.79 6.59
C GLU A 119 -3.85 -4.41 7.76
N GLU A 120 -3.94 -3.14 8.15
CA GLU A 120 -4.79 -2.85 9.30
C GLU A 120 -6.19 -2.50 8.87
N THR A 121 -6.39 -1.87 7.75
CA THR A 121 -7.72 -1.61 7.33
C THR A 121 -7.75 -1.76 5.85
N SER A 122 -8.90 -1.89 5.29
CA SER A 122 -9.02 -1.85 3.87
C SER A 122 -10.10 -0.82 3.64
N ILE A 123 -10.16 -0.06 2.57
CA ILE A 123 -11.33 0.82 2.48
C ILE A 123 -12.42 -0.14 2.07
N PHE A 124 -12.23 -0.76 0.92
CA PHE A 124 -13.10 -1.82 0.47
C PHE A 124 -12.59 -3.02 1.22
N PRO A 125 -13.31 -4.09 1.36
CA PRO A 125 -12.82 -5.27 2.16
C PRO A 125 -11.40 -5.72 1.80
N ALA A 126 -10.75 -6.35 2.78
CA ALA A 126 -9.31 -6.70 2.67
C ALA A 126 -8.95 -7.35 1.33
N SER A 127 -9.80 -8.20 0.76
CA SER A 127 -9.43 -8.84 -0.52
C SER A 127 -9.37 -7.77 -1.62
N TRP A 128 -9.94 -6.63 -1.32
CA TRP A 128 -9.84 -5.48 -2.20
C TRP A 128 -8.49 -4.83 -1.86
N GLU A 129 -7.60 -4.76 -2.84
CA GLU A 129 -6.35 -4.04 -2.62
C GLU A 129 -6.44 -2.80 -3.49
N LEU A 130 -6.54 -1.60 -2.95
CA LEU A 130 -6.70 -0.45 -3.81
C LEU A 130 -5.39 -0.01 -4.44
N SER A 131 -5.35 -0.03 -5.75
CA SER A 131 -4.18 0.45 -6.44
C SER A 131 -4.37 1.93 -6.67
N GLU A 132 -3.34 2.62 -7.11
CA GLU A 132 -3.47 4.06 -7.29
C GLU A 132 -4.67 4.39 -8.16
N ARG A 133 -4.86 3.63 -9.22
CA ARG A 133 -5.94 3.88 -10.16
C ARG A 133 -7.33 3.49 -9.64
N TYR A 134 -7.45 2.33 -8.99
CA TYR A 134 -8.77 1.91 -8.48
C TYR A 134 -9.21 2.90 -7.41
N LEU A 135 -8.26 3.26 -6.58
CA LEU A 135 -8.59 4.17 -5.52
C LEU A 135 -9.22 5.42 -6.14
N LEU A 136 -8.55 6.07 -7.10
CA LEU A 136 -9.10 7.28 -7.71
C LEU A 136 -10.53 7.04 -8.24
N VAL A 137 -10.79 5.82 -8.72
CA VAL A 137 -12.13 5.51 -9.19
C VAL A 137 -13.08 5.57 -8.00
N VAL A 138 -12.59 5.02 -6.89
CA VAL A 138 -13.33 5.02 -5.66
C VAL A 138 -13.59 6.46 -5.22
N ASP A 139 -12.63 7.36 -5.49
CA ASP A 139 -12.84 8.74 -5.07
C ASP A 139 -14.15 9.20 -5.68
N ARG A 140 -14.30 9.05 -6.99
CA ARG A 140 -15.50 9.54 -7.65
C ARG A 140 -16.75 8.96 -7.00
N LEU A 141 -16.67 7.75 -6.46
CA LEU A 141 -17.84 7.21 -5.76
C LEU A 141 -18.17 8.14 -4.58
N ILE A 142 -17.13 8.52 -3.83
CA ILE A 142 -17.31 9.38 -2.65
C ILE A 142 -18.05 10.65 -3.06
N ALA A 143 -17.86 11.05 -4.31
CA ALA A 143 -18.48 12.23 -4.87
C ALA A 143 -20.01 12.17 -4.75
N LEU A 144 -20.56 10.98 -4.61
CA LEU A 144 -22.01 10.83 -4.47
C LEU A 144 -22.46 11.11 -3.04
N ASP A 145 -21.51 11.40 -2.14
CA ASP A 145 -21.84 11.68 -0.74
C ASP A 145 -22.45 10.45 -0.08
N ALA A 146 -21.80 9.31 -0.27
CA ALA A 146 -22.23 8.03 0.29
C ALA A 146 -21.05 7.41 1.04
N ALA A 147 -20.14 8.27 1.51
CA ALA A 147 -18.93 7.83 2.21
C ALA A 147 -19.21 7.00 3.47
N GLU A 148 -20.30 7.24 4.19
CA GLU A 148 -20.54 6.46 5.39
C GLU A 148 -20.50 4.97 5.06
N ASP A 149 -20.86 4.66 3.82
CA ASP A 149 -20.81 3.28 3.36
C ASP A 149 -19.38 2.76 3.46
N PHE A 150 -18.41 3.64 3.16
CA PHE A 150 -17.00 3.25 3.22
C PHE A 150 -16.67 2.80 4.62
N PHE A 151 -17.14 3.53 5.61
CA PHE A 151 -16.82 3.15 6.98
C PHE A 151 -17.26 1.70 7.21
N LYS A 152 -18.52 1.40 6.90
CA LYS A 152 -19.05 0.05 7.14
C LYS A 152 -18.22 -1.04 6.45
N ILE A 153 -17.75 -0.76 5.24
CA ILE A 153 -16.95 -1.76 4.52
C ILE A 153 -15.53 -1.84 5.10
N ALA A 154 -14.90 -0.69 5.28
CA ALA A 154 -13.56 -0.64 5.83
C ALA A 154 -13.52 -1.22 7.25
N SER A 155 -14.56 -0.97 8.04
CA SER A 155 -14.62 -1.51 9.41
C SER A 155 -14.63 -3.04 9.34
N GLN A 156 -15.46 -3.55 8.44
CA GLN A 156 -15.67 -5.00 8.31
C GLN A 156 -14.36 -5.73 8.04
N MET A 157 -13.38 -5.07 7.45
CA MET A 157 -12.10 -5.76 7.26
C MET A 157 -11.39 -5.92 8.62
N TYR A 158 -11.47 -4.88 9.44
CA TYR A 158 -10.80 -4.89 10.75
C TYR A 158 -11.78 -4.69 11.91
N PRO A 159 -12.66 -5.65 12.11
CA PRO A 159 -13.65 -5.60 13.22
C PRO A 159 -13.00 -5.93 14.56
N LYS A 160 -13.57 -5.44 15.66
CA LYS A 160 -13.00 -5.74 16.97
C LYS A 160 -13.30 -7.18 17.34
N LYS A 161 -12.25 -8.01 17.33
CA LYS A 161 -12.40 -9.42 17.64
C LYS A 161 -11.41 -9.84 18.73
N PRO A 162 -11.67 -10.92 19.42
CA PRO A 162 -10.78 -11.42 20.50
C PRO A 162 -9.32 -11.47 20.03
N GLY A 163 -8.40 -11.18 20.94
CA GLY A 163 -6.98 -11.18 20.59
C GLY A 163 -6.55 -9.84 19.97
N VAL A 164 -7.47 -8.87 19.95
CA VAL A 164 -7.16 -7.56 19.39
C VAL A 164 -6.17 -6.82 20.29
N PRO A 165 -5.23 -6.07 19.76
CA PRO A 165 -4.24 -5.31 20.59
C PRO A 165 -4.90 -4.17 21.36
N CYS A 166 -4.39 -3.90 22.56
CA CYS A 166 -4.94 -2.82 23.38
C CYS A 166 -4.52 -1.47 22.79
N LEU A 167 -5.30 -0.43 23.07
CA LEU A 167 -4.98 0.89 22.55
C LEU A 167 -4.12 1.69 23.53
N VAL A 168 -2.98 2.17 23.04
CA VAL A 168 -2.06 2.92 23.88
C VAL A 168 -2.76 4.11 24.52
N ASP A 169 -2.19 4.60 25.63
CA ASP A 169 -2.76 5.75 26.33
C ASP A 169 -2.37 7.05 25.65
N GLY A 170 -3.15 8.10 25.89
CA GLY A 170 -2.87 9.41 25.31
C GLY A 170 -3.93 9.77 24.27
N GLN A 171 -4.53 8.76 23.65
CA GLN A 171 -5.55 8.99 22.65
C GLN A 171 -6.90 9.29 23.31
N ARG A 172 -7.50 10.41 22.95
CA ARG A 172 -8.80 10.79 23.53
C ARG A 172 -9.93 10.04 22.84
N LYS A 173 -10.97 9.72 23.60
CA LYS A 173 -12.12 8.99 23.05
C LYS A 173 -12.69 9.71 21.84
N LEU A 174 -13.33 8.96 20.95
CA LEU A 174 -13.92 9.53 19.74
C LEU A 174 -15.36 9.95 20.01
N HIS A 175 -15.78 11.03 19.35
CA HIS A 175 -17.15 11.53 19.50
C HIS A 175 -18.05 10.98 18.40
N CYS A 176 -19.30 10.72 18.74
CA CYS A 176 -20.24 10.17 17.78
C CYS A 176 -20.53 11.18 16.66
N LEU A 177 -20.47 12.47 16.98
CA LEU A 177 -20.73 13.50 15.98
C LEU A 177 -19.44 14.28 15.69
N PRO A 178 -18.88 14.18 14.49
CA PRO A 178 -17.63 14.93 14.13
C PRO A 178 -17.82 16.44 14.19
N PHE A 179 -16.80 17.15 14.68
CA PHE A 179 -16.86 18.61 14.76
C PHE A 179 -15.52 19.21 14.32
N PRO A 180 -15.51 20.46 13.91
CA PRO A 180 -14.26 21.13 13.46
C PRO A 180 -13.18 21.12 14.55
N SER A 181 -11.94 20.86 14.14
CA SER A 181 -10.84 20.82 15.09
C SER A 181 -10.49 22.23 15.58
N PRO A 182 -9.91 22.35 16.74
CA PRO A 182 -9.54 23.68 17.32
C PRO A 182 -8.82 24.57 16.30
N GLY A 1 -4.34 -39.57 -1.90
CA GLY A 1 -5.11 -39.53 -3.18
C GLY A 1 -4.59 -38.39 -4.05
N ASN A 2 -4.38 -38.67 -5.33
CA ASN A 2 -3.90 -37.67 -6.26
C ASN A 2 -5.05 -36.92 -6.91
N ASN A 3 -5.26 -35.68 -6.48
CA ASN A 3 -6.33 -34.86 -7.02
C ASN A 3 -5.82 -33.48 -7.43
N PRO A 4 -6.50 -32.78 -8.30
CA PRO A 4 -6.08 -31.43 -8.77
C PRO A 4 -5.92 -30.45 -7.60
N TYR A 5 -4.91 -29.60 -7.69
CA TYR A 5 -4.66 -28.62 -6.64
C TYR A 5 -5.87 -27.70 -6.45
N SER A 6 -6.37 -27.16 -7.56
CA SER A 6 -7.53 -26.28 -7.50
C SER A 6 -8.65 -26.79 -8.41
N SER A 7 -9.89 -26.54 -8.01
CA SER A 7 -11.04 -26.98 -8.79
C SER A 7 -11.98 -25.81 -9.07
N PHE A 8 -12.65 -25.85 -10.21
CA PHE A 8 -13.58 -24.80 -10.59
C PHE A 8 -14.94 -25.01 -9.92
N GLY A 9 -15.56 -23.92 -9.50
CA GLY A 9 -16.86 -24.01 -8.83
C GLY A 9 -16.70 -24.27 -7.34
N ALA A 10 -15.46 -24.30 -6.85
CA ALA A 10 -15.20 -24.54 -5.44
C ALA A 10 -15.79 -23.43 -4.59
N THR A 11 -16.19 -23.77 -3.37
CA THR A 11 -16.78 -22.79 -2.46
C THR A 11 -15.80 -21.65 -2.21
N LEU A 12 -16.27 -20.42 -2.38
CA LEU A 12 -15.42 -19.25 -2.17
C LEU A 12 -15.32 -18.90 -0.68
N GLU A 13 -16.29 -19.38 0.10
CA GLU A 13 -16.31 -19.10 1.53
C GLU A 13 -15.09 -19.73 2.20
N ARG A 14 -14.72 -20.92 1.78
CA ARG A 14 -13.58 -21.62 2.36
C ARG A 14 -12.35 -21.49 1.47
N ASP A 15 -12.48 -20.82 0.33
CA ASP A 15 -11.36 -20.65 -0.58
C ASP A 15 -11.07 -19.16 -0.81
N ASP A 16 -9.79 -18.80 -0.75
CA ASP A 16 -9.38 -17.41 -0.95
C ASP A 16 -9.56 -17.03 -2.42
N GLU A 17 -10.25 -15.92 -2.65
CA GLU A 17 -10.47 -15.46 -4.02
C GLU A 17 -9.15 -15.15 -4.71
N LYS A 18 -8.23 -14.54 -3.98
CA LYS A 18 -6.91 -14.21 -4.53
C LYS A 18 -6.10 -15.47 -4.77
N ASN A 19 -6.26 -16.45 -3.89
CA ASN A 19 -5.53 -17.72 -3.99
C ASN A 19 -4.02 -17.47 -3.89
N LEU A 20 -3.26 -18.56 -3.76
CA LEU A 20 -1.81 -18.45 -3.65
C LEU A 20 -1.14 -18.58 -5.03
N TRP A 21 -1.93 -18.74 -6.08
CA TRP A 21 -1.37 -18.88 -7.42
C TRP A 21 -0.59 -17.62 -7.80
N SER A 22 0.64 -17.83 -8.28
CA SER A 22 1.48 -16.70 -8.66
C SER A 22 2.52 -17.16 -9.69
N MET A 23 3.11 -16.20 -10.39
CA MET A 23 4.11 -16.51 -11.40
C MET A 23 5.45 -16.88 -10.74
N PRO A 24 6.31 -17.58 -11.45
CA PRO A 24 7.64 -18.01 -10.91
C PRO A 24 8.50 -16.83 -10.45
N HIS A 25 8.15 -15.63 -10.92
CA HIS A 25 8.91 -14.44 -10.55
C HIS A 25 8.41 -13.82 -9.25
N ASP A 26 7.09 -13.88 -9.04
CA ASP A 26 6.49 -13.29 -7.85
C ASP A 26 5.96 -14.37 -6.91
N VAL A 27 6.78 -15.39 -6.68
CA VAL A 27 6.37 -16.49 -5.81
C VAL A 27 6.54 -16.11 -4.35
N SER A 28 7.62 -15.40 -4.04
CA SER A 28 7.88 -14.93 -2.68
C SER A 28 7.46 -13.47 -2.53
N HIS A 29 7.03 -12.88 -3.63
CA HIS A 29 6.65 -11.48 -3.71
C HIS A 29 5.31 -11.14 -3.07
N THR A 30 5.24 -9.92 -2.57
CA THR A 30 4.08 -9.38 -1.89
C THR A 30 2.96 -9.20 -2.92
N GLU A 31 1.76 -8.83 -2.50
CA GLU A 31 0.66 -8.77 -3.46
C GLU A 31 1.02 -7.90 -4.65
N ALA A 32 1.66 -6.75 -4.47
CA ALA A 32 2.04 -5.99 -5.66
C ALA A 32 3.47 -6.38 -5.99
N ASP A 33 3.59 -7.16 -7.04
CA ASP A 33 4.88 -7.67 -7.46
C ASP A 33 5.79 -6.62 -8.12
N ASP A 34 5.21 -5.59 -8.72
CA ASP A 34 6.05 -4.60 -9.39
C ASP A 34 7.02 -3.93 -8.41
N ASP A 35 6.56 -3.62 -7.20
CA ASP A 35 7.43 -2.99 -6.21
C ASP A 35 8.54 -3.94 -5.76
N ARG A 36 8.18 -5.19 -5.51
CA ARG A 36 9.17 -6.18 -5.07
C ARG A 36 10.20 -6.48 -6.16
N ILE A 37 9.73 -6.75 -7.38
CA ILE A 37 10.65 -7.03 -8.48
C ILE A 37 11.54 -5.82 -8.71
N LEU A 38 11.02 -4.65 -8.39
CA LEU A 38 11.79 -3.43 -8.51
C LEU A 38 13.07 -3.67 -7.67
N TYR A 39 12.85 -4.04 -6.43
CA TYR A 39 13.98 -4.28 -5.54
C TYR A 39 14.92 -5.30 -6.18
N ASN A 40 14.39 -6.18 -7.01
CA ASN A 40 15.28 -7.12 -7.69
C ASN A 40 16.33 -6.29 -8.43
N LEU A 41 15.90 -5.21 -9.10
CA LEU A 41 16.87 -4.38 -9.80
C LEU A 41 17.94 -3.91 -8.82
N ILE A 42 17.58 -3.60 -7.59
CA ILE A 42 18.61 -3.20 -6.63
C ILE A 42 19.65 -4.32 -6.48
N VAL A 43 19.22 -5.57 -6.57
CA VAL A 43 20.19 -6.66 -6.47
C VAL A 43 21.23 -6.44 -7.56
N ILE A 44 20.80 -6.05 -8.76
CA ILE A 44 21.78 -5.83 -9.80
C ILE A 44 22.79 -4.83 -9.31
N ARG A 45 22.39 -3.91 -8.42
CA ARG A 45 23.36 -2.93 -7.89
C ARG A 45 24.50 -3.68 -7.21
N ASN A 46 24.18 -4.78 -6.54
CA ASN A 46 25.24 -5.56 -5.89
C ASN A 46 26.24 -6.06 -6.95
N GLN A 47 25.74 -6.21 -8.17
CA GLN A 47 26.59 -6.65 -9.31
C GLN A 47 27.11 -5.46 -10.18
N GLN A 48 26.33 -4.39 -10.15
CA GLN A 48 26.59 -3.18 -10.91
C GLN A 48 26.98 -2.00 -10.02
N THR A 49 27.82 -1.11 -10.50
CA THR A 49 28.20 0.07 -9.72
C THR A 49 27.10 1.14 -9.81
N LYS A 50 27.19 2.14 -8.94
CA LYS A 50 26.19 3.22 -8.91
C LYS A 50 25.91 3.76 -10.31
N ASP A 51 26.91 3.65 -11.17
CA ASP A 51 26.75 4.17 -12.53
C ASP A 51 25.52 3.49 -13.12
N SER A 52 25.44 2.17 -12.94
CA SER A 52 24.34 1.33 -13.45
C SER A 52 23.05 2.08 -13.75
N GLU A 53 22.67 2.06 -15.02
CA GLU A 53 21.48 2.74 -15.53
C GLU A 53 20.15 2.07 -15.13
N GLU A 54 20.13 0.74 -14.95
CA GLU A 54 18.88 0.09 -14.58
C GLU A 54 18.55 0.35 -13.10
N TRP A 55 19.50 0.08 -12.22
CA TRP A 55 19.26 0.29 -10.80
C TRP A 55 18.85 1.74 -10.55
N GLN A 56 19.43 2.68 -11.30
CA GLN A 56 19.04 4.06 -11.09
C GLN A 56 17.51 4.08 -11.31
N ARG A 57 17.09 3.49 -12.43
CA ARG A 57 15.66 3.42 -12.77
C ARG A 57 14.85 2.81 -11.63
N LEU A 58 15.45 1.91 -10.85
CA LEU A 58 14.72 1.33 -9.72
C LEU A 58 14.34 2.46 -8.76
N ASN A 59 15.30 3.31 -8.44
CA ASN A 59 15.06 4.42 -7.54
C ASN A 59 13.99 5.36 -8.11
N TYR A 60 14.14 5.71 -9.38
CA TYR A 60 13.22 6.60 -10.07
C TYR A 60 11.83 5.98 -10.21
N ASP A 61 11.76 4.66 -10.22
CA ASP A 61 10.47 3.98 -10.30
C ASP A 61 9.74 4.10 -8.97
N ILE A 62 10.50 4.02 -7.88
CA ILE A 62 9.92 4.17 -6.54
C ILE A 62 9.44 5.62 -6.37
N TYR A 63 10.21 6.55 -6.93
CA TYR A 63 9.83 7.96 -6.84
C TYR A 63 8.42 8.10 -7.40
N THR A 64 8.16 7.38 -8.49
CA THR A 64 6.83 7.42 -9.08
C THR A 64 5.83 6.96 -8.03
N LEU A 65 6.23 5.95 -7.25
CA LEU A 65 5.36 5.44 -6.18
C LEU A 65 4.99 6.60 -5.24
N ARG A 66 5.92 7.51 -5.03
CA ARG A 66 5.64 8.65 -4.16
C ARG A 66 4.51 9.50 -4.78
N GLN A 67 4.56 9.65 -6.11
CA GLN A 67 3.58 10.47 -6.83
C GLN A 67 2.16 9.90 -6.74
N ILE A 68 2.00 8.59 -6.81
CA ILE A 68 0.65 8.01 -6.74
C ILE A 68 0.12 8.06 -5.31
N ARG A 69 0.97 7.75 -4.34
CA ARG A 69 0.54 7.79 -2.95
C ARG A 69 0.11 9.20 -2.57
N ARG A 70 0.88 10.17 -3.03
CA ARG A 70 0.60 11.57 -2.73
C ARG A 70 -0.80 11.94 -3.25
N GLU A 71 -1.13 11.48 -4.45
CA GLU A 71 -2.43 11.79 -5.02
C GLU A 71 -3.57 11.22 -4.17
N VAL A 72 -3.40 10.02 -3.62
CA VAL A 72 -4.44 9.43 -2.79
C VAL A 72 -4.76 10.27 -1.57
N ARG A 73 -3.73 10.66 -0.82
CA ARG A 73 -3.94 11.47 0.38
C ARG A 73 -4.73 12.72 0.03
N ASN A 74 -4.41 13.28 -1.13
CA ASN A 74 -5.10 14.46 -1.62
C ASN A 74 -6.56 14.11 -1.94
N ARG A 75 -6.80 12.84 -2.28
CA ARG A 75 -8.16 12.40 -2.52
C ARG A 75 -8.91 12.21 -1.20
N TRP A 76 -8.33 11.42 -0.29
CA TRP A 76 -8.95 11.15 1.00
C TRP A 76 -9.24 12.44 1.72
N ARG A 77 -8.28 13.32 1.70
CA ARG A 77 -8.46 14.59 2.36
C ARG A 77 -9.77 15.20 1.83
N ARG A 78 -9.93 15.26 0.49
CA ARG A 78 -11.16 15.85 -0.11
C ARG A 78 -12.48 15.01 0.01
N ILE A 79 -12.43 13.68 -0.11
CA ILE A 79 -13.68 12.86 -0.04
C ILE A 79 -14.33 12.93 1.32
N LEU A 80 -13.55 12.65 2.35
CA LEU A 80 -14.08 12.66 3.68
C LEU A 80 -14.24 14.05 4.27
N GLU A 81 -13.33 14.98 3.96
CA GLU A 81 -13.44 16.30 4.56
C GLU A 81 -14.75 16.98 4.18
N ASP A 82 -15.13 16.95 2.89
CA ASP A 82 -16.35 17.61 2.50
C ASP A 82 -17.53 17.09 3.31
N LEU A 83 -17.44 15.85 3.77
CA LEU A 83 -18.52 15.31 4.60
C LEU A 83 -18.22 15.50 6.08
N GLY A 84 -16.93 15.66 6.41
CA GLY A 84 -16.52 15.84 7.80
C GLY A 84 -16.04 14.53 8.43
N PHE A 85 -16.11 13.44 7.67
CA PHE A 85 -15.72 12.09 8.14
C PHE A 85 -14.21 11.87 7.99
N GLN A 86 -13.46 12.94 7.87
CA GLN A 86 -12.02 12.89 7.60
C GLN A 86 -11.16 11.96 8.47
N ARG A 87 -11.49 11.76 9.74
CA ARG A 87 -10.59 10.95 10.59
C ARG A 87 -10.33 9.49 10.13
N GLU A 88 -11.37 8.71 9.81
CA GLU A 88 -11.10 7.29 9.50
C GLU A 88 -10.14 7.10 8.32
N ALA A 89 -10.40 7.75 7.20
CA ALA A 89 -9.53 7.66 6.02
C ALA A 89 -8.17 8.32 6.30
N ASP A 90 -8.21 9.31 7.17
CA ASP A 90 -6.99 9.98 7.59
C ASP A 90 -6.07 8.97 8.30
N SER A 91 -6.65 8.21 9.22
CA SER A 91 -5.90 7.23 10.01
C SER A 91 -5.13 6.26 9.16
N LEU A 92 -5.74 5.80 8.09
CA LEU A 92 -5.07 4.74 7.33
C LEU A 92 -3.84 5.24 6.54
N LEU A 93 -3.91 6.36 5.82
CA LEU A 93 -2.74 6.76 5.03
C LEU A 93 -1.52 7.21 5.86
N SER A 94 -1.76 8.05 6.88
CA SER A 94 -0.68 8.55 7.78
C SER A 94 -1.16 9.78 8.59
N VAL A 95 -2.46 9.86 8.78
CA VAL A 95 -3.05 10.98 9.50
C VAL A 95 -3.92 10.53 10.67
N THR A 96 -3.40 9.60 11.46
CA THR A 96 -4.13 9.11 12.63
C THR A 96 -4.11 10.18 13.72
N LYS A 97 -4.92 11.21 13.53
CA LYS A 97 -4.99 12.32 14.47
C LYS A 97 -3.63 13.00 14.64
N LEU A 98 -2.70 12.70 13.74
CA LEU A 98 -1.38 13.33 13.79
C LEU A 98 -1.18 14.19 12.53
N SER A 99 -0.96 15.50 12.68
CA SER A 99 -0.70 16.28 11.48
C SER A 99 0.80 16.32 11.23
N THR A 100 1.26 15.72 10.15
CA THR A 100 2.68 15.70 9.86
C THR A 100 2.99 15.94 8.39
N MET A 101 4.07 16.66 8.13
CA MET A 101 4.50 16.89 6.75
C MET A 101 6.02 17.03 6.68
N SER A 102 6.61 16.56 5.59
CA SER A 102 8.05 16.67 5.39
C SER A 102 8.37 17.36 4.07
N ASP A 103 9.07 18.48 4.11
CA ASP A 103 9.36 19.19 2.86
C ASP A 103 10.44 18.46 2.04
N SER A 104 11.14 17.51 2.65
CA SER A 104 12.15 16.75 1.92
C SER A 104 11.47 15.52 1.28
N LYS A 105 12.05 14.97 0.21
CA LYS A 105 11.43 13.85 -0.52
C LYS A 105 11.34 12.55 0.32
N ASN A 106 10.19 11.87 0.21
CA ASN A 106 9.95 10.61 0.93
C ASN A 106 10.31 9.36 0.10
N THR A 107 9.84 9.34 -1.16
CA THR A 107 10.12 8.22 -2.07
C THR A 107 9.57 6.86 -1.55
N ARG A 108 10.40 6.08 -0.87
CA ARG A 108 10.02 4.75 -0.35
C ARG A 108 8.96 4.81 0.75
N LYS A 109 8.91 5.93 1.43
CA LYS A 109 7.96 6.11 2.53
C LYS A 109 6.50 5.99 2.06
N ALA A 110 6.24 6.30 0.79
CA ALA A 110 4.86 6.23 0.28
C ALA A 110 4.32 4.80 0.33
N ARG A 111 5.11 3.88 -0.20
CA ARG A 111 4.73 2.47 -0.27
C ARG A 111 4.50 1.88 1.12
N GLU A 112 5.35 2.26 2.07
CA GLU A 112 5.17 1.72 3.41
C GLU A 112 3.76 2.07 3.87
N MET A 113 3.40 3.34 3.69
CA MET A 113 2.09 3.82 4.12
C MET A 113 0.93 3.10 3.40
N LEU A 114 1.05 2.85 2.09
CA LEU A 114 -0.03 2.17 1.37
C LEU A 114 -0.19 0.76 1.95
N LEU A 115 0.94 0.09 2.13
CA LEU A 115 0.92 -1.26 2.67
C LEU A 115 0.18 -1.28 4.01
N LYS A 116 0.51 -0.35 4.90
CA LYS A 116 -0.15 -0.26 6.20
C LYS A 116 -1.62 0.16 6.03
N LEU A 117 -1.89 0.93 4.98
CA LEU A 117 -3.25 1.38 4.75
C LEU A 117 -4.15 0.15 4.63
N ALA A 118 -3.76 -0.79 3.78
CA ALA A 118 -4.55 -1.99 3.56
C ALA A 118 -4.66 -2.87 4.80
N GLU A 119 -3.60 -2.93 5.60
CA GLU A 119 -3.66 -3.81 6.76
C GLU A 119 -4.59 -3.33 7.86
N GLU A 120 -4.68 -2.03 8.15
CA GLU A 120 -5.57 -1.68 9.25
C GLU A 120 -6.95 -1.36 8.76
N THR A 121 -7.14 -0.77 7.61
CA THR A 121 -8.49 -0.58 7.17
C THR A 121 -8.51 -0.74 5.69
N SER A 122 -9.67 -0.84 5.13
CA SER A 122 -9.78 -0.82 3.72
C SER A 122 -10.86 0.24 3.44
N ILE A 123 -10.86 0.98 2.35
CA ILE A 123 -12.02 1.87 2.22
C ILE A 123 -13.14 0.92 1.82
N PHE A 124 -12.93 0.25 0.71
CA PHE A 124 -13.83 -0.80 0.29
C PHE A 124 -13.33 -2.00 1.06
N PRO A 125 -14.05 -3.05 1.23
CA PRO A 125 -13.57 -4.21 2.07
C PRO A 125 -12.15 -4.69 1.73
N ALA A 126 -11.51 -5.28 2.72
CA ALA A 126 -10.08 -5.64 2.64
C ALA A 126 -9.71 -6.34 1.32
N SER A 127 -10.58 -7.19 0.76
CA SER A 127 -10.22 -7.86 -0.49
C SER A 127 -10.12 -6.82 -1.63
N TRP A 128 -10.64 -5.63 -1.35
CA TRP A 128 -10.51 -4.51 -2.26
C TRP A 128 -9.18 -3.85 -1.92
N GLU A 129 -8.28 -3.77 -2.89
CA GLU A 129 -7.04 -3.04 -2.69
C GLU A 129 -7.17 -1.81 -3.56
N LEU A 130 -7.28 -0.61 -3.03
CA LEU A 130 -7.45 0.53 -3.91
C LEU A 130 -6.14 0.97 -4.54
N SER A 131 -6.22 1.30 -5.81
CA SER A 131 -5.08 1.80 -6.51
C SER A 131 -5.32 3.28 -6.75
N GLU A 132 -4.30 4.00 -7.15
CA GLU A 132 -4.47 5.42 -7.37
C GLU A 132 -5.63 5.68 -8.34
N ARG A 133 -5.73 4.89 -9.40
CA ARG A 133 -6.79 5.08 -10.38
C ARG A 133 -8.19 4.68 -9.88
N TYR A 134 -8.30 3.55 -9.19
CA TYR A 134 -9.60 3.12 -8.68
C TYR A 134 -10.08 4.11 -7.64
N LEU A 135 -9.15 4.48 -6.80
CA LEU A 135 -9.50 5.41 -5.75
C LEU A 135 -10.19 6.63 -6.40
N LEU A 136 -9.55 7.26 -7.40
CA LEU A 136 -10.16 8.41 -8.06
C LEU A 136 -11.57 8.08 -8.56
N VAL A 137 -11.79 6.84 -8.97
CA VAL A 137 -13.13 6.46 -9.41
C VAL A 137 -14.06 6.55 -8.20
N VAL A 138 -13.53 6.10 -7.06
CA VAL A 138 -14.28 6.16 -5.83
C VAL A 138 -14.56 7.61 -5.48
N ASP A 139 -13.65 8.52 -5.86
CA ASP A 139 -13.87 9.93 -5.54
C ASP A 139 -15.22 10.30 -6.12
N ARG A 140 -15.41 10.04 -7.41
CA ARG A 140 -16.65 10.40 -8.07
C ARG A 140 -17.86 9.78 -7.34
N LEU A 141 -17.69 8.61 -6.74
CA LEU A 141 -18.81 8.02 -6.01
C LEU A 141 -19.18 8.93 -4.82
N ILE A 142 -18.14 9.33 -4.07
CA ILE A 142 -18.33 10.19 -2.89
C ILE A 142 -19.11 11.45 -3.30
N ALA A 143 -18.93 11.84 -4.55
CA ALA A 143 -19.58 13.00 -5.16
C ALA A 143 -21.10 12.91 -5.04
N LEU A 144 -21.62 11.70 -4.85
CA LEU A 144 -23.06 11.51 -4.70
C LEU A 144 -23.50 11.83 -3.26
N ASP A 145 -22.53 12.14 -2.40
CA ASP A 145 -22.80 12.46 -0.99
C ASP A 145 -23.39 11.27 -0.25
N ALA A 146 -22.78 10.09 -0.45
CA ALA A 146 -23.19 8.86 0.20
C ALA A 146 -21.95 8.24 0.86
N ALA A 147 -20.99 9.11 1.19
CA ALA A 147 -19.71 8.71 1.79
C ALA A 147 -19.89 7.93 3.10
N GLU A 148 -20.96 8.21 3.84
CA GLU A 148 -21.15 7.51 5.11
C GLU A 148 -21.12 6.01 4.84
N ASP A 149 -21.52 5.63 3.63
CA ASP A 149 -21.49 4.22 3.24
C ASP A 149 -20.05 3.71 3.34
N PHE A 150 -19.09 4.56 2.98
CA PHE A 150 -17.68 4.20 3.05
C PHE A 150 -17.35 3.77 4.46
N PHE A 151 -17.80 4.58 5.39
CA PHE A 151 -17.53 4.28 6.79
C PHE A 151 -17.98 2.85 7.10
N LYS A 152 -19.22 2.51 6.77
CA LYS A 152 -19.75 1.17 7.04
C LYS A 152 -18.90 0.06 6.39
N ILE A 153 -18.43 0.31 5.16
CA ILE A 153 -17.61 -0.71 4.47
C ILE A 153 -16.19 -0.77 5.05
N ALA A 154 -15.56 0.39 5.19
CA ALA A 154 -14.21 0.44 5.73
C ALA A 154 -14.19 -0.09 7.16
N SER A 155 -15.23 0.21 7.93
CA SER A 155 -15.31 -0.28 9.31
C SER A 155 -15.36 -1.81 9.27
N GLN A 156 -16.16 -2.30 8.34
CA GLN A 156 -16.40 -3.74 8.20
C GLN A 156 -15.11 -4.51 8.00
N MET A 157 -14.09 -3.89 7.43
CA MET A 157 -12.81 -4.59 7.28
C MET A 157 -12.12 -4.69 8.66
N TYR A 158 -12.22 -3.61 9.42
CA TYR A 158 -11.58 -3.55 10.73
C TYR A 158 -12.59 -3.31 11.87
N PRO A 159 -13.48 -4.23 12.07
CA PRO A 159 -14.52 -4.18 13.15
C PRO A 159 -13.91 -4.46 14.51
N LYS A 160 -14.50 -3.97 15.58
CA LYS A 160 -13.96 -4.22 16.91
C LYS A 160 -14.22 -5.67 17.29
N LYS A 161 -13.14 -6.43 17.42
CA LYS A 161 -13.23 -7.86 17.75
C LYS A 161 -12.34 -8.19 18.95
N PRO A 162 -12.60 -9.27 19.62
CA PRO A 162 -11.79 -9.70 20.80
C PRO A 162 -10.29 -9.69 20.50
N GLY A 163 -9.49 -9.34 21.51
CA GLY A 163 -8.04 -9.27 21.34
C GLY A 163 -7.55 -7.83 21.13
N VAL A 164 -8.46 -6.86 21.24
CA VAL A 164 -8.08 -5.46 21.12
C VAL A 164 -7.39 -4.99 22.39
N PRO A 165 -6.40 -4.13 22.31
CA PRO A 165 -5.67 -3.65 23.52
C PRO A 165 -6.55 -2.74 24.39
N CYS A 166 -6.40 -2.86 25.70
CA CYS A 166 -7.18 -2.07 26.63
C CYS A 166 -6.35 -0.95 27.24
N LEU A 167 -6.92 0.27 27.26
CA LEU A 167 -6.22 1.41 27.83
C LEU A 167 -6.31 1.36 29.36
N VAL A 168 -5.18 1.54 30.02
CA VAL A 168 -5.14 1.46 31.49
C VAL A 168 -5.78 2.70 32.14
N ASP A 169 -6.75 2.45 33.04
CA ASP A 169 -7.44 3.53 33.74
C ASP A 169 -6.42 4.54 34.29
N GLY A 170 -6.79 5.82 34.27
CA GLY A 170 -5.87 6.86 34.71
C GLY A 170 -5.42 7.73 33.52
N GLN A 171 -6.12 7.57 32.39
CA GLN A 171 -5.80 8.32 31.19
C GLN A 171 -5.90 9.82 31.47
N ARG A 172 -4.92 10.58 30.99
CA ARG A 172 -4.92 12.03 31.21
C ARG A 172 -6.23 12.65 30.73
N LYS A 173 -6.66 13.70 31.42
CA LYS A 173 -7.89 14.39 31.05
C LYS A 173 -7.66 15.28 29.83
N LEU A 174 -8.58 15.23 28.86
CA LEU A 174 -8.44 16.05 27.66
C LEU A 174 -8.72 17.51 27.99
N HIS A 175 -7.98 18.41 27.34
CA HIS A 175 -8.15 19.84 27.59
C HIS A 175 -9.44 20.34 26.95
N CYS A 176 -10.10 21.27 27.62
CA CYS A 176 -11.34 21.85 27.12
C CYS A 176 -11.06 22.85 25.99
N LEU A 177 -9.80 23.22 25.83
CA LEU A 177 -9.42 24.18 24.79
C LEU A 177 -9.31 23.49 23.42
N PRO A 178 -9.43 24.22 22.35
CA PRO A 178 -9.35 23.66 20.96
C PRO A 178 -8.03 22.93 20.72
N PHE A 179 -8.08 21.91 19.87
CA PHE A 179 -6.89 21.13 19.54
C PHE A 179 -6.51 21.36 18.08
N PRO A 180 -5.27 21.13 17.71
CA PRO A 180 -4.80 21.32 16.31
C PRO A 180 -5.64 20.54 15.31
N SER A 181 -5.93 21.16 14.17
CA SER A 181 -6.74 20.51 13.14
C SER A 181 -5.92 19.43 12.44
N PRO A 182 -6.57 18.49 11.80
CA PRO A 182 -5.87 17.38 11.07
C PRO A 182 -4.82 17.91 10.09
N GLY A 1 8.83 -35.54 -17.73
CA GLY A 1 8.49 -34.17 -17.22
C GLY A 1 8.66 -33.17 -18.36
N ASN A 2 7.55 -32.56 -18.77
CA ASN A 2 7.58 -31.58 -19.84
C ASN A 2 7.79 -30.17 -19.28
N ASN A 3 8.99 -29.63 -19.48
CA ASN A 3 9.31 -28.30 -18.99
C ASN A 3 9.92 -27.45 -20.10
N PRO A 4 9.80 -26.15 -20.01
CA PRO A 4 10.35 -25.23 -21.06
C PRO A 4 11.88 -25.19 -21.04
N TYR A 5 12.47 -24.90 -22.19
CA TYR A 5 13.92 -24.84 -22.30
C TYR A 5 14.55 -26.12 -21.78
N SER A 6 15.87 -26.11 -21.62
CA SER A 6 16.58 -27.28 -21.13
C SER A 6 16.15 -27.62 -19.71
N SER A 7 15.66 -26.61 -18.99
CA SER A 7 15.21 -26.80 -17.61
C SER A 7 16.35 -27.34 -16.75
N PHE A 8 16.48 -28.66 -16.65
CA PHE A 8 17.54 -29.26 -15.84
C PHE A 8 18.84 -29.33 -16.64
N GLY A 9 19.95 -29.12 -15.95
CA GLY A 9 21.26 -29.17 -16.60
C GLY A 9 22.33 -28.57 -15.70
N ALA A 10 22.21 -27.29 -15.40
CA ALA A 10 23.18 -26.62 -14.54
C ALA A 10 23.13 -27.22 -13.14
N THR A 11 24.31 -27.34 -12.52
CA THR A 11 24.39 -27.91 -11.18
C THR A 11 24.42 -26.80 -10.12
N LEU A 12 23.52 -26.89 -9.15
CA LEU A 12 23.43 -25.87 -8.11
C LEU A 12 24.80 -25.72 -7.44
N GLU A 13 25.39 -26.84 -7.04
CA GLU A 13 26.70 -26.81 -6.39
C GLU A 13 27.75 -26.18 -7.28
N ARG A 14 27.61 -26.36 -8.60
CA ARG A 14 28.55 -25.78 -9.54
C ARG A 14 28.20 -24.32 -9.83
N ASP A 15 26.94 -23.96 -9.57
CA ASP A 15 26.47 -22.61 -9.80
C ASP A 15 26.91 -21.67 -8.68
N ASP A 16 26.88 -20.38 -8.95
CA ASP A 16 27.26 -19.38 -7.96
C ASP A 16 26.34 -19.46 -6.75
N GLU A 17 26.85 -19.03 -5.60
CA GLU A 17 26.07 -19.08 -4.36
C GLU A 17 24.79 -18.25 -4.50
N LYS A 18 24.90 -17.09 -5.15
CA LYS A 18 23.74 -16.23 -5.32
C LYS A 18 22.91 -16.67 -6.54
N ASN A 19 23.47 -17.55 -7.36
CA ASN A 19 22.77 -18.04 -8.54
C ASN A 19 22.42 -16.88 -9.47
N LEU A 20 21.46 -17.11 -10.36
CA LEU A 20 21.04 -16.08 -11.31
C LEU A 20 19.57 -15.74 -11.11
N TRP A 21 19.18 -14.52 -11.48
CA TRP A 21 17.80 -14.09 -11.34
C TRP A 21 16.89 -14.98 -12.18
N SER A 22 15.70 -15.26 -11.66
CA SER A 22 14.76 -16.13 -12.37
C SER A 22 13.39 -15.46 -12.51
N MET A 23 12.73 -15.76 -13.64
CA MET A 23 11.40 -15.21 -13.90
C MET A 23 10.38 -15.63 -12.83
N PRO A 24 10.26 -16.90 -12.50
CA PRO A 24 9.28 -17.37 -11.47
C PRO A 24 9.58 -16.81 -10.07
N HIS A 25 10.72 -16.12 -9.93
CA HIS A 25 11.10 -15.56 -8.63
C HIS A 25 9.99 -14.69 -8.03
N ASP A 26 8.98 -14.31 -8.84
CA ASP A 26 7.88 -13.48 -8.34
C ASP A 26 6.74 -14.35 -7.81
N VAL A 27 7.09 -15.47 -7.21
CA VAL A 27 6.11 -16.38 -6.63
C VAL A 27 5.72 -16.01 -5.21
N SER A 28 6.70 -15.54 -4.44
CA SER A 28 6.47 -15.17 -3.04
C SER A 28 6.29 -13.67 -2.89
N HIS A 29 6.17 -12.97 -4.00
CA HIS A 29 6.00 -11.53 -4.03
C HIS A 29 4.67 -11.08 -3.44
N THR A 30 4.70 -9.88 -2.88
CA THR A 30 3.55 -9.28 -2.23
C THR A 30 2.52 -8.94 -3.31
N GLU A 31 1.33 -8.50 -2.93
CA GLU A 31 0.29 -8.31 -3.91
C GLU A 31 0.77 -7.42 -5.05
N ALA A 32 1.50 -6.34 -4.81
CA ALA A 32 1.98 -5.58 -5.94
C ALA A 32 3.41 -6.05 -6.22
N ASP A 33 3.52 -6.83 -7.28
CA ASP A 33 4.80 -7.41 -7.67
C ASP A 33 5.77 -6.42 -8.26
N ASP A 34 5.27 -5.34 -8.85
CA ASP A 34 6.15 -4.36 -9.47
C ASP A 34 7.14 -3.78 -8.45
N ASP A 35 6.67 -3.53 -7.23
CA ASP A 35 7.55 -2.98 -6.21
C ASP A 35 8.61 -3.99 -5.77
N ARG A 36 8.20 -5.22 -5.50
CA ARG A 36 9.13 -6.26 -5.06
C ARG A 36 10.16 -6.60 -6.16
N ILE A 37 9.69 -6.78 -7.39
CA ILE A 37 10.59 -7.07 -8.49
C ILE A 37 11.56 -5.91 -8.64
N LEU A 38 11.06 -4.72 -8.36
CA LEU A 38 11.91 -3.54 -8.42
C LEU A 38 13.12 -3.84 -7.53
N TYR A 39 12.87 -4.23 -6.29
CA TYR A 39 13.99 -4.50 -5.39
C TYR A 39 14.95 -5.49 -6.04
N ASN A 40 14.42 -6.36 -6.90
CA ASN A 40 15.32 -7.29 -7.61
C ASN A 40 16.34 -6.43 -8.39
N LEU A 41 15.87 -5.33 -8.99
CA LEU A 41 16.75 -4.43 -9.74
C LEU A 41 17.88 -3.93 -8.82
N ILE A 42 17.55 -3.62 -7.57
CA ILE A 42 18.59 -3.17 -6.64
C ILE A 42 19.66 -4.24 -6.46
N VAL A 43 19.25 -5.50 -6.47
CA VAL A 43 20.23 -6.56 -6.31
C VAL A 43 21.25 -6.43 -7.44
N ILE A 44 20.78 -6.13 -8.65
CA ILE A 44 21.71 -5.97 -9.75
C ILE A 44 22.72 -4.92 -9.36
N ARG A 45 22.31 -3.94 -8.53
CA ARG A 45 23.24 -2.89 -8.09
C ARG A 45 24.41 -3.55 -7.36
N ASN A 46 24.14 -4.61 -6.63
CA ASN A 46 25.24 -5.32 -5.95
C ASN A 46 26.22 -5.84 -7.03
N GLN A 47 25.66 -6.05 -8.21
CA GLN A 47 26.44 -6.48 -9.39
C GLN A 47 26.82 -5.28 -10.30
N GLN A 48 26.12 -4.17 -10.10
CA GLN A 48 26.31 -2.96 -10.89
C GLN A 48 26.93 -1.81 -10.11
N THR A 49 27.56 -0.91 -10.85
CA THR A 49 28.14 0.29 -10.24
C THR A 49 27.18 1.46 -10.48
N LYS A 50 27.41 2.57 -9.79
CA LYS A 50 26.53 3.75 -9.90
C LYS A 50 26.15 4.10 -11.37
N ASP A 51 26.90 3.58 -12.33
CA ASP A 51 26.54 3.84 -13.73
C ASP A 51 25.13 3.26 -13.94
N SER A 52 24.94 2.04 -13.43
CA SER A 52 23.68 1.26 -13.56
C SER A 52 22.46 2.12 -13.90
N GLU A 53 22.19 2.22 -15.20
CA GLU A 53 21.07 2.99 -15.70
C GLU A 53 19.72 2.41 -15.26
N GLU A 54 19.65 1.09 -15.10
CA GLU A 54 18.39 0.47 -14.67
C GLU A 54 18.13 0.70 -13.18
N TRP A 55 19.12 0.40 -12.33
CA TRP A 55 18.94 0.55 -10.90
C TRP A 55 18.62 2.01 -10.53
N GLN A 56 19.29 2.98 -11.14
CA GLN A 56 18.93 4.36 -10.81
C GLN A 56 17.45 4.51 -11.16
N ARG A 57 17.07 4.09 -12.37
CA ARG A 57 15.70 4.18 -12.84
C ARG A 57 14.73 3.50 -11.88
N LEU A 58 15.17 2.47 -11.19
CA LEU A 58 14.32 1.81 -10.21
C LEU A 58 13.92 2.82 -9.15
N ASN A 59 14.91 3.57 -8.70
CA ASN A 59 14.66 4.57 -7.67
C ASN A 59 13.61 5.55 -8.18
N TYR A 60 13.75 5.93 -9.44
CA TYR A 60 12.81 6.84 -10.09
C TYR A 60 11.42 6.22 -10.17
N ASP A 61 11.36 4.89 -10.19
CA ASP A 61 10.08 4.19 -10.22
C ASP A 61 9.43 4.23 -8.83
N ILE A 62 10.27 4.11 -7.80
CA ILE A 62 9.80 4.18 -6.41
C ILE A 62 9.37 5.62 -6.12
N TYR A 63 10.11 6.55 -6.71
CA TYR A 63 9.79 7.96 -6.54
C TYR A 63 8.35 8.18 -6.96
N THR A 64 7.98 7.59 -8.10
CA THR A 64 6.62 7.70 -8.57
C THR A 64 5.69 7.14 -7.49
N LEU A 65 6.13 6.06 -6.83
CA LEU A 65 5.34 5.48 -5.75
C LEU A 65 5.09 6.54 -4.68
N ARG A 66 6.06 7.39 -4.43
CA ARG A 66 5.87 8.45 -3.43
C ARG A 66 4.72 9.36 -3.87
N GLN A 67 4.64 9.61 -5.18
CA GLN A 67 3.62 10.49 -5.75
C GLN A 67 2.20 9.91 -5.63
N ILE A 68 2.04 8.60 -5.78
CA ILE A 68 0.70 8.00 -5.69
C ILE A 68 0.18 8.00 -4.26
N ARG A 69 1.03 7.61 -3.31
CA ARG A 69 0.62 7.56 -1.91
C ARG A 69 0.21 8.96 -1.41
N ARG A 70 1.05 9.95 -1.72
CA ARG A 70 0.79 11.32 -1.28
C ARG A 70 -0.54 11.85 -1.81
N GLU A 71 -0.85 11.59 -3.07
CA GLU A 71 -2.10 12.07 -3.64
C GLU A 71 -3.31 11.49 -2.91
N VAL A 72 -3.23 10.22 -2.53
CA VAL A 72 -4.35 9.59 -1.83
C VAL A 72 -4.63 10.31 -0.51
N ARG A 73 -3.60 10.55 0.27
CA ARG A 73 -3.79 11.22 1.56
C ARG A 73 -4.53 12.54 1.36
N ASN A 74 -4.22 13.21 0.26
CA ASN A 74 -4.88 14.47 -0.07
C ASN A 74 -6.36 14.25 -0.44
N ARG A 75 -6.66 13.05 -0.93
CA ARG A 75 -8.04 12.71 -1.22
C ARG A 75 -8.79 12.39 0.07
N TRP A 76 -8.24 11.48 0.89
CA TRP A 76 -8.88 11.11 2.13
C TRP A 76 -8.95 12.33 3.04
N ARG A 77 -7.89 13.10 3.04
CA ARG A 77 -7.88 14.27 3.90
C ARG A 77 -9.12 15.11 3.67
N ARG A 78 -9.55 15.36 2.42
CA ARG A 78 -10.78 16.16 2.27
C ARG A 78 -12.05 15.40 2.75
N ILE A 79 -12.30 14.16 2.26
CA ILE A 79 -13.54 13.43 2.66
C ILE A 79 -13.64 13.29 4.16
N LEU A 80 -12.56 12.88 4.78
CA LEU A 80 -12.58 12.70 6.22
C LEU A 80 -12.68 14.05 6.94
N GLU A 81 -11.92 15.03 6.47
CA GLU A 81 -11.94 16.33 7.12
C GLU A 81 -13.38 16.85 7.14
N ASP A 82 -14.06 16.76 6.00
CA ASP A 82 -15.43 17.25 5.88
C ASP A 82 -16.44 16.54 6.80
N LEU A 83 -16.25 15.24 7.12
CA LEU A 83 -17.22 14.59 8.00
C LEU A 83 -16.82 14.65 9.47
N GLY A 84 -15.53 14.76 9.73
CA GLY A 84 -15.05 14.82 11.12
C GLY A 84 -14.70 13.42 11.69
N PHE A 85 -14.93 12.36 10.92
CA PHE A 85 -14.61 10.99 11.38
C PHE A 85 -13.19 10.60 10.95
N GLN A 86 -12.36 11.61 10.79
CA GLN A 86 -11.00 11.47 10.29
C GLN A 86 -10.11 10.41 10.95
N ARG A 87 -10.31 10.07 12.20
CA ARG A 87 -9.40 9.11 12.83
C ARG A 87 -9.25 7.74 12.13
N GLU A 88 -10.33 7.10 11.69
CA GLU A 88 -10.13 5.73 11.15
C GLU A 88 -9.23 5.70 9.91
N ALA A 89 -9.52 6.50 8.89
CA ALA A 89 -8.69 6.55 7.68
C ALA A 89 -7.36 7.28 7.92
N ASP A 90 -7.38 8.23 8.84
CA ASP A 90 -6.15 8.93 9.17
C ASP A 90 -5.17 7.89 9.72
N SER A 91 -5.71 7.04 10.59
CA SER A 91 -4.91 6.01 11.24
C SER A 91 -4.20 5.11 10.22
N LEU A 92 -4.89 4.70 9.17
CA LEU A 92 -4.20 3.77 8.25
C LEU A 92 -3.09 4.39 7.39
N LEU A 93 -3.27 5.56 6.75
CA LEU A 93 -2.23 6.06 5.85
C LEU A 93 -0.93 6.48 6.57
N SER A 94 -1.04 7.24 7.67
CA SER A 94 0.14 7.73 8.45
C SER A 94 -0.23 8.92 9.35
N VAL A 95 -1.52 9.03 9.61
CA VAL A 95 -2.03 10.13 10.43
C VAL A 95 -2.81 9.63 11.64
N THR A 96 -2.25 8.65 12.34
CA THR A 96 -2.92 8.12 13.53
C THR A 96 -2.80 9.11 14.70
N LYS A 97 -3.49 10.25 14.57
CA LYS A 97 -3.50 11.29 15.60
C LYS A 97 -2.13 12.01 15.69
N LEU A 98 -1.26 11.76 14.70
CA LEU A 98 0.02 12.46 14.66
C LEU A 98 0.09 13.38 13.43
N SER A 99 0.33 14.69 13.62
CA SER A 99 0.47 15.51 12.42
C SER A 99 1.94 15.56 12.05
N THR A 100 2.31 15.00 10.91
CA THR A 100 3.73 15.00 10.52
C THR A 100 3.95 15.30 9.05
N MET A 101 4.94 16.13 8.75
CA MET A 101 5.27 16.41 7.37
C MET A 101 6.79 16.52 7.21
N SER A 102 7.29 16.08 6.06
CA SER A 102 8.73 16.14 5.79
C SER A 102 9.02 16.89 4.49
N ASP A 103 9.73 18.00 4.55
CA ASP A 103 10.03 18.75 3.33
C ASP A 103 11.08 18.04 2.47
N SER A 104 11.77 17.05 3.05
CA SER A 104 12.78 16.31 2.30
C SER A 104 12.09 15.09 1.63
N LYS A 105 12.68 14.58 0.55
CA LYS A 105 12.07 13.48 -0.20
C LYS A 105 12.00 12.17 0.61
N ASN A 106 10.82 11.52 0.57
CA ASN A 106 10.61 10.25 1.27
C ASN A 106 10.86 9.02 0.38
N THR A 107 10.29 9.05 -0.83
CA THR A 107 10.44 7.97 -1.81
C THR A 107 9.81 6.63 -1.34
N ARG A 108 10.62 5.77 -0.72
CA ARG A 108 10.20 4.44 -0.25
C ARG A 108 9.16 4.47 0.88
N LYS A 109 9.16 5.54 1.63
CA LYS A 109 8.25 5.69 2.76
C LYS A 109 6.78 5.52 2.37
N ALA A 110 6.43 5.83 1.11
CA ALA A 110 5.04 5.72 0.67
C ALA A 110 4.53 4.27 0.73
N ARG A 111 5.31 3.38 0.16
CA ARG A 111 4.95 1.95 0.08
C ARG A 111 4.73 1.35 1.47
N GLU A 112 5.59 1.69 2.40
CA GLU A 112 5.42 1.13 3.74
C GLU A 112 4.04 1.53 4.22
N MET A 113 3.75 2.81 4.04
CA MET A 113 2.48 3.37 4.47
C MET A 113 1.29 2.65 3.82
N LEU A 114 1.34 2.42 2.50
CA LEU A 114 0.23 1.75 1.83
C LEU A 114 0.08 0.29 2.28
N LEU A 115 1.20 -0.42 2.34
CA LEU A 115 1.15 -1.82 2.74
C LEU A 115 0.47 -1.92 4.12
N LYS A 116 0.89 -1.06 5.05
CA LYS A 116 0.30 -1.04 6.39
C LYS A 116 -1.13 -0.54 6.33
N LEU A 117 -1.42 0.32 5.36
CA LEU A 117 -2.79 0.85 5.26
C LEU A 117 -3.75 -0.31 5.14
N ALA A 118 -3.48 -1.20 4.21
CA ALA A 118 -4.36 -2.34 3.97
C ALA A 118 -4.42 -3.31 5.15
N GLU A 119 -3.32 -3.48 5.87
CA GLU A 119 -3.34 -4.46 6.95
C GLU A 119 -4.16 -4.02 8.15
N GLU A 120 -4.14 -2.74 8.56
CA GLU A 120 -4.91 -2.40 9.74
C GLU A 120 -6.30 -1.94 9.41
N THR A 121 -6.52 -1.25 8.32
CA THR A 121 -7.86 -0.88 8.00
C THR A 121 -8.01 -0.98 6.51
N SER A 122 -9.20 -1.04 6.04
CA SER A 122 -9.43 -0.94 4.63
C SER A 122 -10.49 0.13 4.52
N ILE A 123 -10.57 0.94 3.48
CA ILE A 123 -11.72 1.84 3.46
C ILE A 123 -12.85 0.93 3.04
N PHE A 124 -12.72 0.37 1.85
CA PHE A 124 -13.66 -0.63 1.40
C PHE A 124 -13.18 -1.90 2.09
N PRO A 125 -13.94 -2.92 2.22
CA PRO A 125 -13.47 -4.14 2.97
C PRO A 125 -12.09 -4.65 2.54
N ALA A 126 -11.44 -5.34 3.47
CA ALA A 126 -10.02 -5.75 3.28
C ALA A 126 -9.78 -6.38 1.90
N SER A 127 -10.71 -7.16 1.35
CA SER A 127 -10.47 -7.77 0.03
C SER A 127 -10.41 -6.70 -1.08
N TRP A 128 -10.69 -5.46 -0.69
CA TRP A 128 -10.57 -4.31 -1.57
C TRP A 128 -9.15 -3.75 -1.39
N GLU A 129 -8.40 -3.63 -2.48
CA GLU A 129 -7.05 -3.07 -2.41
C GLU A 129 -7.19 -1.58 -2.52
N LEU A 130 -6.26 -0.80 -1.99
CA LEU A 130 -6.39 0.63 -2.17
C LEU A 130 -5.37 1.11 -3.18
N SER A 131 -5.88 1.57 -4.30
CA SER A 131 -5.06 2.14 -5.36
C SER A 131 -5.33 3.63 -5.49
N GLU A 132 -4.37 4.37 -5.98
CA GLU A 132 -4.58 5.79 -6.14
C GLU A 132 -5.75 6.08 -7.10
N ARG A 133 -5.87 5.34 -8.21
CA ARG A 133 -6.93 5.58 -9.18
C ARG A 133 -8.32 5.14 -8.68
N TYR A 134 -8.43 3.95 -8.09
CA TYR A 134 -9.73 3.51 -7.59
C TYR A 134 -10.15 4.46 -6.48
N LEU A 135 -9.16 4.81 -5.68
CA LEU A 135 -9.42 5.72 -4.60
C LEU A 135 -10.05 6.98 -5.19
N LEU A 136 -9.46 7.58 -6.21
CA LEU A 136 -10.06 8.78 -6.80
C LEU A 136 -11.52 8.50 -7.19
N VAL A 137 -11.81 7.28 -7.60
CA VAL A 137 -13.19 6.93 -7.92
C VAL A 137 -13.99 6.99 -6.63
N VAL A 138 -13.35 6.53 -5.55
CA VAL A 138 -13.98 6.55 -4.24
C VAL A 138 -14.28 8.00 -3.88
N ASP A 139 -13.40 8.93 -4.29
CA ASP A 139 -13.65 10.32 -3.94
C ASP A 139 -15.01 10.70 -4.50
N ARG A 140 -15.24 10.47 -5.78
CA ARG A 140 -16.51 10.89 -6.37
C ARG A 140 -17.68 10.32 -5.58
N LEU A 141 -17.50 9.16 -4.96
CA LEU A 141 -18.58 8.61 -4.14
C LEU A 141 -18.87 9.60 -2.98
N ILE A 142 -17.79 10.09 -2.36
CA ILE A 142 -17.93 11.02 -1.21
C ILE A 142 -18.78 12.20 -1.64
N ALA A 143 -18.71 12.53 -2.93
CA ALA A 143 -19.46 13.63 -3.51
C ALA A 143 -20.96 13.51 -3.26
N LEU A 144 -21.43 12.29 -3.01
CA LEU A 144 -22.85 12.07 -2.74
C LEU A 144 -23.20 12.39 -1.28
N ASP A 145 -22.18 12.69 -0.46
CA ASP A 145 -22.40 13.00 0.96
C ASP A 145 -22.99 11.80 1.68
N ALA A 146 -22.41 10.63 1.45
CA ALA A 146 -22.83 9.37 2.05
C ALA A 146 -21.61 8.71 2.71
N ALA A 147 -20.65 9.54 3.13
CA ALA A 147 -19.40 9.07 3.74
C ALA A 147 -19.66 8.10 4.91
N GLU A 148 -20.77 8.26 5.62
CA GLU A 148 -21.04 7.38 6.74
C GLU A 148 -20.98 5.93 6.28
N ASP A 149 -21.28 5.71 5.00
CA ASP A 149 -21.21 4.38 4.43
C ASP A 149 -19.78 3.87 4.56
N PHE A 150 -18.81 4.75 4.31
CA PHE A 150 -17.39 4.38 4.39
C PHE A 150 -17.04 3.91 5.79
N PHE A 151 -17.60 4.59 6.76
CA PHE A 151 -17.26 4.28 8.16
C PHE A 151 -17.57 2.82 8.43
N LYS A 152 -18.80 2.41 8.13
CA LYS A 152 -19.24 1.03 8.38
C LYS A 152 -18.41 -0.01 7.62
N ILE A 153 -18.07 0.29 6.38
CA ILE A 153 -17.28 -0.66 5.60
C ILE A 153 -15.84 -0.72 6.12
N ALA A 154 -15.24 0.45 6.33
CA ALA A 154 -13.89 0.50 6.83
C ALA A 154 -13.79 -0.11 8.23
N SER A 155 -14.81 0.12 9.05
CA SER A 155 -14.82 -0.45 10.39
C SER A 155 -14.87 -1.98 10.29
N GLN A 156 -15.72 -2.45 9.39
CA GLN A 156 -15.97 -3.88 9.22
C GLN A 156 -14.70 -4.66 8.90
N MET A 157 -13.70 -4.04 8.28
CA MET A 157 -12.46 -4.79 8.04
C MET A 157 -11.72 -5.01 9.36
N TYR A 158 -11.72 -3.99 10.20
CA TYR A 158 -11.04 -4.08 11.48
C TYR A 158 -11.94 -3.79 12.70
N PRO A 159 -12.95 -4.62 12.95
CA PRO A 159 -13.84 -4.45 14.14
C PRO A 159 -13.08 -4.71 15.43
N LYS A 160 -13.51 -4.12 16.54
CA LYS A 160 -12.84 -4.37 17.81
C LYS A 160 -13.16 -5.77 18.30
N LYS A 161 -12.16 -6.62 18.31
CA LYS A 161 -12.32 -8.03 18.70
C LYS A 161 -11.32 -8.41 19.79
N PRO A 162 -11.59 -9.45 20.56
CA PRO A 162 -10.69 -9.93 21.63
C PRO A 162 -9.24 -9.99 21.15
N GLY A 163 -8.30 -9.70 22.04
CA GLY A 163 -6.89 -9.71 21.68
C GLY A 163 -6.36 -8.30 21.42
N VAL A 164 -7.19 -7.28 21.69
CA VAL A 164 -6.77 -5.90 21.48
C VAL A 164 -5.60 -5.57 22.41
N PRO A 165 -4.51 -5.01 21.91
CA PRO A 165 -3.34 -4.63 22.77
C PRO A 165 -3.63 -3.39 23.61
N CYS A 166 -3.01 -3.31 24.78
CA CYS A 166 -3.22 -2.17 25.66
C CYS A 166 -2.76 -0.88 24.97
N LEU A 167 -3.32 0.25 25.40
CA LEU A 167 -2.95 1.52 24.80
C LEU A 167 -1.66 2.07 25.41
N VAL A 168 -0.64 2.22 24.57
CA VAL A 168 0.65 2.71 25.04
C VAL A 168 0.52 4.08 25.71
N ASP A 169 1.33 4.32 26.74
CA ASP A 169 1.30 5.59 27.46
C ASP A 169 1.54 6.76 26.52
N GLY A 170 1.11 7.95 26.93
CA GLY A 170 1.27 9.15 26.11
C GLY A 170 -0.09 9.63 25.63
N GLN A 171 -1.03 8.70 25.50
CA GLN A 171 -2.38 9.04 25.05
C GLN A 171 -2.98 10.10 25.97
N ARG A 172 -3.96 10.82 25.47
CA ARG A 172 -4.60 11.87 26.27
C ARG A 172 -5.17 11.28 27.56
N LYS A 173 -4.97 12.00 28.66
CA LYS A 173 -5.45 11.52 29.96
C LYS A 173 -6.84 12.09 30.27
N LEU A 174 -7.70 11.26 30.88
CA LEU A 174 -9.05 11.70 31.22
C LEU A 174 -9.01 12.67 32.40
N HIS A 175 -9.93 13.62 32.40
CA HIS A 175 -10.00 14.61 33.48
C HIS A 175 -10.49 13.96 34.77
N CYS A 176 -9.98 14.45 35.89
CA CYS A 176 -10.37 13.92 37.19
C CYS A 176 -11.81 14.28 37.54
N LEU A 177 -12.36 15.29 36.86
CA LEU A 177 -13.74 15.71 37.13
C LEU A 177 -14.72 14.77 36.41
N PRO A 178 -15.92 14.64 36.93
CA PRO A 178 -16.96 13.75 36.32
C PRO A 178 -17.57 14.35 35.05
N PHE A 179 -17.94 13.49 34.11
CA PHE A 179 -18.55 13.93 32.86
C PHE A 179 -19.70 13.00 32.47
N PRO A 180 -20.65 13.48 31.72
CA PRO A 180 -21.82 12.66 31.27
C PRO A 180 -21.41 11.60 30.24
N SER A 181 -22.12 10.48 30.23
CA SER A 181 -21.82 9.40 29.28
C SER A 181 -23.07 9.03 28.49
N PRO A 182 -22.90 8.46 27.32
CA PRO A 182 -24.06 8.05 26.47
C PRO A 182 -25.09 7.24 27.24
#